data_6EQ8
#
_entry.id   6EQ8
#
_cell.length_a   355.260
_cell.length_b   73.660
_cell.length_c   108.080
_cell.angle_alpha   90.00
_cell.angle_beta   105.49
_cell.angle_gamma   90.00
#
_symmetry.space_group_name_H-M   'C 1 2 1'
#
loop_
_entity.id
_entity.type
_entity.pdbx_description
1 polymer 'Periplasmic alpha-galactoside-binding protein'
2 non-polymer 1,2-ETHANEDIOL
3 non-polymer galactinol
4 non-polymer 'CALCIUM ION'
5 non-polymer DI(HYDROXYETHYL)ETHER
6 non-polymer 1-ETHOXY-2-(2-ETHOXYETHOXY)ETHANE
7 non-polymer 'TETRAETHYLENE GLYCOL'
8 non-polymer 'CHLORIDE ION'
9 water water
#
_entity_poly.entity_id   1
_entity_poly.type   'polypeptide(L)'
_entity_poly.pdbx_seq_one_letter_code
;MIALSANAFETTTPPEPPQFPAEGKINYVARDTILEFKALPSYSEPDWITEKFEKAGKLPPLKERLPEEPLVYKTGNMPD
GVGVYGDTMRHVVGGRPEGWNYIAGQSQGWGGIDIALSECLTRTAPLFQVDAKDTEPLPNLAKSWEWSEDGHTLTMHLVK
GAKWSDGEAFNADDVMFYWEDAVVDPNVSPLGGGASPEAFGEGTTLKKIDDYTVEWTFKAAFPKQYLYTMAYPSFCPGPS
HILKPQHPKYSKNTYNQFKNAFPPEYMNMPVMGAWVPVSYRPDDLIVLRRNPYYWKVDEKGQQLPYLNEVHYKLSTWADR
DVQAVAGSGDFSNLEQPENFVASLKRAADPNAPARLAFGPRLIGYNLQMNFSANGWGNPDERGQAIRELNRNEVFRQAVT
SALDRKAIGDSLVKGPFTAIYPGGISSGTSFYDRASTVYYPFNLEGAKAALASIGLKDTDGDGFLNFPKETLGGRNVEIT
LLVNNGYATDKSLAEGLVGQMAKLGLRVVIHSLDSNQRDAAHYGGQFDWLVRRNSTELSSVVQNTEQLAPVGPRTSWNHR
SPEGKELDLMPFEKEMADIVRKFISSQDNAERADLMKQYQKVYTQNLYTIGLTEYPGALIVNKRFSNVPQGTPIFMFNWA
EDAIIRERLWVAADKQGKYELFPQQLPGKPGEGGPINHHHHHH
;
_entity_poly.pdbx_strand_id   D,B,C,A
#
# COMPACT_ATOMS: atom_id res chain seq x y z
N ALA A 8 38.72 -21.14 18.23
CA ALA A 8 38.33 -21.91 19.42
C ALA A 8 38.40 -23.42 19.17
N PHE A 9 37.98 -23.85 17.98
CA PHE A 9 37.97 -25.24 17.55
C PHE A 9 39.04 -25.50 16.50
N GLU A 10 39.62 -26.71 16.48
CA GLU A 10 40.59 -27.12 15.50
C GLU A 10 39.87 -27.81 14.32
N THR A 11 39.56 -27.02 13.28
CA THR A 11 38.87 -27.52 12.09
C THR A 11 39.84 -28.26 11.16
N THR A 12 39.29 -29.12 10.33
CA THR A 12 40.03 -29.91 9.33
C THR A 12 39.11 -30.09 8.10
N THR A 13 39.41 -31.08 7.25
CA THR A 13 38.59 -31.41 6.09
C THR A 13 37.90 -32.74 6.42
N PRO A 14 36.70 -33.05 5.87
CA PRO A 14 36.05 -34.32 6.23
C PRO A 14 36.81 -35.55 5.74
N PRO A 15 36.87 -36.64 6.56
CA PRO A 15 37.62 -37.84 6.13
C PRO A 15 36.98 -38.54 4.95
N GLU A 16 37.82 -39.13 4.07
CA GLU A 16 37.36 -39.85 2.88
C GLU A 16 36.49 -41.05 3.24
N PRO A 17 35.28 -41.15 2.64
CA PRO A 17 34.39 -42.28 2.99
C PRO A 17 34.87 -43.61 2.40
N PRO A 18 34.37 -44.78 2.91
CA PRO A 18 34.75 -46.07 2.29
C PRO A 18 34.35 -46.06 0.81
N GLN A 19 35.28 -46.44 -0.08
CA GLN A 19 35.06 -46.38 -1.53
C GLN A 19 33.85 -47.22 -2.00
N PHE A 20 32.79 -46.52 -2.42
CA PHE A 20 31.57 -47.15 -2.91
C PHE A 20 31.71 -47.44 -4.42
N PRO A 21 31.66 -48.73 -4.84
CA PRO A 21 31.80 -49.05 -6.28
C PRO A 21 30.57 -48.71 -7.14
N ALA A 22 29.88 -47.58 -6.80
CA ALA A 22 28.68 -46.94 -7.39
C ALA A 22 28.02 -47.71 -8.55
N GLU A 23 27.52 -48.94 -8.23
CA GLU A 23 26.83 -49.94 -9.05
C GLU A 23 26.85 -49.70 -10.58
N GLY A 24 25.68 -49.33 -11.12
CA GLY A 24 25.46 -49.10 -12.53
C GLY A 24 26.22 -47.90 -13.06
N LYS A 25 26.84 -48.06 -14.24
CA LYS A 25 27.58 -47.00 -14.89
C LYS A 25 26.73 -46.30 -15.95
N ILE A 26 26.96 -45.00 -16.12
CA ILE A 26 26.23 -44.15 -17.07
C ILE A 26 26.88 -44.17 -18.46
N ASN A 27 26.07 -44.30 -19.51
CA ASN A 27 26.48 -44.19 -20.92
C ASN A 27 26.29 -42.70 -21.22
N TYR A 28 27.41 -41.94 -21.19
CA TYR A 28 27.41 -40.51 -21.45
C TYR A 28 27.19 -40.22 -22.91
N VAL A 29 26.29 -39.27 -23.16
CA VAL A 29 25.87 -38.86 -24.51
C VAL A 29 25.91 -37.34 -24.63
N ALA A 30 25.82 -36.81 -25.86
CA ALA A 30 25.75 -35.37 -26.05
C ALA A 30 24.29 -34.91 -25.80
N ARG A 31 24.12 -33.61 -25.50
CA ARG A 31 22.84 -33.00 -25.16
C ARG A 31 21.71 -33.21 -26.21
N ASP A 32 22.03 -33.07 -27.50
CA ASP A 32 21.01 -33.15 -28.56
C ASP A 32 20.75 -34.55 -29.11
N THR A 33 21.15 -35.61 -28.38
CA THR A 33 20.91 -36.99 -28.79
C THR A 33 19.51 -37.51 -28.37
N ILE A 34 18.86 -36.84 -27.43
CA ILE A 34 17.60 -37.29 -26.84
C ILE A 34 16.35 -36.93 -27.62
N LEU A 35 16.21 -35.66 -28.01
CA LEU A 35 15.00 -35.17 -28.66
C LEU A 35 15.24 -34.01 -29.61
N GLU A 36 14.23 -33.73 -30.44
CA GLU A 36 14.19 -32.62 -31.39
C GLU A 36 12.74 -32.27 -31.69
N PHE A 37 12.47 -31.07 -32.19
CA PHE A 37 11.11 -30.67 -32.60
C PHE A 37 11.09 -30.66 -34.11
N LYS A 38 10.14 -31.40 -34.71
CA LYS A 38 9.95 -31.49 -36.16
C LYS A 38 8.64 -32.17 -36.54
N ALA A 39 8.17 -31.87 -37.76
CA ALA A 39 6.98 -32.49 -38.33
C ALA A 39 7.41 -33.82 -38.95
N LEU A 40 6.59 -34.87 -38.77
CA LEU A 40 6.83 -36.19 -39.34
C LEU A 40 5.82 -36.45 -40.46
N PRO A 41 6.12 -37.30 -41.49
CA PRO A 41 5.16 -37.50 -42.59
C PRO A 41 3.83 -38.12 -42.13
N SER A 42 3.88 -39.00 -41.12
CA SER A 42 2.69 -39.65 -40.59
C SER A 42 2.84 -39.99 -39.11
N TYR A 43 1.69 -40.15 -38.44
CA TYR A 43 1.63 -40.44 -37.01
C TYR A 43 0.76 -41.66 -36.74
N SER A 44 1.07 -42.38 -35.66
CA SER A 44 0.31 -43.57 -35.26
C SER A 44 0.01 -43.56 -33.76
N GLU A 45 -1.01 -44.32 -33.34
CA GLU A 45 -1.45 -44.36 -31.96
C GLU A 45 -1.97 -45.76 -31.67
N PRO A 46 -2.32 -46.15 -30.40
CA PRO A 46 -2.95 -47.47 -30.19
C PRO A 46 -4.19 -47.63 -31.10
N ASP A 47 -4.36 -48.82 -31.70
CA ASP A 47 -5.43 -49.12 -32.64
C ASP A 47 -6.84 -48.91 -32.08
N TRP A 48 -7.02 -49.18 -30.77
CA TRP A 48 -8.30 -49.00 -30.08
C TRP A 48 -8.77 -47.54 -30.04
N ILE A 49 -7.84 -46.59 -30.07
CA ILE A 49 -8.19 -45.16 -30.12
C ILE A 49 -8.81 -44.84 -31.51
N THR A 50 -8.16 -45.30 -32.59
CA THR A 50 -8.63 -45.10 -33.96
C THR A 50 -9.98 -45.79 -34.17
N GLU A 51 -10.09 -47.05 -33.74
CA GLU A 51 -11.31 -47.85 -33.92
C GLU A 51 -12.46 -47.44 -33.01
N LYS A 52 -12.23 -47.33 -31.70
CA LYS A 52 -13.30 -47.05 -30.75
C LYS A 52 -13.56 -45.55 -30.43
N PHE A 53 -12.63 -44.64 -30.78
CA PHE A 53 -12.86 -43.23 -30.45
C PHE A 53 -12.95 -42.32 -31.68
N GLU A 54 -11.94 -42.33 -32.57
CA GLU A 54 -11.91 -41.50 -33.79
C GLU A 54 -13.06 -41.88 -34.75
N LYS A 55 -13.13 -43.18 -35.13
CA LYS A 55 -14.16 -43.76 -36.00
C LYS A 55 -15.57 -43.71 -35.39
N ALA A 56 -15.68 -43.44 -34.08
CA ALA A 56 -16.96 -43.31 -33.37
C ALA A 56 -17.33 -41.82 -33.17
N GLY A 57 -16.50 -40.92 -33.68
CA GLY A 57 -16.66 -39.46 -33.57
C GLY A 57 -16.55 -38.94 -32.15
N LYS A 58 -15.81 -39.65 -31.28
CA LYS A 58 -15.61 -39.31 -29.86
C LYS A 58 -14.33 -38.49 -29.62
N LEU A 59 -13.46 -38.41 -30.62
CA LEU A 59 -12.15 -37.75 -30.52
C LEU A 59 -11.70 -37.29 -31.90
N PRO A 60 -11.02 -36.11 -32.01
CA PRO A 60 -10.51 -35.68 -33.33
C PRO A 60 -9.40 -36.59 -33.85
N PRO A 61 -9.08 -36.62 -35.18
CA PRO A 61 -7.96 -37.47 -35.64
C PRO A 61 -6.62 -36.98 -35.08
N LEU A 62 -5.67 -37.91 -34.97
CA LEU A 62 -4.34 -37.74 -34.37
C LEU A 62 -3.56 -36.52 -34.86
N LYS A 63 -3.45 -36.31 -36.20
CA LYS A 63 -2.71 -35.17 -36.79
C LYS A 63 -3.24 -33.81 -36.30
N GLU A 64 -4.55 -33.75 -36.00
CA GLU A 64 -5.23 -32.56 -35.50
C GLU A 64 -5.00 -32.29 -34.01
N ARG A 65 -4.88 -33.35 -33.20
CA ARG A 65 -4.65 -33.24 -31.76
C ARG A 65 -3.17 -32.93 -31.45
N LEU A 66 -2.26 -33.19 -32.41
CA LEU A 66 -0.83 -32.95 -32.25
C LEU A 66 -0.37 -31.55 -32.70
N PRO A 67 0.75 -31.01 -32.16
CA PRO A 67 1.30 -29.76 -32.70
C PRO A 67 1.90 -29.95 -34.12
N GLU A 68 2.09 -28.84 -34.87
CA GLU A 68 2.70 -28.84 -36.21
C GLU A 68 4.08 -29.54 -36.19
N GLU A 69 4.91 -29.18 -35.18
CA GLU A 69 6.21 -29.78 -34.92
C GLU A 69 6.23 -30.34 -33.49
N PRO A 70 5.77 -31.60 -33.27
CA PRO A 70 5.84 -32.19 -31.91
C PRO A 70 7.27 -32.48 -31.46
N LEU A 71 7.42 -32.76 -30.15
CA LEU A 71 8.68 -33.18 -29.56
C LEU A 71 8.87 -34.64 -30.04
N VAL A 72 9.98 -34.91 -30.73
CA VAL A 72 10.28 -36.23 -31.26
C VAL A 72 11.47 -36.82 -30.50
N TYR A 73 11.26 -37.96 -29.83
CA TYR A 73 12.35 -38.64 -29.15
C TYR A 73 13.16 -39.39 -30.18
N LYS A 74 14.48 -39.17 -30.15
CA LYS A 74 15.45 -39.79 -31.06
C LYS A 74 15.81 -41.21 -30.55
N THR A 75 15.73 -42.18 -31.44
CA THR A 75 15.92 -43.61 -31.15
C THR A 75 17.35 -43.97 -30.70
N GLY A 76 18.37 -43.23 -31.16
CA GLY A 76 19.75 -43.45 -30.77
C GLY A 76 20.02 -43.38 -29.27
N ASN A 77 19.28 -42.49 -28.55
CA ASN A 77 19.36 -42.33 -27.11
C ASN A 77 18.53 -43.39 -26.35
N MET A 78 17.48 -43.95 -26.99
CA MET A 78 16.62 -44.94 -26.35
C MET A 78 17.43 -46.19 -25.97
N PRO A 79 17.55 -46.55 -24.67
CA PRO A 79 18.35 -47.73 -24.29
C PRO A 79 18.00 -49.02 -25.04
N ASP A 80 16.70 -49.26 -25.32
CA ASP A 80 16.25 -50.48 -26.00
C ASP A 80 15.57 -50.24 -27.37
N GLY A 81 15.52 -48.98 -27.78
CA GLY A 81 14.89 -48.60 -29.04
C GLY A 81 13.41 -48.32 -28.91
N VAL A 82 12.76 -48.15 -30.04
CA VAL A 82 11.34 -47.85 -30.23
C VAL A 82 10.44 -48.90 -29.55
N GLY A 83 9.42 -48.41 -28.88
CA GLY A 83 8.52 -49.27 -28.14
C GLY A 83 7.23 -49.68 -28.78
N VAL A 84 6.47 -50.44 -28.00
CA VAL A 84 5.14 -50.95 -28.34
C VAL A 84 4.19 -50.45 -27.23
N TYR A 85 2.91 -50.28 -27.56
CA TYR A 85 1.91 -49.85 -26.61
C TYR A 85 1.50 -50.91 -25.60
N GLY A 86 1.02 -50.45 -24.43
CA GLY A 86 0.51 -51.31 -23.40
C GLY A 86 1.19 -51.22 -22.05
N ASP A 87 0.57 -51.86 -21.07
CA ASP A 87 0.99 -52.00 -19.67
C ASP A 87 0.80 -50.69 -18.87
N THR A 88 1.08 -50.82 -17.59
CA THR A 88 0.88 -49.84 -16.54
C THR A 88 2.12 -49.77 -15.66
N MET A 89 2.54 -48.55 -15.30
CA MET A 89 3.58 -48.41 -14.30
C MET A 89 2.86 -48.20 -12.95
N ARG A 90 3.14 -49.09 -11.99
CA ARG A 90 2.55 -49.03 -10.65
C ARG A 90 3.52 -48.36 -9.66
N HIS A 91 3.07 -47.24 -9.10
CA HIS A 91 3.82 -46.49 -8.09
C HIS A 91 3.14 -46.61 -6.73
N VAL A 92 3.93 -46.50 -5.67
CA VAL A 92 3.49 -46.54 -4.27
C VAL A 92 4.05 -45.29 -3.64
N VAL A 93 3.19 -44.47 -3.01
CA VAL A 93 3.60 -43.20 -2.39
C VAL A 93 3.19 -43.14 -0.91
N GLY A 94 3.93 -42.35 -0.14
CA GLY A 94 3.67 -42.09 1.27
C GLY A 94 2.93 -40.78 1.47
N GLY A 95 2.77 -40.02 0.39
CA GLY A 95 2.06 -38.75 0.41
C GLY A 95 0.58 -38.93 0.11
N ARG A 96 -0.19 -37.86 0.35
CA ARG A 96 -1.63 -37.83 0.12
C ARG A 96 -1.99 -36.57 -0.66
N PRO A 97 -2.95 -36.63 -1.62
CA PRO A 97 -3.29 -35.42 -2.37
C PRO A 97 -4.03 -34.38 -1.54
N GLU A 98 -3.71 -33.11 -1.79
CA GLU A 98 -4.38 -31.95 -1.22
C GLU A 98 -5.48 -31.52 -2.22
N GLY A 99 -5.17 -31.65 -3.50
CA GLY A 99 -6.00 -31.28 -4.63
C GLY A 99 -5.12 -31.19 -5.86
N TRP A 100 -5.63 -30.57 -6.94
CA TRP A 100 -4.92 -30.47 -8.24
C TRP A 100 -4.28 -29.12 -8.56
N ASN A 101 -4.46 -28.10 -7.71
CA ASN A 101 -3.90 -26.77 -7.99
C ASN A 101 -2.41 -26.66 -7.59
N TYR A 102 -1.54 -27.24 -8.46
CA TYR A 102 -0.08 -27.30 -8.35
C TYR A 102 0.53 -25.89 -8.27
N ILE A 103 0.09 -24.96 -9.16
CA ILE A 103 0.59 -23.58 -9.23
C ILE A 103 0.19 -22.74 -8.00
N ALA A 104 -0.80 -23.19 -7.20
CA ALA A 104 -1.22 -22.55 -5.95
C ALA A 104 -0.62 -23.27 -4.73
N GLY A 105 0.29 -24.23 -4.97
CA GLY A 105 1.02 -24.94 -3.93
C GLY A 105 0.39 -26.19 -3.38
N GLN A 106 -0.65 -26.71 -4.05
CA GLN A 106 -1.28 -27.97 -3.65
C GLN A 106 -0.46 -29.15 -4.14
N SER A 107 -0.20 -30.11 -3.23
CA SER A 107 0.54 -31.34 -3.48
C SER A 107 -0.44 -32.42 -3.94
N GLN A 108 0.04 -33.32 -4.82
CA GLN A 108 -0.76 -34.42 -5.37
C GLN A 108 -0.41 -35.79 -4.76
N GLY A 109 0.51 -35.78 -3.79
CA GLY A 109 0.94 -36.99 -3.10
C GLY A 109 2.40 -37.38 -3.29
N TRP A 110 3.15 -36.65 -4.14
CA TRP A 110 4.58 -36.87 -4.43
C TRP A 110 4.85 -38.23 -5.10
N GLY A 111 6.09 -38.74 -4.98
CA GLY A 111 6.48 -40.01 -5.58
C GLY A 111 6.28 -40.13 -7.08
N GLY A 112 6.36 -39.01 -7.80
CA GLY A 112 6.24 -38.95 -9.25
C GLY A 112 4.94 -38.43 -9.83
N ILE A 113 3.84 -38.37 -9.06
CA ILE A 113 2.53 -37.92 -9.56
C ILE A 113 2.59 -36.48 -10.17
N ASP A 114 3.05 -35.47 -9.39
CA ASP A 114 3.12 -34.09 -9.91
C ASP A 114 4.23 -33.93 -10.96
N ILE A 115 5.29 -34.75 -10.87
CA ILE A 115 6.35 -34.79 -11.87
C ILE A 115 5.72 -35.19 -13.25
N ALA A 116 4.86 -36.22 -13.24
CA ALA A 116 4.13 -36.73 -14.40
C ALA A 116 3.05 -35.76 -14.90
N LEU A 117 2.38 -35.05 -14.00
CA LEU A 117 1.31 -34.14 -14.41
C LEU A 117 1.80 -32.79 -14.88
N SER A 118 2.79 -32.22 -14.18
CA SER A 118 3.26 -30.87 -14.45
C SER A 118 4.55 -30.79 -15.26
N GLU A 119 4.38 -30.58 -16.58
CA GLU A 119 5.42 -30.34 -17.60
C GLU A 119 5.88 -28.88 -17.48
N CYS A 120 7.18 -28.65 -17.68
CA CYS A 120 7.71 -27.30 -17.53
C CYS A 120 8.33 -26.77 -18.84
N LEU A 121 8.82 -25.50 -18.86
CA LEU A 121 9.43 -24.88 -20.04
C LEU A 121 10.67 -25.68 -20.53
N THR A 122 11.50 -26.09 -19.58
CA THR A 122 12.70 -26.87 -19.86
C THR A 122 12.63 -28.15 -19.02
N ARG A 123 13.57 -29.07 -19.28
CA ARG A 123 13.67 -30.33 -18.59
C ARG A 123 15.16 -30.64 -18.32
N THR A 124 15.48 -31.04 -17.08
CA THR A 124 16.88 -31.25 -16.70
C THR A 124 17.20 -32.63 -16.11
N ALA A 125 16.19 -33.32 -15.53
CA ALA A 125 16.42 -34.63 -14.91
C ALA A 125 17.17 -35.65 -15.81
N PRO A 126 16.86 -35.79 -17.15
CA PRO A 126 17.65 -36.72 -17.99
C PRO A 126 19.12 -36.28 -18.27
N LEU A 127 19.53 -35.07 -17.82
CA LEU A 127 20.89 -34.54 -17.99
C LEU A 127 21.98 -35.29 -17.21
N PHE A 128 21.63 -36.23 -16.33
CA PHE A 128 22.59 -37.09 -15.60
C PHE A 128 23.48 -37.87 -16.60
N GLN A 129 22.94 -38.13 -17.81
CA GLN A 129 23.62 -38.88 -18.87
C GLN A 129 24.39 -38.01 -19.87
N VAL A 130 24.38 -36.69 -19.68
CA VAL A 130 25.11 -35.75 -20.55
C VAL A 130 26.37 -35.32 -19.80
N ASP A 131 27.55 -35.49 -20.42
CA ASP A 131 28.82 -35.14 -19.77
C ASP A 131 29.34 -33.74 -20.14
N ALA A 132 29.12 -32.77 -19.23
CA ALA A 132 29.52 -31.34 -19.26
C ALA A 132 28.78 -30.61 -18.14
N LYS A 133 29.49 -29.69 -17.44
CA LYS A 133 28.97 -28.87 -16.34
C LYS A 133 28.37 -27.53 -16.87
N ASP A 134 28.49 -27.33 -18.20
CA ASP A 134 28.00 -26.17 -18.98
C ASP A 134 26.94 -26.61 -20.01
N THR A 135 26.10 -27.60 -19.63
CA THR A 135 25.05 -28.15 -20.47
C THR A 135 23.83 -27.26 -20.41
N GLU A 136 23.16 -27.09 -21.54
CA GLU A 136 21.93 -26.31 -21.61
C GLU A 136 20.76 -27.25 -21.25
N PRO A 137 19.79 -26.83 -20.40
CA PRO A 137 18.63 -27.70 -20.11
C PRO A 137 17.91 -28.07 -21.42
N LEU A 138 17.24 -29.23 -21.45
CA LEU A 138 16.53 -29.67 -22.64
C LEU A 138 15.29 -28.81 -22.93
N PRO A 139 14.96 -28.58 -24.21
CA PRO A 139 13.70 -27.88 -24.51
C PRO A 139 12.52 -28.78 -24.16
N ASN A 140 11.48 -28.18 -23.59
CA ASN A 140 10.28 -28.92 -23.24
C ASN A 140 9.06 -28.19 -23.81
N LEU A 141 8.30 -27.41 -22.99
CA LEU A 141 7.17 -26.62 -23.52
C LEU A 141 7.75 -25.43 -24.32
N ALA A 142 8.96 -24.98 -23.93
CA ALA A 142 9.73 -23.99 -24.67
C ALA A 142 10.60 -24.83 -25.61
N LYS A 143 10.32 -24.77 -26.93
CA LYS A 143 11.02 -25.58 -27.93
C LYS A 143 12.40 -25.06 -28.30
N SER A 144 12.60 -23.73 -28.22
CA SER A 144 13.86 -23.06 -28.56
C SER A 144 13.92 -21.68 -27.92
N TRP A 145 15.13 -21.12 -27.86
CA TRP A 145 15.39 -19.81 -27.27
C TRP A 145 16.69 -19.19 -27.80
N GLU A 146 16.73 -17.84 -27.87
CA GLU A 146 17.90 -17.09 -28.34
C GLU A 146 18.21 -15.96 -27.37
N TRP A 147 19.51 -15.73 -27.14
CA TRP A 147 20.00 -14.63 -26.33
C TRP A 147 20.28 -13.45 -27.25
N SER A 148 20.12 -12.22 -26.73
CA SER A 148 20.46 -11.01 -27.48
C SER A 148 21.97 -10.80 -27.35
N GLU A 149 22.55 -9.90 -28.18
CA GLU A 149 24.00 -9.60 -28.18
C GLU A 149 24.52 -9.15 -26.81
N ASP A 150 23.74 -8.31 -26.08
CA ASP A 150 24.12 -7.83 -24.75
C ASP A 150 23.92 -8.87 -23.64
N GLY A 151 23.01 -9.83 -23.88
CA GLY A 151 22.71 -10.91 -22.95
C GLY A 151 21.72 -10.58 -21.85
N HIS A 152 20.91 -9.53 -22.03
CA HIS A 152 19.87 -9.10 -21.09
C HIS A 152 18.49 -9.52 -21.59
N THR A 153 18.38 -10.00 -22.84
CA THR A 153 17.12 -10.41 -23.44
C THR A 153 17.16 -11.88 -23.90
N LEU A 154 16.12 -12.65 -23.50
CA LEU A 154 15.98 -14.05 -23.87
C LEU A 154 14.63 -14.27 -24.54
N THR A 155 14.65 -14.56 -25.85
CA THR A 155 13.46 -14.83 -26.65
C THR A 155 13.19 -16.32 -26.60
N MET A 156 12.02 -16.68 -26.08
CA MET A 156 11.59 -18.06 -25.87
C MET A 156 10.44 -18.44 -26.80
N HIS A 157 10.67 -19.46 -27.62
CA HIS A 157 9.68 -19.98 -28.56
C HIS A 157 9.03 -21.22 -27.96
N LEU A 158 7.71 -21.21 -27.89
CA LEU A 158 6.94 -22.32 -27.33
C LEU A 158 6.55 -23.34 -28.40
N VAL A 159 6.26 -24.58 -27.97
CA VAL A 159 5.72 -25.64 -28.81
C VAL A 159 4.38 -25.04 -29.36
N LYS A 160 4.16 -25.11 -30.68
CA LYS A 160 3.03 -24.48 -31.36
C LYS A 160 1.99 -25.49 -31.86
N GLY A 161 0.73 -25.29 -31.48
CA GLY A 161 -0.35 -26.19 -31.87
C GLY A 161 -0.60 -27.33 -30.89
N ALA A 162 0.10 -27.33 -29.72
CA ALA A 162 -0.12 -28.33 -28.69
C ALA A 162 -1.39 -27.95 -27.91
N LYS A 163 -2.06 -28.96 -27.34
CA LYS A 163 -3.27 -28.77 -26.57
C LYS A 163 -3.16 -29.42 -25.18
N TRP A 164 -4.01 -28.96 -24.25
CA TRP A 164 -4.20 -29.53 -22.92
C TRP A 164 -4.96 -30.85 -23.12
N SER A 165 -4.98 -31.69 -22.08
CA SER A 165 -5.62 -33.01 -22.16
C SER A 165 -7.14 -32.97 -22.46
N ASP A 166 -7.77 -31.80 -22.29
CA ASP A 166 -9.19 -31.58 -22.56
C ASP A 166 -9.42 -30.98 -23.98
N GLY A 167 -8.33 -30.79 -24.73
CA GLY A 167 -8.37 -30.26 -26.08
C GLY A 167 -8.22 -28.76 -26.23
N GLU A 168 -8.11 -28.03 -25.11
CA GLU A 168 -7.95 -26.58 -25.14
C GLU A 168 -6.50 -26.26 -25.51
N ALA A 169 -6.28 -25.24 -26.35
CA ALA A 169 -4.94 -24.87 -26.81
C ALA A 169 -4.00 -24.40 -25.70
N PHE A 170 -2.75 -24.87 -25.76
CA PHE A 170 -1.69 -24.43 -24.89
C PHE A 170 -0.97 -23.32 -25.66
N ASN A 171 -0.68 -22.19 -24.99
CA ASN A 171 0.02 -21.05 -25.60
C ASN A 171 0.70 -20.14 -24.54
N ALA A 172 1.12 -18.93 -24.95
CA ALA A 172 1.80 -17.95 -24.09
C ALA A 172 0.94 -17.42 -22.94
N ASP A 173 -0.41 -17.48 -23.10
CA ASP A 173 -1.38 -17.05 -22.07
C ASP A 173 -1.31 -17.92 -20.80
N ASP A 174 -0.96 -19.22 -20.94
CA ASP A 174 -0.78 -20.15 -19.81
C ASP A 174 0.52 -19.80 -19.09
N VAL A 175 1.58 -19.49 -19.88
CA VAL A 175 2.91 -19.08 -19.40
C VAL A 175 2.83 -17.75 -18.64
N MET A 176 2.03 -16.81 -19.17
CA MET A 176 1.81 -15.47 -18.63
C MET A 176 0.90 -15.47 -17.42
N PHE A 177 -0.07 -16.39 -17.36
CA PHE A 177 -0.93 -16.50 -16.18
C PHE A 177 -0.11 -17.07 -15.01
N TYR A 178 0.80 -18.03 -15.30
CA TYR A 178 1.67 -18.61 -14.28
C TYR A 178 2.63 -17.56 -13.73
N TRP A 179 3.29 -16.80 -14.61
CA TRP A 179 4.26 -15.78 -14.22
C TRP A 179 3.64 -14.64 -13.40
N GLU A 180 2.62 -13.97 -13.96
CA GLU A 180 1.94 -12.84 -13.32
C GLU A 180 1.10 -13.20 -12.10
N ASP A 181 0.21 -14.22 -12.23
CA ASP A 181 -0.77 -14.52 -11.19
C ASP A 181 -0.40 -15.66 -10.26
N ALA A 182 0.78 -16.31 -10.42
CA ALA A 182 1.23 -17.33 -9.47
C ALA A 182 2.60 -17.00 -8.88
N VAL A 183 3.59 -16.58 -9.73
CA VAL A 183 4.96 -16.23 -9.34
C VAL A 183 5.05 -14.80 -8.80
N VAL A 184 4.66 -13.81 -9.62
CA VAL A 184 4.69 -12.39 -9.28
C VAL A 184 3.68 -12.09 -8.15
N ASP A 185 2.48 -12.72 -8.20
CA ASP A 185 1.44 -12.54 -7.16
C ASP A 185 2.00 -12.99 -5.79
N PRO A 186 2.12 -12.08 -4.80
CA PRO A 186 2.74 -12.47 -3.51
C PRO A 186 1.91 -13.41 -2.63
N ASN A 187 0.60 -13.51 -2.91
CA ASN A 187 -0.37 -14.31 -2.17
C ASN A 187 -0.47 -15.77 -2.64
N VAL A 188 0.26 -16.11 -3.70
CA VAL A 188 0.30 -17.44 -4.32
C VAL A 188 1.71 -18.00 -4.15
N SER A 189 1.81 -19.27 -3.78
CA SER A 189 3.09 -19.97 -3.65
C SER A 189 3.04 -21.27 -4.42
N PRO A 190 3.58 -21.37 -5.66
CA PRO A 190 3.56 -22.66 -6.39
C PRO A 190 4.30 -23.80 -5.64
N LEU A 191 3.91 -25.07 -5.90
CA LEU A 191 4.49 -26.27 -5.29
C LEU A 191 6.01 -26.37 -5.47
N GLY A 192 6.70 -26.73 -4.39
CA GLY A 192 8.14 -26.84 -4.35
C GLY A 192 8.82 -25.79 -3.47
N GLY A 193 8.09 -24.70 -3.21
CA GLY A 193 8.50 -23.58 -2.37
C GLY A 193 9.63 -22.71 -2.87
N GLY A 194 9.94 -22.77 -4.17
CA GLY A 194 11.02 -21.97 -4.75
C GLY A 194 10.64 -21.10 -5.94
N ALA A 195 9.35 -20.86 -6.17
CA ALA A 195 8.90 -20.10 -7.33
C ALA A 195 8.56 -18.63 -6.99
N SER A 196 9.55 -17.91 -6.49
CA SER A 196 9.47 -16.48 -6.19
C SER A 196 10.01 -15.70 -7.41
N PRO A 197 9.65 -14.41 -7.64
CA PRO A 197 10.18 -13.71 -8.84
C PRO A 197 11.71 -13.57 -8.91
N GLU A 198 12.38 -13.43 -7.73
CA GLU A 198 13.83 -13.26 -7.61
C GLU A 198 14.62 -14.54 -7.86
N ALA A 199 13.91 -15.70 -7.92
CA ALA A 199 14.48 -17.02 -8.25
C ALA A 199 14.93 -17.05 -9.73
N PHE A 200 14.33 -16.15 -10.54
CA PHE A 200 14.58 -15.95 -11.96
C PHE A 200 15.44 -14.69 -12.15
N GLY A 201 15.96 -14.16 -11.04
CA GLY A 201 16.80 -12.98 -10.95
C GLY A 201 16.06 -11.76 -10.42
N GLU A 202 16.74 -10.95 -9.59
CA GLU A 202 16.17 -9.71 -9.05
C GLU A 202 16.00 -8.72 -10.20
N GLY A 203 14.78 -8.22 -10.39
CA GLY A 203 14.45 -7.29 -11.45
C GLY A 203 14.10 -7.91 -12.80
N THR A 204 13.98 -9.27 -12.85
CA THR A 204 13.63 -9.99 -14.07
C THR A 204 12.16 -9.76 -14.46
N THR A 205 11.92 -9.44 -15.74
CA THR A 205 10.57 -9.28 -16.26
C THR A 205 10.33 -10.36 -17.35
N LEU A 206 9.06 -10.68 -17.58
CA LEU A 206 8.63 -11.60 -18.63
C LEU A 206 7.43 -10.97 -19.35
N LYS A 207 7.51 -10.89 -20.69
CA LYS A 207 6.43 -10.33 -21.49
C LYS A 207 6.07 -11.24 -22.68
N LYS A 208 4.82 -11.14 -23.12
CA LYS A 208 4.30 -11.87 -24.27
C LYS A 208 4.65 -11.10 -25.54
N ILE A 209 5.17 -11.81 -26.57
CA ILE A 209 5.49 -11.22 -27.87
C ILE A 209 4.30 -11.52 -28.81
N ASP A 210 3.87 -12.80 -28.82
CA ASP A 210 2.72 -13.36 -29.51
C ASP A 210 2.26 -14.64 -28.77
N ASP A 211 1.26 -15.37 -29.29
CA ASP A 211 0.71 -16.58 -28.66
C ASP A 211 1.74 -17.74 -28.48
N TYR A 212 2.92 -17.68 -29.15
CA TYR A 212 3.91 -18.75 -29.04
C TYR A 212 5.33 -18.22 -28.79
N THR A 213 5.47 -16.93 -28.38
CA THR A 213 6.75 -16.28 -28.12
C THR A 213 6.70 -15.38 -26.88
N VAL A 214 7.63 -15.64 -25.94
CA VAL A 214 7.77 -14.86 -24.71
C VAL A 214 9.18 -14.28 -24.64
N GLU A 215 9.33 -13.20 -23.88
CA GLU A 215 10.61 -12.51 -23.75
C GLU A 215 10.95 -12.19 -22.31
N TRP A 216 12.12 -12.67 -21.88
CA TRP A 216 12.66 -12.43 -20.55
C TRP A 216 13.66 -11.28 -20.64
N THR A 217 13.67 -10.41 -19.62
CA THR A 217 14.63 -9.33 -19.49
C THR A 217 15.33 -9.51 -18.15
N PHE A 218 16.67 -9.65 -18.18
CA PHE A 218 17.51 -9.86 -17.01
C PHE A 218 18.45 -8.67 -16.75
N LYS A 219 18.74 -8.40 -15.46
CA LYS A 219 19.66 -7.33 -15.05
C LYS A 219 21.12 -7.73 -15.37
N ALA A 220 21.45 -9.01 -15.18
CA ALA A 220 22.77 -9.58 -15.48
C ALA A 220 22.86 -9.99 -16.96
N ALA A 221 24.10 -10.10 -17.48
CA ALA A 221 24.34 -10.50 -18.87
C ALA A 221 24.59 -12.01 -18.93
N PHE A 222 23.79 -12.70 -19.77
CA PHE A 222 23.78 -14.15 -20.00
C PHE A 222 23.66 -14.98 -18.68
N PRO A 223 22.60 -14.76 -17.84
CA PRO A 223 22.43 -15.59 -16.64
C PRO A 223 21.73 -16.90 -17.03
N LYS A 224 22.44 -17.73 -17.80
CA LYS A 224 22.01 -19.00 -18.40
C LYS A 224 21.51 -20.04 -17.38
N GLN A 225 21.91 -19.89 -16.10
CA GLN A 225 21.50 -20.77 -14.98
C GLN A 225 19.98 -20.73 -14.69
N TYR A 226 19.30 -19.63 -15.10
CA TYR A 226 17.85 -19.44 -14.92
C TYR A 226 17.02 -20.34 -15.84
N LEU A 227 17.68 -20.96 -16.84
CA LEU A 227 17.04 -21.94 -17.74
C LEU A 227 16.77 -23.23 -16.97
N TYR A 228 17.59 -23.51 -15.89
CA TYR A 228 17.38 -24.65 -15.00
C TYR A 228 16.17 -24.39 -14.09
N THR A 229 15.95 -23.13 -13.66
CA THR A 229 14.85 -22.66 -12.81
C THR A 229 13.50 -22.78 -13.55
N MET A 230 13.56 -22.69 -14.91
CA MET A 230 12.43 -22.86 -15.83
C MET A 230 12.00 -24.35 -15.95
N ALA A 231 12.78 -25.29 -15.35
CA ALA A 231 12.44 -26.71 -15.28
C ALA A 231 11.64 -26.96 -13.98
N TYR A 232 11.46 -28.24 -13.63
CA TYR A 232 10.73 -28.65 -12.44
C TYR A 232 11.51 -28.30 -11.16
N PRO A 233 10.84 -27.77 -10.11
CA PRO A 233 9.40 -27.52 -9.97
C PRO A 233 8.92 -26.07 -10.20
N SER A 234 9.84 -25.12 -10.45
CA SER A 234 9.57 -23.68 -10.45
C SER A 234 8.95 -23.04 -11.71
N PHE A 235 8.87 -23.73 -12.87
CA PHE A 235 8.14 -23.12 -14.00
C PHE A 235 7.32 -24.16 -14.73
N CYS A 236 6.24 -24.59 -14.08
CA CYS A 236 5.36 -25.59 -14.65
C CYS A 236 3.93 -25.04 -14.72
N PRO A 237 3.57 -24.42 -15.89
CA PRO A 237 2.26 -23.77 -16.03
C PRO A 237 1.04 -24.67 -15.89
N GLY A 238 0.00 -24.10 -15.28
CA GLY A 238 -1.29 -24.77 -15.09
C GLY A 238 -2.29 -24.36 -16.17
N PRO A 239 -3.39 -25.12 -16.34
CA PRO A 239 -4.38 -24.76 -17.36
C PRO A 239 -5.15 -23.47 -17.00
N SER A 240 -4.69 -22.33 -17.57
CA SER A 240 -5.25 -21.00 -17.33
C SER A 240 -6.76 -20.89 -17.63
N HIS A 241 -7.25 -21.61 -18.68
CA HIS A 241 -8.67 -21.59 -19.06
C HIS A 241 -9.61 -22.12 -17.94
N ILE A 242 -9.05 -22.94 -17.03
CA ILE A 242 -9.68 -23.57 -15.88
C ILE A 242 -9.35 -22.77 -14.59
N LEU A 243 -8.07 -22.42 -14.37
CA LEU A 243 -7.59 -21.76 -13.16
C LEU A 243 -7.86 -20.25 -13.06
N LYS A 244 -7.71 -19.48 -14.18
CA LYS A 244 -7.92 -18.03 -14.19
C LYS A 244 -9.33 -17.62 -13.71
N PRO A 245 -10.46 -18.29 -14.12
CA PRO A 245 -11.78 -17.89 -13.59
C PRO A 245 -11.94 -18.07 -12.07
N GLN A 246 -11.04 -18.85 -11.44
CA GLN A 246 -11.04 -19.13 -10.01
C GLN A 246 -10.11 -18.20 -9.20
N HIS A 247 -9.20 -17.49 -9.90
CA HIS A 247 -8.22 -16.58 -9.30
C HIS A 247 -8.88 -15.32 -8.69
N PRO A 248 -8.45 -14.90 -7.47
CA PRO A 248 -9.06 -13.72 -6.80
C PRO A 248 -9.08 -12.40 -7.57
N LYS A 249 -8.16 -12.21 -8.53
CA LYS A 249 -8.08 -11.01 -9.36
C LYS A 249 -9.24 -10.92 -10.36
N TYR A 250 -9.81 -12.08 -10.75
CA TYR A 250 -10.87 -12.20 -11.76
C TYR A 250 -12.16 -12.87 -11.23
N SER A 251 -12.25 -13.02 -9.90
CA SER A 251 -13.39 -13.65 -9.22
C SER A 251 -13.58 -13.13 -7.78
N LYS A 252 -14.68 -13.51 -7.12
CA LYS A 252 -14.99 -13.14 -5.73
C LYS A 252 -14.32 -14.11 -4.73
N ASN A 253 -13.54 -15.08 -5.27
CA ASN A 253 -12.82 -16.07 -4.46
C ASN A 253 -11.70 -15.43 -3.68
N THR A 254 -11.44 -15.97 -2.48
CA THR A 254 -10.30 -15.57 -1.66
C THR A 254 -9.13 -16.40 -2.23
N TYR A 255 -7.88 -16.14 -1.78
CA TYR A 255 -6.72 -16.91 -2.24
C TYR A 255 -6.79 -18.36 -1.78
N ASN A 256 -7.39 -18.59 -0.59
CA ASN A 256 -7.60 -19.91 -0.02
C ASN A 256 -8.60 -20.75 -0.83
N GLN A 257 -9.70 -20.10 -1.27
CA GLN A 257 -10.74 -20.68 -2.12
C GLN A 257 -10.19 -21.05 -3.49
N PHE A 258 -9.30 -20.20 -4.06
CA PHE A 258 -8.63 -20.46 -5.34
C PHE A 258 -7.69 -21.66 -5.21
N LYS A 259 -6.90 -21.71 -4.12
CA LYS A 259 -5.97 -22.80 -3.83
C LYS A 259 -6.73 -24.15 -3.70
N ASN A 260 -7.92 -24.12 -3.10
CA ASN A 260 -8.74 -25.30 -2.83
C ASN A 260 -9.93 -25.53 -3.78
N ALA A 261 -9.96 -24.82 -4.94
CA ALA A 261 -11.03 -24.90 -5.94
C ALA A 261 -11.13 -26.27 -6.66
N PHE A 262 -10.03 -27.04 -6.67
CA PHE A 262 -9.95 -28.33 -7.32
C PHE A 262 -9.50 -29.42 -6.36
N PRO A 263 -10.44 -29.99 -5.55
CA PRO A 263 -10.06 -31.05 -4.59
C PRO A 263 -9.70 -32.38 -5.28
N PRO A 264 -9.12 -33.39 -4.57
CA PRO A 264 -8.76 -34.65 -5.26
C PRO A 264 -9.91 -35.38 -5.95
N GLU A 265 -11.17 -35.13 -5.52
CA GLU A 265 -12.39 -35.72 -6.08
C GLU A 265 -12.75 -35.09 -7.44
N TYR A 266 -12.15 -33.91 -7.77
CA TYR A 266 -12.33 -33.26 -9.06
C TYR A 266 -11.56 -34.14 -10.07
N MET A 267 -12.26 -34.68 -11.08
CA MET A 267 -11.69 -35.59 -12.08
C MET A 267 -11.28 -34.91 -13.38
N ASN A 268 -10.30 -35.53 -14.07
CA ASN A 268 -9.79 -35.18 -15.41
C ASN A 268 -9.27 -33.76 -15.54
N MET A 269 -8.54 -33.30 -14.51
CA MET A 269 -7.91 -31.97 -14.49
C MET A 269 -6.99 -31.85 -15.72
N PRO A 270 -7.13 -30.78 -16.53
CA PRO A 270 -6.30 -30.67 -17.75
C PRO A 270 -4.81 -30.55 -17.42
N VAL A 271 -3.99 -31.30 -18.14
CA VAL A 271 -2.54 -31.40 -17.97
C VAL A 271 -1.82 -31.38 -19.34
N MET A 272 -0.52 -31.10 -19.31
CA MET A 272 0.34 -31.16 -20.49
C MET A 272 1.14 -32.47 -20.45
N GLY A 273 0.97 -33.23 -19.35
CA GLY A 273 1.64 -34.50 -19.07
C GLY A 273 1.13 -35.70 -19.85
N ALA A 274 1.91 -36.81 -19.83
CA ALA A 274 1.61 -38.05 -20.56
C ALA A 274 0.30 -38.77 -20.12
N TRP A 275 -0.08 -38.61 -18.84
CA TRP A 275 -1.29 -39.22 -18.28
C TRP A 275 -2.14 -38.20 -17.52
N VAL A 276 -3.44 -38.46 -17.43
CA VAL A 276 -4.41 -37.56 -16.79
C VAL A 276 -5.03 -38.24 -15.57
N PRO A 277 -5.24 -37.56 -14.42
CA PRO A 277 -5.93 -38.23 -13.29
C PRO A 277 -7.41 -38.51 -13.61
N VAL A 278 -7.81 -39.78 -13.56
CA VAL A 278 -9.19 -40.18 -13.92
C VAL A 278 -9.99 -40.77 -12.75
N SER A 279 -9.29 -41.25 -11.72
CA SER A 279 -9.90 -41.91 -10.58
C SER A 279 -9.13 -41.67 -9.29
N TYR A 280 -9.88 -41.55 -8.19
CA TYR A 280 -9.35 -41.34 -6.85
C TYR A 280 -10.21 -41.97 -5.77
N ARG A 281 -9.57 -42.75 -4.89
CA ARG A 281 -10.21 -43.30 -3.71
C ARG A 281 -9.34 -42.91 -2.51
N PRO A 282 -9.90 -42.16 -1.52
CA PRO A 282 -9.08 -41.73 -0.36
C PRO A 282 -8.32 -42.85 0.35
N ASP A 283 -7.02 -42.60 0.63
CA ASP A 283 -6.06 -43.50 1.30
C ASP A 283 -5.91 -44.86 0.61
N ASP A 284 -6.29 -44.92 -0.67
CA ASP A 284 -6.20 -46.13 -1.45
C ASP A 284 -5.38 -45.94 -2.73
N LEU A 285 -5.93 -45.22 -3.73
CA LEU A 285 -5.31 -45.11 -5.04
C LEU A 285 -5.71 -43.90 -5.88
N ILE A 286 -4.80 -43.49 -6.80
CA ILE A 286 -4.97 -42.49 -7.85
C ILE A 286 -4.63 -43.20 -9.17
N VAL A 287 -5.56 -43.16 -10.13
CA VAL A 287 -5.34 -43.75 -11.48
C VAL A 287 -5.21 -42.62 -12.49
N LEU A 288 -4.14 -42.68 -13.30
CA LEU A 288 -3.88 -41.74 -14.41
C LEU A 288 -4.05 -42.49 -15.73
N ARG A 289 -4.77 -41.92 -16.71
CA ARG A 289 -4.96 -42.56 -18.03
C ARG A 289 -4.27 -41.75 -19.13
N ARG A 290 -3.71 -42.44 -20.16
CA ARG A 290 -2.99 -41.77 -21.25
C ARG A 290 -3.71 -40.51 -21.77
N ASN A 291 -2.95 -39.43 -21.90
CA ASN A 291 -3.41 -38.15 -22.42
C ASN A 291 -3.50 -38.25 -23.97
N PRO A 292 -4.72 -38.22 -24.57
CA PRO A 292 -4.81 -38.31 -26.05
C PRO A 292 -4.24 -37.08 -26.78
N TYR A 293 -4.01 -35.96 -26.07
CA TYR A 293 -3.46 -34.73 -26.62
C TYR A 293 -1.97 -34.58 -26.36
N TYR A 294 -1.29 -35.65 -25.91
CA TYR A 294 0.14 -35.60 -25.63
C TYR A 294 0.90 -35.26 -26.88
N TRP A 295 1.79 -34.31 -26.71
CA TRP A 295 2.54 -33.61 -27.76
C TRP A 295 3.94 -34.18 -28.04
N LYS A 296 4.23 -35.37 -27.52
CA LYS A 296 5.51 -36.04 -27.74
C LYS A 296 5.26 -37.33 -28.47
N VAL A 297 6.16 -37.66 -29.44
CA VAL A 297 6.11 -38.84 -30.32
C VAL A 297 7.51 -39.48 -30.42
N ASP A 298 7.58 -40.72 -30.92
CA ASP A 298 8.85 -41.38 -31.21
C ASP A 298 9.18 -41.09 -32.71
N GLU A 299 10.36 -41.51 -33.16
CA GLU A 299 10.83 -41.33 -34.54
C GLU A 299 9.95 -42.00 -35.61
N LYS A 300 9.20 -43.06 -35.24
CA LYS A 300 8.29 -43.78 -36.11
C LYS A 300 6.90 -43.09 -36.21
N GLY A 301 6.73 -42.00 -35.46
CA GLY A 301 5.51 -41.22 -35.40
C GLY A 301 4.49 -41.69 -34.40
N GLN A 302 4.85 -42.68 -33.55
CA GLN A 302 3.95 -43.21 -32.52
C GLN A 302 3.82 -42.19 -31.39
N GLN A 303 2.57 -41.76 -31.13
CA GLN A 303 2.26 -40.81 -30.08
C GLN A 303 2.52 -41.43 -28.71
N LEU A 304 3.26 -40.71 -27.89
CA LEU A 304 3.58 -41.15 -26.54
C LEU A 304 2.45 -40.82 -25.53
N PRO A 305 2.38 -41.48 -24.36
CA PRO A 305 3.28 -42.53 -23.81
C PRO A 305 3.01 -43.93 -24.40
N TYR A 306 3.90 -44.90 -24.17
CA TYR A 306 3.69 -46.29 -24.59
C TYR A 306 2.77 -46.96 -23.58
N LEU A 307 3.02 -46.72 -22.26
CA LEU A 307 2.22 -47.24 -21.14
C LEU A 307 0.90 -46.50 -21.13
N ASN A 308 -0.22 -47.23 -21.07
CA ASN A 308 -1.57 -46.60 -21.12
C ASN A 308 -2.04 -46.06 -19.78
N GLU A 309 -1.45 -46.55 -18.69
CA GLU A 309 -1.92 -46.22 -17.37
C GLU A 309 -0.80 -46.08 -16.37
N VAL A 310 -1.07 -45.33 -15.30
CA VAL A 310 -0.18 -45.11 -14.16
C VAL A 310 -1.00 -45.15 -12.88
N HIS A 311 -0.52 -45.93 -11.90
CA HIS A 311 -1.14 -46.05 -10.58
C HIS A 311 -0.28 -45.42 -9.53
N TYR A 312 -0.93 -44.79 -8.53
CA TYR A 312 -0.30 -44.23 -7.36
C TYR A 312 -1.07 -44.80 -6.19
N LYS A 313 -0.53 -45.89 -5.62
CA LYS A 313 -1.10 -46.53 -4.44
C LYS A 313 -0.72 -45.65 -3.24
N LEU A 314 -1.73 -45.25 -2.46
CA LEU A 314 -1.57 -44.37 -1.30
C LEU A 314 -1.29 -45.20 -0.06
N SER A 315 0.01 -45.33 0.25
CA SER A 315 0.51 -46.13 1.35
C SER A 315 1.54 -45.36 2.20
N THR A 316 2.75 -45.91 2.38
CA THR A 316 3.84 -45.29 3.13
C THR A 316 5.10 -45.31 2.25
N TRP A 317 6.12 -44.51 2.60
CA TRP A 317 7.38 -44.49 1.86
C TRP A 317 8.14 -45.82 2.01
N ALA A 318 8.08 -46.46 3.19
CA ALA A 318 8.69 -47.78 3.46
C ALA A 318 8.02 -48.87 2.61
N ASP A 319 6.68 -48.82 2.49
CA ASP A 319 5.90 -49.76 1.70
C ASP A 319 6.23 -49.69 0.20
N ARG A 320 6.71 -48.53 -0.31
CA ARG A 320 7.16 -48.40 -1.70
C ARG A 320 8.37 -49.34 -1.95
N ASP A 321 9.31 -49.41 -0.99
CA ASP A 321 10.47 -50.31 -1.06
C ASP A 321 10.01 -51.78 -1.00
N VAL A 322 9.04 -52.07 -0.11
CA VAL A 322 8.45 -53.40 0.14
C VAL A 322 7.78 -53.94 -1.15
N GLN A 323 6.87 -53.14 -1.74
CA GLN A 323 6.12 -53.49 -2.93
C GLN A 323 6.98 -53.60 -4.19
N ALA A 324 8.05 -52.79 -4.30
CA ALA A 324 8.93 -52.88 -5.46
C ALA A 324 9.77 -54.16 -5.49
N VAL A 325 10.27 -54.61 -4.33
CA VAL A 325 11.04 -55.86 -4.26
C VAL A 325 10.10 -57.09 -4.35
N ALA A 326 8.84 -56.97 -3.90
CA ALA A 326 7.81 -58.02 -3.95
C ALA A 326 7.24 -58.18 -5.37
N GLY A 327 7.24 -57.09 -6.15
CA GLY A 327 6.72 -57.11 -7.51
C GLY A 327 5.32 -56.55 -7.73
N SER A 328 4.69 -55.97 -6.68
CA SER A 328 3.36 -55.34 -6.77
C SER A 328 3.46 -53.84 -7.11
N GLY A 329 4.65 -53.31 -6.89
CA GLY A 329 5.07 -51.96 -7.23
C GLY A 329 6.17 -52.08 -8.26
N ASP A 330 6.25 -51.13 -9.19
CA ASP A 330 7.21 -51.17 -10.29
C ASP A 330 8.45 -50.30 -10.13
N PHE A 331 8.40 -49.39 -9.19
CA PHE A 331 9.44 -48.40 -8.98
C PHE A 331 9.60 -48.04 -7.52
N SER A 332 10.86 -47.78 -7.12
CA SER A 332 11.21 -47.23 -5.82
C SER A 332 12.54 -46.49 -5.83
N ASN A 333 12.61 -45.42 -5.03
CA ASN A 333 13.83 -44.69 -4.70
C ASN A 333 14.15 -45.17 -3.29
N LEU A 334 15.10 -46.12 -3.18
CA LEU A 334 15.56 -46.66 -1.89
C LEU A 334 16.50 -45.60 -1.30
N GLU A 335 15.95 -44.80 -0.39
CA GLU A 335 16.57 -43.61 0.19
C GLU A 335 16.59 -43.56 1.72
N GLN A 336 16.08 -44.58 2.37
CA GLN A 336 16.04 -44.68 3.82
C GLN A 336 17.01 -45.80 4.23
N PRO A 337 18.21 -45.45 4.79
CA PRO A 337 19.20 -46.49 5.12
C PRO A 337 18.70 -47.66 5.97
N GLU A 338 17.66 -47.43 6.80
CA GLU A 338 17.05 -48.46 7.66
C GLU A 338 16.32 -49.54 6.83
N ASN A 339 16.11 -49.29 5.52
CA ASN A 339 15.45 -50.21 4.58
C ASN A 339 16.44 -50.90 3.61
N PHE A 340 17.73 -50.49 3.64
CA PHE A 340 18.79 -50.95 2.74
C PHE A 340 19.06 -52.44 2.79
N VAL A 341 19.31 -52.99 4.00
CA VAL A 341 19.68 -54.42 4.20
C VAL A 341 18.52 -55.35 3.79
N ALA A 342 17.29 -55.06 4.26
CA ALA A 342 16.09 -55.84 3.94
C ALA A 342 15.82 -55.89 2.42
N SER A 343 16.00 -54.74 1.73
CA SER A 343 15.81 -54.61 0.29
C SER A 343 16.89 -55.34 -0.50
N LEU A 344 18.17 -55.20 -0.08
CA LEU A 344 19.33 -55.86 -0.71
C LEU A 344 19.23 -57.40 -0.63
N LYS A 345 18.75 -57.93 0.52
CA LYS A 345 18.56 -59.36 0.76
C LYS A 345 17.52 -59.94 -0.21
N ARG A 346 16.41 -59.20 -0.40
CA ARG A 346 15.31 -59.56 -1.27
C ARG A 346 15.69 -59.46 -2.77
N ALA A 347 16.53 -58.45 -3.13
CA ALA A 347 17.02 -58.22 -4.49
C ALA A 347 18.15 -59.20 -4.87
N ALA A 348 18.78 -59.84 -3.86
CA ALA A 348 19.86 -60.82 -4.02
C ALA A 348 19.39 -62.11 -4.71
N ASP A 349 18.08 -62.40 -4.63
CA ASP A 349 17.45 -63.56 -5.26
C ASP A 349 17.46 -63.39 -6.80
N PRO A 350 17.97 -64.38 -7.58
CA PRO A 350 17.94 -64.25 -9.06
C PRO A 350 16.53 -64.23 -9.66
N ASN A 351 15.54 -64.74 -8.90
CA ASN A 351 14.12 -64.75 -9.28
C ASN A 351 13.41 -63.43 -8.92
N ALA A 352 14.12 -62.46 -8.29
CA ALA A 352 13.57 -61.16 -7.89
C ALA A 352 12.92 -60.43 -9.07
N PRO A 353 11.69 -59.89 -8.90
CA PRO A 353 11.02 -59.23 -10.04
C PRO A 353 11.60 -57.86 -10.43
N ALA A 354 12.45 -57.31 -9.56
CA ALA A 354 13.05 -56.01 -9.76
C ALA A 354 14.55 -56.02 -9.62
N ARG A 355 15.19 -55.05 -10.25
CA ARG A 355 16.63 -54.81 -10.27
C ARG A 355 16.90 -53.58 -9.37
N LEU A 356 18.03 -53.63 -8.62
CA LEU A 356 18.44 -52.60 -7.66
C LEU A 356 19.85 -52.10 -7.99
N ALA A 357 20.03 -50.78 -8.09
CA ALA A 357 21.36 -50.21 -8.36
C ALA A 357 21.64 -48.94 -7.56
N PHE A 358 22.72 -48.97 -6.76
CA PHE A 358 23.16 -47.82 -5.98
C PHE A 358 23.90 -46.82 -6.87
N GLY A 359 23.78 -45.54 -6.54
CA GLY A 359 24.43 -44.47 -7.29
C GLY A 359 25.38 -43.71 -6.40
N PRO A 360 25.79 -42.48 -6.77
CA PRO A 360 26.69 -41.70 -5.89
C PRO A 360 26.03 -41.19 -4.60
N ARG A 361 26.84 -40.74 -3.62
CA ARG A 361 26.32 -40.19 -2.35
C ARG A 361 25.70 -38.82 -2.58
N LEU A 362 24.41 -38.80 -2.93
CA LEU A 362 23.70 -37.56 -3.27
C LEU A 362 22.49 -37.27 -2.34
N ILE A 363 22.28 -38.12 -1.32
CA ILE A 363 21.23 -37.91 -0.34
C ILE A 363 21.87 -37.37 0.92
N GLY A 364 21.59 -36.12 1.22
CA GLY A 364 22.10 -35.45 2.40
C GLY A 364 21.00 -34.91 3.27
N TYR A 365 21.32 -34.78 4.55
CA TYR A 365 20.44 -34.22 5.55
C TYR A 365 21.14 -33.10 6.29
N ASN A 366 20.41 -32.01 6.51
CA ASN A 366 20.94 -30.87 7.20
C ASN A 366 20.03 -30.44 8.31
N LEU A 367 20.64 -29.87 9.35
CA LEU A 367 19.96 -29.18 10.42
C LEU A 367 19.95 -27.72 9.94
N GLN A 368 18.75 -27.17 9.77
CA GLN A 368 18.56 -25.78 9.30
C GLN A 368 18.01 -24.94 10.44
N MET A 369 18.67 -23.81 10.71
CA MET A 369 18.32 -22.87 11.77
C MET A 369 17.73 -21.62 11.14
N ASN A 370 16.58 -21.13 11.66
CA ASN A 370 15.95 -19.91 11.16
C ASN A 370 16.86 -18.71 11.50
N PHE A 371 17.35 -18.02 10.46
CA PHE A 371 18.27 -16.86 10.58
C PHE A 371 17.59 -15.48 10.57
N SER A 372 16.26 -15.41 10.40
CA SER A 372 15.52 -14.15 10.34
C SER A 372 15.22 -13.54 11.71
N ALA A 373 15.83 -12.37 12.01
CA ALA A 373 15.59 -11.63 13.26
C ALA A 373 14.63 -10.48 13.00
N ASN A 374 14.09 -10.39 11.76
CA ASN A 374 13.16 -9.35 11.31
C ASN A 374 11.66 -9.78 11.30
N GLY A 375 11.35 -10.93 11.91
CA GLY A 375 9.98 -11.39 12.06
C GLY A 375 9.39 -12.34 11.04
N TRP A 376 10.19 -13.23 10.46
CA TRP A 376 9.68 -14.25 9.54
C TRP A 376 9.04 -15.32 10.43
N GLY A 377 7.75 -15.54 10.22
CA GLY A 377 6.95 -16.48 11.01
C GLY A 377 6.35 -15.91 12.27
N ASN A 378 6.42 -14.56 12.43
CA ASN A 378 5.94 -13.74 13.54
C ASN A 378 6.28 -14.37 14.92
N PRO A 379 7.60 -14.53 15.25
CA PRO A 379 7.93 -15.15 16.54
C PRO A 379 7.61 -14.30 17.79
N ASP A 380 7.44 -15.01 18.91
CA ASP A 380 7.25 -14.42 20.24
C ASP A 380 8.64 -14.12 20.79
N GLU A 381 8.72 -13.72 22.07
CA GLU A 381 9.97 -13.41 22.79
C GLU A 381 10.95 -14.63 22.79
N ARG A 382 10.44 -15.86 23.00
CA ARG A 382 11.23 -17.11 23.00
C ARG A 382 11.82 -17.40 21.60
N GLY A 383 10.96 -17.35 20.59
CA GLY A 383 11.34 -17.58 19.20
C GLY A 383 12.43 -16.63 18.73
N GLN A 384 12.25 -15.30 19.01
CA GLN A 384 13.19 -14.21 18.69
C GLN A 384 14.56 -14.39 19.35
N ALA A 385 14.57 -14.85 20.63
CA ALA A 385 15.79 -15.15 21.40
C ALA A 385 16.55 -16.31 20.73
N ILE A 386 15.83 -17.30 20.18
CA ILE A 386 16.43 -18.44 19.45
C ILE A 386 17.04 -17.96 18.11
N ARG A 387 16.32 -17.07 17.38
CA ARG A 387 16.78 -16.44 16.13
C ARG A 387 18.15 -15.80 16.37
N GLU A 388 18.29 -15.03 17.49
CA GLU A 388 19.51 -14.34 17.91
C GLU A 388 20.64 -15.31 18.29
N LEU A 389 20.32 -16.47 18.93
CA LEU A 389 21.31 -17.53 19.19
C LEU A 389 21.77 -18.17 17.86
N ASN A 390 20.81 -18.48 16.94
CA ASN A 390 21.10 -19.07 15.62
C ASN A 390 22.04 -18.20 14.80
N ARG A 391 21.86 -16.87 14.89
CA ARG A 391 22.65 -15.84 14.21
C ARG A 391 24.06 -15.66 14.78
N ASN A 392 24.31 -16.17 15.99
CA ASN A 392 25.61 -16.12 16.64
C ASN A 392 26.50 -17.28 16.12
N GLU A 393 27.68 -16.94 15.51
CA GLU A 393 28.60 -17.92 14.92
C GLU A 393 29.20 -18.90 15.91
N VAL A 394 29.53 -18.46 17.14
CA VAL A 394 30.07 -19.30 18.22
C VAL A 394 29.05 -20.37 18.64
N PHE A 395 27.75 -20.00 18.70
CA PHE A 395 26.63 -20.91 19.00
C PHE A 395 26.53 -22.03 17.97
N ARG A 396 26.62 -21.68 16.67
CA ARG A 396 26.55 -22.64 15.55
C ARG A 396 27.78 -23.55 15.56
N GLN A 397 28.94 -23.01 15.98
CA GLN A 397 30.17 -23.77 16.07
C GLN A 397 30.08 -24.84 17.17
N ALA A 398 29.41 -24.51 18.28
CA ALA A 398 29.22 -25.43 19.41
C ALA A 398 28.25 -26.57 19.05
N VAL A 399 27.12 -26.23 18.42
CA VAL A 399 26.10 -27.18 17.99
C VAL A 399 26.69 -28.25 17.03
N THR A 400 27.44 -27.79 16.00
CA THR A 400 28.07 -28.66 15.00
C THR A 400 29.17 -29.57 15.61
N SER A 401 29.96 -29.03 16.56
CA SER A 401 31.05 -29.72 17.26
C SER A 401 30.55 -30.74 18.28
N ALA A 402 29.31 -30.54 18.77
CA ALA A 402 28.65 -31.43 19.72
C ALA A 402 28.04 -32.66 19.04
N LEU A 403 28.09 -32.71 17.68
CA LEU A 403 27.58 -33.86 16.92
C LEU A 403 28.66 -34.90 16.62
N ASP A 404 28.39 -36.14 17.04
CA ASP A 404 29.24 -37.29 16.79
C ASP A 404 28.66 -37.87 15.48
N ARG A 405 29.21 -37.39 14.34
CA ARG A 405 28.77 -37.74 12.99
C ARG A 405 28.96 -39.21 12.63
N LYS A 406 29.97 -39.90 13.22
CA LYS A 406 30.18 -41.32 12.97
C LYS A 406 29.02 -42.13 13.59
N ALA A 407 28.58 -41.73 14.81
CA ALA A 407 27.45 -42.34 15.54
C ALA A 407 26.12 -42.08 14.82
N ILE A 408 25.95 -40.87 14.19
CA ILE A 408 24.78 -40.47 13.41
C ILE A 408 24.63 -41.43 12.20
N GLY A 409 25.73 -41.66 11.48
CA GLY A 409 25.79 -42.57 10.34
C GLY A 409 25.44 -43.99 10.70
N ASP A 410 26.04 -44.52 11.79
CA ASP A 410 25.82 -45.88 12.31
C ASP A 410 24.43 -46.11 12.92
N SER A 411 23.76 -45.02 13.35
CA SER A 411 22.39 -45.06 13.86
C SER A 411 21.38 -45.34 12.71
N LEU A 412 21.74 -45.00 11.45
CA LEU A 412 20.89 -45.28 10.30
C LEU A 412 21.23 -46.61 9.64
N VAL A 413 22.54 -46.84 9.33
CA VAL A 413 23.05 -48.07 8.70
C VAL A 413 24.58 -48.23 8.93
N LYS A 414 25.01 -49.48 9.22
CA LYS A 414 26.42 -49.87 9.39
C LYS A 414 26.96 -50.32 8.01
N GLY A 415 28.21 -49.94 7.71
CA GLY A 415 28.86 -50.30 6.44
C GLY A 415 29.41 -49.14 5.64
N PRO A 416 29.66 -49.33 4.32
CA PRO A 416 30.25 -48.24 3.51
C PRO A 416 29.31 -47.13 3.00
N PHE A 417 28.02 -47.18 3.34
CA PHE A 417 27.00 -46.24 2.87
C PHE A 417 27.19 -44.77 3.29
N THR A 418 27.16 -44.50 4.60
CA THR A 418 27.24 -43.14 5.10
C THR A 418 28.66 -42.54 5.01
N ALA A 419 28.70 -41.21 4.90
CA ALA A 419 29.93 -40.43 4.84
C ALA A 419 29.79 -39.27 5.82
N ILE A 420 30.91 -38.88 6.47
CA ILE A 420 30.97 -37.73 7.37
C ILE A 420 30.58 -36.48 6.55
N TYR A 421 29.49 -35.84 6.95
CA TYR A 421 28.91 -34.73 6.22
C TYR A 421 28.80 -33.45 7.06
N PRO A 422 29.74 -32.50 6.89
CA PRO A 422 29.69 -31.25 7.68
C PRO A 422 28.58 -30.29 7.28
N GLY A 423 28.13 -30.41 6.02
CA GLY A 423 27.12 -29.59 5.36
C GLY A 423 27.61 -29.14 4.01
N GLY A 424 26.81 -28.36 3.30
CA GLY A 424 27.16 -27.84 1.97
C GLY A 424 26.92 -28.77 0.80
N ILE A 425 27.64 -28.53 -0.31
CA ILE A 425 27.61 -29.31 -1.54
C ILE A 425 27.93 -30.76 -1.21
N SER A 426 27.11 -31.68 -1.73
CA SER A 426 27.20 -33.13 -1.59
C SER A 426 28.54 -33.64 -2.18
N SER A 427 29.18 -34.61 -1.50
CA SER A 427 30.44 -35.21 -1.96
C SER A 427 30.31 -36.00 -3.26
N GLY A 428 29.07 -36.34 -3.63
CA GLY A 428 28.75 -37.07 -4.84
C GLY A 428 28.75 -36.26 -6.12
N THR A 429 28.77 -34.91 -6.04
CA THR A 429 28.78 -34.04 -7.25
C THR A 429 30.20 -33.59 -7.62
N SER A 430 30.44 -33.36 -8.93
CA SER A 430 31.75 -32.93 -9.44
C SER A 430 32.20 -31.57 -8.91
N PHE A 431 31.23 -30.66 -8.57
CA PHE A 431 31.49 -29.31 -8.05
C PHE A 431 32.02 -29.33 -6.61
N TYR A 432 31.92 -30.49 -5.94
CA TYR A 432 32.42 -30.73 -4.59
C TYR A 432 33.95 -30.70 -4.59
N ASP A 433 34.52 -30.11 -3.52
CA ASP A 433 35.94 -30.07 -3.24
C ASP A 433 36.12 -30.34 -1.76
N ARG A 434 36.73 -31.48 -1.43
CA ARG A 434 37.02 -31.92 -0.05
C ARG A 434 37.90 -30.92 0.70
N ALA A 435 38.93 -30.36 0.01
CA ALA A 435 39.88 -29.40 0.57
C ALA A 435 39.23 -28.05 0.90
N SER A 436 38.08 -27.74 0.28
CA SER A 436 37.29 -26.52 0.50
C SER A 436 36.20 -26.71 1.56
N THR A 437 35.97 -27.97 2.02
CA THR A 437 34.95 -28.32 3.02
C THR A 437 35.54 -28.25 4.43
N VAL A 438 34.95 -27.38 5.27
CA VAL A 438 35.36 -27.19 6.66
C VAL A 438 34.66 -28.25 7.52
N TYR A 439 35.46 -29.06 8.23
CA TYR A 439 34.97 -30.10 9.12
C TYR A 439 35.28 -29.75 10.57
N TYR A 440 34.23 -29.69 11.39
CA TYR A 440 34.28 -29.45 12.84
C TYR A 440 34.22 -30.85 13.46
N PRO A 441 35.37 -31.45 13.86
CA PRO A 441 35.29 -32.81 14.45
C PRO A 441 34.53 -32.81 15.78
N PHE A 442 34.11 -34.02 16.22
CA PHE A 442 33.38 -34.20 17.47
C PHE A 442 34.23 -33.75 18.69
N ASN A 443 33.81 -32.63 19.32
CA ASN A 443 34.44 -31.98 20.46
C ASN A 443 33.36 -31.42 21.41
N LEU A 444 32.79 -32.30 22.25
CA LEU A 444 31.72 -31.95 23.20
C LEU A 444 32.16 -30.95 24.28
N GLU A 445 33.36 -31.14 24.86
CA GLU A 445 33.90 -30.25 25.89
C GLU A 445 34.14 -28.84 25.37
N GLY A 446 34.71 -28.74 24.16
CA GLY A 446 34.93 -27.47 23.49
C GLY A 446 33.62 -26.76 23.19
N ALA A 447 32.60 -27.55 22.83
CA ALA A 447 31.26 -27.05 22.52
C ALA A 447 30.58 -26.46 23.78
N LYS A 448 30.74 -27.15 24.94
CA LYS A 448 30.23 -26.71 26.25
C LYS A 448 30.90 -25.39 26.67
N ALA A 449 32.24 -25.31 26.45
CA ALA A 449 33.05 -24.13 26.75
C ALA A 449 32.65 -22.94 25.86
N ALA A 450 32.37 -23.21 24.56
CA ALA A 450 31.95 -22.21 23.56
C ALA A 450 30.64 -21.52 23.97
N LEU A 451 29.67 -22.31 24.46
CA LEU A 451 28.37 -21.79 24.91
C LEU A 451 28.49 -20.96 26.18
N ALA A 452 29.39 -21.37 27.11
CA ALA A 452 29.68 -20.63 28.35
C ALA A 452 30.31 -19.27 28.02
N SER A 453 31.15 -19.23 26.97
CA SER A 453 31.83 -18.04 26.47
C SER A 453 30.87 -16.96 25.91
N ILE A 454 29.65 -17.35 25.50
CA ILE A 454 28.67 -16.39 24.96
C ILE A 454 27.60 -16.03 26.00
N GLY A 455 27.83 -16.42 27.26
CA GLY A 455 26.97 -16.12 28.40
C GLY A 455 25.84 -17.08 28.72
N LEU A 456 25.95 -18.34 28.23
CA LEU A 456 24.96 -19.39 28.51
C LEU A 456 25.46 -20.30 29.64
N LYS A 457 24.73 -20.31 30.76
CA LYS A 457 25.09 -21.12 31.92
C LYS A 457 23.89 -21.69 32.68
N ASP A 458 24.07 -22.85 33.31
CA ASP A 458 23.07 -23.50 34.14
C ASP A 458 22.93 -22.73 35.49
N THR A 459 21.85 -21.93 35.59
CA THR A 459 21.54 -21.09 36.75
C THR A 459 20.50 -21.71 37.72
N ASP A 460 19.87 -22.85 37.35
CA ASP A 460 18.87 -23.54 38.16
C ASP A 460 19.31 -24.96 38.64
N GLY A 461 20.51 -25.38 38.25
CA GLY A 461 21.07 -26.67 38.65
C GLY A 461 20.49 -27.94 38.02
N ASP A 462 20.02 -27.86 36.76
CA ASP A 462 19.48 -29.05 36.10
C ASP A 462 20.41 -29.55 34.98
N GLY A 463 21.56 -28.89 34.84
CA GLY A 463 22.56 -29.19 33.82
C GLY A 463 22.30 -28.45 32.52
N PHE A 464 21.01 -28.17 32.22
CA PHE A 464 20.62 -27.46 31.01
C PHE A 464 20.99 -25.97 31.17
N LEU A 465 21.43 -25.36 30.09
CA LEU A 465 21.82 -23.96 30.06
C LEU A 465 20.62 -23.01 30.01
N ASN A 466 20.78 -21.86 30.67
CA ASN A 466 19.77 -20.83 30.79
C ASN A 466 20.14 -19.59 30.03
N PHE A 467 19.12 -18.83 29.62
CA PHE A 467 19.32 -17.51 29.03
C PHE A 467 19.81 -16.57 30.15
N PRO A 468 20.60 -15.49 29.89
CA PRO A 468 20.98 -14.58 31.00
C PRO A 468 19.73 -13.93 31.63
N LYS A 469 19.80 -13.48 32.91
CA LYS A 469 18.65 -12.90 33.64
C LYS A 469 17.77 -11.94 32.83
N GLU A 470 18.41 -11.10 31.97
CA GLU A 470 17.75 -10.12 31.11
C GLU A 470 16.91 -10.77 29.99
N THR A 471 17.34 -11.93 29.43
CA THR A 471 16.58 -12.64 28.39
C THR A 471 15.61 -13.70 29.00
N LEU A 472 14.29 -13.54 28.72
CA LEU A 472 13.19 -14.44 29.12
C LEU A 472 13.16 -14.86 30.61
N GLY A 473 13.60 -13.96 31.50
CA GLY A 473 13.67 -14.19 32.94
C GLY A 473 14.69 -15.22 33.36
N GLY A 474 15.74 -15.38 32.55
CA GLY A 474 16.82 -16.33 32.77
C GLY A 474 16.44 -17.80 32.70
N ARG A 475 15.33 -18.13 32.03
CA ARG A 475 14.83 -19.50 31.92
C ARG A 475 15.76 -20.35 31.01
N ASN A 476 15.68 -21.71 31.13
CA ASN A 476 16.44 -22.64 30.28
C ASN A 476 16.17 -22.37 28.80
N VAL A 477 17.22 -22.55 27.96
CA VAL A 477 17.11 -22.42 26.50
C VAL A 477 16.30 -23.63 25.96
N GLU A 478 15.22 -23.36 25.22
CA GLU A 478 14.33 -24.37 24.65
C GLU A 478 14.16 -24.10 23.17
N ILE A 479 14.56 -25.08 22.35
CA ILE A 479 14.54 -25.01 20.88
C ILE A 479 13.55 -26.02 20.31
N THR A 480 12.70 -25.57 19.38
CA THR A 480 11.78 -26.46 18.67
C THR A 480 12.48 -27.01 17.43
N LEU A 481 12.17 -28.26 17.05
CA LEU A 481 12.76 -28.94 15.89
C LEU A 481 11.67 -29.49 15.02
N LEU A 482 11.47 -28.86 13.84
CA LEU A 482 10.47 -29.24 12.85
C LEU A 482 10.96 -30.44 12.03
N VAL A 483 10.11 -31.49 11.97
CA VAL A 483 10.40 -32.78 11.31
C VAL A 483 9.21 -33.26 10.48
N ASN A 484 9.50 -34.05 9.40
CA ASN A 484 8.53 -34.74 8.55
C ASN A 484 8.33 -36.11 9.20
N ASN A 485 7.09 -36.39 9.65
CA ASN A 485 6.74 -37.67 10.27
C ASN A 485 6.57 -38.87 9.27
N GLY A 486 6.71 -38.67 7.96
CA GLY A 486 6.56 -39.74 6.96
C GLY A 486 7.74 -40.68 6.75
N TYR A 487 8.90 -40.34 7.34
CA TYR A 487 10.14 -41.10 7.17
C TYR A 487 10.79 -41.50 8.45
N ALA A 488 11.26 -42.76 8.51
CA ALA A 488 12.01 -43.29 9.65
C ALA A 488 13.34 -42.55 9.78
N THR A 489 13.98 -42.19 8.65
CA THR A 489 15.28 -41.49 8.61
C THR A 489 15.22 -40.11 9.29
N ASP A 490 14.21 -39.28 8.92
CA ASP A 490 14.02 -37.93 9.46
C ASP A 490 13.78 -37.97 10.98
N LYS A 491 12.92 -38.90 11.41
CA LYS A 491 12.54 -39.12 12.80
C LYS A 491 13.72 -39.57 13.65
N SER A 492 14.52 -40.50 13.12
CA SER A 492 15.70 -41.05 13.75
C SER A 492 16.77 -39.97 13.98
N LEU A 493 16.96 -39.10 12.97
CA LEU A 493 17.91 -37.99 13.03
C LEU A 493 17.45 -36.92 14.02
N ALA A 494 16.12 -36.65 14.08
CA ALA A 494 15.52 -35.69 15.01
C ALA A 494 15.68 -36.15 16.46
N GLU A 495 15.41 -37.46 16.70
CA GLU A 495 15.53 -38.10 18.02
C GLU A 495 16.99 -38.09 18.48
N GLY A 496 17.91 -38.37 17.56
CA GLY A 496 19.35 -38.35 17.81
C GLY A 496 19.87 -36.97 18.19
N LEU A 497 19.31 -35.92 17.58
CA LEU A 497 19.66 -34.53 17.78
C LEU A 497 19.22 -34.05 19.15
N VAL A 498 18.05 -34.52 19.61
CA VAL A 498 17.52 -34.18 20.93
C VAL A 498 18.44 -34.72 22.04
N GLY A 499 18.85 -35.98 21.89
CA GLY A 499 19.74 -36.66 22.83
C GLY A 499 21.14 -36.07 22.86
N GLN A 500 21.66 -35.69 21.67
CA GLN A 500 22.98 -35.08 21.56
C GLN A 500 23.00 -33.65 22.10
N MET A 501 21.92 -32.87 21.87
CA MET A 501 21.83 -31.50 22.38
C MET A 501 21.63 -31.47 23.89
N ALA A 502 21.06 -32.57 24.48
CA ALA A 502 20.85 -32.70 25.92
C ALA A 502 22.19 -32.83 26.63
N LYS A 503 23.17 -33.51 25.97
CA LYS A 503 24.55 -33.69 26.46
C LYS A 503 25.28 -32.36 26.48
N LEU A 504 24.95 -31.48 25.52
CA LEU A 504 25.46 -30.12 25.35
C LEU A 504 24.78 -29.12 26.34
N GLY A 505 23.61 -29.50 26.86
CA GLY A 505 22.87 -28.69 27.82
C GLY A 505 21.77 -27.88 27.19
N LEU A 506 21.36 -28.26 25.95
CA LEU A 506 20.27 -27.62 25.20
C LEU A 506 19.02 -28.48 25.13
N ARG A 507 17.86 -27.95 25.55
CA ARG A 507 16.61 -28.71 25.49
C ARG A 507 15.92 -28.49 24.14
N VAL A 508 15.84 -29.57 23.35
CA VAL A 508 15.23 -29.58 22.03
C VAL A 508 13.90 -30.35 22.09
N VAL A 509 12.83 -29.74 21.52
CA VAL A 509 11.47 -30.29 21.50
C VAL A 509 11.09 -30.53 20.05
N ILE A 510 10.72 -31.77 19.72
CA ILE A 510 10.31 -32.17 18.37
C ILE A 510 8.91 -31.64 18.02
N HIS A 511 8.78 -31.14 16.79
CA HIS A 511 7.59 -30.64 16.14
C HIS A 511 7.41 -31.57 14.92
N SER A 512 6.80 -32.75 15.14
CA SER A 512 6.57 -33.77 14.11
C SER A 512 5.24 -33.52 13.39
N LEU A 513 5.33 -33.14 12.09
CA LEU A 513 4.17 -32.81 11.28
C LEU A 513 4.13 -33.58 9.98
N ASP A 514 2.93 -33.75 9.40
CA ASP A 514 2.84 -34.38 8.08
C ASP A 514 3.36 -33.38 7.05
N SER A 515 3.84 -33.89 5.90
CA SER A 515 4.45 -33.14 4.81
C SER A 515 3.84 -31.76 4.51
N ASN A 516 2.50 -31.67 4.34
CA ASN A 516 1.84 -30.40 4.03
C ASN A 516 1.88 -29.40 5.18
N GLN A 517 1.70 -29.87 6.43
CA GLN A 517 1.79 -29.01 7.61
C GLN A 517 3.25 -28.57 7.82
N ARG A 518 4.21 -29.48 7.56
CA ARG A 518 5.65 -29.21 7.69
C ARG A 518 6.09 -28.08 6.73
N ASP A 519 5.64 -28.15 5.45
CA ASP A 519 5.90 -27.14 4.41
C ASP A 519 5.37 -25.78 4.79
N ALA A 520 4.10 -25.71 5.30
CA ALA A 520 3.46 -24.47 5.72
C ALA A 520 4.22 -23.82 6.91
N ALA A 521 4.70 -24.62 7.86
CA ALA A 521 5.48 -24.15 9.02
C ALA A 521 6.89 -23.68 8.60
N HIS A 522 7.53 -24.38 7.64
CA HIS A 522 8.86 -24.06 7.13
C HIS A 522 8.83 -22.78 6.28
N TYR A 523 8.02 -22.76 5.21
CA TYR A 523 7.90 -21.63 4.28
C TYR A 523 7.32 -20.39 4.95
N GLY A 524 6.50 -20.62 5.98
CA GLY A 524 5.91 -19.56 6.79
C GLY A 524 6.82 -19.03 7.88
N GLY A 525 7.98 -19.67 8.09
CA GLY A 525 8.98 -19.27 9.08
C GLY A 525 8.69 -19.62 10.51
N GLN A 526 7.65 -20.43 10.75
CA GLN A 526 7.23 -20.83 12.08
C GLN A 526 8.05 -22.03 12.57
N PHE A 527 9.36 -21.83 12.72
CA PHE A 527 10.30 -22.82 13.19
C PHE A 527 11.53 -22.16 13.77
N ASP A 528 12.20 -22.87 14.70
CA ASP A 528 13.49 -22.46 15.26
C ASP A 528 14.53 -23.20 14.43
N TRP A 529 14.46 -24.54 14.47
CA TRP A 529 15.31 -25.49 13.78
C TRP A 529 14.45 -26.46 12.99
N LEU A 530 15.05 -27.09 11.98
CA LEU A 530 14.36 -28.06 11.15
C LEU A 530 15.34 -29.11 10.60
N VAL A 531 14.88 -30.38 10.57
CA VAL A 531 15.63 -31.50 9.98
C VAL A 531 15.10 -31.60 8.55
N ARG A 532 15.99 -31.52 7.57
CA ARG A 532 15.58 -31.56 6.17
C ARG A 532 16.52 -32.34 5.25
N ARG A 533 15.92 -33.17 4.36
CA ARG A 533 16.63 -33.86 3.30
C ARG A 533 16.92 -32.79 2.24
N ASN A 534 18.16 -32.77 1.71
CA ASN A 534 18.56 -31.77 0.71
C ASN A 534 17.81 -31.81 -0.60
N SER A 535 17.65 -30.62 -1.22
CA SER A 535 17.07 -30.47 -2.54
C SER A 535 18.21 -30.41 -3.57
N THR A 536 17.85 -30.30 -4.88
CA THR A 536 18.76 -30.35 -6.03
C THR A 536 19.98 -29.43 -6.03
N GLU A 537 19.89 -28.23 -5.43
CA GLU A 537 21.03 -27.27 -5.44
C GLU A 537 22.28 -27.85 -4.73
N LEU A 538 22.10 -28.66 -3.69
CA LEU A 538 23.23 -29.27 -2.97
C LEU A 538 23.68 -30.60 -3.59
N SER A 539 22.82 -31.25 -4.40
CA SER A 539 23.14 -32.52 -5.05
C SER A 539 23.63 -32.33 -6.51
N SER A 540 23.44 -31.14 -7.08
CA SER A 540 23.82 -30.89 -8.48
C SER A 540 24.45 -29.52 -8.71
N VAL A 541 24.19 -28.54 -7.81
CA VAL A 541 24.68 -27.14 -7.89
C VAL A 541 23.91 -26.35 -8.96
N VAL A 542 23.92 -26.84 -10.21
CA VAL A 542 23.38 -26.21 -11.42
C VAL A 542 21.83 -26.17 -11.47
N GLN A 543 21.14 -27.09 -10.74
CA GLN A 543 19.69 -27.11 -10.69
C GLN A 543 19.19 -26.34 -9.47
N ASN A 544 18.55 -25.19 -9.73
CA ASN A 544 18.02 -24.24 -8.73
C ASN A 544 19.15 -23.61 -7.90
N THR A 545 20.20 -23.12 -8.62
CA THR A 545 21.38 -22.45 -8.06
C THR A 545 21.01 -21.29 -7.14
N GLU A 546 19.85 -20.63 -7.41
CA GLU A 546 19.35 -19.50 -6.59
C GLU A 546 19.04 -19.88 -5.13
N GLN A 547 18.82 -21.18 -4.87
CA GLN A 547 18.51 -21.72 -3.54
C GLN A 547 19.74 -21.99 -2.69
N LEU A 548 20.94 -21.75 -3.24
CA LEU A 548 22.21 -21.92 -2.53
C LEU A 548 22.48 -20.80 -1.54
N ALA A 549 21.89 -19.62 -1.75
CA ALA A 549 22.08 -18.46 -0.88
C ALA A 549 20.83 -17.55 -0.88
N PRO A 550 20.71 -16.60 0.08
CA PRO A 550 19.57 -15.66 0.03
C PRO A 550 19.81 -14.54 -1.04
N VAL A 551 19.79 -14.92 -2.33
CA VAL A 551 19.97 -14.00 -3.47
C VAL A 551 18.72 -13.12 -3.66
N GLY A 552 17.59 -13.61 -3.16
CA GLY A 552 16.31 -12.92 -3.15
C GLY A 552 15.67 -13.02 -1.78
N PRO A 553 14.58 -12.27 -1.49
CA PRO A 553 13.94 -12.35 -0.16
C PRO A 553 13.32 -13.71 0.22
N ARG A 554 13.04 -14.60 -0.77
CA ARG A 554 12.43 -15.91 -0.52
C ARG A 554 13.20 -17.09 -1.16
N THR A 555 14.41 -16.88 -1.73
CA THR A 555 15.19 -17.94 -2.37
C THR A 555 15.86 -18.93 -1.39
N SER A 556 16.18 -18.47 -0.15
CA SER A 556 16.83 -19.29 0.87
C SER A 556 15.83 -20.17 1.63
N TRP A 557 16.25 -21.37 2.11
CA TRP A 557 15.38 -22.25 2.90
C TRP A 557 15.36 -21.87 4.38
N ASN A 558 16.41 -21.18 4.87
CA ASN A 558 16.44 -20.87 6.30
C ASN A 558 16.48 -19.35 6.60
N HIS A 559 16.52 -18.50 5.57
CA HIS A 559 16.54 -17.05 5.75
C HIS A 559 15.68 -16.31 4.74
N ARG A 560 14.40 -16.18 5.07
CA ARG A 560 13.41 -15.45 4.27
C ARG A 560 12.90 -14.24 5.06
N SER A 561 12.35 -13.26 4.35
CA SER A 561 11.80 -12.08 5.02
C SER A 561 10.28 -12.05 4.80
N PRO A 562 9.49 -11.69 5.84
CA PRO A 562 8.02 -11.58 5.63
C PRO A 562 7.68 -10.40 4.72
N GLU A 563 6.73 -10.58 3.78
CA GLU A 563 6.26 -9.50 2.90
C GLU A 563 5.37 -8.54 3.75
N GLY A 564 5.80 -7.27 3.95
CA GLY A 564 6.98 -6.65 3.37
C GLY A 564 7.95 -6.04 4.39
N LYS A 565 9.10 -6.72 4.56
CA LYS A 565 10.25 -6.38 5.42
C LYS A 565 11.51 -6.73 4.61
N GLU A 566 12.65 -6.11 4.90
CA GLU A 566 13.89 -6.38 4.16
C GLU A 566 14.75 -7.47 4.82
N LEU A 567 15.55 -8.23 4.02
CA LEU A 567 16.44 -9.29 4.54
C LEU A 567 17.55 -8.72 5.44
N ASP A 568 17.66 -9.28 6.65
CA ASP A 568 18.64 -8.91 7.66
C ASP A 568 19.85 -9.86 7.49
N LEU A 569 20.52 -9.76 6.35
CA LEU A 569 21.65 -10.65 6.04
C LEU A 569 22.90 -10.39 6.84
N MET A 570 23.54 -11.49 7.29
CA MET A 570 24.82 -11.49 7.99
C MET A 570 25.89 -11.35 6.90
N PRO A 571 27.07 -10.72 7.17
CA PRO A 571 28.09 -10.54 6.12
C PRO A 571 28.43 -11.79 5.28
N PHE A 572 28.58 -12.98 5.90
CA PHE A 572 28.89 -14.22 5.15
C PHE A 572 27.81 -14.60 4.11
N GLU A 573 26.52 -14.35 4.44
CA GLU A 573 25.35 -14.61 3.57
C GLU A 573 25.35 -13.73 2.32
N LYS A 574 25.85 -12.49 2.45
CA LYS A 574 26.01 -11.50 1.37
C LYS A 574 27.18 -11.93 0.47
N GLU A 575 28.26 -12.49 1.07
CA GLU A 575 29.43 -13.02 0.34
C GLU A 575 28.98 -14.23 -0.47
N MET A 576 28.14 -15.09 0.14
CA MET A 576 27.55 -16.26 -0.49
C MET A 576 26.62 -15.86 -1.67
N ALA A 577 25.78 -14.82 -1.46
CA ALA A 577 24.85 -14.28 -2.46
C ALA A 577 25.58 -13.66 -3.67
N ASP A 578 26.78 -13.08 -3.44
CA ASP A 578 27.61 -12.51 -4.49
C ASP A 578 28.28 -13.59 -5.33
N ILE A 579 28.75 -14.69 -4.67
CA ILE A 579 29.37 -15.84 -5.33
C ILE A 579 28.33 -16.54 -6.27
N VAL A 580 27.10 -16.78 -5.74
CA VAL A 580 26.01 -17.44 -6.46
C VAL A 580 25.61 -16.62 -7.70
N ARG A 581 25.50 -15.27 -7.55
CA ARG A 581 25.19 -14.35 -8.65
C ARG A 581 26.27 -14.37 -9.72
N LYS A 582 27.55 -14.42 -9.30
CA LYS A 582 28.72 -14.50 -10.21
C LYS A 582 28.68 -15.80 -11.03
N PHE A 583 28.41 -16.93 -10.36
CA PHE A 583 28.31 -18.27 -10.95
C PHE A 583 27.17 -18.37 -11.98
N ILE A 584 25.97 -17.82 -11.64
CA ILE A 584 24.75 -17.79 -12.48
C ILE A 584 25.02 -17.14 -13.85
N SER A 585 25.85 -16.06 -13.86
CA SER A 585 26.23 -15.30 -15.04
C SER A 585 27.61 -15.67 -15.62
N SER A 586 28.30 -16.68 -15.03
CA SER A 586 29.62 -17.11 -15.49
C SER A 586 29.55 -18.06 -16.69
N GLN A 587 30.37 -17.76 -17.71
CA GLN A 587 30.48 -18.51 -18.95
C GLN A 587 31.75 -19.37 -18.97
N ASP A 588 32.65 -19.17 -17.98
CA ASP A 588 33.91 -19.89 -17.85
C ASP A 588 33.82 -21.07 -16.87
N ASN A 589 34.12 -22.29 -17.36
CA ASN A 589 34.11 -23.55 -16.61
C ASN A 589 35.09 -23.60 -15.43
N ALA A 590 36.32 -23.10 -15.62
CA ALA A 590 37.34 -23.04 -14.58
C ALA A 590 36.96 -22.04 -13.49
N GLU A 591 36.38 -20.88 -13.89
CA GLU A 591 35.89 -19.84 -12.97
C GLU A 591 34.73 -20.38 -12.12
N ARG A 592 33.80 -21.11 -12.77
CA ARG A 592 32.64 -21.71 -12.12
C ARG A 592 33.05 -22.73 -11.05
N ALA A 593 34.00 -23.62 -11.37
CA ALA A 593 34.51 -24.64 -10.45
C ALA A 593 35.12 -23.97 -9.21
N ASP A 594 35.91 -22.91 -9.45
CA ASP A 594 36.57 -22.12 -8.43
C ASP A 594 35.57 -21.40 -7.53
N LEU A 595 34.46 -20.85 -8.11
CA LEU A 595 33.41 -20.18 -7.34
C LEU A 595 32.68 -21.15 -6.40
N MET A 596 32.56 -22.42 -6.80
CA MET A 596 31.90 -23.42 -5.95
C MET A 596 32.81 -23.88 -4.83
N LYS A 597 34.15 -23.72 -4.99
CA LYS A 597 35.15 -23.99 -3.95
C LYS A 597 35.07 -22.87 -2.88
N GLN A 598 34.94 -21.60 -3.34
CA GLN A 598 34.80 -20.42 -2.50
C GLN A 598 33.51 -20.52 -1.71
N TYR A 599 32.40 -20.82 -2.43
CA TYR A 599 31.05 -21.02 -1.86
C TYR A 599 31.09 -22.08 -0.73
N GLN A 600 31.67 -23.27 -1.02
CA GLN A 600 31.82 -24.39 -0.09
C GLN A 600 32.57 -23.99 1.18
N LYS A 601 33.66 -23.23 1.02
CA LYS A 601 34.50 -22.70 2.07
C LYS A 601 33.70 -21.77 3.01
N VAL A 602 33.00 -20.75 2.44
CA VAL A 602 32.19 -19.75 3.16
C VAL A 602 31.03 -20.44 3.91
N TYR A 603 30.32 -21.35 3.23
CA TYR A 603 29.18 -22.12 3.74
C TYR A 603 29.58 -22.95 4.97
N THR A 604 30.63 -23.79 4.83
CA THR A 604 31.01 -24.74 5.87
C THR A 604 31.78 -24.09 7.02
N GLN A 605 32.55 -22.99 6.77
CA GLN A 605 33.24 -22.29 7.84
C GLN A 605 32.25 -21.53 8.74
N ASN A 606 31.24 -20.88 8.13
CA ASN A 606 30.27 -20.05 8.83
C ASN A 606 29.03 -20.76 9.30
N LEU A 607 28.84 -22.02 8.84
CA LEU A 607 27.76 -22.92 9.17
C LEU A 607 26.39 -22.37 8.78
N TYR A 608 26.22 -22.12 7.47
CA TYR A 608 24.97 -21.70 6.83
C TYR A 608 23.85 -22.71 7.18
N THR A 609 24.20 -24.01 7.22
CA THR A 609 23.41 -25.13 7.74
C THR A 609 24.40 -26.04 8.46
N ILE A 610 23.89 -27.03 9.20
CA ILE A 610 24.73 -28.00 9.89
C ILE A 610 24.42 -29.40 9.35
N GLY A 611 25.41 -29.98 8.67
CA GLY A 611 25.27 -31.31 8.06
C GLY A 611 25.04 -32.40 9.08
N LEU A 612 24.15 -33.34 8.76
CA LEU A 612 23.87 -34.44 9.68
C LEU A 612 24.57 -35.70 9.17
N THR A 613 24.21 -36.12 7.95
CA THR A 613 24.79 -37.28 7.26
C THR A 613 24.45 -37.25 5.77
N GLU A 614 25.20 -38.06 5.00
CA GLU A 614 25.09 -38.19 3.56
C GLU A 614 25.42 -39.62 3.20
N TYR A 615 24.70 -40.18 2.22
CA TYR A 615 24.81 -41.57 1.81
C TYR A 615 24.26 -41.73 0.38
N PRO A 616 24.46 -42.91 -0.28
CA PRO A 616 23.86 -43.09 -1.60
C PRO A 616 22.48 -43.75 -1.54
N GLY A 617 21.69 -43.48 -2.55
CA GLY A 617 20.38 -44.10 -2.72
C GLY A 617 20.44 -45.17 -3.81
N ALA A 618 19.39 -45.97 -3.93
CA ALA A 618 19.33 -47.01 -4.97
C ALA A 618 18.02 -46.98 -5.76
N LEU A 619 18.11 -47.11 -7.08
CA LEU A 619 16.95 -47.16 -7.95
C LEU A 619 16.48 -48.62 -8.09
N ILE A 620 15.20 -48.87 -7.78
CA ILE A 620 14.56 -50.18 -7.87
C ILE A 620 13.49 -50.07 -8.97
N VAL A 621 13.67 -50.84 -10.06
CA VAL A 621 12.75 -50.85 -11.21
C VAL A 621 12.41 -52.29 -11.54
N ASN A 622 11.11 -52.55 -11.81
CA ASN A 622 10.62 -53.84 -12.27
C ASN A 622 11.36 -54.27 -13.54
N LYS A 623 11.78 -55.54 -13.61
CA LYS A 623 12.58 -56.08 -14.72
C LYS A 623 11.90 -56.14 -16.10
N ARG A 624 10.55 -56.08 -16.17
CA ARG A 624 9.85 -56.18 -17.47
C ARG A 624 9.96 -54.90 -18.33
N PHE A 625 10.30 -53.76 -17.72
CA PHE A 625 10.41 -52.47 -18.41
C PHE A 625 11.67 -52.31 -19.26
N SER A 626 11.44 -51.88 -20.50
CA SER A 626 12.47 -51.55 -21.47
C SER A 626 12.62 -50.02 -21.52
N ASN A 627 13.81 -49.56 -21.98
CA ASN A 627 14.19 -48.15 -22.15
C ASN A 627 14.56 -47.45 -20.84
N VAL A 628 14.89 -48.23 -19.79
CA VAL A 628 15.31 -47.66 -18.51
C VAL A 628 16.82 -47.40 -18.69
N PRO A 629 17.29 -46.11 -18.64
CA PRO A 629 18.73 -45.86 -18.82
C PRO A 629 19.56 -46.45 -17.68
N GLN A 630 20.70 -46.99 -18.04
CA GLN A 630 21.69 -47.60 -17.16
C GLN A 630 22.31 -46.49 -16.30
N GLY A 631 22.50 -46.79 -15.01
CA GLY A 631 23.11 -45.88 -14.04
C GLY A 631 22.31 -44.66 -13.65
N THR A 632 20.96 -44.67 -13.84
CA THR A 632 20.13 -43.52 -13.48
C THR A 632 20.21 -43.28 -11.95
N PRO A 633 20.60 -42.07 -11.48
CA PRO A 633 20.61 -41.82 -10.03
C PRO A 633 19.19 -41.53 -9.53
N ILE A 634 18.92 -41.81 -8.25
CA ILE A 634 17.61 -41.55 -7.66
C ILE A 634 17.35 -40.06 -7.57
N PHE A 635 18.42 -39.25 -7.43
CA PHE A 635 18.30 -37.81 -7.25
C PHE A 635 19.57 -37.04 -7.67
N MET A 636 19.44 -36.17 -8.70
CA MET A 636 20.55 -35.35 -9.17
C MET A 636 19.98 -33.98 -9.59
N PHE A 637 19.48 -33.86 -10.83
CA PHE A 637 18.82 -32.66 -11.36
C PHE A 637 17.34 -32.71 -10.93
N ASN A 638 16.85 -33.93 -10.66
CA ASN A 638 15.53 -34.22 -10.11
C ASN A 638 15.50 -35.69 -9.68
N TRP A 639 14.37 -36.14 -9.14
CA TRP A 639 14.10 -37.51 -8.76
C TRP A 639 14.09 -38.40 -10.03
N ALA A 640 14.46 -39.69 -9.87
CA ALA A 640 14.54 -40.67 -10.96
C ALA A 640 13.23 -40.85 -11.77
N GLU A 641 12.04 -40.55 -11.17
CA GLU A 641 10.75 -40.64 -11.86
C GLU A 641 10.73 -39.77 -13.10
N ASP A 642 11.42 -38.63 -13.02
CA ASP A 642 11.60 -37.67 -14.10
C ASP A 642 12.79 -38.06 -15.00
N ALA A 643 13.93 -38.47 -14.40
CA ALA A 643 15.17 -38.82 -15.09
C ALA A 643 15.07 -39.99 -16.07
N ILE A 644 14.27 -41.02 -15.73
CA ILE A 644 14.06 -42.23 -16.56
C ILE A 644 13.20 -41.99 -17.81
N ILE A 645 12.48 -40.85 -17.92
CA ILE A 645 11.57 -40.48 -19.02
C ILE A 645 10.46 -41.55 -19.14
N ARG A 646 9.53 -41.54 -18.19
CA ARG A 646 8.45 -42.53 -18.08
C ARG A 646 7.56 -42.66 -19.35
N GLU A 647 7.40 -41.57 -20.14
CA GLU A 647 6.61 -41.58 -21.39
C GLU A 647 7.30 -42.36 -22.53
N ARG A 648 8.59 -42.68 -22.36
CA ARG A 648 9.43 -43.39 -23.32
C ARG A 648 9.66 -44.87 -22.88
N LEU A 649 9.18 -45.24 -21.69
CA LEU A 649 9.28 -46.61 -21.19
C LEU A 649 8.21 -47.49 -21.83
N TRP A 650 8.57 -48.74 -22.10
CA TRP A 650 7.67 -49.73 -22.70
C TRP A 650 7.98 -51.15 -22.20
N VAL A 651 7.06 -52.06 -22.45
CA VAL A 651 7.19 -53.47 -22.07
C VAL A 651 6.89 -54.31 -23.32
N ALA A 652 7.77 -55.29 -23.65
CA ALA A 652 7.56 -56.22 -24.79
C ALA A 652 6.21 -56.94 -24.61
N ALA A 653 5.43 -57.08 -25.70
CA ALA A 653 4.08 -57.68 -25.70
C ALA A 653 3.97 -58.98 -24.92
N ASP A 654 4.97 -59.89 -25.03
CA ASP A 654 4.98 -61.18 -24.34
C ASP A 654 5.35 -61.06 -22.83
N LYS A 655 5.83 -59.88 -22.38
CA LYS A 655 6.22 -59.65 -20.99
C LYS A 655 5.22 -58.77 -20.26
N GLN A 656 4.24 -58.23 -20.99
CA GLN A 656 3.26 -57.27 -20.47
C GLN A 656 2.36 -57.81 -19.37
N GLY A 657 2.24 -57.00 -18.32
CA GLY A 657 1.34 -57.26 -17.20
C GLY A 657 -0.07 -56.90 -17.61
N LYS A 658 -1.07 -57.33 -16.85
CA LYS A 658 -2.48 -57.04 -17.17
C LYS A 658 -3.07 -56.31 -15.97
N TYR A 659 -2.54 -55.11 -15.72
CA TYR A 659 -2.84 -54.30 -14.56
C TYR A 659 -3.75 -53.08 -14.81
N GLU A 660 -4.26 -52.92 -16.04
CA GLU A 660 -5.14 -51.80 -16.40
C GLU A 660 -6.52 -51.85 -15.74
N LEU A 661 -6.86 -50.77 -15.05
CA LEU A 661 -8.16 -50.62 -14.36
C LEU A 661 -9.19 -49.95 -15.25
N PHE A 662 -8.72 -49.24 -16.30
CA PHE A 662 -9.61 -48.64 -17.30
C PHE A 662 -9.11 -49.01 -18.69
N PRO A 663 -9.00 -50.33 -19.04
CA PRO A 663 -8.49 -50.69 -20.37
C PRO A 663 -9.32 -50.15 -21.53
N GLN A 664 -8.64 -49.62 -22.55
CA GLN A 664 -9.22 -49.07 -23.78
C GLN A 664 -10.22 -47.93 -23.48
N GLN A 665 -9.90 -47.16 -22.44
CA GLN A 665 -10.66 -46.00 -22.00
C GLN A 665 -9.77 -44.76 -22.03
N LEU A 666 -10.37 -43.61 -22.22
CA LEU A 666 -9.63 -42.35 -22.26
C LEU A 666 -10.19 -41.40 -21.19
N PRO A 667 -9.45 -40.35 -20.77
CA PRO A 667 -10.02 -39.44 -19.75
C PRO A 667 -11.29 -38.74 -20.21
N GLY A 668 -12.20 -38.54 -19.26
CA GLY A 668 -13.44 -37.82 -19.50
C GLY A 668 -13.19 -36.33 -19.47
N LYS A 669 -14.27 -35.56 -19.36
CA LYS A 669 -14.20 -34.10 -19.32
C LYS A 669 -13.86 -33.57 -17.91
N PRO A 670 -13.11 -32.45 -17.77
CA PRO A 670 -12.82 -31.93 -16.42
C PRO A 670 -14.08 -31.62 -15.62
N GLY A 671 -14.14 -32.16 -14.40
CA GLY A 671 -15.29 -31.99 -13.52
C GLY A 671 -16.43 -32.97 -13.74
N GLU A 672 -16.24 -33.97 -14.62
CA GLU A 672 -17.19 -35.06 -14.90
C GLU A 672 -16.69 -36.31 -14.09
N GLY A 673 -17.12 -37.55 -14.26
CA GLY A 673 -17.79 -38.28 -15.32
C GLY A 673 -16.89 -39.48 -15.60
N GLY A 674 -15.75 -39.52 -14.87
CA GLY A 674 -14.69 -40.53 -14.92
C GLY A 674 -14.12 -40.75 -16.31
N PRO A 675 -13.44 -41.89 -16.61
CA PRO A 675 -13.00 -42.12 -18.00
C PRO A 675 -14.21 -42.36 -18.94
N ILE A 676 -14.08 -41.99 -20.24
CA ILE A 676 -15.20 -42.04 -21.20
C ILE A 676 -15.58 -43.43 -21.75
N ASN A 677 -14.60 -44.30 -22.11
CA ASN A 677 -14.84 -45.65 -22.70
C ASN A 677 -15.41 -45.57 -24.13
N ALA B 8 30.51 24.13 -21.39
CA ALA B 8 31.11 24.43 -22.69
C ALA B 8 31.03 23.19 -23.60
N PHE B 9 30.53 23.41 -24.83
CA PHE B 9 30.30 22.31 -25.78
C PHE B 9 31.35 22.21 -26.89
N GLU B 10 31.83 21.00 -27.08
CA GLU B 10 32.79 20.66 -28.12
C GLU B 10 31.99 20.08 -29.30
N THR B 11 31.63 20.94 -30.26
CA THR B 11 30.87 20.52 -31.45
C THR B 11 31.78 19.83 -32.47
N THR B 12 31.17 19.00 -33.33
CA THR B 12 31.85 18.26 -34.39
C THR B 12 30.87 18.15 -35.57
N THR B 13 31.11 17.19 -36.47
CA THR B 13 30.24 16.90 -37.60
C THR B 13 29.55 15.56 -37.27
N PRO B 14 28.31 15.30 -37.78
CA PRO B 14 27.65 14.02 -37.44
C PRO B 14 28.37 12.80 -38.00
N PRO B 15 28.43 11.68 -37.25
CA PRO B 15 29.11 10.48 -37.77
C PRO B 15 28.36 9.83 -38.94
N GLU B 16 29.10 9.26 -39.89
CA GLU B 16 28.55 8.59 -41.07
C GLU B 16 27.69 7.39 -40.69
N PRO B 17 26.44 7.32 -41.23
CA PRO B 17 25.56 6.20 -40.87
C PRO B 17 25.97 4.87 -41.50
N PRO B 18 25.46 3.71 -41.00
CA PRO B 18 25.81 2.43 -41.66
C PRO B 18 25.37 2.47 -43.12
N GLN B 19 26.25 2.01 -44.03
CA GLN B 19 26.01 1.99 -45.49
C GLN B 19 24.72 1.22 -45.79
N PHE B 20 23.69 1.97 -46.21
CA PHE B 20 22.37 1.44 -46.51
C PHE B 20 22.20 1.45 -48.02
N PRO B 21 22.55 0.32 -48.71
CA PRO B 21 22.42 0.28 -50.17
C PRO B 21 20.96 0.42 -50.54
N ALA B 22 20.62 1.64 -51.05
CA ALA B 22 19.27 2.08 -51.43
C ALA B 22 18.66 1.01 -52.30
N GLU B 23 17.86 0.13 -51.64
CA GLU B 23 17.17 -1.06 -52.14
C GLU B 23 16.70 -0.98 -53.61
N GLY B 24 16.28 0.22 -54.01
CA GLY B 24 15.86 0.55 -55.36
C GLY B 24 16.77 1.63 -55.96
N LYS B 25 17.15 1.44 -57.24
CA LYS B 25 17.97 2.38 -57.98
C LYS B 25 17.12 3.13 -59.00
N ILE B 26 17.40 4.43 -59.19
CA ILE B 26 16.65 5.29 -60.10
C ILE B 26 17.25 5.29 -61.52
N ASN B 27 16.39 5.33 -62.53
CA ASN B 27 16.80 5.46 -63.92
C ASN B 27 16.65 6.94 -64.22
N TYR B 28 17.78 7.67 -64.21
CA TYR B 28 17.79 9.11 -64.42
C TYR B 28 17.56 9.47 -65.87
N VAL B 29 16.66 10.43 -66.09
CA VAL B 29 16.22 10.88 -67.41
C VAL B 29 16.27 12.42 -67.47
N ALA B 30 16.15 12.98 -68.68
CA ALA B 30 16.10 14.44 -68.84
C ALA B 30 14.64 14.89 -68.56
N ARG B 31 14.49 16.18 -68.20
CA ARG B 31 13.21 16.78 -67.82
C ARG B 31 12.08 16.61 -68.86
N ASP B 32 12.37 16.78 -70.16
CA ASP B 32 11.33 16.73 -71.18
C ASP B 32 11.05 15.34 -71.77
N THR B 33 11.45 14.28 -71.08
CA THR B 33 11.18 12.90 -71.52
C THR B 33 9.79 12.39 -71.08
N ILE B 34 9.17 13.05 -70.11
CA ILE B 34 7.94 12.59 -69.49
C ILE B 34 6.66 13.00 -70.25
N LEU B 35 6.54 14.29 -70.56
CA LEU B 35 5.34 14.83 -71.16
C LEU B 35 5.60 16.02 -72.08
N GLU B 36 4.59 16.35 -72.88
CA GLU B 36 4.59 17.49 -73.80
C GLU B 36 3.12 17.87 -74.08
N PHE B 37 2.87 19.09 -74.55
CA PHE B 37 1.53 19.53 -74.91
C PHE B 37 1.48 19.59 -76.42
N LYS B 38 0.52 18.87 -77.02
CA LYS B 38 0.31 18.81 -78.48
C LYS B 38 -1.02 18.19 -78.86
N ALA B 39 -1.51 18.53 -80.07
CA ALA B 39 -2.71 17.95 -80.64
C ALA B 39 -2.31 16.63 -81.30
N LEU B 40 -3.15 15.60 -81.13
CA LEU B 40 -2.94 14.28 -81.75
C LEU B 40 -3.96 14.09 -82.88
N PRO B 41 -3.69 13.26 -83.93
CA PRO B 41 -4.68 13.11 -85.03
C PRO B 41 -6.02 12.53 -84.58
N SER B 42 -5.99 11.61 -83.60
CA SER B 42 -7.19 10.99 -83.06
C SER B 42 -7.02 10.59 -81.60
N TYR B 43 -8.15 10.47 -80.90
CA TYR B 43 -8.21 10.12 -79.49
C TYR B 43 -9.11 8.93 -79.22
N SER B 44 -8.79 8.18 -78.16
CA SER B 44 -9.58 7.04 -77.74
C SER B 44 -9.88 7.06 -76.25
N GLU B 45 -10.87 6.28 -75.82
CA GLU B 45 -11.33 6.17 -74.45
C GLU B 45 -11.94 4.79 -74.23
N PRO B 46 -12.31 4.38 -72.98
CA PRO B 46 -13.02 3.09 -72.82
C PRO B 46 -14.31 3.06 -73.69
N ASP B 47 -14.56 1.92 -74.36
CA ASP B 47 -15.68 1.71 -75.29
C ASP B 47 -17.05 1.98 -74.69
N TRP B 48 -17.24 1.62 -73.39
CA TRP B 48 -18.49 1.82 -72.64
C TRP B 48 -18.87 3.31 -72.49
N ILE B 49 -17.88 4.23 -72.47
CA ILE B 49 -18.17 5.67 -72.40
C ILE B 49 -18.78 6.11 -73.76
N THR B 50 -18.14 5.70 -74.87
CA THR B 50 -18.61 6.00 -76.22
C THR B 50 -20.02 5.46 -76.42
N GLU B 51 -20.23 4.15 -76.12
CA GLU B 51 -21.49 3.44 -76.33
C GLU B 51 -22.62 3.83 -75.38
N LYS B 52 -22.36 3.82 -74.06
CA LYS B 52 -23.41 4.08 -73.06
C LYS B 52 -23.59 5.55 -72.64
N PHE B 53 -22.67 6.46 -72.96
CA PHE B 53 -22.83 7.85 -72.51
C PHE B 53 -22.94 8.87 -73.66
N GLU B 54 -21.94 8.94 -74.55
CA GLU B 54 -21.90 9.86 -75.70
C GLU B 54 -23.14 9.78 -76.64
N LYS B 55 -23.41 8.57 -77.19
CA LYS B 55 -24.51 8.29 -78.13
C LYS B 55 -25.89 8.54 -77.50
N ALA B 56 -26.00 8.28 -76.18
CA ALA B 56 -27.21 8.46 -75.36
C ALA B 56 -27.51 9.97 -75.13
N GLY B 57 -26.48 10.79 -75.34
CA GLY B 57 -26.55 12.22 -75.12
C GLY B 57 -26.30 12.58 -73.66
N LYS B 58 -25.56 11.73 -72.92
CA LYS B 58 -25.24 11.93 -71.50
C LYS B 58 -23.90 12.64 -71.31
N LEU B 59 -23.09 12.73 -72.40
CA LEU B 59 -21.74 13.28 -72.38
C LEU B 59 -21.33 13.78 -73.76
N PRO B 60 -20.58 14.91 -73.87
CA PRO B 60 -20.09 15.37 -75.20
C PRO B 60 -19.04 14.41 -75.79
N PRO B 61 -18.77 14.42 -77.12
CA PRO B 61 -17.72 13.53 -77.66
C PRO B 61 -16.33 13.89 -77.12
N LEU B 62 -15.42 12.90 -77.10
CA LEU B 62 -14.07 12.98 -76.57
C LEU B 62 -13.23 14.18 -77.04
N LYS B 63 -13.14 14.43 -78.36
CA LYS B 63 -12.37 15.56 -78.94
C LYS B 63 -12.82 16.92 -78.36
N GLU B 64 -14.11 17.04 -78.02
CA GLU B 64 -14.72 18.24 -77.44
C GLU B 64 -14.46 18.41 -75.95
N ARG B 65 -14.34 17.28 -75.21
CA ARG B 65 -14.06 17.27 -73.77
C ARG B 65 -12.59 17.58 -73.48
N LEU B 66 -11.72 17.33 -74.46
CA LEU B 66 -10.29 17.51 -74.35
C LEU B 66 -9.82 18.91 -74.75
N PRO B 67 -8.65 19.36 -74.23
CA PRO B 67 -8.10 20.65 -74.70
C PRO B 67 -7.61 20.46 -76.15
N GLU B 68 -7.48 21.56 -76.90
CA GLU B 68 -6.96 21.56 -78.28
C GLU B 68 -5.57 20.90 -78.31
N GLU B 69 -4.77 21.21 -77.28
CA GLU B 69 -3.47 20.60 -77.06
C GLU B 69 -3.43 19.98 -75.65
N PRO B 70 -3.84 18.71 -75.50
CA PRO B 70 -3.76 18.08 -74.16
C PRO B 70 -2.32 17.75 -73.76
N LEU B 71 -2.13 17.45 -72.46
CA LEU B 71 -0.86 16.98 -71.90
C LEU B 71 -0.76 15.54 -72.42
N VAL B 72 0.33 15.24 -73.13
CA VAL B 72 0.59 13.93 -73.72
C VAL B 72 1.77 13.29 -73.01
N TYR B 73 1.56 12.13 -72.39
CA TYR B 73 2.65 11.40 -71.76
C TYR B 73 3.42 10.64 -72.83
N LYS B 74 4.75 10.76 -72.77
CA LYS B 74 5.65 10.12 -73.72
C LYS B 74 5.94 8.69 -73.28
N THR B 75 5.93 7.75 -74.24
CA THR B 75 6.12 6.32 -73.98
C THR B 75 7.56 5.97 -73.51
N GLY B 76 8.57 6.70 -73.96
CA GLY B 76 9.97 6.50 -73.58
C GLY B 76 10.24 6.51 -72.08
N ASN B 77 9.51 7.35 -71.33
CA ASN B 77 9.61 7.46 -69.88
C ASN B 77 8.71 6.45 -69.15
N MET B 78 7.72 5.88 -69.83
CA MET B 78 6.83 4.89 -69.18
C MET B 78 7.63 3.62 -68.86
N PRO B 79 7.73 3.22 -67.57
CA PRO B 79 8.52 2.01 -67.23
C PRO B 79 8.12 0.75 -67.99
N ASP B 80 6.81 0.55 -68.27
CA ASP B 80 6.32 -0.64 -68.98
C ASP B 80 5.61 -0.32 -70.31
N GLY B 81 5.58 0.95 -70.68
CA GLY B 81 4.96 1.37 -71.93
C GLY B 81 3.48 1.68 -71.79
N VAL B 82 2.82 1.92 -72.93
CA VAL B 82 1.40 2.26 -73.09
C VAL B 82 0.49 1.22 -72.41
N GLY B 83 -0.52 1.73 -71.72
CA GLY B 83 -1.43 0.87 -70.98
C GLY B 83 -2.75 0.52 -71.62
N VAL B 84 -3.53 -0.24 -70.84
CA VAL B 84 -4.88 -0.69 -71.17
C VAL B 84 -5.79 -0.21 -70.05
N TYR B 85 -7.07 0.00 -70.35
CA TYR B 85 -8.08 0.43 -69.38
C TYR B 85 -8.49 -0.66 -68.40
N GLY B 86 -8.94 -0.24 -67.22
CA GLY B 86 -9.45 -1.12 -66.20
C GLY B 86 -8.73 -1.08 -64.87
N ASP B 87 -9.34 -1.77 -63.89
CA ASP B 87 -8.89 -1.93 -62.51
C ASP B 87 -9.08 -0.67 -61.63
N THR B 88 -8.76 -0.85 -60.36
CA THR B 88 -8.89 0.05 -59.22
C THR B 88 -7.62 0.07 -58.40
N MET B 89 -7.19 1.25 -57.96
CA MET B 89 -6.09 1.33 -56.99
C MET B 89 -6.77 1.52 -55.62
N ARG B 90 -6.46 0.60 -54.69
CA ARG B 90 -6.98 0.58 -53.33
C ARG B 90 -6.04 1.22 -52.30
N HIS B 91 -6.42 2.38 -51.78
CA HIS B 91 -5.63 3.07 -50.77
C HIS B 91 -6.25 2.93 -49.40
N VAL B 92 -5.41 2.98 -48.36
CA VAL B 92 -5.81 2.90 -46.95
C VAL B 92 -5.20 4.12 -46.28
N VAL B 93 -6.02 4.92 -45.59
CA VAL B 93 -5.55 6.17 -44.95
C VAL B 93 -5.90 6.19 -43.46
N GLY B 94 -5.11 6.93 -42.68
CA GLY B 94 -5.34 7.15 -41.26
C GLY B 94 -6.04 8.47 -40.99
N GLY B 95 -6.22 9.28 -42.02
CA GLY B 95 -6.92 10.56 -41.94
C GLY B 95 -8.41 10.41 -42.21
N ARG B 96 -9.16 11.49 -41.93
CA ARG B 96 -10.62 11.55 -42.14
C ARG B 96 -10.99 12.83 -42.91
N PRO B 97 -11.96 12.78 -43.85
CA PRO B 97 -12.30 14.02 -44.57
C PRO B 97 -13.04 15.06 -43.70
N GLU B 98 -12.66 16.36 -43.85
CA GLU B 98 -13.31 17.49 -43.21
C GLU B 98 -14.42 17.98 -44.18
N GLY B 99 -14.13 17.85 -45.46
CA GLY B 99 -14.99 18.27 -46.57
C GLY B 99 -14.16 18.39 -47.82
N TRP B 100 -14.69 19.08 -48.86
CA TRP B 100 -14.00 19.20 -50.16
C TRP B 100 -13.34 20.55 -50.43
N ASN B 101 -13.46 21.54 -49.53
CA ASN B 101 -12.86 22.85 -49.75
C ASN B 101 -11.37 22.86 -49.37
N TYR B 102 -10.53 22.41 -50.33
CA TYR B 102 -9.08 22.33 -50.23
C TYR B 102 -8.43 23.73 -50.10
N ILE B 103 -8.87 24.69 -50.96
CA ILE B 103 -8.33 26.05 -50.99
C ILE B 103 -8.65 26.82 -49.69
N ALA B 104 -9.63 26.35 -48.88
CA ALA B 104 -9.96 26.95 -47.59
C ALA B 104 -9.33 26.16 -46.41
N GLY B 105 -8.45 25.22 -46.73
CA GLY B 105 -7.69 24.46 -45.74
C GLY B 105 -8.30 23.17 -45.20
N GLN B 106 -9.31 22.63 -45.90
CA GLN B 106 -9.93 21.39 -45.49
C GLN B 106 -9.12 20.22 -46.04
N SER B 107 -8.97 19.20 -45.22
CA SER B 107 -8.31 17.94 -45.56
C SER B 107 -9.38 16.96 -46.04
N GLN B 108 -8.99 16.09 -46.99
CA GLN B 108 -9.89 15.07 -47.53
C GLN B 108 -9.55 13.69 -46.97
N GLY B 109 -8.57 13.65 -46.05
CA GLY B 109 -8.12 12.43 -45.39
C GLY B 109 -6.68 12.03 -45.62
N TRP B 110 -5.93 12.77 -46.47
CA TRP B 110 -4.51 12.53 -46.78
C TRP B 110 -4.30 11.19 -47.52
N GLY B 111 -3.08 10.64 -47.46
CA GLY B 111 -2.73 9.38 -48.12
C GLY B 111 -2.99 9.32 -49.62
N GLY B 112 -2.91 10.47 -50.30
CA GLY B 112 -3.07 10.60 -51.74
C GLY B 112 -4.37 11.16 -52.27
N ILE B 113 -5.44 11.23 -51.43
CA ILE B 113 -6.76 11.70 -51.86
C ILE B 113 -6.73 13.17 -52.39
N ASP B 114 -6.21 14.15 -51.62
CA ASP B 114 -6.10 15.54 -52.11
C ASP B 114 -5.04 15.72 -53.18
N ILE B 115 -3.96 14.88 -53.15
CA ILE B 115 -2.92 14.85 -54.19
C ILE B 115 -3.61 14.50 -55.56
N ALA B 116 -4.49 13.50 -55.56
CA ALA B 116 -5.26 13.05 -56.73
C ALA B 116 -6.32 14.06 -57.18
N LEU B 117 -6.96 14.77 -56.24
CA LEU B 117 -8.02 15.72 -56.58
C LEU B 117 -7.52 17.09 -56.99
N SER B 118 -6.51 17.63 -56.28
CA SER B 118 -6.03 18.98 -56.53
C SER B 118 -4.75 19.09 -57.36
N GLU B 119 -4.92 19.26 -58.69
CA GLU B 119 -3.90 19.51 -59.72
C GLU B 119 -3.39 20.96 -59.57
N CYS B 120 -2.11 21.17 -59.81
CA CYS B 120 -1.54 22.50 -59.63
C CYS B 120 -0.95 23.08 -60.92
N LEU B 121 -0.46 24.34 -60.89
CA LEU B 121 0.13 25.01 -62.05
C LEU B 121 1.31 24.21 -62.60
N THR B 122 2.21 23.77 -61.72
CA THR B 122 3.38 22.96 -62.08
C THR B 122 3.29 21.63 -61.31
N ARG B 123 4.21 20.70 -61.61
CA ARG B 123 4.30 19.40 -60.95
C ARG B 123 5.76 19.06 -60.73
N THR B 124 6.12 18.62 -59.51
CA THR B 124 7.52 18.37 -59.18
C THR B 124 7.83 16.97 -58.66
N ALA B 125 6.85 16.27 -58.06
CA ALA B 125 7.07 14.93 -57.49
C ALA B 125 7.77 13.94 -58.46
N PRO B 126 7.42 13.83 -59.79
CA PRO B 126 8.17 12.92 -60.68
C PRO B 126 9.63 13.33 -60.98
N LEU B 127 10.07 14.53 -60.51
CA LEU B 127 11.43 15.04 -60.70
C LEU B 127 12.52 14.25 -59.96
N PHE B 128 12.16 13.26 -59.10
CA PHE B 128 13.13 12.38 -58.42
C PHE B 128 13.98 11.62 -59.47
N GLN B 129 13.42 11.42 -60.67
CA GLN B 129 14.06 10.69 -61.75
C GLN B 129 14.84 11.60 -62.73
N VAL B 130 14.85 12.91 -62.50
CA VAL B 130 15.57 13.88 -63.34
C VAL B 130 16.86 14.27 -62.61
N ASP B 131 18.03 14.10 -63.27
CA ASP B 131 19.33 14.41 -62.66
C ASP B 131 19.87 15.79 -63.08
N ALA B 132 19.70 16.77 -62.17
CA ALA B 132 20.14 18.18 -62.22
C ALA B 132 19.47 18.92 -61.07
N LYS B 133 20.23 19.81 -60.39
CA LYS B 133 19.77 20.63 -59.25
C LYS B 133 19.17 21.98 -59.70
N ASP B 134 19.23 22.21 -61.04
CA ASP B 134 18.73 23.38 -61.77
C ASP B 134 17.62 22.97 -62.77
N THR B 135 16.79 22.00 -62.38
CA THR B 135 15.69 21.46 -63.17
C THR B 135 14.49 22.39 -63.04
N GLU B 136 13.78 22.59 -64.14
CA GLU B 136 12.58 23.39 -64.15
C GLU B 136 11.40 22.47 -63.77
N PRO B 137 10.46 22.89 -62.90
CA PRO B 137 9.31 22.01 -62.59
C PRO B 137 8.50 21.65 -63.85
N LEU B 138 7.91 20.46 -63.88
CA LEU B 138 7.12 19.99 -65.02
C LEU B 138 5.88 20.88 -65.26
N PRO B 139 5.56 21.23 -66.52
CA PRO B 139 4.31 21.99 -66.74
C PRO B 139 3.08 21.12 -66.40
N ASN B 140 2.03 21.74 -65.87
CA ASN B 140 0.82 21.04 -65.53
C ASN B 140 -0.41 21.81 -66.02
N LEU B 141 -1.11 22.55 -65.14
CA LEU B 141 -2.24 23.39 -65.54
C LEU B 141 -1.69 24.58 -66.34
N ALA B 142 -0.42 24.99 -66.02
CA ALA B 142 0.36 25.98 -66.74
C ALA B 142 1.21 25.17 -67.73
N LYS B 143 0.90 25.26 -69.03
CA LYS B 143 1.57 24.47 -70.07
C LYS B 143 2.95 24.99 -70.47
N SER B 144 3.17 26.32 -70.35
CA SER B 144 4.41 26.99 -70.72
C SER B 144 4.53 28.35 -70.04
N TRP B 145 5.75 28.89 -70.01
CA TRP B 145 6.05 30.18 -69.39
C TRP B 145 7.34 30.78 -69.94
N GLU B 146 7.41 32.12 -69.94
CA GLU B 146 8.59 32.87 -70.40
C GLU B 146 8.95 33.97 -69.43
N TRP B 147 10.25 34.16 -69.22
CA TRP B 147 10.77 35.23 -68.39
C TRP B 147 11.04 36.44 -69.29
N SER B 148 10.90 37.66 -68.73
CA SER B 148 11.22 38.89 -69.43
C SER B 148 12.75 39.08 -69.34
N GLU B 149 13.32 39.99 -70.16
CA GLU B 149 14.76 40.29 -70.21
C GLU B 149 15.34 40.68 -68.83
N ASP B 150 14.60 41.50 -68.05
CA ASP B 150 15.03 41.92 -66.71
C ASP B 150 14.87 40.83 -65.65
N GLY B 151 13.97 39.88 -65.90
CA GLY B 151 13.67 38.76 -65.00
C GLY B 151 12.69 39.07 -63.88
N HIS B 152 11.93 40.15 -64.03
CA HIS B 152 10.96 40.58 -63.03
C HIS B 152 9.53 40.17 -63.41
N THR B 153 9.33 39.77 -64.68
CA THR B 153 8.04 39.38 -65.23
C THR B 153 8.05 37.94 -65.76
N LEU B 154 7.02 37.17 -65.35
CA LEU B 154 6.85 35.79 -65.78
C LEU B 154 5.47 35.62 -66.42
N THR B 155 5.46 35.39 -67.74
CA THR B 155 4.23 35.17 -68.52
C THR B 155 3.94 33.68 -68.52
N MET B 156 2.78 33.32 -67.98
CA MET B 156 2.34 31.94 -67.81
C MET B 156 1.14 31.61 -68.71
N HIS B 157 1.29 30.56 -69.55
CA HIS B 157 0.22 30.08 -70.44
C HIS B 157 -0.43 28.87 -69.85
N LEU B 158 -1.75 28.91 -69.70
CA LEU B 158 -2.50 27.78 -69.15
C LEU B 158 -2.91 26.85 -70.27
N VAL B 159 -3.23 25.60 -69.90
CA VAL B 159 -3.78 24.59 -70.82
C VAL B 159 -5.09 25.22 -71.38
N LYS B 160 -5.25 25.21 -72.72
CA LYS B 160 -6.39 25.87 -73.38
C LYS B 160 -7.46 24.89 -73.82
N GLY B 161 -8.69 25.11 -73.36
CA GLY B 161 -9.83 24.27 -73.72
C GLY B 161 -10.08 23.12 -72.79
N ALA B 162 -9.39 23.09 -71.64
CA ALA B 162 -9.59 22.05 -70.62
C ALA B 162 -10.84 22.38 -69.78
N LYS B 163 -11.46 21.34 -69.19
CA LYS B 163 -12.65 21.53 -68.35
C LYS B 163 -12.56 20.80 -67.03
N TRP B 164 -13.31 21.32 -66.04
CA TRP B 164 -13.54 20.74 -64.72
C TRP B 164 -14.36 19.47 -64.95
N SER B 165 -14.39 18.58 -63.96
CA SER B 165 -15.08 17.28 -64.08
C SER B 165 -16.59 17.37 -64.33
N ASP B 166 -17.19 18.55 -64.08
CA ASP B 166 -18.61 18.82 -64.32
C ASP B 166 -18.85 19.48 -65.70
N GLY B 167 -17.77 19.68 -66.46
CA GLY B 167 -17.84 20.27 -67.80
C GLY B 167 -17.66 21.77 -67.91
N GLU B 168 -17.54 22.46 -66.77
CA GLU B 168 -17.31 23.91 -66.75
C GLU B 168 -15.83 24.17 -67.11
N ALA B 169 -15.57 25.20 -67.94
CA ALA B 169 -14.24 25.53 -68.40
C ALA B 169 -13.25 25.89 -67.29
N PHE B 170 -12.01 25.39 -67.46
CA PHE B 170 -10.90 25.78 -66.61
C PHE B 170 -10.25 26.93 -67.38
N ASN B 171 -9.96 28.03 -66.69
CA ASN B 171 -9.33 29.23 -67.27
C ASN B 171 -8.61 30.05 -66.20
N ALA B 172 -8.16 31.26 -66.56
CA ALA B 172 -7.43 32.18 -65.69
C ALA B 172 -8.25 32.70 -64.50
N ASP B 173 -9.61 32.66 -64.61
CA ASP B 173 -10.54 33.08 -63.55
C ASP B 173 -10.46 32.17 -62.33
N ASP B 174 -10.17 30.86 -62.56
CA ASP B 174 -9.95 29.89 -61.49
C ASP B 174 -8.63 30.19 -60.76
N VAL B 175 -7.58 30.53 -61.53
CA VAL B 175 -6.21 30.87 -61.08
C VAL B 175 -6.25 32.20 -60.29
N MET B 176 -7.01 33.21 -60.79
CA MET B 176 -7.16 34.52 -60.14
C MET B 176 -7.99 34.45 -58.86
N PHE B 177 -9.06 33.61 -58.84
CA PHE B 177 -9.89 33.42 -57.65
C PHE B 177 -9.05 32.78 -56.54
N TYR B 178 -8.18 31.82 -56.88
CA TYR B 178 -7.30 31.20 -55.92
C TYR B 178 -6.27 32.20 -55.36
N TRP B 179 -5.63 32.99 -56.23
CA TRP B 179 -4.61 33.97 -55.83
C TRP B 179 -5.18 35.09 -54.94
N GLU B 180 -6.21 35.78 -55.41
CA GLU B 180 -6.85 36.89 -54.71
C GLU B 180 -7.66 36.49 -53.48
N ASP B 181 -8.57 35.50 -53.64
CA ASP B 181 -9.55 35.11 -52.62
C ASP B 181 -9.14 33.96 -51.70
N ALA B 182 -8.00 33.29 -51.95
CA ALA B 182 -7.54 32.25 -51.05
C ALA B 182 -6.12 32.48 -50.52
N VAL B 183 -5.18 32.99 -51.36
CA VAL B 183 -3.78 33.28 -50.96
C VAL B 183 -3.63 34.70 -50.37
N VAL B 184 -4.05 35.72 -51.13
CA VAL B 184 -3.98 37.12 -50.73
C VAL B 184 -4.97 37.41 -49.56
N ASP B 185 -6.17 36.79 -49.60
CA ASP B 185 -7.18 36.94 -48.55
C ASP B 185 -6.61 36.44 -47.20
N PRO B 186 -6.45 37.32 -46.17
CA PRO B 186 -5.80 36.85 -44.91
C PRO B 186 -6.63 35.89 -44.04
N ASN B 187 -7.95 35.82 -44.30
CA ASN B 187 -8.91 35.00 -43.57
C ASN B 187 -9.03 33.57 -44.09
N VAL B 188 -8.33 33.26 -45.18
CA VAL B 188 -8.33 31.94 -45.83
C VAL B 188 -6.91 31.38 -45.75
N SER B 189 -6.80 30.09 -45.42
CA SER B 189 -5.53 29.38 -45.36
C SER B 189 -5.62 28.09 -46.16
N PRO B 190 -5.14 28.04 -47.43
CA PRO B 190 -5.21 26.77 -48.20
C PRO B 190 -4.47 25.59 -47.52
N LEU B 191 -4.89 24.33 -47.84
CA LEU B 191 -4.32 23.10 -47.26
C LEU B 191 -2.80 22.99 -47.45
N GLY B 192 -2.10 22.58 -46.39
CA GLY B 192 -0.64 22.46 -46.40
C GLY B 192 0.09 23.46 -45.52
N GLY B 193 -0.60 24.56 -45.18
CA GLY B 193 -0.11 25.64 -44.32
C GLY B 193 1.01 26.51 -44.85
N GLY B 194 1.26 26.47 -46.16
CA GLY B 194 2.33 27.27 -46.77
C GLY B 194 1.93 28.17 -47.92
N ALA B 195 0.62 28.44 -48.09
CA ALA B 195 0.15 29.27 -49.21
C ALA B 195 -0.13 30.74 -48.81
N SER B 196 0.91 31.41 -48.29
CA SER B 196 0.89 32.83 -47.90
C SER B 196 1.38 33.64 -49.12
N PRO B 197 1.02 34.93 -49.30
CA PRO B 197 1.51 35.68 -50.48
C PRO B 197 3.05 35.81 -50.60
N GLU B 198 3.76 35.89 -49.46
CA GLU B 198 5.22 36.03 -49.37
C GLU B 198 5.98 34.74 -49.72
N ALA B 199 5.25 33.59 -49.79
CA ALA B 199 5.77 32.28 -50.21
C ALA B 199 6.16 32.32 -51.70
N PHE B 200 5.56 33.27 -52.44
CA PHE B 200 5.77 33.52 -53.87
C PHE B 200 6.64 34.75 -54.06
N GLY B 201 7.20 35.26 -52.96
CA GLY B 201 8.07 36.43 -52.92
C GLY B 201 7.39 37.64 -52.30
N GLU B 202 8.10 38.35 -51.40
CA GLU B 202 7.56 39.57 -50.78
C GLU B 202 7.35 40.61 -51.88
N GLY B 203 6.13 41.10 -52.01
CA GLY B 203 5.78 42.08 -53.04
C GLY B 203 5.40 41.52 -54.39
N THR B 204 5.25 40.17 -54.50
CA THR B 204 4.86 39.50 -55.74
C THR B 204 3.39 39.76 -56.07
N THR B 205 3.11 40.11 -57.33
CA THR B 205 1.75 40.32 -57.81
C THR B 205 1.46 39.32 -58.94
N LEU B 206 0.17 39.03 -59.14
CA LEU B 206 -0.30 38.17 -60.21
C LEU B 206 -1.50 38.86 -60.87
N LYS B 207 -1.46 38.97 -62.22
CA LYS B 207 -2.55 39.58 -62.97
C LYS B 207 -2.97 38.72 -64.16
N LYS B 208 -4.24 38.84 -64.54
CA LYS B 208 -4.81 38.14 -65.69
C LYS B 208 -4.48 38.96 -66.95
N ILE B 209 -3.96 38.28 -67.99
CA ILE B 209 -3.66 38.89 -69.30
C ILE B 209 -4.86 38.63 -70.22
N ASP B 210 -5.34 37.38 -70.25
CA ASP B 210 -6.53 36.91 -70.97
C ASP B 210 -7.01 35.61 -70.27
N ASP B 211 -8.04 34.92 -70.81
CA ASP B 211 -8.59 33.70 -70.21
C ASP B 211 -7.59 32.52 -70.09
N TYR B 212 -6.45 32.55 -70.79
CA TYR B 212 -5.46 31.47 -70.77
C TYR B 212 -4.01 31.98 -70.55
N THR B 213 -3.88 33.23 -70.04
CA THR B 213 -2.59 33.88 -69.80
C THR B 213 -2.58 34.68 -68.52
N VAL B 214 -1.59 34.42 -67.66
CA VAL B 214 -1.41 35.14 -66.42
C VAL B 214 0.01 35.70 -66.36
N GLU B 215 0.21 36.74 -65.55
CA GLU B 215 1.50 37.39 -65.43
C GLU B 215 1.89 37.66 -63.99
N TRP B 216 3.06 37.14 -63.62
CA TRP B 216 3.64 37.32 -62.30
C TRP B 216 4.65 38.46 -62.38
N THR B 217 4.71 39.29 -61.33
CA THR B 217 5.68 40.37 -61.18
C THR B 217 6.42 40.11 -59.86
N PHE B 218 7.75 39.95 -59.95
CA PHE B 218 8.64 39.69 -58.82
C PHE B 218 9.58 40.86 -58.54
N LYS B 219 9.93 41.08 -57.24
CA LYS B 219 10.87 42.11 -56.81
C LYS B 219 12.31 41.73 -57.21
N ALA B 220 12.64 40.43 -57.10
CA ALA B 220 13.94 39.88 -57.48
C ALA B 220 13.97 39.53 -58.97
N ALA B 221 15.18 39.44 -59.56
CA ALA B 221 15.37 39.08 -60.97
C ALA B 221 15.59 37.58 -61.08
N PHE B 222 14.77 36.91 -61.92
CA PHE B 222 14.73 35.46 -62.19
C PHE B 222 14.64 34.60 -60.90
N PRO B 223 13.62 34.80 -60.02
CA PRO B 223 13.48 33.91 -58.83
C PRO B 223 12.74 32.64 -59.24
N LYS B 224 13.42 31.82 -60.06
CA LYS B 224 12.95 30.57 -60.68
C LYS B 224 12.44 29.51 -59.69
N GLN B 225 12.88 29.60 -58.42
CA GLN B 225 12.49 28.70 -57.33
C GLN B 225 10.99 28.76 -56.99
N TYR B 226 10.31 29.89 -57.32
CA TYR B 226 8.89 30.10 -57.09
C TYR B 226 8.01 29.26 -58.01
N LEU B 227 8.60 28.66 -59.07
CA LEU B 227 7.91 27.72 -59.96
C LEU B 227 7.64 26.40 -59.20
N TYR B 228 8.47 26.08 -58.18
CA TYR B 228 8.27 24.92 -57.31
C TYR B 228 7.11 25.16 -56.35
N THR B 229 6.98 26.41 -55.87
CA THR B 229 5.93 26.87 -54.94
C THR B 229 4.56 26.73 -55.63
N MET B 230 4.51 26.93 -56.98
CA MET B 230 3.35 26.80 -57.87
C MET B 230 2.87 25.34 -58.05
N ALA B 231 3.64 24.37 -57.51
CA ALA B 231 3.26 22.95 -57.50
C ALA B 231 2.50 22.64 -56.20
N TYR B 232 2.30 21.37 -55.88
CA TYR B 232 1.61 20.93 -54.67
C TYR B 232 2.44 21.22 -53.42
N PRO B 233 1.82 21.72 -52.32
CA PRO B 233 0.38 21.99 -52.13
C PRO B 233 -0.09 23.44 -52.30
N SER B 234 0.84 24.38 -52.53
CA SER B 234 0.60 25.83 -52.49
C SER B 234 -0.04 26.52 -53.70
N PHE B 235 -0.16 25.88 -54.88
CA PHE B 235 -0.91 26.54 -55.97
C PHE B 235 -1.79 25.55 -56.71
N CYS B 236 -2.86 25.12 -56.03
CA CYS B 236 -3.77 24.15 -56.62
C CYS B 236 -5.20 24.73 -56.61
N PRO B 237 -5.57 25.39 -57.74
CA PRO B 237 -6.88 26.08 -57.81
C PRO B 237 -8.12 25.20 -57.68
N GLY B 238 -9.14 25.76 -57.02
CA GLY B 238 -10.43 25.13 -56.82
C GLY B 238 -11.45 25.58 -57.86
N PRO B 239 -12.59 24.88 -57.99
CA PRO B 239 -13.60 25.29 -58.99
C PRO B 239 -14.33 26.57 -58.60
N SER B 240 -13.86 27.71 -59.16
CA SER B 240 -14.39 29.04 -58.85
C SER B 240 -15.90 29.19 -59.12
N HIS B 241 -16.45 28.53 -60.16
CA HIS B 241 -17.90 28.59 -60.46
C HIS B 241 -18.78 28.05 -59.33
N ILE B 242 -18.22 27.16 -58.52
CA ILE B 242 -18.83 26.52 -57.35
C ILE B 242 -18.48 27.25 -56.05
N LEU B 243 -17.19 27.56 -55.84
CA LEU B 243 -16.68 28.18 -54.62
C LEU B 243 -16.94 29.68 -54.49
N LYS B 244 -16.74 30.48 -55.57
CA LYS B 244 -16.90 31.94 -55.53
C LYS B 244 -18.29 32.38 -55.00
N PRO B 245 -19.45 31.74 -55.40
CA PRO B 245 -20.74 32.15 -54.81
C PRO B 245 -20.86 31.93 -53.29
N GLN B 246 -19.96 31.11 -52.71
CA GLN B 246 -19.93 30.77 -51.28
C GLN B 246 -18.95 31.63 -50.49
N HIS B 247 -18.06 32.35 -51.19
CA HIS B 247 -17.02 33.19 -50.60
C HIS B 247 -17.63 34.45 -49.90
N PRO B 248 -17.15 34.79 -48.66
CA PRO B 248 -17.69 35.95 -47.94
C PRO B 248 -17.69 37.31 -48.66
N LYS B 249 -16.79 37.51 -49.64
CA LYS B 249 -16.70 38.73 -50.44
C LYS B 249 -17.90 38.91 -51.38
N TYR B 250 -18.52 37.78 -51.79
CA TYR B 250 -19.60 37.73 -52.76
C TYR B 250 -20.92 37.10 -52.23
N SER B 251 -21.04 36.93 -50.90
CA SER B 251 -22.22 36.36 -50.23
C SER B 251 -22.28 36.77 -48.73
N LYS B 252 -23.35 36.35 -48.03
CA LYS B 252 -23.59 36.63 -46.60
C LYS B 252 -22.89 35.60 -45.70
N ASN B 253 -22.15 34.65 -46.30
CA ASN B 253 -21.44 33.59 -45.57
C ASN B 253 -20.27 34.16 -44.79
N THR B 254 -19.99 33.55 -43.63
CA THR B 254 -18.81 33.88 -42.83
C THR B 254 -17.68 33.05 -43.49
N TYR B 255 -16.42 33.25 -43.07
CA TYR B 255 -15.29 32.48 -43.59
C TYR B 255 -15.38 31.00 -43.19
N ASN B 256 -15.92 30.74 -41.98
CA ASN B 256 -16.12 29.38 -41.49
C ASN B 256 -17.28 28.67 -42.22
N GLN B 257 -18.28 29.43 -42.71
CA GLN B 257 -19.40 28.90 -43.49
C GLN B 257 -18.86 28.50 -44.86
N PHE B 258 -18.05 29.37 -45.47
CA PHE B 258 -17.40 29.15 -46.77
C PHE B 258 -16.49 27.90 -46.76
N LYS B 259 -15.64 27.76 -45.72
CA LYS B 259 -14.71 26.64 -45.55
C LYS B 259 -15.45 25.32 -45.45
N ASN B 260 -16.59 25.32 -44.73
CA ASN B 260 -17.44 24.16 -44.47
C ASN B 260 -18.69 24.04 -45.38
N ALA B 261 -18.75 24.82 -46.49
CA ALA B 261 -19.87 24.82 -47.45
C ALA B 261 -20.06 23.50 -48.23
N PHE B 262 -18.98 22.69 -48.37
CA PHE B 262 -19.00 21.42 -49.09
C PHE B 262 -18.53 20.26 -48.19
N PRO B 263 -19.44 19.72 -47.33
CA PRO B 263 -19.07 18.62 -46.42
C PRO B 263 -18.76 17.30 -47.16
N PRO B 264 -18.19 16.27 -46.49
CA PRO B 264 -17.87 15.03 -47.22
C PRO B 264 -19.04 14.33 -47.90
N GLU B 265 -20.28 14.58 -47.44
CA GLU B 265 -21.53 14.04 -47.99
C GLU B 265 -21.92 14.70 -49.31
N TYR B 266 -21.31 15.86 -49.65
CA TYR B 266 -21.51 16.55 -50.92
C TYR B 266 -20.78 15.74 -51.97
N MET B 267 -21.52 15.23 -52.95
CA MET B 267 -20.99 14.37 -54.01
C MET B 267 -20.59 15.09 -55.28
N ASN B 268 -19.64 14.48 -56.02
CA ASN B 268 -19.15 14.87 -57.34
C ASN B 268 -18.61 16.28 -57.44
N MET B 269 -17.84 16.70 -56.40
CA MET B 269 -17.19 18.00 -56.34
C MET B 269 -16.30 18.16 -57.59
N PRO B 270 -16.44 19.28 -58.36
CA PRO B 270 -15.62 19.45 -59.58
C PRO B 270 -14.13 19.53 -59.26
N VAL B 271 -13.34 18.79 -60.06
CA VAL B 271 -11.89 18.65 -59.91
C VAL B 271 -11.20 18.70 -61.29
N MET B 272 -9.89 18.98 -61.29
CA MET B 272 -9.04 18.96 -62.47
C MET B 272 -8.30 17.60 -62.49
N GLY B 273 -8.45 16.79 -61.43
CA GLY B 273 -7.82 15.48 -61.23
C GLY B 273 -8.37 14.31 -62.04
N ALA B 274 -7.62 13.19 -62.08
CA ALA B 274 -7.95 11.98 -62.85
C ALA B 274 -9.25 11.27 -62.43
N TRP B 275 -9.62 11.37 -61.14
CA TRP B 275 -10.82 10.78 -60.57
C TRP B 275 -11.62 11.79 -59.75
N VAL B 276 -12.94 11.56 -59.65
CA VAL B 276 -13.88 12.45 -58.95
C VAL B 276 -14.48 11.72 -57.75
N PRO B 277 -14.64 12.35 -56.55
CA PRO B 277 -15.31 11.64 -55.44
C PRO B 277 -16.80 11.41 -55.74
N VAL B 278 -17.23 10.13 -55.73
CA VAL B 278 -18.62 9.77 -56.08
C VAL B 278 -19.40 9.16 -54.91
N SER B 279 -18.69 8.63 -53.89
CA SER B 279 -19.30 7.95 -52.76
C SER B 279 -18.49 8.14 -51.49
N TYR B 280 -19.22 8.24 -50.34
CA TYR B 280 -18.64 8.39 -49.01
C TYR B 280 -19.48 7.75 -47.91
N ARG B 281 -18.83 6.95 -47.07
CA ARG B 281 -19.44 6.38 -45.88
C ARG B 281 -18.53 6.70 -44.70
N PRO B 282 -19.03 7.44 -43.66
CA PRO B 282 -18.16 7.81 -42.52
C PRO B 282 -17.41 6.65 -41.86
N ASP B 283 -16.09 6.86 -41.63
CA ASP B 283 -15.13 5.91 -41.01
C ASP B 283 -15.02 4.59 -41.76
N ASP B 284 -15.46 4.57 -43.02
CA ASP B 284 -15.43 3.39 -43.85
C ASP B 284 -14.63 3.60 -45.13
N LEU B 285 -15.21 4.35 -46.11
CA LEU B 285 -14.61 4.50 -47.42
C LEU B 285 -15.01 5.75 -48.22
N ILE B 286 -14.12 6.16 -49.15
CA ILE B 286 -14.32 7.19 -50.18
C ILE B 286 -14.02 6.50 -51.54
N VAL B 287 -14.97 6.58 -52.47
CA VAL B 287 -14.81 6.03 -53.83
C VAL B 287 -14.69 7.20 -54.82
N LEU B 288 -13.67 7.12 -55.71
CA LEU B 288 -13.46 8.06 -56.82
C LEU B 288 -13.64 7.31 -58.14
N ARG B 289 -14.28 7.97 -59.12
CA ARG B 289 -14.49 7.39 -60.44
C ARG B 289 -13.80 8.27 -61.45
N ARG B 290 -13.34 7.68 -62.56
CA ARG B 290 -12.64 8.40 -63.63
C ARG B 290 -13.35 9.70 -64.08
N ASN B 291 -12.57 10.77 -64.17
CA ASN B 291 -13.01 12.07 -64.62
C ASN B 291 -13.12 12.04 -66.17
N PRO B 292 -14.35 12.15 -66.74
CA PRO B 292 -14.46 12.13 -68.21
C PRO B 292 -13.87 13.36 -68.91
N TYR B 293 -13.62 14.45 -68.14
CA TYR B 293 -13.04 15.68 -68.66
C TYR B 293 -11.54 15.76 -68.44
N TYR B 294 -10.89 14.62 -68.11
CA TYR B 294 -9.47 14.58 -67.87
C TYR B 294 -8.70 14.96 -69.13
N TRP B 295 -7.78 15.93 -68.94
CA TRP B 295 -7.03 16.66 -69.95
C TRP B 295 -5.64 16.06 -70.29
N LYS B 296 -5.40 14.82 -69.84
CA LYS B 296 -4.15 14.11 -70.10
C LYS B 296 -4.41 12.83 -70.89
N VAL B 297 -3.53 12.56 -71.87
CA VAL B 297 -3.62 11.41 -72.78
C VAL B 297 -2.26 10.73 -72.92
N ASP B 298 -2.23 9.50 -73.47
CA ASP B 298 -0.96 8.83 -73.81
C ASP B 298 -0.66 9.15 -75.30
N GLU B 299 0.52 8.71 -75.79
CA GLU B 299 0.98 8.91 -77.16
C GLU B 299 0.06 8.31 -78.24
N LYS B 300 -0.70 7.25 -77.88
CA LYS B 300 -1.66 6.58 -78.77
C LYS B 300 -3.01 7.33 -78.83
N GLY B 301 -3.14 8.39 -78.04
CA GLY B 301 -4.34 9.21 -77.95
C GLY B 301 -5.35 8.73 -76.93
N GLN B 302 -5.01 7.70 -76.11
CA GLN B 302 -5.92 7.17 -75.10
C GLN B 302 -6.03 8.16 -73.93
N GLN B 303 -7.26 8.60 -73.63
CA GLN B 303 -7.52 9.54 -72.54
C GLN B 303 -7.26 8.86 -71.20
N LEU B 304 -6.47 9.52 -70.36
CA LEU B 304 -6.14 9.03 -69.04
C LEU B 304 -7.23 9.40 -68.00
N PRO B 305 -7.34 8.70 -66.85
CA PRO B 305 -6.47 7.59 -66.36
C PRO B 305 -6.79 6.24 -67.00
N TYR B 306 -5.91 5.23 -66.82
CA TYR B 306 -6.17 3.86 -67.29
C TYR B 306 -7.09 3.17 -66.29
N LEU B 307 -6.81 3.34 -64.95
CA LEU B 307 -7.62 2.82 -63.84
C LEU B 307 -8.93 3.59 -63.81
N ASN B 308 -10.05 2.88 -63.68
CA ASN B 308 -11.37 3.54 -63.70
C ASN B 308 -11.82 4.03 -62.33
N GLU B 309 -11.28 3.41 -61.27
CA GLU B 309 -11.68 3.65 -59.91
C GLU B 309 -10.52 3.73 -58.93
N VAL B 310 -10.72 4.51 -57.85
CA VAL B 310 -9.79 4.68 -56.72
C VAL B 310 -10.57 4.60 -55.41
N HIS B 311 -10.07 3.80 -54.46
CA HIS B 311 -10.65 3.64 -53.12
C HIS B 311 -9.74 4.24 -52.08
N TYR B 312 -10.35 4.86 -51.05
CA TYR B 312 -9.67 5.37 -49.87
C TYR B 312 -10.40 4.79 -48.67
N LYS B 313 -9.87 3.68 -48.16
CA LYS B 313 -10.41 3.00 -46.98
C LYS B 313 -9.97 3.81 -45.76
N LEU B 314 -10.95 4.19 -44.94
CA LEU B 314 -10.74 5.04 -43.77
C LEU B 314 -10.42 4.17 -42.56
N SER B 315 -9.11 3.99 -42.31
CA SER B 315 -8.59 3.16 -41.24
C SER B 315 -7.51 3.89 -40.41
N THR B 316 -6.30 3.31 -40.29
CA THR B 316 -5.16 3.89 -39.55
C THR B 316 -3.95 3.86 -40.45
N TRP B 317 -2.89 4.64 -40.10
CA TRP B 317 -1.64 4.66 -40.87
C TRP B 317 -0.90 3.31 -40.80
N ALA B 318 -0.94 2.62 -39.64
CA ALA B 318 -0.35 1.29 -39.44
C ALA B 318 -1.07 0.23 -40.30
N ASP B 319 -2.43 0.32 -40.37
CA ASP B 319 -3.26 -0.57 -41.16
C ASP B 319 -2.97 -0.46 -42.68
N ARG B 320 -2.48 0.71 -43.17
CA ARG B 320 -2.08 0.87 -44.57
C ARG B 320 -0.90 -0.08 -44.88
N ASP B 321 0.08 -0.20 -43.95
CA ASP B 321 1.20 -1.13 -44.09
C ASP B 321 0.71 -2.59 -44.08
N VAL B 322 -0.24 -2.89 -43.16
CA VAL B 322 -0.85 -4.20 -42.93
C VAL B 322 -1.58 -4.69 -44.20
N GLN B 323 -2.49 -3.86 -44.74
CA GLN B 323 -3.29 -4.14 -45.92
C GLN B 323 -2.47 -4.24 -47.20
N ALA B 324 -1.39 -3.45 -47.32
CA ALA B 324 -0.54 -3.53 -48.52
C ALA B 324 0.26 -4.82 -48.61
N VAL B 325 0.79 -5.34 -47.48
CA VAL B 325 1.53 -6.61 -47.48
C VAL B 325 0.55 -7.82 -47.58
N ALA B 326 -0.69 -7.66 -47.08
CA ALA B 326 -1.74 -8.67 -47.12
C ALA B 326 -2.37 -8.77 -48.53
N GLY B 327 -2.38 -7.66 -49.28
CA GLY B 327 -2.91 -7.60 -50.63
C GLY B 327 -4.30 -7.01 -50.79
N SER B 328 -4.89 -6.45 -49.70
CA SER B 328 -6.22 -5.80 -49.73
C SER B 328 -6.09 -4.30 -50.01
N GLY B 329 -4.88 -3.79 -49.81
CA GLY B 329 -4.44 -2.44 -50.12
C GLY B 329 -3.37 -2.55 -51.18
N ASP B 330 -3.30 -1.58 -52.08
CA ASP B 330 -2.37 -1.60 -53.21
C ASP B 330 -1.12 -0.77 -53.08
N PHE B 331 -1.11 0.11 -52.09
CA PHE B 331 -0.04 1.06 -51.90
C PHE B 331 0.18 1.37 -50.43
N SER B 332 1.45 1.58 -50.07
CA SER B 332 1.86 2.09 -48.77
C SER B 332 3.19 2.80 -48.80
N ASN B 333 3.32 3.84 -47.97
CA ASN B 333 4.56 4.52 -47.67
C ASN B 333 4.93 3.97 -46.28
N LEU B 334 5.85 2.99 -46.23
CA LEU B 334 6.36 2.38 -45.00
C LEU B 334 7.35 3.38 -44.41
N GLU B 335 6.86 4.18 -43.46
CA GLU B 335 7.55 5.33 -42.89
C GLU B 335 7.65 5.34 -41.36
N GLN B 336 7.14 4.29 -40.71
CA GLN B 336 7.16 4.14 -39.26
C GLN B 336 8.11 3.00 -38.93
N PRO B 337 9.36 3.29 -38.43
CA PRO B 337 10.34 2.21 -38.16
C PRO B 337 9.85 1.02 -37.32
N GLU B 338 8.83 1.24 -36.45
CA GLU B 338 8.21 0.20 -35.60
C GLU B 338 7.44 -0.82 -36.44
N ASN B 339 7.18 -0.51 -37.73
CA ASN B 339 6.46 -1.40 -38.65
C ASN B 339 7.39 -2.06 -39.69
N PHE B 340 8.70 -1.69 -39.70
CA PHE B 340 9.70 -2.15 -40.67
C PHE B 340 9.94 -3.65 -40.69
N VAL B 341 10.23 -4.26 -39.52
CA VAL B 341 10.55 -5.70 -39.39
C VAL B 341 9.35 -6.58 -39.77
N ALA B 342 8.14 -6.27 -39.24
CA ALA B 342 6.92 -7.02 -39.53
C ALA B 342 6.59 -7.01 -41.04
N SER B 343 6.78 -5.85 -41.70
CA SER B 343 6.54 -5.65 -43.12
C SER B 343 7.56 -6.38 -43.99
N LEU B 344 8.87 -6.30 -43.61
CA LEU B 344 9.97 -6.97 -44.31
C LEU B 344 9.85 -8.50 -44.28
N LYS B 345 9.39 -9.06 -43.12
CA LYS B 345 9.18 -10.50 -42.92
C LYS B 345 8.09 -11.03 -43.87
N ARG B 346 6.97 -10.26 -43.98
CA ARG B 346 5.84 -10.60 -44.84
C ARG B 346 6.18 -10.44 -46.34
N ALA B 347 7.01 -9.43 -46.70
CA ALA B 347 7.49 -9.14 -48.07
C ALA B 347 8.57 -10.15 -48.52
N ALA B 348 9.21 -10.86 -47.55
CA ALA B 348 10.25 -11.86 -47.78
C ALA B 348 9.73 -13.10 -48.51
N ASP B 349 8.41 -13.37 -48.40
CA ASP B 349 7.77 -14.49 -49.08
C ASP B 349 7.71 -14.23 -50.61
N PRO B 350 8.19 -15.17 -51.47
CA PRO B 350 8.12 -14.94 -52.93
C PRO B 350 6.67 -14.89 -53.47
N ASN B 351 5.70 -15.44 -52.71
CA ASN B 351 4.28 -15.42 -53.05
C ASN B 351 3.58 -14.11 -52.60
N ALA B 352 4.32 -13.19 -51.91
CA ALA B 352 3.80 -11.90 -51.41
C ALA B 352 3.14 -11.09 -52.51
N PRO B 353 1.93 -10.53 -52.27
CA PRO B 353 1.23 -9.79 -53.34
C PRO B 353 1.83 -8.42 -53.69
N ALA B 354 2.72 -7.93 -52.83
CA ALA B 354 3.35 -6.63 -53.01
C ALA B 354 4.86 -6.70 -52.94
N ARG B 355 5.49 -5.72 -53.57
CA ARG B 355 6.93 -5.51 -53.64
C ARG B 355 7.27 -4.31 -52.72
N LEU B 356 8.40 -4.40 -52.03
CA LEU B 356 8.87 -3.41 -51.06
C LEU B 356 10.29 -2.92 -51.46
N ALA B 357 10.49 -1.59 -51.52
CA ALA B 357 11.80 -1.02 -51.84
C ALA B 357 12.15 0.20 -51.00
N PHE B 358 13.26 0.13 -50.27
CA PHE B 358 13.77 1.23 -49.46
C PHE B 358 14.50 2.25 -50.33
N GLY B 359 14.41 3.53 -49.95
CA GLY B 359 15.08 4.61 -50.68
C GLY B 359 16.11 5.30 -49.81
N PRO B 360 16.53 6.55 -50.15
CA PRO B 360 17.49 7.27 -49.28
C PRO B 360 16.89 7.76 -47.95
N ARG B 361 17.76 8.15 -47.00
CA ARG B 361 17.32 8.66 -45.70
C ARG B 361 16.74 10.06 -45.84
N LEU B 362 15.42 10.13 -46.12
CA LEU B 362 14.73 11.39 -46.36
C LEU B 362 13.58 11.66 -45.39
N ILE B 363 13.37 10.74 -44.42
CA ILE B 363 12.35 10.90 -43.38
C ILE B 363 13.03 11.38 -42.11
N GLY B 364 12.85 12.65 -41.81
CA GLY B 364 13.44 13.29 -40.65
C GLY B 364 12.39 13.81 -39.70
N TYR B 365 12.77 13.89 -38.45
CA TYR B 365 11.96 14.42 -37.37
C TYR B 365 12.72 15.49 -36.64
N ASN B 366 12.02 16.58 -36.34
CA ASN B 366 12.61 17.69 -35.62
C ASN B 366 11.76 18.08 -34.46
N LEU B 367 12.42 18.62 -33.43
CA LEU B 367 11.80 19.27 -32.31
C LEU B 367 11.81 20.73 -32.75
N GLN B 368 10.62 21.34 -32.81
CA GLN B 368 10.44 22.73 -33.20
C GLN B 368 9.97 23.52 -32.01
N MET B 369 10.68 24.61 -31.71
CA MET B 369 10.41 25.51 -30.60
C MET B 369 9.83 26.79 -31.15
N ASN B 370 8.77 27.30 -30.52
CA ASN B 370 8.12 28.55 -30.89
C ASN B 370 9.04 29.73 -30.54
N PHE B 371 9.52 30.44 -31.60
CA PHE B 371 10.45 31.57 -31.49
C PHE B 371 9.81 32.96 -31.38
N SER B 372 8.48 33.06 -31.42
CA SER B 372 7.84 34.37 -31.32
C SER B 372 7.69 34.82 -29.89
N ALA B 373 8.23 36.01 -29.56
CA ALA B 373 8.08 36.63 -28.24
C ALA B 373 7.13 37.83 -28.37
N ASN B 374 6.55 38.03 -29.58
CA ASN B 374 5.66 39.15 -29.89
C ASN B 374 4.17 38.77 -30.00
N GLY B 375 3.76 37.66 -29.37
CA GLY B 375 2.36 37.25 -29.24
C GLY B 375 1.74 36.22 -30.17
N TRP B 376 2.55 35.45 -30.96
CA TRP B 376 2.01 34.44 -31.88
C TRP B 376 1.43 33.27 -31.07
N GLY B 377 0.10 33.13 -31.15
CA GLY B 377 -0.68 32.15 -30.41
C GLY B 377 -1.24 32.67 -29.10
N ASN B 378 -1.15 34.00 -28.88
CA ASN B 378 -1.60 34.75 -27.69
C ASN B 378 -1.21 34.02 -26.36
N PRO B 379 0.10 33.87 -26.07
CA PRO B 379 0.49 33.14 -24.86
C PRO B 379 0.23 33.88 -23.55
N ASP B 380 0.10 33.09 -22.47
CA ASP B 380 -0.02 33.60 -21.10
C ASP B 380 1.41 33.84 -20.58
N GLU B 381 1.55 34.13 -19.27
CA GLU B 381 2.83 34.37 -18.60
C GLU B 381 3.80 33.16 -18.73
N ARG B 382 3.29 31.93 -18.55
CA ARG B 382 4.06 30.67 -18.68
C ARG B 382 4.56 30.45 -20.12
N GLY B 383 3.65 30.59 -21.10
CA GLY B 383 3.97 30.45 -22.52
C GLY B 383 5.06 31.41 -22.98
N GLN B 384 4.91 32.71 -22.61
CA GLN B 384 5.85 33.81 -22.89
C GLN B 384 7.25 33.56 -22.31
N ALA B 385 7.31 33.02 -21.09
CA ALA B 385 8.57 32.66 -20.42
C ALA B 385 9.28 31.53 -21.19
N ILE B 386 8.49 30.56 -21.76
CA ILE B 386 9.04 29.48 -22.60
C ILE B 386 9.62 30.06 -23.92
N ARG B 387 8.86 30.97 -24.58
CA ARG B 387 9.29 31.64 -25.81
C ARG B 387 10.66 32.28 -25.61
N GLU B 388 10.85 33.01 -24.46
CA GLU B 388 12.09 33.67 -24.07
C GLU B 388 13.23 32.66 -23.81
N LEU B 389 12.93 31.48 -23.24
CA LEU B 389 13.89 30.39 -23.08
C LEU B 389 14.26 29.82 -24.47
N ASN B 390 13.27 29.58 -25.35
CA ASN B 390 13.47 29.05 -26.72
C ASN B 390 14.40 29.95 -27.52
N ARG B 391 14.25 31.28 -27.36
CA ARG B 391 15.03 32.33 -28.01
C ARG B 391 16.47 32.47 -27.51
N ASN B 392 16.77 31.89 -26.34
CA ASN B 392 18.08 31.90 -25.75
C ASN B 392 18.93 30.75 -26.36
N GLU B 393 20.09 31.08 -27.00
CA GLU B 393 20.96 30.10 -27.68
C GLU B 393 21.57 29.05 -26.73
N VAL B 394 21.96 29.45 -25.50
CA VAL B 394 22.53 28.59 -24.47
C VAL B 394 21.50 27.50 -24.06
N PHE B 395 20.21 27.89 -23.95
CA PHE B 395 19.10 26.98 -23.64
C PHE B 395 18.95 25.91 -24.75
N ARG B 396 19.02 26.33 -26.04
CA ARG B 396 18.90 25.45 -27.21
C ARG B 396 20.09 24.47 -27.26
N GLN B 397 21.31 24.97 -26.98
CA GLN B 397 22.54 24.17 -26.96
C GLN B 397 22.47 23.10 -25.88
N ALA B 398 21.88 23.45 -24.73
CA ALA B 398 21.66 22.53 -23.63
C ALA B 398 20.69 21.38 -24.03
N VAL B 399 19.49 21.71 -24.57
CA VAL B 399 18.43 20.80 -24.97
C VAL B 399 18.96 19.78 -26.00
N THR B 400 19.65 20.29 -27.06
CA THR B 400 20.21 19.45 -28.11
C THR B 400 21.34 18.51 -27.60
N SER B 401 22.18 18.99 -26.66
CA SER B 401 23.30 18.25 -26.04
C SER B 401 22.83 17.20 -25.05
N ALA B 402 21.61 17.38 -24.51
CA ALA B 402 20.98 16.47 -23.56
C ALA B 402 20.31 15.29 -24.28
N LEU B 403 20.29 15.29 -25.63
CA LEU B 403 19.74 14.20 -26.41
C LEU B 403 20.78 13.14 -26.79
N ASP B 404 20.50 11.89 -26.41
CA ASP B 404 21.30 10.72 -26.76
C ASP B 404 20.65 10.20 -28.05
N ARG B 405 21.14 10.71 -29.20
CA ARG B 405 20.62 10.43 -30.52
C ARG B 405 20.75 8.97 -30.96
N LYS B 406 21.77 8.24 -30.47
CA LYS B 406 21.93 6.81 -30.77
C LYS B 406 20.77 6.02 -30.14
N ALA B 407 20.41 6.37 -28.87
CA ALA B 407 19.31 5.76 -28.12
C ALA B 407 17.95 6.08 -28.76
N ILE B 408 17.80 7.31 -29.33
CA ILE B 408 16.59 7.77 -30.04
C ILE B 408 16.33 6.86 -31.27
N GLY B 409 17.39 6.64 -32.04
CA GLY B 409 17.36 5.79 -33.22
C GLY B 409 17.01 4.35 -32.90
N ASP B 410 17.69 3.79 -31.88
CA ASP B 410 17.50 2.42 -31.38
C ASP B 410 16.10 2.19 -30.80
N SER B 411 15.48 3.22 -30.19
CA SER B 411 14.13 3.20 -29.64
C SER B 411 13.05 2.97 -30.73
N LEU B 412 13.36 3.39 -31.99
CA LEU B 412 12.44 3.22 -33.12
C LEU B 412 12.66 1.86 -33.81
N VAL B 413 13.93 1.54 -34.15
CA VAL B 413 14.35 0.30 -34.82
C VAL B 413 15.88 0.12 -34.75
N LYS B 414 16.34 -1.11 -34.51
CA LYS B 414 17.76 -1.41 -34.49
C LYS B 414 18.23 -1.81 -35.92
N GLY B 415 19.52 -1.66 -36.19
CA GLY B 415 20.06 -1.95 -37.52
C GLY B 415 20.56 -0.72 -38.27
N PRO B 416 20.74 -0.84 -39.61
CA PRO B 416 21.32 0.28 -40.39
C PRO B 416 20.38 1.42 -40.80
N PHE B 417 19.09 1.38 -40.40
CA PHE B 417 18.08 2.37 -40.79
C PHE B 417 18.33 3.82 -40.33
N THR B 418 18.36 4.04 -39.01
CA THR B 418 18.50 5.39 -38.47
C THR B 418 19.92 5.97 -38.60
N ALA B 419 19.98 7.30 -38.67
CA ALA B 419 21.23 8.06 -38.76
C ALA B 419 21.18 9.18 -37.74
N ILE B 420 22.37 9.54 -37.19
CA ILE B 420 22.54 10.65 -36.24
C ILE B 420 22.13 11.93 -36.98
N TYR B 421 21.07 12.58 -36.50
CA TYR B 421 20.48 13.72 -37.14
C TYR B 421 20.43 14.96 -36.24
N PRO B 422 21.39 15.90 -36.43
CA PRO B 422 21.40 17.13 -35.58
C PRO B 422 20.28 18.13 -35.90
N GLY B 423 19.78 18.07 -37.13
CA GLY B 423 18.76 18.94 -37.69
C GLY B 423 19.21 19.42 -39.06
N GLY B 424 18.39 20.26 -39.69
CA GLY B 424 18.69 20.84 -40.99
C GLY B 424 18.36 19.97 -42.19
N ILE B 425 19.05 20.24 -43.31
CA ILE B 425 18.94 19.52 -44.58
C ILE B 425 19.26 18.03 -44.31
N SER B 426 18.38 17.15 -44.82
CA SER B 426 18.46 15.70 -44.73
C SER B 426 19.77 15.19 -45.38
N SER B 427 20.41 14.17 -44.78
CA SER B 427 21.65 13.56 -45.32
C SER B 427 21.41 12.81 -46.66
N GLY B 428 20.15 12.52 -46.97
CA GLY B 428 19.73 11.85 -48.19
C GLY B 428 19.70 12.73 -49.44
N THR B 429 19.77 14.09 -49.30
CA THR B 429 19.73 15.03 -50.44
C THR B 429 21.13 15.47 -50.88
N SER B 430 21.31 15.76 -52.18
CA SER B 430 22.61 16.18 -52.74
C SER B 430 23.13 17.54 -52.23
N PHE B 431 22.20 18.44 -51.81
CA PHE B 431 22.55 19.75 -51.24
C PHE B 431 23.16 19.66 -49.84
N TYR B 432 23.02 18.49 -49.20
CA TYR B 432 23.58 18.16 -47.89
C TYR B 432 25.11 18.16 -47.95
N ASP B 433 25.74 18.68 -46.90
CA ASP B 433 27.18 18.68 -46.72
C ASP B 433 27.43 18.35 -45.26
N ARG B 434 28.05 17.18 -44.99
CA ARG B 434 28.40 16.69 -43.65
C ARG B 434 29.33 17.63 -42.91
N ALA B 435 30.33 18.20 -43.64
CA ALA B 435 31.33 19.13 -43.10
C ALA B 435 30.72 20.46 -42.67
N SER B 436 29.54 20.81 -43.22
CA SER B 436 28.79 22.03 -42.90
C SER B 436 27.73 21.81 -41.80
N THR B 437 27.52 20.55 -41.37
CA THR B 437 26.55 20.17 -40.36
C THR B 437 27.18 20.17 -38.97
N VAL B 438 26.65 21.01 -38.08
CA VAL B 438 27.12 21.13 -36.70
C VAL B 438 26.43 20.05 -35.85
N TYR B 439 27.24 19.19 -35.22
CA TYR B 439 26.78 18.15 -34.35
C TYR B 439 27.18 18.44 -32.90
N TYR B 440 26.16 18.49 -32.02
CA TYR B 440 26.31 18.65 -30.58
C TYR B 440 26.24 17.22 -30.03
N PRO B 441 27.39 16.58 -29.71
CA PRO B 441 27.31 15.20 -29.18
C PRO B 441 26.64 15.16 -27.81
N PHE B 442 26.21 13.97 -27.38
CA PHE B 442 25.55 13.74 -26.10
C PHE B 442 26.46 14.09 -24.92
N ASN B 443 26.11 15.20 -24.23
CA ASN B 443 26.80 15.78 -23.09
C ASN B 443 25.76 16.35 -22.09
N LEU B 444 25.19 15.47 -21.26
CA LEU B 444 24.18 15.83 -20.27
C LEU B 444 24.70 16.79 -19.19
N GLU B 445 25.89 16.48 -18.61
CA GLU B 445 26.51 17.28 -17.57
C GLU B 445 26.79 18.71 -18.03
N GLY B 446 27.30 18.85 -19.26
CA GLY B 446 27.55 20.14 -19.89
C GLY B 446 26.27 20.91 -20.13
N ALA B 447 25.18 20.19 -20.48
CA ALA B 447 23.83 20.72 -20.68
C ALA B 447 23.23 21.26 -19.35
N LYS B 448 23.42 20.51 -18.23
CA LYS B 448 22.96 20.90 -16.89
C LYS B 448 23.71 22.16 -16.43
N ALA B 449 25.04 22.23 -16.73
CA ALA B 449 25.89 23.37 -16.41
C ALA B 449 25.46 24.61 -17.20
N ALA B 450 25.11 24.42 -18.49
CA ALA B 450 24.64 25.49 -19.40
C ALA B 450 23.35 26.16 -18.87
N LEU B 451 22.42 25.37 -18.32
CA LEU B 451 21.16 25.87 -17.79
C LEU B 451 21.37 26.62 -16.49
N ALA B 452 22.28 26.11 -15.65
CA ALA B 452 22.67 26.75 -14.40
C ALA B 452 23.27 28.12 -14.68
N SER B 453 24.04 28.23 -15.78
CA SER B 453 24.68 29.46 -16.24
C SER B 453 23.69 30.56 -16.69
N ILE B 454 22.47 30.18 -17.12
CA ILE B 454 21.46 31.16 -17.57
C ILE B 454 20.43 31.45 -16.46
N GLY B 455 20.64 30.86 -15.28
CA GLY B 455 19.83 31.09 -14.10
C GLY B 455 18.83 30.02 -13.69
N LEU B 456 18.90 28.82 -14.29
CA LEU B 456 17.96 27.76 -13.96
C LEU B 456 18.53 26.77 -12.97
N LYS B 457 17.92 26.69 -11.79
CA LYS B 457 18.33 25.76 -10.74
C LYS B 457 17.14 25.22 -9.96
N ASP B 458 17.27 23.98 -9.45
CA ASP B 458 16.24 23.34 -8.64
C ASP B 458 16.27 23.95 -7.23
N THR B 459 15.29 24.83 -6.93
CA THR B 459 15.18 25.58 -5.69
C THR B 459 14.22 24.96 -4.66
N ASP B 460 13.45 23.92 -5.03
CA ASP B 460 12.51 23.22 -4.12
C ASP B 460 12.85 21.73 -3.87
N GLY B 461 13.93 21.24 -4.47
CA GLY B 461 14.40 19.87 -4.31
C GLY B 461 13.61 18.74 -4.95
N ASP B 462 12.87 19.03 -6.04
CA ASP B 462 12.10 17.98 -6.72
C ASP B 462 12.82 17.38 -7.96
N GLY B 463 14.03 17.86 -8.26
CA GLY B 463 14.81 17.40 -9.41
C GLY B 463 14.59 18.23 -10.67
N PHE B 464 13.49 19.01 -10.70
CA PHE B 464 13.16 19.86 -11.83
C PHE B 464 13.71 21.28 -11.62
N LEU B 465 14.27 21.88 -12.68
CA LEU B 465 14.79 23.24 -12.62
C LEU B 465 13.66 24.26 -12.53
N ASN B 466 13.92 25.28 -11.74
CA ASN B 466 13.00 26.38 -11.50
C ASN B 466 13.53 27.62 -12.16
N PHE B 467 12.61 28.50 -12.58
CA PHE B 467 12.92 29.82 -13.12
C PHE B 467 13.50 30.67 -11.98
N PRO B 468 14.20 31.81 -12.26
CA PRO B 468 14.63 32.68 -11.14
C PRO B 468 13.41 33.33 -10.46
N LYS B 469 13.53 33.75 -9.18
CA LYS B 469 12.44 34.36 -8.40
C LYS B 469 11.58 35.40 -9.17
N GLU B 470 12.24 36.16 -10.08
CA GLU B 470 11.69 37.22 -10.95
C GLU B 470 10.74 36.67 -12.02
N THR B 471 11.01 35.45 -12.55
CA THR B 471 10.17 34.81 -13.57
C THR B 471 9.19 33.80 -12.93
N LEU B 472 7.86 34.00 -13.16
CA LEU B 472 6.75 33.12 -12.73
C LEU B 472 6.80 32.68 -11.24
N GLY B 473 7.31 33.56 -10.37
CA GLY B 473 7.42 33.32 -8.94
C GLY B 473 8.41 32.22 -8.58
N GLY B 474 9.43 32.02 -9.44
CA GLY B 474 10.47 31.00 -9.26
C GLY B 474 9.94 29.58 -9.36
N ARG B 475 8.87 29.42 -10.13
CA ARG B 475 8.19 28.14 -10.35
C ARG B 475 9.00 27.23 -11.28
N ASN B 476 8.75 25.91 -11.20
CA ASN B 476 9.42 24.92 -12.04
C ASN B 476 9.10 25.21 -13.50
N VAL B 477 10.10 25.03 -14.36
CA VAL B 477 9.98 25.20 -15.81
C VAL B 477 9.08 24.07 -16.34
N GLU B 478 8.01 24.43 -17.07
CA GLU B 478 7.08 23.44 -17.62
C GLU B 478 6.82 23.75 -19.07
N ILE B 479 7.16 22.80 -19.96
CA ILE B 479 7.05 22.95 -21.42
C ILE B 479 6.02 21.98 -22.00
N THR B 480 5.13 22.48 -22.87
CA THR B 480 4.15 21.64 -23.57
C THR B 480 4.78 21.14 -24.88
N LEU B 481 4.42 19.93 -25.31
CA LEU B 481 4.93 19.30 -26.53
C LEU B 481 3.77 18.83 -27.39
N LEU B 482 3.52 19.53 -28.50
CA LEU B 482 2.47 19.23 -29.46
C LEU B 482 2.88 18.05 -30.37
N VAL B 483 2.00 17.03 -30.44
CA VAL B 483 2.24 15.78 -31.18
C VAL B 483 1.00 15.39 -32.02
N ASN B 484 1.23 14.77 -33.21
CA ASN B 484 0.21 14.17 -34.11
C ASN B 484 -0.09 12.78 -33.49
N ASN B 485 -1.31 12.58 -32.96
CA ASN B 485 -1.73 11.34 -32.28
C ASN B 485 -1.95 10.09 -33.20
N GLY B 486 -1.83 10.26 -34.51
CA GLY B 486 -2.08 9.20 -35.50
C GLY B 486 -0.94 8.24 -35.81
N TYR B 487 0.26 8.52 -35.27
CA TYR B 487 1.48 7.73 -35.54
C TYR B 487 2.19 7.25 -34.32
N ALA B 488 2.63 5.98 -34.35
CA ALA B 488 3.42 5.36 -33.29
C ALA B 488 4.79 6.05 -33.19
N THR B 489 5.38 6.44 -34.34
CA THR B 489 6.69 7.10 -34.39
C THR B 489 6.72 8.45 -33.65
N ASP B 490 5.74 9.33 -33.93
CA ASP B 490 5.62 10.65 -33.32
C ASP B 490 5.48 10.53 -31.80
N LYS B 491 4.60 9.60 -31.36
CA LYS B 491 4.32 9.32 -29.97
C LYS B 491 5.55 8.79 -29.20
N SER B 492 6.30 7.81 -29.75
CA SER B 492 7.49 7.30 -29.06
C SER B 492 8.65 8.32 -29.05
N LEU B 493 8.75 9.20 -30.08
CA LEU B 493 9.75 10.27 -30.06
C LEU B 493 9.39 11.30 -28.98
N ALA B 494 8.07 11.63 -28.84
CA ALA B 494 7.56 12.56 -27.83
C ALA B 494 7.81 12.01 -26.41
N GLU B 495 7.51 10.70 -26.22
CA GLU B 495 7.69 9.99 -24.95
C GLU B 495 9.17 9.94 -24.56
N GLY B 496 10.03 9.69 -25.55
CA GLY B 496 11.47 9.64 -25.38
C GLY B 496 12.06 10.97 -25.00
N LEU B 497 11.51 12.06 -25.58
CA LEU B 497 11.92 13.44 -25.35
C LEU B 497 11.57 13.88 -23.91
N VAL B 498 10.39 13.47 -23.41
CA VAL B 498 9.92 13.75 -22.04
C VAL B 498 10.89 13.14 -21.01
N GLY B 499 11.27 11.88 -21.22
CA GLY B 499 12.17 11.14 -20.35
C GLY B 499 13.58 11.69 -20.38
N GLN B 500 14.05 12.09 -21.56
CA GLN B 500 15.37 12.67 -21.73
C GLN B 500 15.45 14.09 -21.14
N MET B 501 14.38 14.88 -21.30
CA MET B 501 14.30 16.21 -20.74
C MET B 501 14.22 16.19 -19.22
N ALA B 502 13.67 15.11 -18.63
CA ALA B 502 13.52 14.92 -17.18
C ALA B 502 14.89 14.72 -16.53
N LYS B 503 15.82 14.07 -17.27
CA LYS B 503 17.21 13.82 -16.87
C LYS B 503 17.99 15.14 -16.81
N LEU B 504 17.66 16.08 -17.72
CA LEU B 504 18.23 17.41 -17.81
C LEU B 504 17.71 18.31 -16.69
N GLY B 505 16.45 18.11 -16.29
CA GLY B 505 15.78 18.86 -15.25
C GLY B 505 14.60 19.67 -15.78
N LEU B 506 14.13 19.34 -16.99
CA LEU B 506 13.01 20.03 -17.63
C LEU B 506 11.75 19.19 -17.68
N ARG B 507 10.62 19.72 -17.17
CA ARG B 507 9.35 18.97 -17.25
C ARG B 507 8.65 19.31 -18.52
N VAL B 508 8.44 18.25 -19.32
CA VAL B 508 7.74 18.31 -20.59
C VAL B 508 6.40 17.55 -20.50
N VAL B 509 5.31 18.20 -20.98
CA VAL B 509 3.94 17.67 -20.95
C VAL B 509 3.49 17.50 -22.39
N ILE B 510 3.06 16.28 -22.76
CA ILE B 510 2.56 15.97 -24.11
C ILE B 510 1.14 16.53 -24.35
N HIS B 511 0.97 17.11 -25.54
CA HIS B 511 -0.25 17.67 -26.11
C HIS B 511 -0.51 16.82 -27.37
N SER B 512 -1.16 15.65 -27.20
CA SER B 512 -1.46 14.71 -28.28
C SER B 512 -2.82 15.04 -28.94
N LEU B 513 -2.81 15.59 -30.17
CA LEU B 513 -4.03 15.98 -30.87
C LEU B 513 -4.17 15.25 -32.22
N ASP B 514 -5.39 15.17 -32.78
CA ASP B 514 -5.57 14.61 -34.12
C ASP B 514 -5.09 15.64 -35.13
N SER B 515 -4.69 15.18 -36.32
CA SER B 515 -4.11 15.95 -37.41
C SER B 515 -4.68 17.38 -37.59
N ASN B 516 -6.01 17.54 -37.71
CA ASN B 516 -6.65 18.84 -37.94
C ASN B 516 -6.51 19.75 -36.73
N GLN B 517 -6.66 19.22 -35.49
CA GLN B 517 -6.48 20.01 -34.27
C GLN B 517 -5.00 20.39 -34.10
N ARG B 518 -4.07 19.47 -34.47
CA ARG B 518 -2.61 19.69 -34.38
C ARG B 518 -2.19 20.86 -35.30
N ASP B 519 -2.71 20.88 -36.54
CA ASP B 519 -2.46 21.93 -37.54
C ASP B 519 -2.93 23.28 -37.06
N ALA B 520 -4.16 23.36 -36.49
CA ALA B 520 -4.76 24.60 -35.96
C ALA B 520 -3.93 25.17 -34.79
N ALA B 521 -3.43 24.29 -33.90
CA ALA B 521 -2.58 24.68 -32.75
C ALA B 521 -1.18 25.13 -33.21
N HIS B 522 -0.60 24.46 -34.24
CA HIS B 522 0.71 24.78 -34.81
C HIS B 522 0.68 26.09 -35.58
N TYR B 523 -0.19 26.19 -36.63
CA TYR B 523 -0.30 27.38 -37.48
C TYR B 523 -0.81 28.59 -36.72
N GLY B 524 -1.59 28.34 -35.66
CA GLY B 524 -2.10 29.38 -34.77
C GLY B 524 -1.11 29.84 -33.70
N GLY B 525 0.04 29.15 -33.58
CA GLY B 525 1.10 29.47 -32.61
C GLY B 525 0.81 29.09 -31.18
N GLN B 526 -0.20 28.24 -30.95
CA GLN B 526 -0.60 27.78 -29.62
C GLN B 526 0.19 26.54 -29.22
N PHE B 527 1.51 26.70 -29.13
CA PHE B 527 2.44 25.64 -28.76
C PHE B 527 3.71 26.24 -28.17
N ASP B 528 4.43 25.46 -27.36
CA ASP B 528 5.75 25.81 -26.84
C ASP B 528 6.75 25.11 -27.76
N TRP B 529 6.64 23.76 -27.79
CA TRP B 529 7.44 22.84 -28.58
C TRP B 529 6.50 21.92 -29.37
N LEU B 530 7.00 21.36 -30.47
CA LEU B 530 6.29 20.35 -31.24
C LEU B 530 7.24 19.32 -31.83
N VAL B 531 6.75 18.10 -31.99
CA VAL B 531 7.44 17.00 -32.66
C VAL B 531 6.82 16.99 -34.07
N ARG B 532 7.65 17.11 -35.09
CA ARG B 532 7.16 17.15 -36.47
C ARG B 532 8.05 16.40 -37.44
N ARG B 533 7.40 15.62 -38.33
CA ARG B 533 8.05 14.95 -39.44
C ARG B 533 8.32 16.05 -40.47
N ASN B 534 9.54 16.09 -41.04
CA ASN B 534 9.91 17.11 -42.02
C ASN B 534 9.10 17.15 -43.28
N SER B 535 8.92 18.37 -43.82
CA SER B 535 8.30 18.59 -45.11
C SER B 535 9.41 18.67 -46.20
N THR B 536 9.01 18.83 -47.46
CA THR B 536 9.86 18.80 -48.66
C THR B 536 11.10 19.70 -48.67
N GLU B 537 11.07 20.90 -48.03
CA GLU B 537 12.22 21.81 -48.04
C GLU B 537 13.49 21.19 -47.40
N LEU B 538 13.33 20.31 -46.40
CA LEU B 538 14.49 19.67 -45.76
C LEU B 538 14.90 18.36 -46.46
N SER B 539 13.96 17.75 -47.20
CA SER B 539 14.19 16.50 -47.92
C SER B 539 14.59 16.71 -49.38
N SER B 540 14.50 17.96 -49.91
CA SER B 540 14.80 18.28 -51.32
C SER B 540 15.46 19.64 -51.54
N VAL B 541 15.24 20.58 -50.60
CA VAL B 541 15.76 21.96 -50.64
C VAL B 541 14.98 22.82 -51.64
N VAL B 542 14.92 22.36 -52.91
CA VAL B 542 14.35 23.06 -54.06
C VAL B 542 12.81 23.14 -54.03
N GLN B 543 12.13 22.22 -53.32
CA GLN B 543 10.68 22.22 -53.22
C GLN B 543 10.25 22.96 -51.95
N ASN B 544 9.63 24.14 -52.14
CA ASN B 544 9.17 25.05 -51.07
C ASN B 544 10.35 25.61 -50.27
N THR B 545 11.38 26.11 -51.00
CA THR B 545 12.60 26.72 -50.48
C THR B 545 12.31 27.85 -49.49
N GLU B 546 11.18 28.57 -49.69
CA GLU B 546 10.73 29.66 -48.83
C GLU B 546 10.46 29.21 -47.36
N GLN B 547 10.20 27.89 -47.14
CA GLN B 547 9.94 27.30 -45.82
C GLN B 547 11.21 26.97 -45.01
N LEU B 548 12.40 27.19 -45.62
CA LEU B 548 13.70 26.99 -44.98
C LEU B 548 14.04 28.11 -43.97
N ALA B 549 13.44 29.29 -44.12
CA ALA B 549 13.69 30.41 -43.22
C ALA B 549 12.46 31.33 -43.11
N PRO B 550 12.39 32.25 -42.10
CA PRO B 550 11.27 33.21 -42.07
C PRO B 550 11.48 34.35 -43.11
N VAL B 551 11.41 34.02 -44.42
CA VAL B 551 11.54 34.99 -45.53
C VAL B 551 10.30 35.89 -45.65
N GLY B 552 9.18 35.40 -45.13
CA GLY B 552 7.91 36.11 -45.02
C GLY B 552 7.34 35.95 -43.62
N PRO B 553 6.28 36.72 -43.25
CA PRO B 553 5.71 36.58 -41.89
C PRO B 553 5.10 35.21 -41.53
N ARG B 554 4.73 34.40 -42.54
CA ARG B 554 4.11 33.07 -42.31
C ARG B 554 4.83 31.90 -43.03
N THR B 555 6.01 32.12 -43.64
CA THR B 555 6.75 31.08 -44.36
C THR B 555 7.45 30.05 -43.44
N SER B 556 7.84 30.45 -42.21
CA SER B 556 8.51 29.58 -41.24
C SER B 556 7.51 28.71 -40.47
N TRP B 557 7.91 27.47 -40.08
CA TRP B 557 7.05 26.58 -39.27
C TRP B 557 7.12 26.91 -37.78
N ASN B 558 8.18 27.56 -37.33
CA ASN B 558 8.34 27.82 -35.90
C ASN B 558 8.43 29.30 -35.51
N HIS B 559 8.42 30.19 -36.51
CA HIS B 559 8.50 31.62 -36.25
C HIS B 559 7.60 32.43 -37.17
N ARG B 560 6.37 32.64 -36.72
CA ARG B 560 5.38 33.43 -37.45
C ARG B 560 4.96 34.63 -36.57
N SER B 561 4.36 35.64 -37.21
CA SER B 561 3.95 36.82 -36.47
C SER B 561 2.41 36.91 -36.35
N PRO B 562 1.87 37.51 -35.25
CA PRO B 562 0.40 37.70 -35.18
C PRO B 562 -0.05 38.67 -36.29
N GLU B 563 -1.34 38.61 -36.66
CA GLU B 563 -1.88 39.49 -37.72
C GLU B 563 -1.64 40.95 -37.39
N GLY B 564 -1.07 41.66 -38.36
CA GLY B 564 -0.77 43.07 -38.25
C GLY B 564 0.51 43.40 -37.50
N LYS B 565 1.34 42.38 -37.26
CA LYS B 565 2.62 42.52 -36.57
C LYS B 565 3.78 42.00 -37.41
N GLU B 566 4.97 42.59 -37.21
CA GLU B 566 6.21 42.24 -37.89
C GLU B 566 6.92 41.13 -37.13
N LEU B 567 7.77 40.35 -37.80
CA LEU B 567 8.54 39.27 -37.17
C LEU B 567 9.63 39.86 -36.23
N ASP B 568 9.79 39.26 -35.04
CA ASP B 568 10.82 39.64 -34.08
C ASP B 568 12.01 38.67 -34.30
N LEU B 569 12.64 38.75 -35.50
CA LEU B 569 13.74 37.87 -35.89
C LEU B 569 15.03 38.08 -35.13
N MET B 570 15.67 36.96 -34.77
CA MET B 570 16.99 36.93 -34.13
C MET B 570 18.01 37.08 -35.28
N PRO B 571 19.21 37.67 -35.03
CA PRO B 571 20.17 37.88 -36.14
C PRO B 571 20.46 36.66 -37.05
N PHE B 572 20.58 35.43 -36.50
CA PHE B 572 20.86 34.24 -37.30
C PHE B 572 19.73 33.93 -38.32
N GLU B 573 18.47 34.19 -37.93
CA GLU B 573 17.29 33.99 -38.76
C GLU B 573 17.29 34.91 -39.97
N LYS B 574 17.73 36.17 -39.79
CA LYS B 574 17.89 37.20 -40.82
C LYS B 574 19.03 36.80 -41.79
N GLU B 575 20.11 36.18 -41.26
CA GLU B 575 21.21 35.65 -42.07
C GLU B 575 20.69 34.47 -42.91
N MET B 576 19.89 33.58 -42.29
CA MET B 576 19.22 32.44 -42.94
C MET B 576 18.28 32.92 -44.05
N ALA B 577 17.48 33.99 -43.76
CA ALA B 577 16.52 34.56 -44.72
C ALA B 577 17.22 35.17 -45.94
N ASP B 578 18.40 35.81 -45.72
CA ASP B 578 19.21 36.42 -46.79
C ASP B 578 19.80 35.37 -47.71
N ILE B 579 20.29 34.25 -47.13
CA ILE B 579 20.83 33.10 -47.87
C ILE B 579 19.74 32.48 -48.76
N VAL B 580 18.53 32.23 -48.20
CA VAL B 580 17.40 31.63 -48.90
C VAL B 580 16.97 32.51 -50.09
N ARG B 581 16.89 33.85 -49.88
CA ARG B 581 16.54 34.81 -50.92
C ARG B 581 17.58 34.82 -52.04
N LYS B 582 18.88 34.74 -51.68
CA LYS B 582 20.01 34.67 -52.61
C LYS B 582 19.92 33.41 -53.49
N PHE B 583 19.67 32.22 -52.88
CA PHE B 583 19.51 30.92 -53.53
C PHE B 583 18.32 30.89 -54.52
N ILE B 584 17.16 31.44 -54.10
CA ILE B 584 15.91 31.53 -54.87
C ILE B 584 16.15 32.21 -56.23
N SER B 585 16.98 33.28 -56.25
CA SER B 585 17.32 34.05 -57.43
C SER B 585 18.67 33.67 -58.06
N SER B 586 19.40 32.71 -57.47
CA SER B 586 20.71 32.31 -58.00
C SER B 586 20.58 31.42 -59.23
N GLN B 587 21.38 31.77 -60.26
CA GLN B 587 21.42 31.07 -61.54
C GLN B 587 22.66 30.16 -61.65
N ASP B 588 23.60 30.30 -60.70
CA ASP B 588 24.85 29.55 -60.67
C ASP B 588 24.78 28.35 -59.72
N ASN B 589 25.03 27.14 -60.26
CA ASN B 589 25.02 25.86 -59.53
C ASN B 589 26.06 25.76 -58.41
N ALA B 590 27.28 26.25 -58.65
CA ALA B 590 28.37 26.27 -57.67
C ALA B 590 28.05 27.27 -56.53
N GLU B 591 27.38 28.40 -56.86
CA GLU B 591 26.97 29.40 -55.87
C GLU B 591 25.87 28.83 -54.96
N ARG B 592 24.88 28.17 -55.57
CA ARG B 592 23.75 27.53 -54.90
C ARG B 592 24.21 26.46 -53.91
N ALA B 593 25.14 25.59 -54.31
CA ALA B 593 25.71 24.53 -53.48
C ALA B 593 26.43 25.17 -52.27
N ASP B 594 27.23 26.24 -52.51
CA ASP B 594 27.92 26.98 -51.48
C ASP B 594 26.94 27.66 -50.51
N LEU B 595 25.84 28.24 -51.04
CA LEU B 595 24.75 28.87 -50.26
C LEU B 595 24.05 27.82 -49.39
N MET B 596 23.91 26.58 -49.86
CA MET B 596 23.26 25.56 -49.04
C MET B 596 24.18 25.01 -47.94
N LYS B 597 25.51 25.20 -48.08
CA LYS B 597 26.53 24.84 -47.09
C LYS B 597 26.50 25.91 -45.96
N GLN B 598 26.41 27.20 -46.35
CA GLN B 598 26.31 28.34 -45.42
C GLN B 598 25.01 28.20 -44.63
N TYR B 599 23.90 27.92 -45.33
CA TYR B 599 22.58 27.72 -44.72
C TYR B 599 22.59 26.61 -43.66
N GLN B 600 23.15 25.44 -44.01
CA GLN B 600 23.32 24.27 -43.14
C GLN B 600 24.14 24.61 -41.88
N LYS B 601 25.23 25.39 -42.04
CA LYS B 601 26.11 25.84 -40.96
C LYS B 601 25.33 26.71 -39.98
N VAL B 602 24.72 27.81 -40.47
CA VAL B 602 23.96 28.78 -39.68
C VAL B 602 22.81 28.09 -38.95
N TYR B 603 22.08 27.20 -39.65
CA TYR B 603 20.96 26.43 -39.14
C TYR B 603 21.37 25.54 -37.98
N THR B 604 22.38 24.68 -38.18
CA THR B 604 22.78 23.68 -37.19
C THR B 604 23.61 24.26 -36.04
N GLN B 605 24.38 25.35 -36.28
CA GLN B 605 25.15 26.00 -35.22
C GLN B 605 24.20 26.71 -34.25
N ASN B 606 23.17 27.41 -34.79
CA ASN B 606 22.26 28.21 -33.99
C ASN B 606 21.04 27.50 -33.50
N LEU B 607 20.81 26.27 -34.01
CA LEU B 607 19.71 25.38 -33.67
C LEU B 607 18.33 25.96 -33.97
N TYR B 608 18.12 26.27 -35.27
CA TYR B 608 16.84 26.76 -35.80
C TYR B 608 15.71 25.77 -35.44
N THR B 609 16.03 24.46 -35.45
CA THR B 609 15.23 23.34 -34.95
C THR B 609 16.22 22.39 -34.33
N ILE B 610 15.72 21.36 -33.61
CA ILE B 610 16.59 20.35 -33.00
C ILE B 610 16.23 18.99 -33.59
N GLY B 611 17.15 18.42 -34.35
CA GLY B 611 16.97 17.12 -34.99
C GLY B 611 16.78 15.99 -34.00
N LEU B 612 15.84 15.09 -34.31
CA LEU B 612 15.59 13.95 -33.44
C LEU B 612 16.24 12.71 -34.04
N THR B 613 15.81 12.37 -35.26
CA THR B 613 16.32 11.21 -36.02
C THR B 613 15.92 11.33 -37.50
N GLU B 614 16.59 10.53 -38.31
CA GLU B 614 16.41 10.46 -39.74
C GLU B 614 16.68 9.01 -40.15
N TYR B 615 15.89 8.52 -41.11
CA TYR B 615 15.94 7.14 -41.56
C TYR B 615 15.33 7.03 -42.97
N PRO B 616 15.47 5.88 -43.67
CA PRO B 616 14.81 5.75 -44.97
C PRO B 616 13.41 5.12 -44.85
N GLY B 617 12.56 5.45 -45.81
CA GLY B 617 11.23 4.86 -45.94
C GLY B 617 11.21 3.83 -47.06
N ALA B 618 10.14 3.05 -47.16
CA ALA B 618 10.00 2.05 -48.23
C ALA B 618 8.66 2.15 -48.95
N LEU B 619 8.70 2.05 -50.29
CA LEU B 619 7.49 2.07 -51.10
C LEU B 619 6.99 0.63 -51.27
N ILE B 620 5.72 0.40 -50.91
CA ILE B 620 5.05 -0.88 -51.03
C ILE B 620 3.95 -0.73 -52.08
N VAL B 621 4.09 -1.44 -53.19
CA VAL B 621 3.12 -1.42 -54.30
C VAL B 621 2.74 -2.84 -54.65
N ASN B 622 1.44 -3.08 -54.84
CA ASN B 622 0.91 -4.36 -55.29
C ASN B 622 1.58 -4.74 -56.66
N LYS B 623 1.97 -6.01 -56.80
CA LYS B 623 2.71 -6.51 -57.95
C LYS B 623 1.98 -6.49 -59.31
N ARG B 624 0.64 -6.40 -59.35
CA ARG B 624 -0.09 -6.42 -60.62
C ARG B 624 0.03 -5.11 -61.43
N PHE B 625 0.42 -4.01 -60.77
CA PHE B 625 0.54 -2.69 -61.42
C PHE B 625 1.79 -2.55 -62.29
N SER B 626 1.55 -2.08 -63.51
CA SER B 626 2.57 -1.74 -64.48
C SER B 626 2.76 -0.20 -64.47
N ASN B 627 3.94 0.27 -64.95
CA ASN B 627 4.33 1.69 -65.06
C ASN B 627 4.76 2.31 -63.73
N VAL B 628 5.09 1.49 -62.73
CA VAL B 628 5.59 1.99 -61.44
C VAL B 628 7.09 2.21 -61.62
N PRO B 629 7.60 3.49 -61.55
CA PRO B 629 9.03 3.73 -61.77
C PRO B 629 9.89 3.09 -60.70
N GLN B 630 11.01 2.54 -61.13
CA GLN B 630 12.02 1.90 -60.29
C GLN B 630 12.67 2.97 -59.40
N GLY B 631 12.85 2.63 -58.12
CA GLY B 631 13.51 3.48 -57.13
C GLY B 631 12.76 4.72 -56.72
N THR B 632 11.42 4.75 -56.88
CA THR B 632 10.61 5.90 -56.47
C THR B 632 10.73 6.09 -54.96
N PRO B 633 11.17 7.27 -54.46
CA PRO B 633 11.25 7.46 -53.02
C PRO B 633 9.85 7.74 -52.47
N ILE B 634 9.62 7.40 -51.20
CA ILE B 634 8.32 7.68 -50.59
C ILE B 634 8.10 9.18 -50.42
N PHE B 635 9.19 9.96 -50.27
CA PHE B 635 9.12 11.40 -50.05
C PHE B 635 10.39 12.16 -50.49
N MET B 636 10.24 13.07 -51.48
CA MET B 636 11.36 13.89 -51.95
C MET B 636 10.82 15.29 -52.30
N PHE B 637 10.27 15.47 -53.53
CA PHE B 637 9.63 16.72 -53.97
C PHE B 637 8.16 16.68 -53.50
N ASN B 638 7.65 15.45 -53.26
CA ASN B 638 6.35 15.14 -52.70
C ASN B 638 6.30 13.66 -52.32
N TRP B 639 5.16 13.23 -51.77
CA TRP B 639 4.88 11.84 -51.43
C TRP B 639 4.79 11.00 -52.71
N ALA B 640 5.15 9.70 -52.60
CA ALA B 640 5.17 8.75 -53.72
C ALA B 640 3.84 8.64 -54.51
N GLU B 641 2.66 8.93 -53.88
CA GLU B 641 1.34 8.89 -54.54
C GLU B 641 1.32 9.82 -55.75
N ASP B 642 2.04 10.94 -55.64
CA ASP B 642 2.20 11.93 -56.69
C ASP B 642 3.37 11.55 -57.63
N ALA B 643 4.51 11.10 -57.06
CA ALA B 643 5.73 10.75 -57.79
C ALA B 643 5.57 9.61 -58.81
N ILE B 644 4.77 8.55 -58.50
CA ILE B 644 4.53 7.40 -59.38
C ILE B 644 3.60 7.71 -60.59
N ILE B 645 2.90 8.87 -60.61
CA ILE B 645 1.96 9.29 -61.67
C ILE B 645 0.84 8.24 -61.81
N ARG B 646 -0.07 8.23 -60.83
CA ARG B 646 -1.16 7.26 -60.73
C ARG B 646 -2.09 7.19 -61.98
N GLU B 647 -2.27 8.31 -62.74
CA GLU B 647 -3.08 8.37 -63.96
C GLU B 647 -2.42 7.62 -65.15
N ARG B 648 -1.14 7.26 -65.01
CA ARG B 648 -0.31 6.57 -66.01
C ARG B 648 -0.12 5.09 -65.63
N LEU B 649 -0.60 4.69 -64.44
CA LEU B 649 -0.50 3.29 -64.00
C LEU B 649 -1.61 2.46 -64.63
N TRP B 650 -1.28 1.21 -64.93
CA TRP B 650 -2.21 0.26 -65.55
C TRP B 650 -1.93 -1.17 -65.10
N VAL B 651 -2.90 -2.06 -65.36
CA VAL B 651 -2.79 -3.48 -65.03
C VAL B 651 -3.13 -4.27 -66.31
N ALA B 652 -2.28 -5.27 -66.70
CA ALA B 652 -2.54 -6.15 -67.86
C ALA B 652 -3.90 -6.84 -67.66
N ALA B 653 -4.71 -6.94 -68.75
CA ALA B 653 -6.06 -7.50 -68.75
C ALA B 653 -6.20 -8.84 -67.99
N ASP B 654 -5.22 -9.74 -68.15
CA ASP B 654 -5.22 -11.05 -67.49
C ASP B 654 -4.82 -10.99 -65.99
N LYS B 655 -4.29 -9.85 -65.53
CA LYS B 655 -3.86 -9.67 -64.14
C LYS B 655 -4.83 -8.79 -63.36
N GLN B 656 -5.80 -8.17 -64.05
CA GLN B 656 -6.75 -7.23 -63.47
C GLN B 656 -7.63 -7.79 -62.36
N GLY B 657 -7.70 -7.04 -61.26
CA GLY B 657 -8.56 -7.34 -60.12
C GLY B 657 -9.97 -6.94 -60.48
N LYS B 658 -10.97 -7.42 -59.71
CA LYS B 658 -12.38 -7.09 -59.96
C LYS B 658 -12.94 -6.39 -58.75
N TYR B 659 -12.40 -5.21 -58.48
CA TYR B 659 -12.68 -4.41 -57.31
C TYR B 659 -13.57 -3.20 -57.52
N GLU B 660 -14.09 -2.98 -58.73
CA GLU B 660 -14.94 -1.82 -59.05
C GLU B 660 -16.33 -1.88 -58.38
N LEU B 661 -16.65 -0.84 -57.62
CA LEU B 661 -17.91 -0.70 -56.91
C LEU B 661 -18.98 0.01 -57.75
N PHE B 662 -18.55 0.73 -58.80
CA PHE B 662 -19.44 1.40 -59.74
C PHE B 662 -18.96 1.10 -61.16
N PRO B 663 -18.82 -0.19 -61.59
CA PRO B 663 -18.33 -0.46 -62.96
C PRO B 663 -19.19 0.15 -64.07
N GLN B 664 -18.53 0.73 -65.09
CA GLN B 664 -19.13 1.38 -66.27
C GLN B 664 -20.07 2.53 -65.87
N GLN B 665 -19.69 3.22 -64.80
CA GLN B 665 -20.41 4.38 -64.31
C GLN B 665 -19.48 5.59 -64.33
N LEU B 666 -20.05 6.77 -64.44
CA LEU B 666 -19.32 8.03 -64.46
C LEU B 666 -19.83 8.92 -63.35
N PRO B 667 -19.07 9.93 -62.89
CA PRO B 667 -19.60 10.81 -61.84
C PRO B 667 -20.88 11.54 -62.25
N GLY B 668 -21.77 11.71 -61.27
CA GLY B 668 -23.00 12.46 -61.44
C GLY B 668 -22.70 13.96 -61.34
N LYS B 669 -23.74 14.78 -61.23
CA LYS B 669 -23.61 16.23 -61.12
C LYS B 669 -23.23 16.66 -59.70
N PRO B 670 -22.45 17.76 -59.52
CA PRO B 670 -22.13 18.22 -58.15
C PRO B 670 -23.37 18.49 -57.31
N GLY B 671 -23.41 17.89 -56.11
CA GLY B 671 -24.53 18.01 -55.19
C GLY B 671 -25.67 17.05 -55.41
N GLU B 672 -25.53 16.14 -56.39
CA GLU B 672 -26.52 15.10 -56.69
C GLU B 672 -26.13 13.78 -55.99
N GLY B 673 -26.94 12.74 -56.19
CA GLY B 673 -26.82 11.43 -55.56
C GLY B 673 -25.42 10.84 -55.49
N GLY B 674 -25.02 10.22 -56.59
CA GLY B 674 -23.71 9.60 -56.73
C GLY B 674 -23.35 9.46 -58.20
N PRO B 675 -22.92 8.26 -58.66
CA PRO B 675 -22.57 8.11 -60.08
C PRO B 675 -23.77 7.86 -60.97
N ILE B 676 -23.57 7.96 -62.29
CA ILE B 676 -24.56 7.72 -63.35
C ILE B 676 -24.00 6.62 -64.32
N ASN B 677 -24.79 5.64 -64.88
CA ASN B 677 -26.22 5.32 -64.82
C ASN B 677 -27.14 6.50 -65.14
N ALA C 8 4.70 -52.87 45.74
CA ALA C 8 5.45 -53.59 46.77
C ALA C 8 6.42 -52.65 47.53
N PHE C 9 5.85 -51.81 48.40
CA PHE C 9 6.55 -50.84 49.26
C PHE C 9 6.06 -50.93 50.71
N GLU C 10 7.00 -51.06 51.67
CA GLU C 10 6.69 -51.14 53.10
C GLU C 10 6.35 -49.77 53.67
N THR C 11 5.06 -49.38 53.57
CA THR C 11 4.61 -48.07 54.06
C THR C 11 4.44 -48.07 55.59
N THR C 12 4.48 -46.87 56.18
CA THR C 12 4.29 -46.64 57.62
C THR C 12 3.62 -45.27 57.79
N THR C 13 3.71 -44.69 58.99
CA THR C 13 3.18 -43.35 59.28
C THR C 13 4.40 -42.43 59.43
N PRO C 14 4.29 -41.10 59.13
CA PRO C 14 5.48 -40.23 59.25
C PRO C 14 5.97 -40.07 60.69
N PRO C 15 7.31 -40.03 60.89
CA PRO C 15 7.84 -39.86 62.25
C PRO C 15 7.55 -38.49 62.85
N GLU C 16 7.32 -38.43 64.19
CA GLU C 16 7.05 -37.17 64.90
C GLU C 16 8.21 -36.19 64.79
N PRO C 17 7.94 -34.94 64.37
CA PRO C 17 9.02 -33.95 64.25
C PRO C 17 9.57 -33.46 65.59
N PRO C 18 10.78 -32.82 65.63
CA PRO C 18 11.28 -32.27 66.90
C PRO C 18 10.29 -31.25 67.46
N GLN C 19 10.05 -31.27 68.79
CA GLN C 19 9.08 -30.36 69.39
C GLN C 19 9.45 -28.91 69.13
N PHE C 20 8.54 -28.21 68.47
CA PHE C 20 8.68 -26.82 68.10
C PHE C 20 7.49 -26.05 68.66
N PRO C 21 7.61 -25.48 69.89
CA PRO C 21 6.48 -24.72 70.45
C PRO C 21 6.27 -23.41 69.70
N ALA C 22 5.03 -23.19 69.22
CA ALA C 22 4.64 -21.97 68.52
C ALA C 22 4.47 -20.85 69.55
N GLU C 23 5.45 -19.95 69.61
CA GLU C 23 5.45 -18.82 70.55
C GLU C 23 5.24 -17.54 69.70
N GLY C 24 4.25 -16.71 70.01
CA GLY C 24 3.40 -16.77 71.21
C GLY C 24 2.08 -17.51 71.13
N LYS C 25 1.26 -17.25 72.15
CA LYS C 25 -0.05 -17.85 72.36
C LYS C 25 -1.17 -16.95 71.85
N ILE C 26 -2.16 -17.55 71.22
CA ILE C 26 -3.31 -16.83 70.74
C ILE C 26 -4.26 -16.65 71.90
N ASN C 27 -4.84 -15.44 72.02
CA ASN C 27 -5.90 -15.16 72.98
C ASN C 27 -7.18 -15.51 72.23
N TYR C 28 -7.75 -16.69 72.53
CA TYR C 28 -8.96 -17.17 71.85
C TYR C 28 -10.19 -16.43 72.32
N VAL C 29 -10.99 -16.01 71.36
CA VAL C 29 -12.19 -15.20 71.59
C VAL C 29 -13.39 -15.80 70.84
N ALA C 30 -14.60 -15.32 71.16
CA ALA C 30 -15.81 -15.72 70.46
C ALA C 30 -15.90 -14.95 69.12
N ARG C 31 -16.58 -15.52 68.13
CA ARG C 31 -16.71 -14.98 66.79
C ARG C 31 -17.20 -13.50 66.71
N ASP C 32 -18.22 -13.13 67.54
CA ASP C 32 -18.79 -11.79 67.45
C ASP C 32 -18.12 -10.73 68.35
N THR C 33 -16.87 -10.96 68.77
CA THR C 33 -16.12 -10.00 69.58
C THR C 33 -15.38 -8.96 68.74
N ILE C 34 -15.20 -9.24 67.43
CA ILE C 34 -14.37 -8.40 66.56
C ILE C 34 -15.10 -7.20 65.97
N LEU C 35 -16.26 -7.44 65.38
CA LEU C 35 -17.00 -6.41 64.65
C LEU C 35 -18.51 -6.61 64.68
N GLU C 36 -19.22 -5.55 64.32
CA GLU C 36 -20.68 -5.50 64.21
C GLU C 36 -21.07 -4.38 63.24
N PHE C 37 -22.29 -4.43 62.69
CA PHE C 37 -22.79 -3.36 61.81
C PHE C 37 -23.82 -2.58 62.60
N LYS C 38 -23.65 -1.26 62.69
CA LYS C 38 -24.55 -0.34 63.40
C LYS C 38 -24.27 1.12 63.10
N ALA C 39 -25.29 1.97 63.28
CA ALA C 39 -25.17 3.43 63.14
C ALA C 39 -24.65 3.96 64.48
N LEU C 40 -23.71 4.92 64.42
CA LEU C 40 -23.14 5.56 65.62
C LEU C 40 -23.66 7.00 65.70
N PRO C 41 -23.73 7.63 66.91
CA PRO C 41 -24.28 9.01 66.97
C PRO C 41 -23.44 10.04 66.20
N SER C 42 -22.13 9.86 66.18
CA SER C 42 -21.23 10.76 65.44
C SER C 42 -19.98 10.03 64.96
N TYR C 43 -19.36 10.60 63.94
CA TYR C 43 -18.17 10.06 63.33
C TYR C 43 -17.05 11.06 63.28
N SER C 44 -15.82 10.57 63.30
CA SER C 44 -14.63 11.44 63.24
C SER C 44 -13.64 10.91 62.23
N GLU C 45 -12.70 11.78 61.84
CA GLU C 45 -11.70 11.51 60.84
C GLU C 45 -10.47 12.40 61.10
N PRO C 46 -9.32 12.22 60.38
CA PRO C 46 -8.18 13.14 60.55
C PRO C 46 -8.60 14.59 60.32
N ASP C 47 -8.13 15.50 61.20
CA ASP C 47 -8.49 16.93 61.19
C ASP C 47 -8.20 17.65 59.88
N TRP C 48 -7.09 17.27 59.19
CA TRP C 48 -6.69 17.83 57.90
C TRP C 48 -7.71 17.53 56.79
N ILE C 49 -8.46 16.39 56.92
CA ILE C 49 -9.51 16.05 55.96
C ILE C 49 -10.62 17.08 56.11
N THR C 50 -11.12 17.27 57.35
CA THR C 50 -12.17 18.22 57.71
C THR C 50 -11.80 19.63 57.26
N GLU C 51 -10.59 20.10 57.65
CA GLU C 51 -10.10 21.45 57.36
C GLU C 51 -9.73 21.71 55.90
N LYS C 52 -8.92 20.85 55.29
CA LYS C 52 -8.43 21.07 53.93
C LYS C 52 -9.28 20.46 52.80
N PHE C 53 -10.21 19.52 53.11
CA PHE C 53 -10.99 18.91 52.03
C PHE C 53 -12.49 19.15 52.13
N GLU C 54 -13.13 18.84 53.27
CA GLU C 54 -14.58 19.06 53.49
C GLU C 54 -14.94 20.55 53.45
N LYS C 55 -14.25 21.38 54.27
CA LYS C 55 -14.40 22.84 54.35
C LYS C 55 -14.00 23.56 53.05
N ALA C 56 -13.29 22.86 52.15
CA ALA C 56 -12.88 23.39 50.86
C ALA C 56 -13.81 22.89 49.71
N GLY C 57 -14.84 22.13 50.08
CA GLY C 57 -15.81 21.54 49.16
C GLY C 57 -15.25 20.45 48.26
N LYS C 58 -14.07 19.89 48.59
CA LYS C 58 -13.33 18.86 47.83
C LYS C 58 -13.78 17.43 48.10
N LEU C 59 -14.55 17.25 49.17
CA LEU C 59 -15.04 15.95 49.60
C LEU C 59 -16.36 16.13 50.35
N PRO C 60 -17.39 15.26 50.19
CA PRO C 60 -18.61 15.40 50.99
C PRO C 60 -18.36 15.18 52.49
N PRO C 61 -19.24 15.63 53.42
CA PRO C 61 -18.99 15.35 54.85
C PRO C 61 -19.02 13.85 55.15
N LEU C 62 -18.29 13.45 56.19
CA LEU C 62 -18.07 12.08 56.62
C LEU C 62 -19.33 11.21 56.75
N LYS C 63 -20.41 11.71 57.43
CA LYS C 63 -21.66 10.98 57.60
C LYS C 63 -22.31 10.55 56.26
N GLU C 64 -22.09 11.38 55.22
CA GLU C 64 -22.62 11.17 53.87
C GLU C 64 -21.80 10.16 53.07
N ARG C 65 -20.51 10.09 53.36
CA ARG C 65 -19.59 9.19 52.70
C ARG C 65 -19.75 7.74 53.21
N LEU C 66 -20.18 7.62 54.46
CA LEU C 66 -20.32 6.36 55.15
C LEU C 66 -21.65 5.65 54.89
N PRO C 67 -21.73 4.30 55.05
CA PRO C 67 -23.05 3.65 54.96
C PRO C 67 -23.89 3.99 56.21
N GLU C 68 -25.22 3.85 56.12
CA GLU C 68 -26.11 4.13 57.24
C GLU C 68 -25.65 3.30 58.46
N GLU C 69 -25.28 2.03 58.21
CA GLU C 69 -24.76 1.15 59.24
C GLU C 69 -23.37 0.65 58.81
N PRO C 70 -22.28 1.40 59.17
CA PRO C 70 -20.93 0.89 58.83
C PRO C 70 -20.52 -0.30 59.67
N LEU C 71 -19.48 -1.02 59.18
CA LEU C 71 -18.81 -2.08 59.93
C LEU C 71 -18.07 -1.31 61.08
N VAL C 72 -18.30 -1.71 62.34
CA VAL C 72 -17.73 -1.10 63.54
C VAL C 72 -16.84 -2.14 64.25
N TYR C 73 -15.56 -1.84 64.40
CA TYR C 73 -14.66 -2.72 65.14
C TYR C 73 -14.82 -2.50 66.64
N LYS C 74 -14.95 -3.59 67.39
CA LYS C 74 -15.14 -3.54 68.84
C LYS C 74 -13.81 -3.44 69.57
N THR C 75 -13.75 -2.60 70.60
CA THR C 75 -12.49 -2.34 71.33
C THR C 75 -11.98 -3.53 72.15
N GLY C 76 -12.88 -4.39 72.65
CA GLY C 76 -12.54 -5.58 73.43
C GLY C 76 -11.56 -6.53 72.76
N ASN C 77 -11.69 -6.66 71.43
CA ASN C 77 -10.83 -7.49 70.60
C ASN C 77 -9.53 -6.77 70.16
N MET C 78 -9.50 -5.44 70.22
CA MET C 78 -8.29 -4.70 69.84
C MET C 78 -7.15 -4.99 70.83
N PRO C 79 -6.00 -5.56 70.36
CA PRO C 79 -4.90 -5.88 71.30
C PRO C 79 -4.43 -4.71 72.17
N ASP C 80 -4.39 -3.48 71.63
CA ASP C 80 -3.93 -2.29 72.36
C ASP C 80 -5.01 -1.20 72.52
N GLY C 81 -6.22 -1.47 72.03
CA GLY C 81 -7.31 -0.53 72.12
C GLY C 81 -7.38 0.42 70.93
N VAL C 82 -8.26 1.41 71.05
CA VAL C 82 -8.55 2.43 70.05
C VAL C 82 -7.28 3.22 69.64
N GLY C 83 -7.17 3.48 68.35
CA GLY C 83 -6.00 4.15 67.83
C GLY C 83 -6.09 5.63 67.56
N VAL C 84 -4.97 6.13 67.04
CA VAL C 84 -4.78 7.52 66.63
C VAL C 84 -4.34 7.49 65.16
N TYR C 85 -4.62 8.57 64.42
CA TYR C 85 -4.25 8.68 63.02
C TYR C 85 -2.78 8.95 62.78
N GLY C 86 -2.30 8.57 61.61
CA GLY C 86 -0.95 8.85 61.17
C GLY C 86 -0.14 7.64 60.80
N ASP C 87 1.01 7.96 60.19
CA ASP C 87 2.05 7.04 59.76
C ASP C 87 1.66 6.23 58.48
N THR C 88 2.62 5.44 58.06
CA THR C 88 2.69 4.63 56.85
C THR C 88 3.14 3.22 57.23
N MET C 89 2.53 2.20 56.61
CA MET C 89 3.04 0.84 56.69
C MET C 89 3.82 0.63 55.38
N ARG C 90 5.10 0.29 55.50
CA ARG C 90 6.00 -0.02 54.37
C ARG C 90 6.06 -1.54 54.07
N HIS C 91 5.64 -1.91 52.85
CA HIS C 91 5.71 -3.31 52.38
C HIS C 91 6.76 -3.46 51.31
N VAL C 92 7.35 -4.65 51.22
CA VAL C 92 8.40 -5.01 50.26
C VAL C 92 7.94 -6.29 49.65
N VAL C 93 7.75 -6.28 48.33
CA VAL C 93 7.22 -7.46 47.60
C VAL C 93 8.20 -7.92 46.52
N GLY C 94 8.13 -9.20 46.17
CA GLY C 94 8.90 -9.82 45.09
C GLY C 94 8.09 -9.91 43.81
N GLY C 95 6.81 -9.55 43.88
CA GLY C 95 5.93 -9.55 42.72
C GLY C 95 5.94 -8.23 42.00
N ARG C 96 5.32 -8.20 40.80
CA ARG C 96 5.20 -6.99 39.96
C ARG C 96 3.76 -6.82 39.50
N PRO C 97 3.20 -5.59 39.46
CA PRO C 97 1.81 -5.44 39.00
C PRO C 97 1.64 -5.68 37.49
N GLU C 98 0.55 -6.37 37.12
CA GLU C 98 0.16 -6.64 35.73
C GLU C 98 -0.79 -5.52 35.32
N GLY C 99 -1.55 -5.05 36.30
CA GLY C 99 -2.56 -4.01 36.17
C GLY C 99 -3.52 -4.12 37.34
N TRP C 100 -4.70 -3.48 37.21
CA TRP C 100 -5.67 -3.43 38.32
C TRP C 100 -6.89 -4.33 38.17
N ASN C 101 -7.00 -5.09 37.06
CA ASN C 101 -8.15 -5.99 36.83
C ASN C 101 -8.03 -7.32 37.55
N TYR C 102 -8.31 -7.32 38.85
CA TYR C 102 -8.25 -8.47 39.75
C TYR C 102 -9.23 -9.59 39.34
N ILE C 103 -10.50 -9.20 39.05
CA ILE C 103 -11.57 -10.14 38.68
C ILE C 103 -11.28 -10.84 37.30
N ALA C 104 -10.35 -10.29 36.49
CA ALA C 104 -9.94 -10.87 35.23
C ALA C 104 -8.61 -11.64 35.36
N GLY C 105 -8.12 -11.79 36.59
CA GLY C 105 -6.92 -12.54 36.89
C GLY C 105 -5.60 -11.81 36.91
N GLN C 106 -5.64 -10.46 36.95
CA GLN C 106 -4.42 -9.66 37.04
C GLN C 106 -3.93 -9.56 38.47
N SER C 107 -2.62 -9.72 38.64
CA SER C 107 -1.91 -9.60 39.91
C SER C 107 -1.46 -8.14 40.08
N GLN C 108 -1.46 -7.64 41.31
CA GLN C 108 -1.01 -6.27 41.61
C GLN C 108 0.38 -6.27 42.27
N GLY C 109 0.98 -7.47 42.38
CA GLY C 109 2.32 -7.64 42.96
C GLY C 109 2.41 -8.50 44.19
N TRP C 110 1.25 -8.93 44.75
CA TRP C 110 1.18 -9.80 45.95
C TRP C 110 1.71 -9.12 47.22
N GLY C 111 2.09 -9.90 48.22
CA GLY C 111 2.61 -9.40 49.49
C GLY C 111 1.69 -8.46 50.25
N GLY C 112 0.37 -8.64 50.07
CA GLY C 112 -0.68 -7.87 50.71
C GLY C 112 -1.40 -6.80 49.89
N ILE C 113 -0.86 -6.39 48.71
CA ILE C 113 -1.49 -5.32 47.92
C ILE C 113 -2.94 -5.69 47.48
N ASP C 114 -3.15 -6.86 46.80
CA ASP C 114 -4.51 -7.25 46.41
C ASP C 114 -5.38 -7.63 47.59
N ILE C 115 -4.78 -8.13 48.69
CA ILE C 115 -5.49 -8.41 49.94
C ILE C 115 -6.12 -7.07 50.46
N ALA C 116 -5.32 -5.99 50.46
CA ALA C 116 -5.70 -4.64 50.87
C ALA C 116 -6.67 -3.96 49.87
N LEU C 117 -6.53 -4.25 48.57
CA LEU C 117 -7.39 -3.63 47.57
C LEU C 117 -8.73 -4.31 47.37
N SER C 118 -8.74 -5.66 47.34
CA SER C 118 -9.96 -6.41 47.04
C SER C 118 -10.65 -7.06 48.25
N GLU C 119 -11.64 -6.32 48.81
CA GLU C 119 -12.56 -6.71 49.89
C GLU C 119 -13.55 -7.75 49.36
N CYS C 120 -13.91 -8.71 50.18
CA CYS C 120 -14.81 -9.78 49.75
C CYS C 120 -16.11 -9.83 50.54
N LEU C 121 -17.05 -10.71 50.16
CA LEU C 121 -18.35 -10.88 50.83
C LEU C 121 -18.15 -11.24 52.31
N THR C 122 -17.24 -12.20 52.59
CA THR C 122 -16.93 -12.61 53.95
C THR C 122 -15.43 -12.39 54.19
N ARG C 123 -14.99 -12.60 55.44
CA ARG C 123 -13.58 -12.47 55.85
C ARG C 123 -13.23 -13.60 56.84
N THR C 124 -12.14 -14.30 56.61
CA THR C 124 -11.78 -15.48 57.43
C THR C 124 -10.39 -15.44 58.08
N ALA C 125 -9.44 -14.68 57.50
CA ALA C 125 -8.07 -14.61 58.04
C ALA C 125 -8.01 -14.29 59.57
N PRO C 126 -8.80 -13.31 60.15
CA PRO C 126 -8.75 -13.10 61.62
C PRO C 126 -9.34 -14.25 62.47
N LEU C 127 -9.92 -15.30 61.84
CA LEU C 127 -10.51 -16.46 62.53
C LEU C 127 -9.49 -17.36 63.25
N PHE C 128 -8.16 -17.14 63.05
CA PHE C 128 -7.09 -17.87 63.78
C PHE C 128 -7.28 -17.67 65.31
N GLN C 129 -7.92 -16.55 65.72
CA GLN C 129 -8.13 -16.23 67.14
C GLN C 129 -9.51 -16.67 67.70
N VAL C 130 -10.33 -17.33 66.87
CA VAL C 130 -11.65 -17.83 67.28
C VAL C 130 -11.52 -19.34 67.47
N ASP C 131 -11.90 -19.87 68.65
CA ASP C 131 -11.74 -21.32 68.91
C ASP C 131 -13.01 -22.13 68.67
N ALA C 132 -13.05 -22.84 67.51
CA ALA C 132 -14.09 -23.75 67.00
C ALA C 132 -13.80 -24.06 65.52
N LYS C 133 -14.00 -25.34 65.11
CA LYS C 133 -13.78 -25.84 63.73
C LYS C 133 -15.07 -25.67 62.88
N ASP C 134 -16.16 -25.18 63.54
CA ASP C 134 -17.46 -24.89 62.94
C ASP C 134 -17.87 -23.42 63.12
N THR C 135 -16.87 -22.54 62.94
CA THR C 135 -17.02 -21.09 63.04
C THR C 135 -17.56 -20.56 61.73
N GLU C 136 -18.42 -19.56 61.81
CA GLU C 136 -18.97 -18.93 60.64
C GLU C 136 -17.98 -17.82 60.19
N PRO C 137 -17.63 -17.69 58.87
CA PRO C 137 -16.76 -16.59 58.43
C PRO C 137 -17.35 -15.23 58.85
N LEU C 138 -16.51 -14.23 59.07
CA LEU C 138 -16.97 -12.90 59.47
C LEU C 138 -17.74 -12.18 58.36
N PRO C 139 -18.78 -11.38 58.71
CA PRO C 139 -19.44 -10.59 57.68
C PRO C 139 -18.50 -9.48 57.20
N ASN C 140 -18.50 -9.22 55.91
CA ASN C 140 -17.64 -8.19 55.34
C ASN C 140 -18.49 -7.28 54.46
N LEU C 141 -18.46 -7.44 53.11
CA LEU C 141 -19.35 -6.70 52.19
C LEU C 141 -20.80 -7.22 52.35
N ALA C 142 -20.93 -8.51 52.71
CA ALA C 142 -22.19 -9.15 53.07
C ALA C 142 -22.25 -8.97 54.59
N LYS C 143 -23.19 -8.13 55.09
CA LYS C 143 -23.32 -7.80 56.50
C LYS C 143 -24.03 -8.90 57.32
N SER C 144 -24.95 -9.66 56.69
CA SER C 144 -25.72 -10.73 57.31
C SER C 144 -26.27 -11.69 56.27
N TRP C 145 -26.70 -12.87 56.72
CA TRP C 145 -27.26 -13.92 55.88
C TRP C 145 -28.14 -14.90 56.67
N GLU C 146 -29.16 -15.48 56.01
CA GLU C 146 -30.07 -16.46 56.61
C GLU C 146 -30.22 -17.67 55.68
N TRP C 147 -30.29 -18.86 56.29
CA TRP C 147 -30.55 -20.10 55.55
C TRP C 147 -32.06 -20.36 55.58
N SER C 148 -32.59 -21.00 54.53
CA SER C 148 -34.00 -21.38 54.49
C SER C 148 -34.13 -22.70 55.28
N GLU C 149 -35.37 -23.10 55.63
CA GLU C 149 -35.69 -24.32 56.39
C GLU C 149 -35.09 -25.59 55.76
N ASP C 150 -35.18 -25.72 54.42
CA ASP C 150 -34.63 -26.86 53.67
C ASP C 150 -33.09 -26.80 53.51
N GLY C 151 -32.50 -25.60 53.59
CA GLY C 151 -31.05 -25.38 53.49
C GLY C 151 -30.48 -25.19 52.09
N HIS C 152 -31.35 -25.07 51.08
CA HIS C 152 -30.94 -24.88 49.70
C HIS C 152 -30.86 -23.40 49.34
N THR C 153 -31.48 -22.53 50.14
CA THR C 153 -31.51 -21.11 49.85
C THR C 153 -30.75 -20.29 50.91
N LEU C 154 -29.87 -19.41 50.45
CA LEU C 154 -29.09 -18.52 51.32
C LEU C 154 -29.32 -17.04 50.92
N THR C 155 -30.02 -16.30 51.80
CA THR C 155 -30.34 -14.88 51.58
C THR C 155 -29.23 -14.07 52.19
N MET C 156 -28.55 -13.28 51.34
CA MET C 156 -27.40 -12.48 51.72
C MET C 156 -27.70 -10.98 51.66
N HIS C 157 -27.52 -10.30 52.80
CA HIS C 157 -27.75 -8.87 52.95
C HIS C 157 -26.42 -8.13 52.87
N LEU C 158 -26.33 -7.17 51.94
CA LEU C 158 -25.12 -6.39 51.71
C LEU C 158 -25.06 -5.14 52.56
N VAL C 159 -23.85 -4.65 52.86
CA VAL C 159 -23.62 -3.35 53.50
C VAL C 159 -24.37 -2.31 52.61
N LYS C 160 -25.22 -1.47 53.23
CA LYS C 160 -26.10 -0.55 52.51
C LYS C 160 -25.66 0.91 52.63
N GLY C 161 -25.49 1.55 51.47
CA GLY C 161 -25.06 2.94 51.39
C GLY C 161 -23.55 3.14 51.30
N ALA C 162 -22.77 2.05 51.28
CA ALA C 162 -21.33 2.15 51.11
C ALA C 162 -21.01 2.58 49.65
N LYS C 163 -19.90 3.30 49.46
CA LYS C 163 -19.48 3.77 48.16
C LYS C 163 -18.09 3.24 47.85
N TRP C 164 -17.73 3.18 46.55
CA TRP C 164 -16.37 2.89 46.06
C TRP C 164 -15.54 4.13 46.38
N SER C 165 -14.20 4.02 46.29
CA SER C 165 -13.26 5.10 46.62
C SER C 165 -13.44 6.36 45.76
N ASP C 166 -14.16 6.27 44.64
CA ASP C 166 -14.45 7.38 43.73
C ASP C 166 -15.84 8.00 44.02
N GLY C 167 -16.55 7.46 45.03
CA GLY C 167 -17.86 7.96 45.43
C GLY C 167 -19.07 7.30 44.79
N GLU C 168 -18.84 6.39 43.84
CA GLU C 168 -19.91 5.62 43.18
C GLU C 168 -20.44 4.56 44.15
N ALA C 169 -21.75 4.35 44.17
CA ALA C 169 -22.38 3.38 45.08
C ALA C 169 -21.97 1.93 44.86
N PHE C 170 -21.74 1.23 45.96
CA PHE C 170 -21.50 -0.20 45.95
C PHE C 170 -22.86 -0.85 46.21
N ASN C 171 -23.22 -1.88 45.42
CA ASN C 171 -24.50 -2.59 45.57
C ASN C 171 -24.47 -3.97 44.91
N ALA C 172 -25.64 -4.64 44.81
CA ALA C 172 -25.79 -6.00 44.28
C ALA C 172 -25.37 -6.15 42.82
N ASP C 173 -25.35 -5.03 42.06
CA ASP C 173 -24.92 -5.00 40.67
C ASP C 173 -23.43 -5.31 40.52
N ASP C 174 -22.62 -4.96 41.55
CA ASP C 174 -21.18 -5.27 41.59
C ASP C 174 -20.99 -6.75 41.87
N VAL C 175 -21.84 -7.31 42.76
CA VAL C 175 -21.86 -8.72 43.17
C VAL C 175 -22.32 -9.63 42.00
N MET C 176 -23.37 -9.18 41.26
CA MET C 176 -23.92 -9.89 40.09
C MET C 176 -22.99 -9.84 38.89
N PHE C 177 -22.29 -8.68 38.67
CA PHE C 177 -21.34 -8.56 37.56
C PHE C 177 -20.17 -9.52 37.79
N TYR C 178 -19.71 -9.64 39.04
CA TYR C 178 -18.64 -10.56 39.37
C TYR C 178 -19.06 -12.03 39.15
N TRP C 179 -20.26 -12.41 39.62
CA TRP C 179 -20.78 -13.76 39.50
C TRP C 179 -21.01 -14.19 38.04
N GLU C 180 -21.81 -13.42 37.31
CA GLU C 180 -22.15 -13.71 35.92
C GLU C 180 -21.02 -13.53 34.93
N ASP C 181 -20.30 -12.39 35.01
CA ASP C 181 -19.35 -12.06 33.97
C ASP C 181 -17.90 -12.31 34.32
N ALA C 182 -17.59 -12.81 35.52
CA ALA C 182 -16.23 -13.18 35.85
C ALA C 182 -16.12 -14.66 36.24
N VAL C 183 -17.04 -15.15 37.12
CA VAL C 183 -17.08 -16.54 37.62
C VAL C 183 -17.76 -17.47 36.61
N VAL C 184 -19.03 -17.20 36.26
CA VAL C 184 -19.83 -18.00 35.33
C VAL C 184 -19.25 -17.90 33.91
N ASP C 185 -18.75 -16.71 33.48
CA ASP C 185 -18.13 -16.54 32.17
C ASP C 185 -16.89 -17.47 32.06
N PRO C 186 -16.86 -18.47 31.13
CA PRO C 186 -15.71 -19.41 31.10
C PRO C 186 -14.39 -18.83 30.59
N ASN C 187 -14.43 -17.67 29.93
CA ASN C 187 -13.30 -16.97 29.34
C ASN C 187 -12.57 -16.03 30.30
N VAL C 188 -13.09 -15.90 31.53
CA VAL C 188 -12.56 -15.06 32.60
C VAL C 188 -12.11 -15.96 33.74
N SER C 189 -10.95 -15.67 34.29
CA SER C 189 -10.41 -16.39 35.44
C SER C 189 -9.98 -15.40 36.51
N PRO C 190 -10.80 -15.13 37.56
CA PRO C 190 -10.35 -14.20 38.64
C PRO C 190 -9.06 -14.64 39.34
N LEU C 191 -8.31 -13.67 39.91
CA LEU C 191 -7.03 -13.90 40.61
C LEU C 191 -7.15 -14.95 41.73
N GLY C 192 -6.15 -15.83 41.82
CA GLY C 192 -6.13 -16.89 42.81
C GLY C 192 -6.29 -18.28 42.24
N GLY C 193 -6.78 -18.37 41.01
CA GLY C 193 -6.98 -19.62 40.27
C GLY C 193 -8.06 -20.57 40.77
N GLY C 194 -8.96 -20.10 41.65
CA GLY C 194 -10.02 -20.96 42.20
C GLY C 194 -11.44 -20.43 42.13
N ALA C 195 -11.69 -19.44 41.27
CA ALA C 195 -13.03 -18.86 41.17
C ALA C 195 -13.85 -19.39 39.96
N SER C 196 -14.08 -20.70 39.97
CA SER C 196 -14.89 -21.40 38.98
C SER C 196 -16.32 -21.53 39.56
N PRO C 197 -17.39 -21.70 38.74
CA PRO C 197 -18.75 -21.81 39.34
C PRO C 197 -18.96 -22.99 40.29
N GLU C 198 -18.28 -24.15 40.03
CA GLU C 198 -18.38 -25.38 40.82
C GLU C 198 -17.66 -25.30 42.17
N ALA C 199 -16.84 -24.23 42.38
CA ALA C 199 -16.14 -23.92 43.63
C ALA C 199 -17.16 -23.51 44.71
N PHE C 200 -18.34 -23.05 44.27
CA PHE C 200 -19.48 -22.62 45.08
C PHE C 200 -20.56 -23.69 45.05
N GLY C 201 -20.20 -24.86 44.52
CA GLY C 201 -21.05 -26.04 44.38
C GLY C 201 -21.52 -26.25 42.95
N GLU C 202 -21.56 -27.52 42.51
CA GLU C 202 -22.05 -27.90 41.19
C GLU C 202 -23.55 -27.58 41.14
N GLY C 203 -23.97 -26.78 40.16
CA GLY C 203 -25.36 -26.37 39.98
C GLY C 203 -25.83 -25.18 40.82
N THR C 204 -24.90 -24.51 41.54
CA THR C 204 -25.22 -23.34 42.37
C THR C 204 -25.59 -22.13 41.50
N THR C 205 -26.69 -21.46 41.85
CA THR C 205 -27.10 -20.23 41.18
C THR C 205 -27.06 -19.06 42.20
N LEU C 206 -26.94 -17.84 41.67
CA LEU C 206 -26.96 -16.61 42.44
C LEU C 206 -27.86 -15.61 41.70
N LYS C 207 -28.84 -15.04 42.42
CA LYS C 207 -29.75 -14.05 41.83
C LYS C 207 -29.88 -12.80 42.71
N LYS C 208 -30.15 -11.67 42.07
CA LYS C 208 -30.37 -10.40 42.72
C LYS C 208 -31.83 -10.34 43.20
N ILE C 209 -32.04 -9.97 44.48
CA ILE C 209 -33.35 -9.79 45.09
C ILE C 209 -33.71 -8.29 44.99
N ASP C 210 -32.77 -7.43 45.38
CA ASP C 210 -32.84 -5.97 45.28
C ASP C 210 -31.40 -5.42 45.27
N ASP C 211 -31.20 -4.09 45.29
CA ASP C 211 -29.86 -3.47 45.27
C ASP C 211 -28.95 -3.83 46.46
N TYR C 212 -29.48 -4.43 47.55
CA TYR C 212 -28.68 -4.80 48.72
C TYR C 212 -28.96 -6.21 49.22
N THR C 213 -29.59 -7.03 48.37
CA THR C 213 -29.97 -8.42 48.71
C THR C 213 -29.74 -9.38 47.56
N VAL C 214 -29.03 -10.47 47.85
CA VAL C 214 -28.75 -11.52 46.86
C VAL C 214 -29.18 -12.86 47.43
N GLU C 215 -29.42 -13.82 46.55
CA GLU C 215 -29.88 -15.14 46.94
C GLU C 215 -29.15 -16.26 46.22
N TRP C 216 -28.55 -17.16 47.01
CA TRP C 216 -27.85 -18.34 46.53
C TRP C 216 -28.79 -19.52 46.60
N THR C 217 -28.73 -20.41 45.59
CA THR C 217 -29.48 -21.66 45.54
C THR C 217 -28.45 -22.79 45.37
N PHE C 218 -28.44 -23.72 46.34
CA PHE C 218 -27.53 -24.85 46.36
C PHE C 218 -28.26 -26.17 46.18
N LYS C 219 -27.63 -27.15 45.51
CA LYS C 219 -28.18 -28.50 45.30
C LYS C 219 -28.21 -29.27 46.64
N ALA C 220 -27.14 -29.10 47.46
CA ALA C 220 -27.00 -29.71 48.79
C ALA C 220 -27.69 -28.87 49.85
N ALA C 221 -28.05 -29.50 50.99
CA ALA C 221 -28.69 -28.81 52.10
C ALA C 221 -27.63 -28.38 53.11
N PHE C 222 -27.65 -27.07 53.44
CA PHE C 222 -26.74 -26.35 54.34
C PHE C 222 -25.23 -26.57 54.00
N PRO C 223 -24.76 -26.28 52.76
CA PRO C 223 -23.32 -26.41 52.47
C PRO C 223 -22.59 -25.14 52.93
N LYS C 224 -22.56 -24.95 54.26
CA LYS C 224 -22.03 -23.78 54.98
C LYS C 224 -20.55 -23.47 54.69
N GLN C 225 -19.79 -24.46 54.18
CA GLN C 225 -18.38 -24.34 53.79
C GLN C 225 -18.16 -23.32 52.64
N TYR C 226 -19.21 -23.08 51.82
CA TYR C 226 -19.17 -22.15 50.68
C TYR C 226 -19.11 -20.68 51.12
N LEU C 227 -19.39 -20.41 52.42
CA LEU C 227 -19.24 -19.07 53.02
C LEU C 227 -17.74 -18.71 53.14
N TYR C 228 -16.87 -19.73 53.25
CA TYR C 228 -15.41 -19.54 53.25
C TYR C 228 -14.92 -19.19 51.84
N THR C 229 -15.54 -19.80 50.80
CA THR C 229 -15.27 -19.56 49.37
C THR C 229 -15.62 -18.08 48.99
N MET C 230 -16.56 -17.48 49.75
CA MET C 230 -17.06 -16.09 49.61
C MET C 230 -16.06 -15.05 50.16
N ALA C 231 -15.03 -15.51 50.88
CA ALA C 231 -13.93 -14.70 51.35
C ALA C 231 -12.84 -14.63 50.23
N TYR C 232 -11.64 -14.20 50.61
CA TYR C 232 -10.50 -14.05 49.73
C TYR C 232 -9.90 -15.44 49.37
N PRO C 233 -9.49 -15.67 48.10
CA PRO C 233 -9.52 -14.75 46.95
C PRO C 233 -10.72 -14.87 45.98
N SER C 234 -11.60 -15.86 46.17
CA SER C 234 -12.63 -16.27 45.21
C SER C 234 -13.93 -15.44 45.14
N PHE C 235 -14.23 -14.51 46.08
CA PHE C 235 -15.43 -13.66 45.88
C PHE C 235 -15.14 -12.21 46.29
N CYS C 236 -14.34 -11.55 45.47
CA CYS C 236 -13.99 -10.17 45.73
C CYS C 236 -14.36 -9.28 44.53
N PRO C 237 -15.59 -8.70 44.60
CA PRO C 237 -16.10 -7.91 43.46
C PRO C 237 -15.29 -6.65 43.08
N GLY C 238 -15.23 -6.40 41.77
CA GLY C 238 -14.55 -5.24 41.18
C GLY C 238 -15.55 -4.11 40.89
N PRO C 239 -15.06 -2.87 40.63
CA PRO C 239 -16.01 -1.77 40.34
C PRO C 239 -16.69 -1.92 38.97
N SER C 240 -17.92 -2.47 38.96
CA SER C 240 -18.69 -2.75 37.74
C SER C 240 -18.92 -1.50 36.86
N HIS C 241 -19.09 -0.30 37.47
CA HIS C 241 -19.29 0.96 36.74
C HIS C 241 -18.11 1.34 35.82
N ILE C 242 -16.93 0.80 36.12
CA ILE C 242 -15.66 0.97 35.43
C ILE C 242 -15.38 -0.27 34.54
N LEU C 243 -15.53 -1.49 35.10
CA LEU C 243 -15.21 -2.75 34.42
C LEU C 243 -16.23 -3.25 33.37
N LYS C 244 -17.55 -3.13 33.65
CA LYS C 244 -18.60 -3.61 32.74
C LYS C 244 -18.53 -2.99 31.34
N PRO C 245 -18.28 -1.66 31.17
CA PRO C 245 -18.17 -1.12 29.80
C PRO C 245 -17.00 -1.68 28.98
N GLN C 246 -16.03 -2.35 29.66
CA GLN C 246 -14.82 -2.93 29.06
C GLN C 246 -14.97 -4.43 28.76
N HIS C 247 -15.97 -5.10 29.36
CA HIS C 247 -16.21 -6.54 29.21
C HIS C 247 -16.67 -6.89 27.75
N PRO C 248 -16.14 -8.00 27.16
CA PRO C 248 -16.51 -8.38 25.78
C PRO C 248 -17.99 -8.57 25.45
N LYS C 249 -18.81 -8.88 26.47
CA LYS C 249 -20.25 -9.05 26.31
C LYS C 249 -20.97 -7.73 26.00
N TYR C 250 -20.40 -6.59 26.44
CA TYR C 250 -21.00 -5.26 26.33
C TYR C 250 -20.14 -4.27 25.54
N SER C 251 -19.15 -4.78 24.79
CA SER C 251 -18.22 -3.96 24.02
C SER C 251 -17.57 -4.75 22.88
N LYS C 252 -16.66 -4.08 22.13
CA LYS C 252 -15.92 -4.69 21.02
C LYS C 252 -14.56 -5.24 21.47
N ASN C 253 -14.28 -5.16 22.78
CA ASN C 253 -13.04 -5.67 23.37
C ASN C 253 -13.00 -7.17 23.35
N THR C 254 -11.79 -7.73 23.18
CA THR C 254 -11.55 -9.17 23.28
C THR C 254 -11.39 -9.41 24.79
N TYR C 255 -11.32 -10.67 25.24
CA TYR C 255 -11.12 -11.00 26.66
C TYR C 255 -9.77 -10.53 27.16
N ASN C 256 -8.74 -10.57 26.28
CA ASN C 256 -7.38 -10.11 26.57
C ASN C 256 -7.33 -8.59 26.79
N GLN C 257 -8.03 -7.84 25.93
CA GLN C 257 -8.17 -6.37 26.00
C GLN C 257 -8.90 -5.95 27.29
N PHE C 258 -9.95 -6.70 27.69
CA PHE C 258 -10.70 -6.45 28.93
C PHE C 258 -9.78 -6.70 30.15
N LYS C 259 -9.03 -7.81 30.13
CA LYS C 259 -8.09 -8.17 31.19
C LYS C 259 -7.01 -7.09 31.36
N ASN C 260 -6.56 -6.47 30.26
CA ASN C 260 -5.50 -5.48 30.24
C ASN C 260 -5.96 -4.02 30.07
N ALA C 261 -7.26 -3.74 30.28
CA ALA C 261 -7.84 -2.40 30.11
C ALA C 261 -7.36 -1.34 31.15
N PHE C 262 -6.90 -1.79 32.32
CA PHE C 262 -6.42 -0.91 33.41
C PHE C 262 -4.97 -1.27 33.81
N PRO C 263 -3.97 -0.77 33.04
CA PRO C 263 -2.57 -1.08 33.34
C PRO C 263 -2.08 -0.43 34.65
N PRO C 264 -0.88 -0.79 35.19
CA PRO C 264 -0.45 -0.20 36.47
C PRO C 264 -0.33 1.33 36.49
N GLU C 265 -0.17 1.97 35.31
CA GLU C 265 -0.07 3.42 35.12
C GLU C 265 -1.42 4.12 35.30
N TYR C 266 -2.53 3.37 35.24
CA TYR C 266 -3.88 3.87 35.47
C TYR C 266 -3.98 4.14 36.97
N MET C 267 -4.20 5.41 37.33
CA MET C 267 -4.25 5.85 38.73
C MET C 267 -5.65 5.88 39.32
N ASN C 268 -5.71 5.71 40.66
CA ASN C 268 -6.89 5.83 41.52
C ASN C 268 -8.04 4.91 41.16
N MET C 269 -7.71 3.64 40.82
CA MET C 269 -8.67 2.60 40.51
C MET C 269 -9.64 2.47 41.68
N PRO C 270 -11.00 2.50 41.44
CA PRO C 270 -11.95 2.43 42.56
C PRO C 270 -11.88 1.09 43.28
N VAL C 271 -11.82 1.17 44.61
CA VAL C 271 -11.68 0.03 45.52
C VAL C 271 -12.70 0.12 46.67
N MET C 272 -12.88 -1.01 47.39
CA MET C 272 -13.68 -1.07 48.60
C MET C 272 -12.73 -1.13 49.81
N GLY C 273 -11.42 -1.24 49.54
CA GLY C 273 -10.33 -1.34 50.52
C GLY C 273 -9.95 -0.06 51.23
N ALA C 274 -9.15 -0.18 52.33
CA ALA C 274 -8.72 0.91 53.20
C ALA C 274 -7.85 1.98 52.52
N TRP C 275 -7.07 1.60 51.50
CA TRP C 275 -6.20 2.50 50.73
C TRP C 275 -6.41 2.34 49.22
N VAL C 276 -6.14 3.40 48.47
CA VAL C 276 -6.30 3.46 47.00
C VAL C 276 -4.92 3.61 46.33
N PRO C 277 -4.61 2.93 45.21
CA PRO C 277 -3.32 3.19 44.54
C PRO C 277 -3.29 4.59 43.90
N VAL C 278 -2.31 5.43 44.29
CA VAL C 278 -2.22 6.83 43.80
C VAL C 278 -0.97 7.11 42.96
N SER C 279 0.07 6.28 43.08
CA SER C 279 1.35 6.46 42.42
C SER C 279 2.02 5.12 42.12
N TYR C 280 2.72 5.08 40.95
CA TYR C 280 3.44 3.91 40.49
C TYR C 280 4.68 4.24 39.67
N ARG C 281 5.81 3.64 40.04
CA ARG C 281 7.06 3.71 39.28
C ARG C 281 7.51 2.27 39.00
N PRO C 282 7.63 1.85 37.71
CA PRO C 282 8.05 0.47 37.40
C PRO C 282 9.32 -0.02 38.08
N ASP C 283 9.26 -1.25 38.66
CA ASP C 283 10.35 -1.93 39.40
C ASP C 283 10.87 -1.14 40.59
N ASP C 284 10.08 -0.16 41.06
CA ASP C 284 10.44 0.68 42.19
C ASP C 284 9.39 0.61 43.31
N LEU C 285 8.22 1.29 43.15
CA LEU C 285 7.18 1.29 44.18
C LEU C 285 5.76 1.58 43.70
N ILE C 286 4.80 1.25 44.59
CA ILE C 286 3.39 1.57 44.50
C ILE C 286 3.04 2.30 45.81
N VAL C 287 2.43 3.49 45.69
CA VAL C 287 1.96 4.26 46.86
C VAL C 287 0.43 4.21 46.90
N LEU C 288 -0.13 3.92 48.10
CA LEU C 288 -1.58 3.93 48.32
C LEU C 288 -1.90 4.99 49.39
N ARG C 289 -2.95 5.76 49.18
CA ARG C 289 -3.39 6.76 50.15
C ARG C 289 -4.75 6.32 50.64
N ARG C 290 -5.06 6.65 51.91
CA ARG C 290 -6.32 6.33 52.60
C ARG C 290 -7.56 6.60 51.73
N ASN C 291 -8.47 5.62 51.71
CA ASN C 291 -9.73 5.69 50.99
C ASN C 291 -10.72 6.54 51.80
N PRO C 292 -11.11 7.75 51.31
CA PRO C 292 -12.06 8.58 52.08
C PRO C 292 -13.47 8.01 52.20
N TYR C 293 -13.82 7.03 51.36
CA TYR C 293 -15.11 6.37 51.36
C TYR C 293 -15.10 5.02 52.09
N TYR C 294 -14.02 4.73 52.85
CA TYR C 294 -13.92 3.49 53.61
C TYR C 294 -15.06 3.38 54.60
N TRP C 295 -15.66 2.21 54.59
CA TRP C 295 -16.91 1.88 55.25
C TRP C 295 -16.74 1.21 56.61
N LYS C 296 -15.52 1.25 57.16
CA LYS C 296 -15.21 0.69 58.48
C LYS C 296 -14.76 1.80 59.45
N VAL C 297 -15.24 1.71 60.70
CA VAL C 297 -14.98 2.67 61.76
C VAL C 297 -14.65 1.91 63.05
N ASP C 298 -14.06 2.62 64.03
CA ASP C 298 -13.88 2.05 65.36
C ASP C 298 -15.13 2.44 66.20
N GLU C 299 -15.20 1.93 67.45
CA GLU C 299 -16.29 2.18 68.41
C GLU C 299 -16.53 3.63 68.75
N LYS C 300 -15.49 4.47 68.68
CA LYS C 300 -15.52 5.91 68.98
C LYS C 300 -16.03 6.70 67.76
N GLY C 301 -16.27 6.00 66.64
CA GLY C 301 -16.73 6.59 65.40
C GLY C 301 -15.63 7.07 64.48
N GLN C 302 -14.34 6.76 64.81
CA GLN C 302 -13.22 7.20 63.97
C GLN C 302 -13.17 6.35 62.71
N GLN C 303 -13.24 7.01 61.54
CA GLN C 303 -13.20 6.31 60.25
C GLN C 303 -11.83 5.70 60.03
N LEU C 304 -11.82 4.41 59.66
CA LEU C 304 -10.58 3.70 59.41
C LEU C 304 -10.13 3.91 57.94
N PRO C 305 -8.84 3.66 57.59
CA PRO C 305 -7.74 3.17 58.44
C PRO C 305 -7.14 4.26 59.35
N TYR C 306 -6.31 3.88 60.33
CA TYR C 306 -5.56 4.84 61.16
C TYR C 306 -4.33 5.33 60.36
N LEU C 307 -3.69 4.38 59.62
CA LEU C 307 -2.52 4.61 58.76
C LEU C 307 -2.94 5.35 57.52
N ASN C 308 -2.27 6.46 57.20
CA ASN C 308 -2.72 7.26 56.04
C ASN C 308 -2.20 6.78 54.70
N GLU C 309 -1.02 6.18 54.74
CA GLU C 309 -0.29 5.77 53.58
C GLU C 309 0.22 4.35 53.71
N VAL C 310 0.32 3.64 52.56
CA VAL C 310 0.87 2.29 52.41
C VAL C 310 1.82 2.30 51.21
N HIS C 311 3.02 1.74 51.40
CA HIS C 311 4.04 1.58 50.35
C HIS C 311 4.21 0.12 50.02
N TYR C 312 4.40 -0.15 48.71
CA TYR C 312 4.76 -1.46 48.18
C TYR C 312 6.02 -1.27 47.37
N LYS C 313 7.17 -1.56 48.02
CA LYS C 313 8.47 -1.50 47.36
C LYS C 313 8.64 -2.74 46.50
N LEU C 314 8.94 -2.53 45.22
CA LEU C 314 9.07 -3.61 44.23
C LEU C 314 10.49 -4.11 44.19
N SER C 315 10.73 -5.18 44.95
CA SER C 315 12.05 -5.79 45.12
C SER C 315 12.02 -7.33 44.93
N THR C 316 12.48 -8.08 45.94
CA THR C 316 12.49 -9.55 45.93
C THR C 316 11.86 -10.02 47.22
N TRP C 317 11.46 -11.30 47.29
CA TRP C 317 10.89 -11.88 48.51
C TRP C 317 11.93 -11.97 49.63
N ALA C 318 13.22 -12.25 49.28
CA ALA C 318 14.33 -12.30 50.25
C ALA C 318 14.58 -10.90 50.85
N ASP C 319 14.51 -9.84 49.99
CA ASP C 319 14.69 -8.47 50.40
C ASP C 319 13.59 -7.99 51.38
N ARG C 320 12.38 -8.59 51.34
CA ARG C 320 11.33 -8.30 52.31
C ARG C 320 11.79 -8.70 53.75
N ASP C 321 12.48 -9.85 53.89
CA ASP C 321 13.05 -10.30 55.17
C ASP C 321 14.20 -9.37 55.60
N VAL C 322 15.05 -8.97 54.64
CA VAL C 322 16.20 -8.07 54.81
C VAL C 322 15.75 -6.69 55.34
N GLN C 323 14.80 -6.06 54.63
CA GLN C 323 14.26 -4.74 54.95
C GLN C 323 13.46 -4.71 56.24
N ALA C 324 12.76 -5.81 56.59
CA ALA C 324 12.01 -5.86 57.85
C ALA C 324 12.91 -5.93 59.08
N VAL C 325 14.03 -6.67 59.02
CA VAL C 325 14.97 -6.73 60.15
C VAL C 325 15.87 -5.46 60.20
N ALA C 326 16.09 -4.79 59.06
CA ALA C 326 16.85 -3.54 58.96
C ALA C 326 16.01 -2.33 59.41
N GLY C 327 14.69 -2.42 59.27
CA GLY C 327 13.77 -1.35 59.69
C GLY C 327 13.25 -0.42 58.60
N SER C 328 13.55 -0.72 57.30
CA SER C 328 13.06 0.06 56.15
C SER C 328 11.74 -0.51 55.61
N GLY C 329 11.47 -1.75 55.99
CA GLY C 329 10.24 -2.48 55.74
C GLY C 329 9.61 -2.76 57.09
N ASP C 330 8.29 -2.74 57.16
CA ASP C 330 7.55 -2.89 58.41
C ASP C 330 6.96 -4.26 58.68
N PHE C 331 6.96 -5.11 57.66
CA PHE C 331 6.30 -6.38 57.70
C PHE C 331 7.02 -7.41 56.83
N SER C 332 7.05 -8.66 57.32
CA SER C 332 7.51 -9.80 56.55
C SER C 332 6.90 -11.11 57.04
N ASN C 333 6.67 -12.02 56.09
CA ASN C 333 6.31 -13.41 56.34
C ASN C 333 7.61 -14.17 56.05
N LEU C 334 8.36 -14.52 57.12
CA LEU C 334 9.61 -15.26 57.04
C LEU C 334 9.21 -16.73 56.77
N GLU C 335 9.27 -17.10 55.50
CA GLU C 335 8.76 -18.36 54.97
C GLU C 335 9.76 -19.17 54.14
N GLN C 336 10.97 -18.68 54.01
CA GLN C 336 12.03 -19.32 53.26
C GLN C 336 13.09 -19.78 54.27
N PRO C 337 13.18 -21.10 54.58
CA PRO C 337 14.13 -21.58 55.60
C PRO C 337 15.59 -21.13 55.45
N GLU C 338 16.02 -20.82 54.20
CA GLU C 338 17.38 -20.33 53.87
C GLU C 338 17.60 -18.93 54.40
N ASN C 339 16.53 -18.25 54.84
CA ASN C 339 16.61 -16.91 55.40
C ASN C 339 16.42 -16.88 56.93
N PHE C 340 16.09 -18.04 57.54
CA PHE C 340 15.79 -18.20 58.97
C PHE C 340 16.92 -17.81 59.90
N VAL C 341 18.13 -18.35 59.70
CA VAL C 341 19.30 -18.12 60.58
C VAL C 341 19.76 -16.66 60.51
N ALA C 342 19.90 -16.09 59.31
CA ALA C 342 20.30 -14.69 59.09
C ALA C 342 19.33 -13.71 59.76
N SER C 343 18.02 -13.97 59.67
CA SER C 343 16.94 -13.18 60.29
C SER C 343 16.93 -13.30 61.79
N LEU C 344 17.09 -14.53 62.33
CA LEU C 344 17.13 -14.82 63.76
C LEU C 344 18.32 -14.16 64.46
N LYS C 345 19.49 -14.10 63.77
CA LYS C 345 20.72 -13.47 64.27
C LYS C 345 20.49 -11.97 64.42
N ARG C 346 19.80 -11.36 63.44
CA ARG C 346 19.49 -9.94 63.51
C ARG C 346 18.42 -9.64 64.59
N ALA C 347 17.39 -10.47 64.66
CA ALA C 347 16.30 -10.34 65.63
C ALA C 347 16.77 -10.58 67.09
N ALA C 348 17.95 -11.25 67.26
CA ALA C 348 18.61 -11.53 68.54
C ALA C 348 19.08 -10.25 69.24
N ASP C 349 19.35 -9.19 68.45
CA ASP C 349 19.78 -7.90 68.94
C ASP C 349 18.59 -7.18 69.63
N PRO C 350 18.72 -6.74 70.91
CA PRO C 350 17.60 -6.02 71.55
C PRO C 350 17.32 -4.65 70.90
N ASN C 351 18.27 -4.11 70.13
CA ASN C 351 18.13 -2.86 69.38
C ASN C 351 17.41 -3.06 68.03
N ALA C 352 17.10 -4.34 67.64
CA ALA C 352 16.38 -4.68 66.41
C ALA C 352 15.05 -3.90 66.29
N PRO C 353 14.77 -3.28 65.12
CA PRO C 353 13.54 -2.47 64.98
C PRO C 353 12.26 -3.29 64.84
N ALA C 354 12.42 -4.63 64.67
CA ALA C 354 11.28 -5.52 64.48
C ALA C 354 11.35 -6.71 65.40
N ARG C 355 10.17 -7.27 65.65
CA ARG C 355 9.95 -8.45 66.49
C ARG C 355 9.60 -9.63 65.55
N LEU C 356 10.06 -10.82 65.92
CA LEU C 356 9.92 -12.05 65.14
C LEU C 356 9.27 -13.16 65.99
N ALA C 357 8.23 -13.81 65.44
CA ALA C 357 7.57 -14.92 66.15
C ALA C 357 7.18 -16.07 65.23
N PHE C 358 7.69 -17.26 65.55
CA PHE C 358 7.37 -18.49 64.81
C PHE C 358 6.00 -19.03 65.22
N GLY C 359 5.31 -19.67 64.29
CA GLY C 359 3.99 -20.25 64.53
C GLY C 359 3.99 -21.74 64.26
N PRO C 360 2.83 -22.40 64.06
CA PRO C 360 2.83 -23.86 63.78
C PRO C 360 3.36 -24.23 62.39
N ARG C 361 3.67 -25.51 62.14
CA ARG C 361 4.15 -25.99 60.83
C ARG C 361 3.02 -26.00 59.80
N LEU C 362 2.82 -24.86 59.14
CA LEU C 362 1.72 -24.67 58.19
C LEU C 362 2.19 -24.33 56.78
N ILE C 363 3.51 -24.29 56.54
CA ILE C 363 4.12 -24.05 55.23
C ILE C 363 4.59 -25.39 54.64
N GLY C 364 3.86 -25.85 53.63
CA GLY C 364 4.16 -27.10 52.97
C GLY C 364 4.43 -26.94 51.50
N TYR C 365 5.21 -27.86 50.97
CA TYR C 365 5.55 -27.93 49.55
C TYR C 365 5.23 -29.29 49.00
N ASN C 366 4.65 -29.29 47.82
CA ASN C 366 4.29 -30.52 47.13
C ASN C 366 4.79 -30.53 45.73
N LEU C 367 5.10 -31.73 45.22
CA LEU C 367 5.36 -32.01 43.84
C LEU C 367 3.96 -32.39 43.30
N GLN C 368 3.49 -31.67 42.29
CA GLN C 368 2.19 -31.88 41.65
C GLN C 368 2.40 -32.37 40.23
N MET C 369 1.79 -33.50 39.91
CA MET C 369 1.88 -34.15 38.60
C MET C 369 0.56 -33.91 37.87
N ASN C 370 0.63 -33.50 36.59
CA ASN C 370 -0.58 -33.29 35.78
C ASN C 370 -1.24 -34.65 35.50
N PHE C 371 -2.47 -34.83 35.99
CA PHE C 371 -3.24 -36.08 35.88
C PHE C 371 -4.19 -36.16 34.67
N SER C 372 -4.28 -35.09 33.85
CA SER C 372 -5.16 -35.08 32.68
C SER C 372 -4.56 -35.78 31.46
N ALA C 373 -5.20 -36.88 31.02
CA ALA C 373 -4.79 -37.61 29.82
C ALA C 373 -5.76 -37.26 28.68
N ASN C 374 -6.71 -36.34 28.94
CA ASN C 374 -7.74 -35.93 27.99
C ASN C 374 -7.52 -34.53 27.37
N GLY C 375 -6.28 -34.06 27.36
CA GLY C 375 -5.92 -32.82 26.67
C GLY C 375 -5.77 -31.50 27.39
N TRP C 376 -5.76 -31.48 28.75
CA TRP C 376 -5.56 -30.24 29.48
C TRP C 376 -4.13 -29.71 29.20
N GLY C 377 -4.07 -28.51 28.65
CA GLY C 377 -2.81 -27.88 28.24
C GLY C 377 -2.32 -28.26 26.86
N ASN C 378 -3.19 -28.96 26.08
CA ASN C 378 -2.99 -29.48 24.72
C ASN C 378 -1.58 -30.11 24.53
N PRO C 379 -1.25 -31.22 25.25
CA PRO C 379 0.10 -31.80 25.12
C PRO C 379 0.41 -32.48 23.80
N ASP C 380 1.72 -32.54 23.49
CA ASP C 380 2.25 -33.24 22.34
C ASP C 380 2.43 -34.73 22.73
N GLU C 381 3.09 -35.52 21.87
CA GLU C 381 3.37 -36.94 22.08
C GLU C 381 4.18 -37.18 23.38
N ARG C 382 5.16 -36.29 23.64
CA ARG C 382 6.03 -36.37 24.81
C ARG C 382 5.28 -36.10 26.10
N GLY C 383 4.49 -35.01 26.10
CA GLY C 383 3.66 -34.59 27.22
C GLY C 383 2.64 -35.64 27.62
N GLN C 384 1.93 -36.21 26.60
CA GLN C 384 0.92 -37.26 26.75
C GLN C 384 1.46 -38.54 27.40
N ALA C 385 2.70 -38.96 27.06
CA ALA C 385 3.37 -40.11 27.67
C ALA C 385 3.66 -39.84 29.17
N ILE C 386 4.00 -38.59 29.52
CA ILE C 386 4.27 -38.21 30.92
C ILE C 386 2.96 -38.20 31.71
N ARG C 387 1.84 -37.74 31.10
CA ARG C 387 0.51 -37.77 31.74
C ARG C 387 0.17 -39.21 32.11
N GLU C 388 0.40 -40.19 31.16
CA GLU C 388 0.16 -41.62 31.33
C GLU C 388 1.06 -42.24 32.41
N LEU C 389 2.33 -41.80 32.51
CA LEU C 389 3.25 -42.23 33.58
C LEU C 389 2.73 -41.68 34.93
N ASN C 390 2.33 -40.38 34.99
CA ASN C 390 1.80 -39.73 36.22
C ASN C 390 0.59 -40.44 36.77
N ARG C 391 -0.29 -40.91 35.86
CA ARG C 391 -1.51 -41.64 36.13
C ARG C 391 -1.29 -43.08 36.63
N ASN C 392 -0.08 -43.63 36.43
CA ASN C 392 0.30 -44.96 36.88
C ASN C 392 0.73 -44.89 38.36
N GLU C 393 0.04 -45.66 39.25
CA GLU C 393 0.32 -45.64 40.70
C GLU C 393 1.73 -46.15 41.08
N VAL C 394 2.25 -47.16 40.37
CA VAL C 394 3.59 -47.74 40.58
C VAL C 394 4.67 -46.67 40.32
N PHE C 395 4.48 -45.84 39.28
CA PHE C 395 5.36 -44.72 38.92
C PHE C 395 5.40 -43.67 40.03
N ARG C 396 4.22 -43.32 40.61
CA ARG C 396 4.08 -42.36 41.71
C ARG C 396 4.75 -42.88 42.98
N GLN C 397 4.58 -44.20 43.27
CA GLN C 397 5.16 -44.86 44.45
C GLN C 397 6.69 -44.87 44.33
N ALA C 398 7.20 -45.03 43.07
CA ALA C 398 8.62 -45.00 42.76
C ALA C 398 9.21 -43.60 43.00
N VAL C 399 8.55 -42.53 42.49
CA VAL C 399 8.97 -41.13 42.61
C VAL C 399 9.04 -40.67 44.10
N THR C 400 7.99 -40.99 44.89
CA THR C 400 7.90 -40.63 46.30
C THR C 400 8.92 -41.38 47.18
N SER C 401 9.19 -42.68 46.87
CA SER C 401 10.13 -43.56 47.60
C SER C 401 11.58 -43.22 47.30
N ALA C 402 11.83 -42.57 46.16
CA ALA C 402 13.16 -42.13 45.72
C ALA C 402 13.56 -40.81 46.39
N LEU C 403 12.65 -40.19 47.17
CA LEU C 403 12.95 -38.95 47.89
C LEU C 403 13.45 -39.22 49.31
N ASP C 404 14.65 -38.69 49.62
CA ASP C 404 15.25 -38.73 50.95
C ASP C 404 14.77 -37.44 51.62
N ARG C 405 13.60 -37.52 52.29
CA ARG C 405 12.92 -36.39 52.91
C ARG C 405 13.71 -35.74 54.04
N LYS C 406 14.56 -36.49 54.77
CA LYS C 406 15.41 -35.92 55.82
C LYS C 406 16.44 -34.98 55.19
N ALA C 407 17.05 -35.40 54.05
CA ALA C 407 18.04 -34.65 53.28
C ALA C 407 17.42 -33.39 52.65
N ILE C 408 16.12 -33.48 52.20
CA ILE C 408 15.34 -32.38 51.64
C ILE C 408 15.19 -31.28 52.70
N GLY C 409 14.79 -31.67 53.91
CA GLY C 409 14.63 -30.77 55.03
C GLY C 409 15.92 -30.08 55.42
N ASP C 410 17.00 -30.86 55.54
CA ASP C 410 18.35 -30.41 55.88
C ASP C 410 18.95 -29.45 54.84
N SER C 411 18.61 -29.67 53.54
CA SER C 411 19.04 -28.83 52.42
C SER C 411 18.49 -27.40 52.53
N LEU C 412 17.32 -27.23 53.19
CA LEU C 412 16.69 -25.92 53.40
C LEU C 412 17.20 -25.27 54.69
N VAL C 413 17.14 -26.02 55.83
CA VAL C 413 17.57 -25.58 57.16
C VAL C 413 17.76 -26.77 58.11
N LYS C 414 18.85 -26.74 58.90
CA LYS C 414 19.09 -27.77 59.91
C LYS C 414 18.39 -27.34 61.21
N GLY C 415 18.09 -28.28 62.08
CA GLY C 415 17.42 -27.98 63.34
C GLY C 415 15.99 -28.48 63.45
N PRO C 416 15.19 -27.95 64.40
CA PRO C 416 13.83 -28.47 64.61
C PRO C 416 12.72 -27.99 63.66
N PHE C 417 13.05 -27.14 62.68
CA PHE C 417 12.08 -26.53 61.76
C PHE C 417 11.30 -27.50 60.86
N THR C 418 12.00 -28.23 59.99
CA THR C 418 11.36 -29.11 59.02
C THR C 418 10.80 -30.40 59.65
N ALA C 419 9.76 -30.93 59.02
CA ALA C 419 9.12 -32.17 59.42
C ALA C 419 8.98 -33.06 58.17
N ILE C 420 9.07 -34.39 58.35
CA ILE C 420 8.89 -35.39 57.29
C ILE C 420 7.45 -35.22 56.79
N TYR C 421 7.33 -34.85 55.53
CA TYR C 421 6.04 -34.52 54.92
C TYR C 421 5.73 -35.38 53.69
N PRO C 422 4.89 -36.43 53.86
CA PRO C 422 4.53 -37.30 52.72
C PRO C 422 3.60 -36.65 51.70
N GLY C 423 2.84 -35.65 52.14
CA GLY C 423 1.83 -34.92 51.38
C GLY C 423 0.56 -34.82 52.20
N GLY C 424 -0.47 -34.18 51.63
CA GLY C 424 -1.78 -34.03 52.27
C GLY C 424 -1.90 -32.89 53.26
N ILE C 425 -2.87 -33.00 54.18
CA ILE C 425 -3.18 -32.04 55.25
C ILE C 425 -1.92 -31.83 56.09
N SER C 426 -1.58 -30.54 56.33
CA SER C 426 -0.46 -30.08 57.13
C SER C 426 -0.56 -30.60 58.60
N SER C 427 0.58 -31.00 59.19
CA SER C 427 0.64 -31.48 60.59
C SER C 427 0.31 -30.39 61.62
N GLY C 428 0.37 -29.12 61.21
CA GLY C 428 0.07 -27.95 62.03
C GLY C 428 -1.42 -27.67 62.26
N THR C 429 -2.34 -28.32 61.49
CA THR C 429 -3.80 -28.12 61.64
C THR C 429 -4.44 -29.22 62.51
N SER C 430 -5.52 -28.87 63.21
CA SER C 430 -6.26 -29.80 64.09
C SER C 430 -6.90 -30.98 63.33
N PHE C 431 -7.28 -30.79 62.04
CA PHE C 431 -7.90 -31.82 61.19
C PHE C 431 -6.92 -32.93 60.78
N TYR C 432 -5.61 -32.71 60.99
CA TYR C 432 -4.54 -33.66 60.72
C TYR C 432 -4.59 -34.85 61.68
N ASP C 433 -4.26 -36.03 61.16
CA ASP C 433 -4.17 -37.29 61.89
C ASP C 433 -2.96 -38.03 61.38
N ARG C 434 -1.96 -38.23 62.25
CA ARG C 434 -0.71 -38.90 61.94
C ARG C 434 -0.93 -40.37 61.54
N ALA C 435 -1.86 -41.08 62.22
CA ALA C 435 -2.18 -42.49 61.98
C ALA C 435 -2.87 -42.71 60.62
N SER C 436 -3.48 -41.64 60.05
CA SER C 436 -4.16 -41.64 58.76
C SER C 436 -3.23 -41.25 57.60
N THR C 437 -2.00 -40.81 57.90
CA THR C 437 -1.00 -40.37 56.92
C THR C 437 -0.10 -41.54 56.49
N VAL C 438 -0.11 -41.85 55.19
CA VAL C 438 0.71 -42.91 54.62
C VAL C 438 2.10 -42.33 54.28
N TYR C 439 3.15 -42.94 54.86
CA TYR C 439 4.52 -42.55 54.65
C TYR C 439 5.27 -43.65 53.87
N TYR C 440 5.86 -43.25 52.74
CA TYR C 440 6.70 -44.08 51.87
C TYR C 440 8.12 -43.73 52.27
N PRO C 441 8.79 -44.55 53.13
CA PRO C 441 10.16 -44.20 53.52
C PRO C 441 11.14 -44.24 52.33
N PHE C 442 12.32 -43.63 52.52
CA PHE C 442 13.36 -43.57 51.47
C PHE C 442 13.87 -44.97 51.12
N ASN C 443 13.54 -45.42 49.89
CA ASN C 443 13.89 -46.71 49.32
C ASN C 443 14.20 -46.53 47.83
N LEU C 444 15.44 -46.12 47.52
CA LEU C 444 15.91 -45.86 46.15
C LEU C 444 15.98 -47.13 45.29
N GLU C 445 16.49 -48.25 45.86
CA GLU C 445 16.59 -49.52 45.16
C GLU C 445 15.21 -50.08 44.77
N GLY C 446 14.26 -49.98 45.69
CA GLY C 446 12.88 -50.40 45.50
C GLY C 446 12.18 -49.57 44.44
N ALA C 447 12.53 -48.25 44.40
CA ALA C 447 12.02 -47.29 43.43
C ALA C 447 12.53 -47.60 42.01
N LYS C 448 13.85 -47.97 41.89
CA LYS C 448 14.50 -48.35 40.63
C LYS C 448 13.83 -49.62 40.08
N ALA C 449 13.56 -50.60 41.00
CA ALA C 449 12.90 -51.86 40.67
C ALA C 449 11.47 -51.63 40.18
N ALA C 450 10.74 -50.70 40.84
CA ALA C 450 9.35 -50.34 40.52
C ALA C 450 9.23 -49.79 39.10
N LEU C 451 10.17 -48.93 38.67
CA LEU C 451 10.20 -48.34 37.34
C LEU C 451 10.52 -49.37 36.26
N ALA C 452 11.43 -50.31 36.56
CA ALA C 452 11.80 -51.42 35.68
C ALA C 452 10.60 -52.33 35.46
N SER C 453 9.78 -52.52 36.52
CA SER C 453 8.57 -53.35 36.51
C SER C 453 7.45 -52.81 35.60
N ILE C 454 7.47 -51.51 35.28
CA ILE C 454 6.45 -50.91 34.41
C ILE C 454 7.00 -50.68 32.98
N GLY C 455 8.17 -51.26 32.68
CA GLY C 455 8.78 -51.23 31.36
C GLY C 455 9.74 -50.10 31.03
N LEU C 456 10.28 -49.43 32.07
CA LEU C 456 11.25 -48.33 31.90
C LEU C 456 12.66 -48.86 32.14
N LYS C 457 13.51 -48.82 31.10
CA LYS C 457 14.89 -49.32 31.20
C LYS C 457 15.89 -48.52 30.34
N ASP C 458 17.15 -48.45 30.81
CA ASP C 458 18.22 -47.78 30.09
C ASP C 458 18.70 -48.68 28.95
N THR C 459 18.31 -48.31 27.71
CA THR C 459 18.59 -49.08 26.48
C THR C 459 19.82 -48.58 25.70
N ASP C 460 20.38 -47.39 26.05
CA ASP C 460 21.56 -46.81 25.37
C ASP C 460 22.82 -46.69 26.28
N GLY C 461 22.70 -47.10 27.53
CA GLY C 461 23.81 -47.11 28.49
C GLY C 461 24.29 -45.77 29.04
N ASP C 462 23.41 -44.75 29.10
CA ASP C 462 23.80 -43.44 29.65
C ASP C 462 23.36 -43.22 31.12
N GLY C 463 22.71 -44.21 31.70
CA GLY C 463 22.22 -44.13 33.08
C GLY C 463 20.79 -43.66 33.20
N PHE C 464 20.26 -43.04 32.13
CA PHE C 464 18.89 -42.56 32.09
C PHE C 464 17.96 -43.58 31.45
N LEU C 465 16.78 -43.76 32.04
CA LEU C 465 15.78 -44.70 31.54
C LEU C 465 15.17 -44.18 30.26
N ASN C 466 14.83 -45.11 29.39
CA ASN C 466 14.24 -44.84 28.09
C ASN C 466 12.83 -45.39 28.06
N PHE C 467 12.03 -44.86 27.14
CA PHE C 467 10.73 -45.40 26.83
C PHE C 467 11.00 -46.60 25.90
N PRO C 468 10.10 -47.62 25.78
CA PRO C 468 10.35 -48.71 24.82
C PRO C 468 10.37 -48.18 23.39
N LYS C 469 11.04 -48.90 22.47
CA LYS C 469 11.19 -48.62 21.02
C LYS C 469 9.93 -47.95 20.40
N GLU C 470 8.73 -48.46 20.77
CA GLU C 470 7.37 -48.04 20.38
C GLU C 470 7.09 -46.58 20.75
N THR C 471 7.34 -46.22 22.05
CA THR C 471 7.08 -44.88 22.62
C THR C 471 8.22 -43.88 22.35
N LEU C 472 7.89 -42.79 21.64
CA LEU C 472 8.77 -41.66 21.29
C LEU C 472 10.14 -42.06 20.67
N GLY C 473 10.17 -43.14 19.89
CA GLY C 473 11.37 -43.65 19.25
C GLY C 473 12.40 -44.21 20.21
N GLY C 474 11.94 -44.68 21.39
CA GLY C 474 12.79 -45.25 22.43
C GLY C 474 13.72 -44.26 23.10
N ARG C 475 13.35 -42.97 23.02
CA ARG C 475 14.05 -41.81 23.56
C ARG C 475 14.13 -41.87 25.10
N ASN C 476 15.15 -41.19 25.68
CA ASN C 476 15.27 -41.09 27.14
C ASN C 476 14.06 -40.33 27.69
N VAL C 477 13.52 -40.80 28.84
CA VAL C 477 12.38 -40.18 29.53
C VAL C 477 12.76 -38.75 29.95
N GLU C 478 11.94 -37.77 29.57
CA GLU C 478 12.18 -36.35 29.85
C GLU C 478 10.93 -35.71 30.46
N ILE C 479 11.04 -35.27 31.72
CA ILE C 479 9.96 -34.62 32.47
C ILE C 479 10.29 -33.15 32.71
N THR C 480 9.33 -32.26 32.45
CA THR C 480 9.50 -30.83 32.73
C THR C 480 9.00 -30.55 34.15
N LEU C 481 9.62 -29.59 34.84
CA LEU C 481 9.28 -29.21 36.21
C LEU C 481 9.07 -27.72 36.31
N LEU C 482 7.82 -27.29 36.44
CA LEU C 482 7.42 -25.88 36.54
C LEU C 482 7.68 -25.35 37.96
N VAL C 483 8.43 -24.23 38.04
CA VAL C 483 8.87 -23.61 39.30
C VAL C 483 8.66 -22.09 39.26
N ASN C 484 8.31 -21.50 40.43
CA ASN C 484 8.21 -20.06 40.67
C ASN C 484 9.67 -19.59 40.88
N ASN C 485 10.21 -18.79 39.94
CA ASN C 485 11.61 -18.30 39.98
C ASN C 485 11.91 -17.21 41.06
N GLY C 486 10.88 -16.79 41.81
CA GLY C 486 11.00 -15.74 42.81
C GLY C 486 11.47 -16.17 44.18
N TYR C 487 11.60 -17.46 44.43
CA TYR C 487 11.99 -17.98 45.75
C TYR C 487 13.19 -18.87 45.73
N ALA C 488 14.10 -18.69 46.70
CA ALA C 488 15.26 -19.58 46.90
C ALA C 488 14.77 -21.00 47.29
N THR C 489 13.70 -21.10 48.11
CA THR C 489 13.11 -22.37 48.55
C THR C 489 12.59 -23.23 47.40
N ASP C 490 11.81 -22.63 46.48
CA ASP C 490 11.22 -23.35 45.33
C ASP C 490 12.32 -23.88 44.42
N LYS C 491 13.32 -23.02 44.14
CA LYS C 491 14.50 -23.30 43.31
C LYS C 491 15.35 -24.41 43.92
N SER C 492 15.57 -24.37 45.23
CA SER C 492 16.38 -25.35 45.97
C SER C 492 15.69 -26.71 45.94
N LEU C 493 14.37 -26.73 46.14
CA LEU C 493 13.57 -27.96 46.09
C LEU C 493 13.52 -28.54 44.68
N ALA C 494 13.44 -27.67 43.65
CA ALA C 494 13.42 -28.08 42.24
C ALA C 494 14.77 -28.68 41.84
N GLU C 495 15.88 -28.04 42.25
CA GLU C 495 17.26 -28.49 41.99
C GLU C 495 17.51 -29.84 42.68
N GLY C 496 17.03 -29.96 43.93
CA GLY C 496 17.14 -31.19 44.72
C GLY C 496 16.38 -32.35 44.10
N LEU C 497 15.20 -32.05 43.52
CA LEU C 497 14.33 -33.04 42.87
C LEU C 497 14.95 -33.56 41.57
N VAL C 498 15.63 -32.68 40.78
CA VAL C 498 16.33 -33.02 39.55
C VAL C 498 17.48 -34.02 39.84
N GLY C 499 18.27 -33.72 40.88
CA GLY C 499 19.37 -34.55 41.33
C GLY C 499 18.93 -35.88 41.86
N GLN C 500 17.82 -35.89 42.61
CA GLN C 500 17.26 -37.13 43.16
C GLN C 500 16.64 -38.01 42.08
N MET C 501 15.95 -37.41 41.09
CA MET C 501 15.36 -38.13 39.96
C MET C 501 16.44 -38.69 39.02
N ALA C 502 17.64 -38.05 38.98
CA ALA C 502 18.77 -38.49 38.15
C ALA C 502 19.34 -39.81 38.71
N LYS C 503 19.31 -39.96 40.06
CA LYS C 503 19.76 -41.16 40.77
C LYS C 503 18.82 -42.32 40.45
N LEU C 504 17.52 -42.01 40.24
CA LEU C 504 16.44 -42.92 39.89
C LEU C 504 16.46 -43.29 38.38
N GLY C 505 17.17 -42.48 37.58
CA GLY C 505 17.31 -42.65 36.12
C GLY C 505 16.40 -41.76 35.30
N LEU C 506 15.67 -40.82 35.94
CA LEU C 506 14.74 -39.90 35.27
C LEU C 506 15.34 -38.54 35.01
N ARG C 507 15.29 -38.08 33.74
CA ARG C 507 15.78 -36.75 33.38
C ARG C 507 14.67 -35.70 33.58
N VAL C 508 14.90 -34.79 34.52
CA VAL C 508 13.98 -33.71 34.85
C VAL C 508 14.61 -32.36 34.41
N VAL C 509 13.82 -31.56 33.67
CA VAL C 509 14.21 -30.26 33.11
C VAL C 509 13.38 -29.19 33.79
N ILE C 510 14.03 -28.21 34.43
CA ILE C 510 13.37 -27.11 35.13
C ILE C 510 12.80 -26.09 34.13
N HIS C 511 11.58 -25.63 34.43
CA HIS C 511 10.82 -24.60 33.75
C HIS C 511 10.66 -23.50 34.83
N SER C 512 11.67 -22.63 34.97
CA SER C 512 11.70 -21.56 35.97
C SER C 512 11.10 -20.27 35.39
N LEU C 513 9.90 -19.91 35.89
CA LEU C 513 9.14 -18.79 35.38
C LEU C 513 8.76 -17.80 36.46
N ASP C 514 8.54 -16.53 36.05
CA ASP C 514 8.07 -15.51 37.01
C ASP C 514 6.61 -15.87 37.31
N SER C 515 6.14 -15.45 38.49
CA SER C 515 4.81 -15.70 39.06
C SER C 515 3.65 -15.70 38.04
N ASN C 516 3.52 -14.65 37.21
CA ASN C 516 2.43 -14.53 36.23
C ASN C 516 2.53 -15.56 35.12
N GLN C 517 3.75 -15.82 34.60
CA GLN C 517 3.96 -16.84 33.58
C GLN C 517 3.73 -18.23 34.17
N ARG C 518 4.15 -18.45 35.45
CA ARG C 518 3.98 -19.73 36.16
C ARG C 518 2.50 -20.08 36.32
N ASP C 519 1.67 -19.09 36.73
CA ASP C 519 0.22 -19.23 36.89
C ASP C 519 -0.47 -19.60 35.59
N ALA C 520 -0.11 -18.92 34.48
CA ALA C 520 -0.67 -19.16 33.15
C ALA C 520 -0.34 -20.58 32.66
N ALA C 521 0.89 -21.06 32.92
CA ALA C 521 1.33 -22.42 32.55
C ALA C 521 0.64 -23.50 33.40
N HIS C 522 0.46 -23.23 34.70
CA HIS C 522 -0.20 -24.13 35.66
C HIS C 522 -1.71 -24.24 35.39
N TYR C 523 -2.44 -23.12 35.43
CA TYR C 523 -3.89 -23.09 35.22
C TYR C 523 -4.28 -23.47 33.79
N GLY C 524 -3.36 -23.23 32.83
CA GLY C 524 -3.51 -23.62 31.44
C GLY C 524 -3.18 -25.09 31.17
N GLY C 525 -2.63 -25.79 32.17
CA GLY C 525 -2.28 -27.20 32.07
C GLY C 525 -1.01 -27.53 31.32
N GLN C 526 -0.22 -26.51 30.97
CA GLN C 526 1.02 -26.64 30.20
C GLN C 526 2.19 -27.01 31.10
N PHE C 527 2.10 -28.16 31.75
CA PHE C 527 3.12 -28.67 32.66
C PHE C 527 2.99 -30.20 32.75
N ASP C 528 4.11 -30.86 33.08
CA ASP C 528 4.19 -32.29 33.38
C ASP C 528 4.10 -32.36 34.91
N TRP C 529 5.09 -31.74 35.57
CA TRP C 529 5.23 -31.66 37.03
C TRP C 529 5.39 -30.20 37.43
N LEU C 530 5.06 -29.90 38.69
CA LEU C 530 5.31 -28.59 39.26
C LEU C 530 5.66 -28.69 40.74
N VAL C 531 6.49 -27.72 41.21
CA VAL C 531 6.87 -27.52 42.62
C VAL C 531 5.98 -26.37 43.09
N ARG C 532 5.18 -26.61 44.14
CA ARG C 532 4.26 -25.60 44.63
C ARG C 532 4.13 -25.57 46.14
N ARG C 533 4.13 -24.34 46.69
CA ARG C 533 3.86 -24.08 48.09
C ARG C 533 2.34 -24.24 48.26
N ASN C 534 1.90 -24.94 49.31
CA ASN C 534 0.47 -25.18 49.55
C ASN C 534 -0.36 -23.94 49.81
N SER C 535 -1.62 -24.00 49.39
CA SER C 535 -2.61 -22.96 49.64
C SER C 535 -3.43 -23.36 50.89
N THR C 536 -4.39 -22.50 51.29
CA THR C 536 -5.18 -22.59 52.53
C THR C 536 -5.89 -23.92 52.82
N GLU C 537 -6.33 -24.68 51.78
CA GLU C 537 -7.06 -25.93 51.99
C GLU C 537 -6.22 -26.97 52.73
N LEU C 538 -4.90 -27.02 52.49
CA LEU C 538 -4.04 -27.98 53.17
C LEU C 538 -3.53 -27.49 54.51
N SER C 539 -3.64 -26.18 54.80
CA SER C 539 -3.18 -25.57 56.06
C SER C 539 -4.32 -25.30 57.04
N SER C 540 -5.56 -25.29 56.56
CA SER C 540 -6.72 -25.00 57.40
C SER C 540 -7.89 -25.96 57.18
N VAL C 541 -7.95 -26.61 55.98
CA VAL C 541 -9.03 -27.53 55.56
C VAL C 541 -10.31 -26.75 55.21
N VAL C 542 -10.81 -25.93 56.16
CA VAL C 542 -12.07 -25.18 56.10
C VAL C 542 -12.07 -24.02 55.11
N GLN C 543 -10.88 -23.45 54.78
CA GLN C 543 -10.76 -22.37 53.81
C GLN C 543 -10.44 -22.93 52.42
N ASN C 544 -11.43 -22.83 51.51
CA ASN C 544 -11.39 -23.33 50.12
C ASN C 544 -11.30 -24.87 50.08
N THR C 545 -12.19 -25.52 50.86
CA THR C 545 -12.34 -26.98 50.97
C THR C 545 -12.51 -27.66 49.60
N GLU C 546 -13.17 -26.97 48.63
CA GLU C 546 -13.40 -27.46 47.27
C GLU C 546 -12.10 -27.75 46.48
N GLN C 547 -10.98 -27.12 46.88
CA GLN C 547 -9.67 -27.30 46.24
C GLN C 547 -8.88 -28.53 46.75
N LEU C 548 -9.47 -29.28 47.70
CA LEU C 548 -8.91 -30.52 48.24
C LEU C 548 -9.04 -31.71 47.24
N ALA C 549 -10.01 -31.65 46.33
CA ALA C 549 -10.24 -32.71 45.36
C ALA C 549 -10.84 -32.17 44.05
N PRO C 550 -10.86 -32.96 42.93
CA PRO C 550 -11.53 -32.47 41.72
C PRO C 550 -13.07 -32.60 41.82
N VAL C 551 -13.70 -31.81 42.72
CA VAL C 551 -15.17 -31.79 42.93
C VAL C 551 -15.90 -31.13 41.74
N GLY C 552 -15.17 -30.29 41.02
CA GLY C 552 -15.62 -29.61 39.82
C GLY C 552 -14.57 -29.73 38.74
N PRO C 553 -14.88 -29.37 37.48
CA PRO C 553 -13.87 -29.49 36.40
C PRO C 553 -12.60 -28.64 36.56
N ARG C 554 -12.64 -27.56 37.36
CA ARG C 554 -11.49 -26.66 37.55
C ARG C 554 -11.09 -26.43 39.04
N THR C 555 -11.69 -27.16 40.00
CA THR C 555 -11.40 -26.98 41.43
C THR C 555 -10.02 -27.54 41.88
N SER C 556 -9.51 -28.59 41.19
CA SER C 556 -8.23 -29.24 41.50
C SER C 556 -7.05 -28.46 40.92
N TRP C 557 -5.87 -28.50 41.60
CA TRP C 557 -4.64 -27.85 41.11
C TRP C 557 -3.91 -28.72 40.07
N ASN C 558 -4.07 -30.05 40.12
CA ASN C 558 -3.30 -30.91 39.22
C ASN C 558 -4.17 -31.73 38.25
N HIS C 559 -5.52 -31.61 38.34
CA HIS C 559 -6.43 -32.35 37.46
C HIS C 559 -7.64 -31.52 37.02
N ARG C 560 -7.47 -30.82 35.89
CA ARG C 560 -8.54 -30.02 35.28
C ARG C 560 -8.88 -30.58 33.89
N SER C 561 -10.05 -30.22 33.37
CA SER C 561 -10.44 -30.68 32.04
C SER C 561 -10.43 -29.54 31.01
N PRO C 562 -10.14 -29.83 29.71
CA PRO C 562 -10.23 -28.75 28.69
C PRO C 562 -11.70 -28.29 28.56
N GLU C 563 -11.93 -27.05 28.08
CA GLU C 563 -13.28 -26.51 27.93
C GLU C 563 -14.14 -27.42 27.04
N GLY C 564 -15.33 -27.75 27.55
CA GLY C 564 -16.26 -28.63 26.85
C GLY C 564 -15.95 -30.11 26.96
N LYS C 565 -15.09 -30.48 27.91
CA LYS C 565 -14.71 -31.88 28.18
C LYS C 565 -14.90 -32.22 29.66
N GLU C 566 -15.22 -33.49 29.94
CA GLU C 566 -15.43 -34.02 31.29
C GLU C 566 -14.10 -34.49 31.88
N LEU C 567 -13.97 -34.52 33.23
CA LEU C 567 -12.76 -35.01 33.90
C LEU C 567 -12.58 -36.52 33.70
N ASP C 568 -11.34 -36.95 33.42
CA ASP C 568 -10.98 -38.36 33.28
C ASP C 568 -10.42 -38.84 34.66
N LEU C 569 -11.28 -38.82 35.69
CA LEU C 569 -10.89 -39.14 37.05
C LEU C 569 -10.56 -40.59 37.30
N MET C 570 -9.49 -40.83 38.09
CA MET C 570 -9.08 -42.16 38.53
C MET C 570 -9.98 -42.50 39.73
N PRO C 571 -10.28 -43.80 40.02
CA PRO C 571 -11.23 -44.12 41.13
C PRO C 571 -10.94 -43.44 42.48
N PHE C 572 -9.66 -43.34 42.89
CA PHE C 572 -9.29 -42.70 44.17
C PHE C 572 -9.69 -41.19 44.22
N GLU C 573 -9.58 -40.49 43.07
CA GLU C 573 -9.93 -39.05 42.94
C GLU C 573 -11.43 -38.84 43.18
N LYS C 574 -12.27 -39.78 42.69
CA LYS C 574 -13.74 -39.81 42.84
C LYS C 574 -14.11 -40.07 44.30
N GLU C 575 -13.34 -40.96 44.99
CA GLU C 575 -13.50 -41.24 46.41
C GLU C 575 -13.18 -39.96 47.24
N MET C 576 -12.10 -39.23 46.89
CA MET C 576 -11.70 -37.97 47.53
C MET C 576 -12.79 -36.90 47.29
N ALA C 577 -13.30 -36.81 46.03
CA ALA C 577 -14.35 -35.85 45.65
C ALA C 577 -15.63 -36.06 46.47
N ASP C 578 -16.00 -37.33 46.75
CA ASP C 578 -17.17 -37.71 47.53
C ASP C 578 -17.04 -37.32 49.00
N ILE C 579 -15.84 -37.54 49.57
CA ILE C 579 -15.49 -37.17 50.95
C ILE C 579 -15.61 -35.65 51.16
N VAL C 580 -15.06 -34.85 50.23
CA VAL C 580 -15.06 -33.39 50.28
C VAL C 580 -16.51 -32.84 50.23
N ARG C 581 -17.35 -33.41 49.35
CA ARG C 581 -18.76 -33.03 49.19
C ARG C 581 -19.56 -33.31 50.46
N LYS C 582 -19.30 -34.50 51.06
CA LYS C 582 -19.92 -34.92 52.33
C LYS C 582 -19.58 -33.93 53.47
N PHE C 583 -18.28 -33.57 53.58
CA PHE C 583 -17.70 -32.62 54.53
C PHE C 583 -18.35 -31.24 54.43
N ILE C 584 -18.41 -30.68 53.21
CA ILE C 584 -18.96 -29.35 52.88
C ILE C 584 -20.39 -29.13 53.44
N SER C 585 -21.21 -30.19 53.38
CA SER C 585 -22.59 -30.19 53.86
C SER C 585 -22.78 -30.80 55.25
N SER C 586 -21.71 -31.32 55.86
CA SER C 586 -21.78 -31.96 57.17
C SER C 586 -21.94 -30.93 58.30
N GLN C 587 -22.89 -31.21 59.19
CA GLN C 587 -23.23 -30.37 60.35
C GLN C 587 -22.65 -30.95 61.65
N ASP C 588 -22.09 -32.18 61.59
CA ASP C 588 -21.51 -32.88 62.73
C ASP C 588 -19.99 -32.74 62.77
N ASN C 589 -19.45 -32.18 63.89
CA ASN C 589 -18.01 -31.98 64.13
C ASN C 589 -17.19 -33.28 64.19
N ALA C 590 -17.73 -34.33 64.82
CA ALA C 590 -17.06 -35.62 64.92
C ALA C 590 -17.03 -36.32 63.55
N GLU C 591 -18.10 -36.19 62.76
CA GLU C 591 -18.20 -36.73 61.40
C GLU C 591 -17.19 -36.00 60.48
N ARG C 592 -17.03 -34.66 60.67
CA ARG C 592 -16.12 -33.80 59.93
C ARG C 592 -14.65 -34.18 60.15
N ALA C 593 -14.28 -34.47 61.41
CA ALA C 593 -12.94 -34.89 61.79
C ALA C 593 -12.61 -36.26 61.16
N ASP C 594 -13.58 -37.20 61.22
CA ASP C 594 -13.48 -38.53 60.67
C ASP C 594 -13.34 -38.53 59.14
N LEU C 595 -14.11 -37.68 58.45
CA LEU C 595 -14.03 -37.53 56.99
C LEU C 595 -12.62 -37.04 56.56
N MET C 596 -11.96 -36.17 57.36
CA MET C 596 -10.64 -35.65 57.04
C MET C 596 -9.55 -36.69 57.28
N LYS C 597 -9.83 -37.72 58.12
CA LYS C 597 -8.97 -38.88 58.36
C LYS C 597 -9.03 -39.80 57.14
N GLN C 598 -10.25 -40.01 56.59
CA GLN C 598 -10.52 -40.81 55.40
C GLN C 598 -9.83 -40.18 54.20
N TYR C 599 -10.04 -38.87 54.03
CA TYR C 599 -9.46 -38.03 52.99
C TYR C 599 -7.90 -38.17 53.00
N GLN C 600 -7.28 -37.97 54.19
CA GLN C 600 -5.83 -38.06 54.39
C GLN C 600 -5.28 -39.42 53.97
N LYS C 601 -5.98 -40.50 54.35
CA LYS C 601 -5.68 -41.89 54.05
C LYS C 601 -5.64 -42.14 52.53
N VAL C 602 -6.75 -41.75 51.81
CA VAL C 602 -6.91 -41.91 50.35
C VAL C 602 -5.85 -41.11 49.59
N TYR C 603 -5.64 -39.83 49.98
CA TYR C 603 -4.69 -38.88 49.40
C TYR C 603 -3.24 -39.43 49.47
N THR C 604 -2.79 -39.82 50.68
CA THR C 604 -1.40 -40.20 50.90
C THR C 604 -1.10 -41.64 50.43
N GLN C 605 -2.09 -42.55 50.44
CA GLN C 605 -1.88 -43.91 49.93
C GLN C 605 -1.74 -43.90 48.39
N ASN C 606 -2.59 -43.09 47.72
CA ASN C 606 -2.64 -43.05 46.26
C ASN C 606 -1.76 -42.01 45.61
N LEU C 607 -1.19 -41.13 46.44
CA LEU C 607 -0.26 -40.07 46.06
C LEU C 607 -0.87 -39.06 45.10
N TYR C 608 -1.96 -38.40 45.56
CA TYR C 608 -2.66 -37.32 44.85
C TYR C 608 -1.66 -36.21 44.51
N THR C 609 -0.71 -35.94 45.45
CA THR C 609 0.48 -35.10 45.28
C THR C 609 1.59 -35.81 46.02
N ILE C 610 2.83 -35.35 45.85
CA ILE C 610 3.97 -35.91 46.55
C ILE C 610 4.60 -34.82 47.44
N GLY C 611 4.50 -34.99 48.75
CA GLY C 611 5.04 -34.05 49.72
C GLY C 611 6.53 -33.90 49.64
N LEU C 612 7.02 -32.67 49.75
CA LEU C 612 8.46 -32.43 49.70
C LEU C 612 8.96 -32.20 51.12
N THR C 613 8.41 -31.18 51.79
CA THR C 613 8.70 -30.85 53.17
C THR C 613 7.64 -29.87 53.74
N GLU C 614 7.70 -29.66 55.03
CA GLU C 614 6.79 -28.82 55.78
C GLU C 614 7.58 -28.28 56.97
N TYR C 615 7.33 -27.02 57.31
CA TYR C 615 8.05 -26.31 58.37
C TYR C 615 7.21 -25.10 58.87
N PRO C 616 7.62 -24.43 59.98
CA PRO C 616 6.86 -23.23 60.41
C PRO C 616 7.46 -21.93 59.84
N GLY C 617 6.61 -20.95 59.69
CA GLY C 617 7.01 -19.60 59.27
C GLY C 617 7.04 -18.65 60.45
N ALA C 618 7.57 -17.45 60.25
CA ALA C 618 7.62 -16.44 61.32
C ALA C 618 7.09 -15.09 60.87
N LEU C 619 6.29 -14.43 61.72
CA LEU C 619 5.78 -13.08 61.43
C LEU C 619 6.79 -12.06 61.97
N ILE C 620 7.22 -11.13 61.10
CA ILE C 620 8.16 -10.06 61.41
C ILE C 620 7.39 -8.74 61.24
N VAL C 621 7.21 -8.01 62.35
CA VAL C 621 6.49 -6.73 62.37
C VAL C 621 7.35 -5.71 63.08
N ASN C 622 7.44 -4.49 62.51
CA ASN C 622 8.15 -3.38 63.10
C ASN C 622 7.53 -3.07 64.49
N LYS C 623 8.40 -2.80 65.46
CA LYS C 623 8.02 -2.62 66.87
C LYS C 623 7.13 -1.39 67.19
N ARG C 624 7.06 -0.37 66.33
CA ARG C 624 6.26 0.83 66.62
C ARG C 624 4.72 0.63 66.46
N PHE C 625 4.30 -0.41 65.74
CA PHE C 625 2.88 -0.70 65.51
C PHE C 625 2.16 -1.33 66.69
N SER C 626 1.00 -0.74 66.99
CA SER C 626 0.08 -1.18 68.01
C SER C 626 -1.10 -1.91 67.31
N ASN C 627 -1.80 -2.76 68.06
CA ASN C 627 -2.97 -3.55 67.68
C ASN C 627 -2.61 -4.80 66.83
N VAL C 628 -1.35 -5.25 66.89
CA VAL C 628 -0.93 -6.46 66.19
C VAL C 628 -1.30 -7.62 67.14
N PRO C 629 -2.23 -8.53 66.74
CA PRO C 629 -2.61 -9.62 67.64
C PRO C 629 -1.47 -10.59 67.92
N GLN C 630 -1.39 -11.00 69.17
CA GLN C 630 -0.47 -11.99 69.72
C GLN C 630 -0.76 -13.33 69.07
N GLY C 631 0.30 -14.04 68.67
CA GLY C 631 0.23 -15.37 68.07
C GLY C 631 -0.33 -15.44 66.67
N THR C 632 -0.29 -14.34 65.90
CA THR C 632 -0.82 -14.36 64.53
C THR C 632 0.05 -15.28 63.65
N PRO C 633 -0.54 -16.31 62.98
CA PRO C 633 0.28 -17.16 62.09
C PRO C 633 0.49 -16.45 60.76
N ILE C 634 1.60 -16.76 60.05
CA ILE C 634 1.86 -16.16 58.73
C ILE C 634 0.86 -16.65 57.71
N PHE C 635 0.33 -17.88 57.88
CA PHE C 635 -0.60 -18.49 56.94
C PHE C 635 -1.51 -19.57 57.58
N MET C 636 -2.82 -19.34 57.58
CA MET C 636 -3.79 -20.29 58.11
C MET C 636 -5.06 -20.25 57.21
N PHE C 637 -5.97 -19.29 57.47
CA PHE C 637 -7.18 -19.04 56.66
C PHE C 637 -6.79 -18.12 55.50
N ASN C 638 -5.71 -17.37 55.69
CA ASN C 638 -5.06 -16.50 54.72
C ASN C 638 -3.69 -16.08 55.27
N TRP C 639 -2.95 -15.30 54.48
CA TRP C 639 -1.69 -14.69 54.85
C TRP C 639 -1.91 -13.68 55.98
N ALA C 640 -0.88 -13.49 56.85
CA ALA C 640 -0.91 -12.57 57.99
C ALA C 640 -1.28 -11.12 57.64
N GLU C 641 -1.03 -10.65 56.38
CA GLU C 641 -1.40 -9.28 55.94
C GLU C 641 -2.88 -9.01 56.13
N ASP C 642 -3.69 -10.06 55.94
CA ASP C 642 -5.13 -10.06 56.12
C ASP C 642 -5.50 -10.34 57.58
N ALA C 643 -4.84 -11.34 58.22
CA ALA C 643 -5.11 -11.78 59.59
C ALA C 643 -4.92 -10.71 60.68
N ILE C 644 -3.91 -9.83 60.51
CA ILE C 644 -3.57 -8.75 61.46
C ILE C 644 -4.55 -7.56 61.43
N ILE C 645 -5.43 -7.46 60.41
CA ILE C 645 -6.39 -6.37 60.19
C ILE C 645 -5.65 -5.02 60.12
N ARG C 646 -4.95 -4.80 59.00
CA ARG C 646 -4.11 -3.62 58.77
C ARG C 646 -4.83 -2.25 58.92
N GLU C 647 -6.15 -2.17 58.65
CA GLU C 647 -6.94 -0.95 58.82
C GLU C 647 -7.19 -0.58 60.30
N ARG C 648 -6.90 -1.51 61.23
CA ARG C 648 -7.07 -1.39 62.67
C ARG C 648 -5.70 -1.16 63.37
N LEU C 649 -4.59 -1.20 62.61
CA LEU C 649 -3.25 -0.95 63.14
C LEU C 649 -3.00 0.53 63.25
N TRP C 650 -2.28 0.92 64.31
CA TRP C 650 -1.94 2.31 64.59
C TRP C 650 -0.57 2.44 65.28
N VAL C 651 -0.04 3.65 65.30
CA VAL C 651 1.25 3.97 65.94
C VAL C 651 1.02 5.17 66.86
N ALA C 652 1.47 5.08 68.14
CA ALA C 652 1.40 6.20 69.10
C ALA C 652 2.10 7.45 68.50
N ALA C 653 1.51 8.65 68.69
CA ALA C 653 2.00 9.91 68.12
C ALA C 653 3.51 10.15 68.31
N ASP C 654 4.04 9.84 69.51
CA ASP C 654 5.46 10.02 69.81
C ASP C 654 6.37 8.92 69.18
N LYS C 655 5.78 7.86 68.62
CA LYS C 655 6.53 6.76 68.00
C LYS C 655 6.45 6.80 66.49
N GLN C 656 5.58 7.67 65.95
CA GLN C 656 5.29 7.76 64.52
C GLN C 656 6.51 8.13 63.63
N GLY C 657 6.66 7.36 62.56
CA GLY C 657 7.67 7.59 61.55
C GLY C 657 7.21 8.74 60.64
N LYS C 658 8.10 9.26 59.81
CA LYS C 658 7.78 10.37 58.89
C LYS C 658 8.08 9.92 57.48
N TYR C 659 7.35 8.91 57.06
CA TYR C 659 7.53 8.21 55.79
C TYR C 659 6.53 8.57 54.69
N GLU C 660 5.63 9.53 54.93
CA GLU C 660 4.61 9.93 53.95
C GLU C 660 5.16 10.68 52.73
N LEU C 661 4.88 10.14 51.54
CA LEU C 661 5.26 10.69 50.24
C LEU C 661 4.21 11.63 49.68
N PHE C 662 2.96 11.53 50.17
CA PHE C 662 1.87 12.44 49.81
C PHE C 662 1.15 12.86 51.08
N PRO C 663 1.86 13.51 52.06
CA PRO C 663 1.18 13.92 53.31
C PRO C 663 0.00 14.87 53.11
N GLN C 664 -1.10 14.60 53.84
CA GLN C 664 -2.34 15.36 53.87
C GLN C 664 -2.94 15.44 52.46
N GLN C 665 -2.81 14.31 51.72
CA GLN C 665 -3.28 14.12 50.35
C GLN C 665 -4.24 12.98 50.25
N LEU C 666 -5.23 13.12 49.37
CA LEU C 666 -6.23 12.09 49.17
C LEU C 666 -6.17 11.60 47.73
N PRO C 667 -6.71 10.41 47.40
CA PRO C 667 -6.70 9.98 45.99
C PRO C 667 -7.47 10.90 45.04
N GLY C 668 -6.95 11.03 43.83
CA GLY C 668 -7.58 11.77 42.75
C GLY C 668 -8.67 10.92 42.10
N LYS C 669 -9.15 11.37 40.95
CA LYS C 669 -10.20 10.66 40.21
C LYS C 669 -9.62 9.50 39.37
N PRO C 670 -10.37 8.37 39.18
CA PRO C 670 -9.84 7.27 38.35
C PRO C 670 -9.44 7.73 36.94
N GLY C 671 -8.20 7.40 36.56
CA GLY C 671 -7.64 7.77 35.26
C GLY C 671 -7.05 9.16 35.17
N GLU C 672 -7.01 9.89 36.30
CA GLU C 672 -6.42 11.22 36.37
C GLU C 672 -5.02 11.15 36.96
N GLY C 673 -4.42 12.33 37.10
CA GLY C 673 -3.09 12.53 37.65
C GLY C 673 -3.11 12.58 39.15
N GLY C 674 -2.38 11.62 39.73
CA GLY C 674 -2.13 11.33 41.12
C GLY C 674 -3.10 11.77 42.20
N PRO C 675 -2.55 12.03 43.41
CA PRO C 675 -3.39 12.46 44.52
C PRO C 675 -3.79 13.94 44.40
N ILE C 676 -4.79 14.33 45.20
CA ILE C 676 -5.33 15.68 45.32
C ILE C 676 -4.81 16.33 46.63
N ASN C 677 -4.26 17.54 46.51
CA ASN C 677 -3.70 18.35 47.60
C ASN C 677 -4.65 19.51 47.99
N ALA D 8 -3.16 -5.45 5.47
CA ALA D 8 -1.76 -5.34 5.05
C ALA D 8 -0.91 -4.58 6.08
N PHE D 9 -1.45 -3.49 6.63
CA PHE D 9 -0.79 -2.63 7.62
C PHE D 9 -1.42 -2.81 9.01
N GLU D 10 -0.62 -2.64 10.06
CA GLU D 10 -1.07 -2.74 11.45
C GLU D 10 -1.44 -1.34 11.95
N THR D 11 -2.72 -0.97 11.80
CA THR D 11 -3.23 0.33 12.22
C THR D 11 -3.44 0.39 13.74
N THR D 12 -3.46 1.62 14.28
CA THR D 12 -3.68 1.90 15.71
C THR D 12 -4.38 3.25 15.81
N THR D 13 -4.32 3.90 16.98
CA THR D 13 -4.87 5.23 17.20
C THR D 13 -3.66 6.18 17.33
N PRO D 14 -3.78 7.48 16.99
CA PRO D 14 -2.61 8.36 17.06
C PRO D 14 -2.13 8.60 18.49
N PRO D 15 -0.80 8.64 18.72
CA PRO D 15 -0.31 8.87 20.09
C PRO D 15 -0.63 10.25 20.63
N GLU D 16 -0.88 10.34 21.95
CA GLU D 16 -1.22 11.60 22.63
C GLU D 16 -0.07 12.62 22.52
N PRO D 17 -0.38 13.85 22.07
CA PRO D 17 0.69 14.85 21.91
C PRO D 17 1.20 15.40 23.24
N PRO D 18 2.39 16.05 23.29
CA PRO D 18 2.85 16.65 24.56
C PRO D 18 1.83 17.68 25.05
N GLN D 19 1.56 17.71 26.36
CA GLN D 19 0.61 18.61 27.01
C GLN D 19 0.87 20.07 26.60
N PHE D 20 -0.07 20.67 25.87
CA PHE D 20 0.05 22.06 25.44
C PHE D 20 -1.21 22.80 25.91
N PRO D 21 -1.18 23.39 27.13
CA PRO D 21 -2.36 24.14 27.60
C PRO D 21 -2.51 25.44 26.82
N ALA D 22 -3.70 25.65 26.20
CA ALA D 22 -4.01 26.86 25.43
C ALA D 22 -3.86 28.10 26.34
N GLU D 23 -2.65 28.72 26.29
CA GLU D 23 -2.29 29.90 27.10
C GLU D 23 -3.18 31.09 26.78
N GLY D 24 -4.27 31.15 27.54
CA GLY D 24 -5.34 32.12 27.40
C GLY D 24 -6.65 31.37 27.53
N LYS D 25 -7.39 31.66 28.60
CA LYS D 25 -8.65 30.99 28.86
C LYS D 25 -9.80 31.81 28.32
N ILE D 26 -10.79 31.11 27.78
CA ILE D 26 -11.97 31.76 27.25
C ILE D 26 -12.97 32.06 28.40
N ASN D 27 -13.55 33.28 28.41
CA ASN D 27 -14.63 33.66 29.32
C ASN D 27 -15.89 33.25 28.56
N TYR D 28 -16.45 32.08 28.89
CA TYR D 28 -17.64 31.55 28.22
C TYR D 28 -18.87 32.30 28.64
N VAL D 29 -19.69 32.65 27.64
CA VAL D 29 -20.90 33.45 27.82
C VAL D 29 -22.07 32.80 27.08
N ALA D 30 -23.30 33.27 27.35
CA ALA D 30 -24.49 32.82 26.62
C ALA D 30 -24.55 33.53 25.27
N ARG D 31 -25.25 32.91 24.27
CA ARG D 31 -25.33 33.42 22.91
C ARG D 31 -25.83 34.88 22.78
N ASP D 32 -26.85 35.26 23.56
CA ASP D 32 -27.45 36.59 23.42
C ASP D 32 -26.83 37.70 24.29
N THR D 33 -25.60 37.50 24.76
CA THR D 33 -24.90 38.49 25.58
C THR D 33 -24.14 39.53 24.70
N ILE D 34 -23.92 39.21 23.42
CA ILE D 34 -23.09 40.03 22.54
C ILE D 34 -23.83 41.20 21.88
N LEU D 35 -24.98 40.91 21.27
CA LEU D 35 -25.71 41.92 20.50
C LEU D 35 -27.22 41.70 20.48
N GLU D 36 -27.94 42.72 20.06
CA GLU D 36 -29.41 42.75 19.91
C GLU D 36 -29.79 43.83 18.90
N PHE D 37 -30.99 43.74 18.30
CA PHE D 37 -31.47 44.77 17.38
C PHE D 37 -32.54 45.56 18.10
N LYS D 38 -32.36 46.90 18.19
CA LYS D 38 -33.31 47.81 18.83
C LYS D 38 -33.03 49.27 18.50
N ALA D 39 -34.05 50.10 18.65
CA ALA D 39 -33.96 51.55 18.49
C ALA D 39 -33.49 52.12 19.83
N LEU D 40 -32.56 53.09 19.78
CA LEU D 40 -32.04 53.78 20.97
C LEU D 40 -32.60 55.21 21.02
N PRO D 41 -32.74 55.84 22.23
CA PRO D 41 -33.30 57.21 22.26
C PRO D 41 -32.44 58.25 21.52
N SER D 42 -31.12 58.08 21.54
CA SER D 42 -30.20 58.99 20.86
C SER D 42 -28.94 58.27 20.40
N TYR D 43 -28.29 58.86 19.39
CA TYR D 43 -27.06 58.32 18.79
C TYR D 43 -25.95 59.34 18.77
N SER D 44 -24.71 58.88 18.82
CA SER D 44 -23.54 59.76 18.75
C SER D 44 -22.51 59.23 17.77
N GLU D 45 -21.58 60.09 17.38
CA GLU D 45 -20.54 59.81 16.40
C GLU D 45 -19.33 60.73 16.69
N PRO D 46 -18.17 60.55 15.99
CA PRO D 46 -17.06 61.49 16.18
C PRO D 46 -17.49 62.93 15.89
N ASP D 47 -17.06 63.87 16.76
CA ASP D 47 -17.41 65.29 16.69
C ASP D 47 -17.05 65.96 15.37
N TRP D 48 -15.93 65.55 14.75
CA TRP D 48 -15.47 66.08 13.46
C TRP D 48 -16.45 65.77 12.31
N ILE D 49 -17.22 64.68 12.42
CA ILE D 49 -18.25 64.32 11.43
C ILE D 49 -19.40 65.30 11.51
N THR D 50 -19.86 65.59 12.74
CA THR D 50 -20.93 66.54 13.02
C THR D 50 -20.51 67.96 12.57
N GLU D 51 -19.32 68.41 13.01
CA GLU D 51 -18.79 69.74 12.74
C GLU D 51 -18.35 69.98 11.30
N LYS D 52 -17.51 69.10 10.73
CA LYS D 52 -16.94 69.30 9.40
C LYS D 52 -17.72 68.68 8.24
N PHE D 53 -18.70 67.77 8.51
CA PHE D 53 -19.43 67.15 7.39
C PHE D 53 -20.93 67.45 7.41
N GLU D 54 -21.64 67.14 8.52
CA GLU D 54 -23.09 67.39 8.64
C GLU D 54 -23.40 68.90 8.55
N LYS D 55 -22.78 69.71 9.44
CA LYS D 55 -22.91 71.17 9.51
C LYS D 55 -22.39 71.89 8.26
N ALA D 56 -21.59 71.19 7.42
CA ALA D 56 -21.05 71.73 6.17
C ALA D 56 -21.89 71.28 4.95
N GLY D 57 -22.97 70.53 5.20
CA GLY D 57 -23.86 69.99 4.18
C GLY D 57 -23.18 68.96 3.27
N LYS D 58 -22.23 68.20 3.83
CA LYS D 58 -21.49 67.21 3.06
C LYS D 58 -22.01 65.78 3.30
N LEU D 59 -22.89 65.61 4.31
CA LEU D 59 -23.36 64.30 4.74
C LEU D 59 -24.70 64.43 5.45
N PRO D 60 -25.63 63.42 5.33
CA PRO D 60 -26.90 63.49 6.08
C PRO D 60 -26.69 63.33 7.60
N PRO D 61 -27.64 63.74 8.47
CA PRO D 61 -27.44 63.51 9.92
C PRO D 61 -27.47 62.01 10.28
N LEU D 62 -26.84 61.69 11.41
CA LEU D 62 -26.64 60.34 11.94
C LEU D 62 -27.91 59.45 12.02
N LYS D 63 -29.01 59.95 12.63
CA LYS D 63 -30.26 59.20 12.79
C LYS D 63 -30.83 58.75 11.43
N GLU D 64 -30.56 59.54 10.38
CA GLU D 64 -30.98 59.24 8.99
C GLU D 64 -30.13 58.20 8.30
N ARG D 65 -28.85 58.17 8.62
CA ARG D 65 -27.90 57.23 8.04
C ARG D 65 -28.10 55.83 8.60
N LEU D 66 -28.61 55.74 9.85
CA LEU D 66 -28.82 54.51 10.60
C LEU D 66 -30.12 53.79 10.30
N PRO D 67 -30.21 52.45 10.54
CA PRO D 67 -31.52 51.78 10.40
C PRO D 67 -32.39 52.18 11.59
N GLU D 68 -33.71 51.95 11.49
CA GLU D 68 -34.66 52.22 12.57
C GLU D 68 -34.26 51.39 13.80
N GLU D 69 -33.87 50.13 13.59
CA GLU D 69 -33.38 49.25 14.64
C GLU D 69 -31.97 48.77 14.28
N PRO D 70 -30.90 49.52 14.65
CA PRO D 70 -29.55 49.03 14.36
C PRO D 70 -29.14 47.84 15.24
N LEU D 71 -28.02 47.17 14.84
CA LEU D 71 -27.38 46.13 15.62
C LEU D 71 -26.71 46.91 16.76
N VAL D 72 -27.03 46.54 18.02
CA VAL D 72 -26.50 47.18 19.23
C VAL D 72 -25.63 46.17 19.97
N TYR D 73 -24.35 46.51 20.16
CA TYR D 73 -23.44 45.66 20.94
C TYR D 73 -23.67 45.91 22.42
N LYS D 74 -23.77 44.84 23.21
CA LYS D 74 -24.02 44.92 24.64
C LYS D 74 -22.69 45.07 25.39
N THR D 75 -22.66 45.97 26.39
CA THR D 75 -21.44 46.25 27.14
C THR D 75 -20.93 45.09 28.01
N GLY D 76 -21.83 44.23 28.52
CA GLY D 76 -21.48 43.07 29.35
C GLY D 76 -20.47 42.12 28.72
N ASN D 77 -20.55 41.95 27.41
CA ASN D 77 -19.65 41.11 26.63
C ASN D 77 -18.35 41.84 26.22
N MET D 78 -18.34 43.18 26.25
CA MET D 78 -17.15 43.92 25.87
C MET D 78 -16.04 43.67 26.91
N PRO D 79 -14.87 43.09 26.51
CA PRO D 79 -13.80 42.83 27.50
C PRO D 79 -13.39 44.04 28.33
N ASP D 80 -13.35 45.25 27.74
CA ASP D 80 -12.93 46.47 28.46
C ASP D 80 -14.03 47.55 28.54
N GLY D 81 -15.22 47.24 28.04
CA GLY D 81 -16.34 48.16 28.05
C GLY D 81 -16.38 49.07 26.84
N VAL D 82 -17.27 50.06 26.91
CA VAL D 82 -17.56 51.06 25.89
C VAL D 82 -16.30 51.84 25.50
N GLY D 83 -16.13 52.05 24.22
CA GLY D 83 -14.96 52.74 23.71
C GLY D 83 -15.06 54.21 23.41
N VAL D 84 -13.93 54.72 22.93
CA VAL D 84 -13.74 56.09 22.49
C VAL D 84 -13.28 56.02 21.03
N TYR D 85 -13.55 57.05 20.26
CA TYR D 85 -13.14 57.14 18.86
C TYR D 85 -11.67 57.44 18.66
N GLY D 86 -11.15 57.03 17.51
CA GLY D 86 -9.79 57.31 17.12
C GLY D 86 -8.94 56.11 16.80
N ASP D 87 -7.78 56.40 16.22
CA ASP D 87 -6.71 55.48 15.84
C ASP D 87 -7.01 54.67 14.54
N THR D 88 -6.02 53.86 14.18
CA THR D 88 -5.91 53.00 13.00
C THR D 88 -5.49 51.60 13.44
N MET D 89 -6.07 50.55 12.84
CA MET D 89 -5.55 49.20 12.99
C MET D 89 -4.72 48.95 11.70
N ARG D 90 -3.43 48.62 11.89
CA ARG D 90 -2.50 48.38 10.79
C ARG D 90 -2.30 46.86 10.55
N HIS D 91 -2.78 46.41 9.40
CA HIS D 91 -2.65 45.01 8.97
C HIS D 91 -1.57 44.86 7.92
N VAL D 92 -0.96 43.68 7.88
CA VAL D 92 0.08 43.30 6.92
C VAL D 92 -0.38 42.00 6.30
N VAL D 93 -0.46 41.96 4.97
CA VAL D 93 -0.95 40.77 4.25
C VAL D 93 0.08 40.30 3.22
N GLY D 94 0.02 39.01 2.89
CA GLY D 94 0.83 38.37 1.87
C GLY D 94 0.06 38.22 0.57
N GLY D 95 -1.23 38.54 0.59
CA GLY D 95 -2.06 38.48 -0.60
C GLY D 95 -2.07 39.79 -1.36
N ARG D 96 -2.62 39.76 -2.58
CA ARG D 96 -2.75 40.95 -3.46
C ARG D 96 -4.16 41.09 -3.97
N PRO D 97 -4.71 42.33 -4.08
CA PRO D 97 -6.09 42.46 -4.60
C PRO D 97 -6.21 42.16 -6.10
N GLU D 98 -7.29 41.44 -6.48
CA GLU D 98 -7.63 41.13 -7.87
C GLU D 98 -8.58 42.25 -8.33
N GLY D 99 -9.38 42.72 -7.39
CA GLY D 99 -10.39 43.75 -7.57
C GLY D 99 -11.38 43.67 -6.44
N TRP D 100 -12.56 44.31 -6.60
CA TRP D 100 -13.57 44.40 -5.53
C TRP D 100 -14.78 43.47 -5.69
N ASN D 101 -14.86 42.68 -6.76
CA ASN D 101 -15.98 41.79 -6.98
C ASN D 101 -15.82 40.45 -6.29
N TYR D 102 -16.19 40.45 -5.02
CA TYR D 102 -16.14 39.33 -4.08
C TYR D 102 -17.10 38.20 -4.49
N ILE D 103 -18.34 38.56 -4.85
CA ILE D 103 -19.38 37.59 -5.22
C ILE D 103 -19.07 36.86 -6.54
N ALA D 104 -18.13 37.40 -7.35
CA ALA D 104 -17.66 36.81 -8.59
C ALA D 104 -16.31 36.07 -8.40
N GLY D 105 -15.89 35.94 -7.15
CA GLY D 105 -14.69 35.20 -6.79
C GLY D 105 -13.38 35.95 -6.77
N GLN D 106 -13.43 37.31 -6.75
CA GLN D 106 -12.22 38.13 -6.63
C GLN D 106 -11.79 38.24 -5.18
N SER D 107 -10.49 38.11 -4.95
CA SER D 107 -9.85 38.27 -3.65
C SER D 107 -9.39 39.75 -3.52
N GLN D 108 -9.43 40.29 -2.31
CA GLN D 108 -9.00 41.65 -2.02
C GLN D 108 -7.63 41.68 -1.34
N GLY D 109 -7.03 40.50 -1.15
CA GLY D 109 -5.71 40.35 -0.54
C GLY D 109 -5.65 39.52 0.72
N TRP D 110 -6.80 39.06 1.23
CA TRP D 110 -6.91 38.24 2.47
C TRP D 110 -6.42 38.99 3.72
N GLY D 111 -6.05 38.24 4.77
CA GLY D 111 -5.59 38.82 6.04
C GLY D 111 -6.53 39.78 6.72
N GLY D 112 -7.83 39.58 6.51
CA GLY D 112 -8.91 40.37 7.11
C GLY D 112 -9.61 41.39 6.24
N ILE D 113 -9.02 41.79 5.08
CA ILE D 113 -9.61 42.82 4.20
C ILE D 113 -11.04 42.42 3.72
N ASP D 114 -11.25 41.20 3.13
CA ASP D 114 -12.61 40.80 2.69
C ASP D 114 -13.53 40.46 3.84
N ILE D 115 -12.96 39.99 4.97
CA ILE D 115 -13.70 39.73 6.20
C ILE D 115 -14.36 41.08 6.67
N ALA D 116 -13.57 42.16 6.64
CA ALA D 116 -13.99 43.52 7.01
C ALA D 116 -14.96 44.14 6.00
N LEU D 117 -14.80 43.86 4.71
CA LEU D 117 -15.65 44.46 3.68
C LEU D 117 -16.96 43.73 3.47
N SER D 118 -16.93 42.39 3.43
CA SER D 118 -18.10 41.58 3.13
C SER D 118 -18.81 40.96 4.33
N GLU D 119 -19.85 41.69 4.82
CA GLU D 119 -20.78 41.32 5.89
C GLU D 119 -21.72 40.24 5.36
N CYS D 120 -22.10 39.28 6.20
CA CYS D 120 -22.96 38.20 5.75
C CYS D 120 -24.29 38.15 6.50
N LEU D 121 -25.20 37.22 6.12
CA LEU D 121 -26.52 37.04 6.73
C LEU D 121 -26.38 36.75 8.22
N THR D 122 -25.48 35.84 8.56
CA THR D 122 -25.18 35.45 9.94
C THR D 122 -23.71 35.70 10.22
N ARG D 123 -23.29 35.53 11.50
CA ARG D 123 -21.91 35.69 11.94
C ARG D 123 -21.58 34.60 12.99
N THR D 124 -20.46 33.91 12.81
CA THR D 124 -20.13 32.79 13.69
C THR D 124 -18.77 32.86 14.39
N ALA D 125 -17.80 33.61 13.82
CA ALA D 125 -16.46 33.72 14.39
C ALA D 125 -16.44 34.07 15.90
N PRO D 126 -17.26 35.03 16.44
CA PRO D 126 -17.25 35.29 17.89
C PRO D 126 -17.85 34.17 18.76
N LEU D 127 -18.39 33.09 18.15
CA LEU D 127 -18.98 31.95 18.86
C LEU D 127 -17.97 31.07 19.63
N PHE D 128 -16.65 31.30 19.46
CA PHE D 128 -15.60 30.61 20.23
C PHE D 128 -15.85 30.83 21.75
N GLN D 129 -16.47 31.97 22.13
CA GLN D 129 -16.73 32.34 23.51
C GLN D 129 -18.11 31.89 24.05
N VAL D 130 -18.90 31.19 23.23
CA VAL D 130 -20.22 30.69 23.63
C VAL D 130 -20.07 29.19 23.88
N ASP D 131 -20.46 28.69 25.07
CA ASP D 131 -20.30 27.26 25.40
C ASP D 131 -21.56 26.45 25.16
N ALA D 132 -21.58 25.71 24.02
CA ALA D 132 -22.59 24.78 23.50
C ALA D 132 -22.24 24.45 22.05
N LYS D 133 -22.38 23.17 21.68
CA LYS D 133 -22.09 22.64 20.33
C LYS D 133 -23.36 22.73 19.42
N ASP D 134 -24.49 23.23 20.01
CA ASP D 134 -25.81 23.44 19.39
C ASP D 134 -26.21 24.92 19.44
N THR D 135 -25.23 25.81 19.28
CA THR D 135 -25.40 27.26 19.31
C THR D 135 -25.93 27.75 17.96
N GLU D 136 -26.81 28.75 17.99
CA GLU D 136 -27.33 29.32 16.77
C GLU D 136 -26.35 30.43 16.34
N PRO D 137 -25.98 30.52 15.02
CA PRO D 137 -25.13 31.62 14.56
C PRO D 137 -25.74 32.97 14.92
N LEU D 138 -24.91 34.00 15.12
CA LEU D 138 -25.39 35.34 15.48
C LEU D 138 -26.14 36.01 14.31
N PRO D 139 -27.20 36.80 14.61
CA PRO D 139 -27.82 37.57 13.52
C PRO D 139 -26.87 38.67 13.06
N ASN D 140 -26.80 38.88 11.75
CA ASN D 140 -25.95 39.92 11.21
C ASN D 140 -26.80 40.77 10.23
N LEU D 141 -26.71 40.54 8.89
CA LEU D 141 -27.56 41.24 7.90
C LEU D 141 -29.02 40.76 8.02
N ALA D 142 -29.18 39.48 8.47
CA ALA D 142 -30.45 38.84 8.80
C ALA D 142 -30.58 39.05 10.32
N LYS D 143 -31.55 39.88 10.75
CA LYS D 143 -31.74 40.23 12.17
C LYS D 143 -32.46 39.13 13.00
N SER D 144 -33.32 38.35 12.35
CA SER D 144 -34.12 37.30 12.97
C SER D 144 -34.63 36.31 11.93
N TRP D 145 -35.05 35.14 12.40
CA TRP D 145 -35.56 34.07 11.55
C TRP D 145 -36.43 33.10 12.35
N GLU D 146 -37.40 32.47 11.67
CA GLU D 146 -38.30 31.49 12.26
C GLU D 146 -38.44 30.27 11.38
N TRP D 147 -38.50 29.09 12.00
CA TRP D 147 -38.73 27.83 11.31
C TRP D 147 -40.24 27.55 11.29
N SER D 148 -40.72 26.88 10.24
CA SER D 148 -42.12 26.45 10.16
C SER D 148 -42.24 25.15 10.99
N GLU D 149 -43.49 24.73 11.30
CA GLU D 149 -43.80 23.53 12.10
C GLU D 149 -43.17 22.24 11.53
N ASP D 150 -43.17 22.09 10.18
CA ASP D 150 -42.58 20.93 9.50
C ASP D 150 -41.04 21.01 9.42
N GLY D 151 -40.48 22.21 9.47
CA GLY D 151 -39.04 22.42 9.42
C GLY D 151 -38.44 22.53 8.04
N HIS D 152 -39.30 22.74 7.02
CA HIS D 152 -38.84 22.87 5.65
C HIS D 152 -38.75 24.32 5.20
N THR D 153 -39.42 25.23 5.93
CA THR D 153 -39.46 26.65 5.60
C THR D 153 -38.77 27.49 6.67
N LEU D 154 -37.88 28.39 6.21
CA LEU D 154 -37.16 29.32 7.09
C LEU D 154 -37.40 30.76 6.63
N THR D 155 -38.13 31.52 7.46
CA THR D 155 -38.46 32.93 7.20
C THR D 155 -37.38 33.79 7.82
N MET D 156 -36.70 34.56 6.98
CA MET D 156 -35.56 35.39 7.36
C MET D 156 -35.88 36.89 7.24
N HIS D 157 -35.78 37.60 8.37
CA HIS D 157 -36.02 39.04 8.49
C HIS D 157 -34.69 39.79 8.45
N LEU D 158 -34.57 40.72 7.52
CA LEU D 158 -33.35 41.49 7.28
C LEU D 158 -33.36 42.83 8.01
N VAL D 159 -32.15 43.35 8.33
CA VAL D 159 -31.94 44.69 8.91
C VAL D 159 -32.70 45.69 8.01
N LYS D 160 -33.57 46.53 8.60
CA LYS D 160 -34.43 47.43 7.84
C LYS D 160 -34.03 48.91 7.99
N GLY D 161 -33.81 49.57 6.86
CA GLY D 161 -33.41 50.97 6.81
C GLY D 161 -31.91 51.18 6.77
N ALA D 162 -31.13 50.08 6.70
CA ALA D 162 -29.67 50.14 6.56
C ALA D 162 -29.34 50.53 5.11
N LYS D 163 -28.20 51.18 4.93
CA LYS D 163 -27.72 51.62 3.62
C LYS D 163 -26.30 51.12 3.37
N TRP D 164 -25.95 50.97 2.08
CA TRP D 164 -24.59 50.70 1.60
C TRP D 164 -23.78 51.98 1.92
N SER D 165 -22.45 51.91 1.93
CA SER D 165 -21.54 53.02 2.26
C SER D 165 -21.68 54.27 1.38
N ASP D 166 -22.33 54.13 0.22
CA ASP D 166 -22.58 55.22 -0.72
C ASP D 166 -24.00 55.82 -0.51
N GLY D 167 -24.73 55.31 0.48
CA GLY D 167 -26.06 55.81 0.82
C GLY D 167 -27.23 55.13 0.15
N GLU D 168 -26.96 54.16 -0.75
CA GLU D 168 -28.00 53.38 -1.43
C GLU D 168 -28.56 52.35 -0.47
N ALA D 169 -29.89 52.13 -0.48
CA ALA D 169 -30.54 51.21 0.45
C ALA D 169 -30.13 49.75 0.29
N PHE D 170 -29.89 49.08 1.42
CA PHE D 170 -29.64 47.65 1.44
C PHE D 170 -31.00 46.99 1.68
N ASN D 171 -31.31 45.93 0.91
CA ASN D 171 -32.58 45.20 1.05
C ASN D 171 -32.49 43.77 0.46
N ALA D 172 -33.65 43.08 0.30
CA ALA D 172 -33.75 41.70 -0.21
C ALA D 172 -33.28 41.52 -1.64
N ASP D 173 -33.26 42.62 -2.45
CA ASP D 173 -32.79 42.62 -3.84
C ASP D 173 -31.28 42.32 -3.95
N ASP D 174 -30.48 42.74 -2.97
CA ASP D 174 -29.06 42.45 -2.88
C ASP D 174 -28.87 40.95 -2.52
N VAL D 175 -29.78 40.44 -1.69
CA VAL D 175 -29.80 39.06 -1.19
C VAL D 175 -30.19 38.11 -2.33
N MET D 176 -31.23 38.50 -3.11
CA MET D 176 -31.72 37.73 -4.23
C MET D 176 -30.76 37.77 -5.42
N PHE D 177 -30.09 38.94 -5.68
CA PHE D 177 -29.12 39.06 -6.77
C PHE D 177 -27.94 38.13 -6.51
N TYR D 178 -27.52 38.01 -5.24
CA TYR D 178 -26.42 37.13 -4.88
C TYR D 178 -26.83 35.65 -5.06
N TRP D 179 -27.98 35.25 -4.51
CA TRP D 179 -28.49 33.90 -4.60
C TRP D 179 -28.67 33.43 -6.07
N GLU D 180 -29.46 34.18 -6.84
CA GLU D 180 -29.76 33.84 -8.22
C GLU D 180 -28.59 34.01 -9.20
N ASP D 181 -27.89 35.16 -9.14
CA ASP D 181 -26.89 35.51 -10.15
C ASP D 181 -25.45 35.24 -9.74
N ALA D 182 -25.22 34.77 -8.52
CA ALA D 182 -23.87 34.40 -8.13
C ALA D 182 -23.79 32.93 -7.76
N VAL D 183 -24.68 32.46 -6.86
CA VAL D 183 -24.72 31.07 -6.32
C VAL D 183 -25.34 30.10 -7.34
N VAL D 184 -26.61 30.37 -7.73
CA VAL D 184 -27.39 29.56 -8.66
C VAL D 184 -26.78 29.61 -10.07
N ASP D 185 -26.32 30.82 -10.52
CA ASP D 185 -25.66 30.99 -11.83
C ASP D 185 -24.39 30.08 -11.90
N PRO D 186 -24.35 29.09 -12.83
CA PRO D 186 -23.18 28.17 -12.84
C PRO D 186 -21.85 28.76 -13.32
N ASN D 187 -21.90 29.94 -13.96
CA ASN D 187 -20.75 30.64 -14.53
C ASN D 187 -20.07 31.59 -13.55
N VAL D 188 -20.61 31.72 -12.34
CA VAL D 188 -20.11 32.59 -11.27
C VAL D 188 -19.72 31.70 -10.08
N SER D 189 -18.59 32.00 -9.45
CA SER D 189 -18.12 31.29 -8.25
C SER D 189 -17.74 32.29 -7.16
N PRO D 190 -18.57 32.50 -6.12
CA PRO D 190 -18.19 33.45 -5.06
C PRO D 190 -16.91 33.06 -4.32
N LEU D 191 -16.20 34.05 -3.77
CA LEU D 191 -14.93 33.85 -3.05
C LEU D 191 -15.06 32.89 -1.86
N GLY D 192 -14.07 32.01 -1.73
CA GLY D 192 -14.04 30.99 -0.68
C GLY D 192 -14.20 29.58 -1.23
N GLY D 193 -14.73 29.48 -2.44
CA GLY D 193 -14.93 28.23 -3.17
C GLY D 193 -15.97 27.24 -2.64
N GLY D 194 -16.83 27.70 -1.75
CA GLY D 194 -17.87 26.86 -1.18
C GLY D 194 -19.30 27.37 -1.35
N ALA D 195 -19.51 28.34 -2.25
CA ALA D 195 -20.84 28.92 -2.44
C ALA D 195 -21.61 28.34 -3.64
N SER D 196 -21.79 27.01 -3.63
CA SER D 196 -22.55 26.26 -4.64
C SER D 196 -24.00 26.14 -4.11
N PRO D 197 -25.04 25.94 -4.97
CA PRO D 197 -26.41 25.82 -4.43
C PRO D 197 -26.65 24.66 -3.44
N GLU D 198 -25.95 23.52 -3.64
CA GLU D 198 -26.05 22.31 -2.79
C GLU D 198 -25.38 22.45 -1.42
N ALA D 199 -24.57 23.52 -1.22
CA ALA D 199 -23.93 23.87 0.04
C ALA D 199 -24.98 24.31 1.08
N PHE D 200 -26.16 24.74 0.56
CA PHE D 200 -27.32 25.18 1.33
C PHE D 200 -28.39 24.08 1.31
N GLY D 201 -27.99 22.91 0.83
CA GLY D 201 -28.81 21.71 0.69
C GLY D 201 -29.25 21.45 -0.74
N GLU D 202 -29.27 20.16 -1.14
CA GLU D 202 -29.70 19.76 -2.49
C GLU D 202 -31.20 20.05 -2.63
N GLY D 203 -31.56 20.83 -3.65
CA GLY D 203 -32.93 21.24 -3.91
C GLY D 203 -33.44 22.42 -3.11
N THR D 204 -32.55 23.14 -2.38
CA THR D 204 -32.90 24.33 -1.60
C THR D 204 -33.25 25.50 -2.52
N THR D 205 -34.37 26.17 -2.23
CA THR D 205 -34.78 27.37 -2.95
C THR D 205 -34.82 28.57 -1.98
N LEU D 206 -34.70 29.77 -2.54
CA LEU D 206 -34.77 31.02 -1.81
C LEU D 206 -35.65 31.97 -2.58
N LYS D 207 -36.67 32.54 -1.91
CA LYS D 207 -37.57 33.50 -2.54
C LYS D 207 -37.75 34.77 -1.72
N LYS D 208 -38.03 35.88 -2.41
CA LYS D 208 -38.28 37.18 -1.80
C LYS D 208 -39.74 37.23 -1.36
N ILE D 209 -39.96 37.62 -0.10
CA ILE D 209 -41.30 37.81 0.47
C ILE D 209 -41.67 39.30 0.31
N ASP D 210 -40.76 40.18 0.71
CA ASP D 210 -40.85 41.64 0.56
C ASP D 210 -39.40 42.20 0.58
N ASP D 211 -39.22 43.53 0.57
CA ASP D 211 -37.90 44.17 0.56
C ASP D 211 -37.01 43.85 1.79
N TYR D 212 -37.59 43.29 2.88
CA TYR D 212 -36.82 42.98 4.10
C TYR D 212 -37.07 41.57 4.62
N THR D 213 -37.68 40.71 3.78
CA THR D 213 -38.04 39.33 4.13
C THR D 213 -37.75 38.34 3.02
N VAL D 214 -37.04 37.26 3.37
CA VAL D 214 -36.73 36.19 2.43
C VAL D 214 -37.17 34.86 3.03
N GLU D 215 -37.38 33.87 2.16
CA GLU D 215 -37.85 32.56 2.58
C GLU D 215 -37.09 31.43 1.91
N TRP D 216 -36.51 30.56 2.75
CA TRP D 216 -35.77 29.36 2.33
C TRP D 216 -36.68 28.18 2.39
N THR D 217 -36.56 27.26 1.41
CA THR D 217 -37.29 25.99 1.38
C THR D 217 -36.25 24.89 1.28
N PHE D 218 -36.25 23.97 2.26
CA PHE D 218 -35.31 22.85 2.37
C PHE D 218 -36.02 21.50 2.20
N LYS D 219 -35.33 20.52 1.58
CA LYS D 219 -35.87 19.15 1.41
C LYS D 219 -35.90 18.44 2.78
N ALA D 220 -34.93 18.75 3.66
CA ALA D 220 -34.81 18.23 5.02
C ALA D 220 -35.58 19.08 6.04
N ALA D 221 -36.02 18.45 7.14
CA ALA D 221 -36.68 19.11 8.25
C ALA D 221 -35.61 19.57 9.24
N PHE D 222 -35.65 20.87 9.58
CA PHE D 222 -34.79 21.61 10.48
C PHE D 222 -33.27 21.41 10.20
N PRO D 223 -32.76 21.66 8.95
CA PRO D 223 -31.31 21.54 8.72
C PRO D 223 -30.62 22.85 9.16
N LYS D 224 -30.65 23.09 10.48
CA LYS D 224 -30.16 24.28 11.18
C LYS D 224 -28.68 24.60 10.94
N GLN D 225 -27.88 23.60 10.50
CA GLN D 225 -26.46 23.75 10.15
C GLN D 225 -26.22 24.70 8.98
N TYR D 226 -27.23 24.92 8.09
CA TYR D 226 -27.17 25.81 6.92
C TYR D 226 -27.15 27.29 7.33
N LEU D 227 -27.46 27.60 8.60
CA LEU D 227 -27.36 28.95 9.16
C LEU D 227 -25.88 29.35 9.33
N TYR D 228 -25.00 28.34 9.49
CA TYR D 228 -23.53 28.54 9.54
C TYR D 228 -23.00 28.86 8.14
N THR D 229 -23.54 28.17 7.10
CA THR D 229 -23.23 28.37 5.68
C THR D 229 -23.58 29.80 5.24
N MET D 230 -24.63 30.39 5.83
CA MET D 230 -25.08 31.78 5.60
C MET D 230 -24.12 32.85 6.19
N ALA D 231 -23.09 32.40 6.93
CA ALA D 231 -22.05 33.27 7.47
C ALA D 231 -20.92 33.34 6.45
N TYR D 232 -19.78 33.86 6.85
CA TYR D 232 -18.61 33.99 6.01
C TYR D 232 -18.00 32.60 5.72
N PRO D 233 -17.58 32.34 4.45
CA PRO D 233 -17.59 33.25 3.28
C PRO D 233 -18.73 33.08 2.28
N SER D 234 -19.63 32.08 2.49
CA SER D 234 -20.61 31.64 1.50
C SER D 234 -21.92 32.46 1.35
N PHE D 235 -22.26 33.39 2.25
CA PHE D 235 -23.44 34.24 1.98
C PHE D 235 -23.16 35.69 2.37
N CYS D 236 -22.35 36.34 1.54
CA CYS D 236 -22.02 37.73 1.78
C CYS D 236 -22.38 38.57 0.54
N PRO D 237 -23.60 39.16 0.55
CA PRO D 237 -24.08 39.92 -0.62
C PRO D 237 -23.27 41.16 -1.03
N GLY D 238 -23.17 41.38 -2.34
CA GLY D 238 -22.50 42.52 -2.93
C GLY D 238 -23.49 43.63 -3.30
N PRO D 239 -23.01 44.88 -3.56
CA PRO D 239 -23.95 45.96 -3.91
C PRO D 239 -24.55 45.79 -5.30
N SER D 240 -25.77 45.22 -5.36
CA SER D 240 -26.50 44.92 -6.59
C SER D 240 -26.71 46.15 -7.51
N HIS D 241 -26.92 47.35 -6.92
CA HIS D 241 -27.11 48.60 -7.69
C HIS D 241 -25.89 48.98 -8.56
N ILE D 242 -24.72 48.46 -8.19
CA ILE D 242 -23.43 48.62 -8.84
C ILE D 242 -23.09 47.38 -9.71
N LEU D 243 -23.26 46.16 -9.15
CA LEU D 243 -22.89 44.89 -9.79
C LEU D 243 -23.87 44.38 -10.87
N LYS D 244 -25.20 44.49 -10.63
CA LYS D 244 -26.21 44.00 -11.58
C LYS D 244 -26.08 44.63 -12.99
N PRO D 245 -25.82 45.97 -13.17
CA PRO D 245 -25.64 46.49 -14.54
C PRO D 245 -24.43 45.91 -15.29
N GLN D 246 -23.49 45.26 -14.56
CA GLN D 246 -22.28 44.66 -15.11
C GLN D 246 -22.41 43.16 -15.39
N HIS D 247 -23.48 42.55 -14.89
CA HIS D 247 -23.75 41.12 -15.01
C HIS D 247 -24.14 40.70 -16.47
N PRO D 248 -23.55 39.58 -17.01
CA PRO D 248 -23.87 39.16 -18.40
C PRO D 248 -25.36 38.97 -18.74
N LYS D 249 -26.22 38.70 -17.72
CA LYS D 249 -27.67 38.54 -17.92
C LYS D 249 -28.36 39.85 -18.27
N TYR D 250 -27.79 40.98 -17.84
CA TYR D 250 -28.36 42.33 -17.99
C TYR D 250 -27.44 43.30 -18.75
N SER D 251 -26.43 42.76 -19.47
CA SER D 251 -25.45 43.55 -20.21
C SER D 251 -24.80 42.73 -21.33
N LYS D 252 -23.88 43.39 -22.09
CA LYS D 252 -23.11 42.79 -23.18
C LYS D 252 -21.76 42.25 -22.68
N ASN D 253 -21.53 42.34 -21.36
CA ASN D 253 -20.31 41.83 -20.72
C ASN D 253 -20.28 40.32 -20.71
N THR D 254 -19.07 39.75 -20.84
CA THR D 254 -18.84 38.32 -20.69
C THR D 254 -18.72 38.10 -19.17
N TYR D 255 -18.69 36.83 -18.70
CA TYR D 255 -18.54 36.53 -17.26
C TYR D 255 -17.20 37.02 -16.72
N ASN D 256 -16.14 36.96 -17.57
CA ASN D 256 -14.80 37.44 -17.24
C ASN D 256 -14.75 38.96 -17.05
N GLN D 257 -15.44 39.70 -17.94
CA GLN D 257 -15.58 41.16 -17.89
C GLN D 257 -16.35 41.60 -16.64
N PHE D 258 -17.42 40.85 -16.25
CA PHE D 258 -18.20 41.11 -15.04
C PHE D 258 -17.32 40.89 -13.79
N LYS D 259 -16.56 39.78 -13.76
CA LYS D 259 -15.66 39.45 -12.66
C LYS D 259 -14.59 40.54 -12.49
N ASN D 260 -14.12 41.14 -13.60
CA ASN D 260 -13.06 42.14 -13.60
C ASN D 260 -13.53 43.60 -13.80
N ALA D 261 -14.84 43.87 -13.64
CA ALA D 261 -15.43 45.19 -13.85
C ALA D 261 -14.99 46.28 -12.83
N PHE D 262 -14.56 45.86 -11.64
CA PHE D 262 -14.14 46.76 -10.55
C PHE D 262 -12.72 46.40 -10.09
N PRO D 263 -11.70 46.92 -10.83
CA PRO D 263 -10.30 46.62 -10.48
C PRO D 263 -9.88 47.31 -9.17
N PRO D 264 -8.71 46.96 -8.59
CA PRO D 264 -8.33 47.60 -7.32
C PRO D 264 -8.22 49.13 -7.35
N GLU D 265 -8.02 49.75 -8.54
CA GLU D 265 -7.91 51.19 -8.77
C GLU D 265 -9.26 51.90 -8.62
N TYR D 266 -10.38 51.15 -8.70
CA TYR D 266 -11.74 51.64 -8.52
C TYR D 266 -11.91 51.96 -7.03
N MET D 267 -12.12 53.25 -6.73
CA MET D 267 -12.25 53.74 -5.37
C MET D 267 -13.66 53.74 -4.83
N ASN D 268 -13.77 53.62 -3.48
CA ASN D 268 -14.98 53.77 -2.66
C ASN D 268 -16.10 52.80 -3.04
N MET D 269 -15.73 51.54 -3.32
CA MET D 269 -16.68 50.46 -3.64
C MET D 269 -17.69 50.33 -2.48
N PRO D 270 -19.01 50.35 -2.77
CA PRO D 270 -20.00 50.28 -1.67
C PRO D 270 -19.92 48.96 -0.92
N VAL D 271 -19.95 49.06 0.40
CA VAL D 271 -19.84 47.92 1.33
C VAL D 271 -20.88 48.07 2.47
N MET D 272 -21.12 46.96 3.19
CA MET D 272 -21.96 46.93 4.38
C MET D 272 -21.05 46.91 5.62
N GLY D 273 -19.72 46.80 5.39
CA GLY D 273 -18.67 46.74 6.42
C GLY D 273 -18.32 48.05 7.11
N ALA D 274 -17.56 47.95 8.24
CA ALA D 274 -17.17 49.09 9.10
C ALA D 274 -16.28 50.16 8.41
N TRP D 275 -15.48 49.75 7.44
CA TRP D 275 -14.59 50.63 6.68
C TRP D 275 -14.75 50.44 5.18
N VAL D 276 -14.45 51.49 4.40
CA VAL D 276 -14.59 51.49 2.94
C VAL D 276 -13.20 51.64 2.31
N PRO D 277 -12.84 50.90 1.24
CA PRO D 277 -11.54 51.15 0.57
C PRO D 277 -11.50 52.54 -0.12
N VAL D 278 -10.55 53.41 0.26
CA VAL D 278 -10.47 54.77 -0.26
C VAL D 278 -9.18 55.05 -1.07
N SER D 279 -8.15 54.22 -0.88
CA SER D 279 -6.84 54.41 -1.50
C SER D 279 -6.15 53.08 -1.75
N TYR D 280 -5.43 53.01 -2.89
CA TYR D 280 -4.67 51.85 -3.30
C TYR D 280 -3.39 52.20 -4.10
N ARG D 281 -2.26 51.61 -3.67
CA ARG D 281 -1.00 51.68 -4.42
C ARG D 281 -0.51 50.25 -4.64
N PRO D 282 -0.34 49.81 -5.92
CA PRO D 282 0.12 48.42 -6.18
C PRO D 282 1.37 47.97 -5.43
N ASP D 283 1.29 46.76 -4.83
CA ASP D 283 2.33 46.10 -4.03
C ASP D 283 2.80 46.93 -2.83
N ASP D 284 1.98 47.90 -2.42
CA ASP D 284 2.31 48.77 -1.31
C ASP D 284 1.24 48.74 -0.23
N LEU D 285 0.06 49.36 -0.49
CA LEU D 285 -0.95 49.54 0.53
C LEU D 285 -2.39 49.75 0.03
N ILE D 286 -3.36 49.36 0.89
CA ILE D 286 -4.80 49.60 0.78
C ILE D 286 -5.22 50.36 2.06
N VAL D 287 -5.86 51.53 1.90
CA VAL D 287 -6.37 52.31 3.04
C VAL D 287 -7.89 52.24 3.00
N LEU D 288 -8.52 52.05 4.18
CA LEU D 288 -9.97 52.07 4.35
C LEU D 288 -10.32 53.13 5.38
N ARG D 289 -11.43 53.85 5.15
CA ARG D 289 -11.89 54.86 6.11
C ARG D 289 -13.24 54.44 6.63
N ARG D 290 -13.55 54.84 7.85
CA ARG D 290 -14.83 54.52 8.47
C ARG D 290 -16.05 54.76 7.54
N ASN D 291 -16.94 53.77 7.49
CA ASN D 291 -18.17 53.81 6.73
C ASN D 291 -19.20 54.67 7.50
N PRO D 292 -19.58 55.87 6.97
CA PRO D 292 -20.57 56.71 7.69
C PRO D 292 -21.97 56.13 7.76
N TYR D 293 -22.27 55.11 6.92
CA TYR D 293 -23.55 54.43 6.88
C TYR D 293 -23.56 53.10 7.65
N TYR D 294 -22.52 52.84 8.46
CA TYR D 294 -22.44 51.61 9.25
C TYR D 294 -23.60 51.52 10.21
N TRP D 295 -24.19 50.36 10.22
CA TRP D 295 -25.46 50.02 10.84
C TRP D 295 -25.32 49.38 12.23
N LYS D 296 -24.11 49.49 12.85
CA LYS D 296 -23.82 48.96 14.18
C LYS D 296 -23.44 50.07 15.13
N VAL D 297 -23.97 49.98 16.37
CA VAL D 297 -23.75 50.96 17.44
C VAL D 297 -23.45 50.24 18.76
N ASP D 298 -22.89 50.99 19.75
CA ASP D 298 -22.74 50.46 21.11
C ASP D 298 -24.01 50.83 21.89
N GLU D 299 -24.13 50.35 23.15
CA GLU D 299 -25.26 50.58 24.06
C GLU D 299 -25.52 52.04 24.35
N LYS D 300 -24.47 52.87 24.31
CA LYS D 300 -24.53 54.32 24.56
C LYS D 300 -25.02 55.08 23.33
N GLY D 301 -25.21 54.37 22.21
CA GLY D 301 -25.65 54.92 20.93
C GLY D 301 -24.52 55.40 20.04
N GLN D 302 -23.26 55.13 20.41
CA GLN D 302 -22.13 55.56 19.58
C GLN D 302 -22.03 54.68 18.34
N GLN D 303 -22.07 55.33 17.14
CA GLN D 303 -21.98 54.60 15.87
C GLN D 303 -20.57 54.00 15.72
N LEU D 304 -20.52 52.69 15.41
CA LEU D 304 -19.29 51.97 15.20
C LEU D 304 -18.77 52.17 13.74
N PRO D 305 -17.48 51.92 13.44
CA PRO D 305 -16.40 51.46 14.33
C PRO D 305 -15.82 52.59 15.22
N TYR D 306 -15.04 52.24 16.25
CA TYR D 306 -14.34 53.25 17.08
C TYR D 306 -13.10 53.73 16.33
N LEU D 307 -12.39 52.79 15.63
CA LEU D 307 -11.20 53.03 14.83
C LEU D 307 -11.62 53.71 13.54
N ASN D 308 -10.96 54.81 13.18
CA ASN D 308 -11.37 55.56 11.98
C ASN D 308 -10.78 55.03 10.69
N GLU D 309 -9.62 54.38 10.79
CA GLU D 309 -8.86 53.97 9.65
C GLU D 309 -8.27 52.56 9.81
N VAL D 310 -8.15 51.84 8.68
CA VAL D 310 -7.57 50.50 8.58
C VAL D 310 -6.58 50.46 7.41
N HIS D 311 -5.38 49.92 7.68
CA HIS D 311 -4.33 49.76 6.65
C HIS D 311 -4.14 48.29 6.37
N TYR D 312 -3.89 47.99 5.09
CA TYR D 312 -3.50 46.66 4.61
C TYR D 312 -2.25 46.87 3.81
N LYS D 313 -1.10 46.66 4.50
CA LYS D 313 0.22 46.75 3.86
C LYS D 313 0.42 45.47 3.05
N LEU D 314 0.75 45.64 1.77
CA LEU D 314 0.93 44.54 0.81
C LEU D 314 2.37 44.06 0.83
N SER D 315 2.60 43.03 1.65
CA SER D 315 3.92 42.47 1.86
C SER D 315 3.93 40.92 1.71
N THR D 316 4.36 40.20 2.77
CA THR D 316 4.39 38.74 2.82
C THR D 316 3.72 38.30 4.12
N TRP D 317 3.32 37.02 4.21
CA TRP D 317 2.73 36.46 5.42
C TRP D 317 3.74 36.40 6.58
N ALA D 318 5.03 36.13 6.29
CA ALA D 318 6.11 36.14 7.31
C ALA D 318 6.34 37.56 7.85
N ASP D 319 6.28 38.58 6.96
CA ASP D 319 6.44 39.97 7.33
C ASP D 319 5.33 40.46 8.26
N ARG D 320 4.11 39.84 8.22
CA ARG D 320 3.02 40.16 9.16
C ARG D 320 3.47 39.82 10.61
N ASP D 321 4.15 38.68 10.80
CA ASP D 321 4.69 38.27 12.11
C ASP D 321 5.79 39.23 12.55
N VAL D 322 6.68 39.61 11.60
CA VAL D 322 7.81 40.52 11.78
C VAL D 322 7.35 41.92 12.26
N GLN D 323 6.39 42.51 11.52
CA GLN D 323 5.84 43.83 11.79
C GLN D 323 5.00 43.88 13.06
N ALA D 324 4.30 42.79 13.41
CA ALA D 324 3.50 42.77 14.64
C ALA D 324 4.37 42.74 15.91
N VAL D 325 5.49 42.01 15.90
CA VAL D 325 6.39 41.98 17.07
C VAL D 325 7.25 43.25 17.14
N ALA D 326 7.55 43.88 15.99
CA ALA D 326 8.29 45.14 15.88
C ALA D 326 7.43 46.36 16.28
N GLY D 327 6.12 46.27 16.08
CA GLY D 327 5.20 47.34 16.44
C GLY D 327 4.70 48.21 15.31
N SER D 328 5.04 47.89 14.02
CA SER D 328 4.59 48.61 12.83
C SER D 328 3.30 48.04 12.27
N GLY D 329 3.01 46.81 12.69
CA GLY D 329 1.79 46.08 12.41
C GLY D 329 1.10 45.83 13.73
N ASP D 330 -0.23 45.79 13.73
CA ASP D 330 -1.02 45.67 14.95
C ASP D 330 -1.59 44.30 15.25
N PHE D 331 -1.57 43.44 14.23
CA PHE D 331 -2.21 42.16 14.30
C PHE D 331 -1.45 41.11 13.50
N SER D 332 -1.42 39.89 14.02
CA SER D 332 -0.91 38.72 13.31
C SER D 332 -1.52 37.42 13.81
N ASN D 333 -1.72 36.49 12.87
CA ASN D 333 -2.06 35.09 13.16
C ASN D 333 -0.73 34.37 12.94
N LEU D 334 -0.03 34.04 14.05
CA LEU D 334 1.23 33.31 14.04
C LEU D 334 0.86 31.84 13.80
N GLU D 335 0.98 31.43 12.56
CA GLU D 335 0.50 30.14 12.05
C GLU D 335 1.54 29.32 11.29
N GLN D 336 2.76 29.83 11.19
CA GLN D 336 3.87 29.18 10.49
C GLN D 336 4.89 28.78 11.53
N PRO D 337 4.97 27.46 11.89
CA PRO D 337 5.90 27.03 12.96
C PRO D 337 7.36 27.49 12.84
N GLU D 338 7.83 27.78 11.62
CA GLU D 338 9.19 28.26 11.33
C GLU D 338 9.38 29.69 11.85
N ASN D 339 8.27 30.38 12.19
CA ASN D 339 8.32 31.74 12.71
C ASN D 339 8.07 31.81 14.22
N PHE D 340 7.71 30.68 14.86
CA PHE D 340 7.37 30.57 16.29
C PHE D 340 8.46 31.03 17.25
N VAL D 341 9.69 30.52 17.11
CA VAL D 341 10.83 30.82 18.00
C VAL D 341 11.24 32.29 17.91
N ALA D 342 11.42 32.84 16.68
CA ALA D 342 11.78 34.24 16.46
C ALA D 342 10.76 35.21 17.07
N SER D 343 9.46 34.88 16.93
CA SER D 343 8.34 35.65 17.46
C SER D 343 8.26 35.59 18.99
N LEU D 344 8.42 34.39 19.57
CA LEU D 344 8.40 34.15 21.02
C LEU D 344 9.54 34.88 21.74
N LYS D 345 10.75 34.93 21.12
CA LYS D 345 11.93 35.60 21.66
C LYS D 345 11.66 37.12 21.75
N ARG D 346 11.00 37.68 20.74
CA ARG D 346 10.67 39.10 20.71
C ARG D 346 9.56 39.43 21.67
N ALA D 347 8.57 38.56 21.79
CA ALA D 347 7.44 38.73 22.70
C ALA D 347 7.85 38.53 24.19
N ALA D 348 9.00 37.86 24.45
CA ALA D 348 9.58 37.59 25.78
C ALA D 348 9.99 38.86 26.51
N ASP D 349 10.32 39.91 25.75
CA ASP D 349 10.72 41.20 26.29
C ASP D 349 9.51 41.90 26.94
N PRO D 350 9.60 42.37 28.21
CA PRO D 350 8.44 43.08 28.81
C PRO D 350 8.13 44.43 28.12
N ASN D 351 9.11 44.99 27.38
CA ASN D 351 8.95 46.22 26.60
C ASN D 351 8.32 45.97 25.21
N ALA D 352 8.05 44.69 24.84
CA ALA D 352 7.47 44.30 23.55
C ALA D 352 6.17 45.05 23.28
N PRO D 353 5.98 45.60 22.05
CA PRO D 353 4.74 46.37 21.77
C PRO D 353 3.48 45.53 21.62
N ALA D 354 3.64 44.21 21.48
CA ALA D 354 2.54 43.30 21.27
C ALA D 354 2.57 42.15 22.23
N ARG D 355 1.39 41.57 22.44
CA ARG D 355 1.14 40.42 23.30
C ARG D 355 0.86 39.21 22.38
N LEU D 356 1.30 38.03 22.80
CA LEU D 356 1.21 36.78 22.05
C LEU D 356 0.53 35.69 22.91
N ALA D 357 -0.49 35.01 22.37
CA ALA D 357 -1.15 33.92 23.06
C ALA D 357 -1.47 32.72 22.17
N PHE D 358 -0.97 31.54 22.54
CA PHE D 358 -1.24 30.30 21.83
C PHE D 358 -2.63 29.75 22.21
N GLY D 359 -3.28 29.09 21.27
CA GLY D 359 -4.59 28.48 21.49
C GLY D 359 -4.53 26.98 21.29
N PRO D 360 -5.67 26.29 21.09
CA PRO D 360 -5.63 24.82 20.86
C PRO D 360 -5.05 24.42 19.50
N ARG D 361 -4.70 23.12 19.30
CA ARG D 361 -4.16 22.63 18.01
C ARG D 361 -5.27 22.57 16.94
N LEU D 362 -5.47 23.69 16.25
CA LEU D 362 -6.53 23.81 15.24
C LEU D 362 -6.02 24.09 13.83
N ILE D 363 -4.68 24.15 13.65
CA ILE D 363 -4.05 24.36 12.35
C ILE D 363 -3.55 23.02 11.82
N GLY D 364 -4.23 22.51 10.81
CA GLY D 364 -3.90 21.23 10.20
C GLY D 364 -3.61 21.36 8.74
N TYR D 365 -2.82 20.42 8.24
CA TYR D 365 -2.44 20.33 6.85
C TYR D 365 -2.73 18.94 6.34
N ASN D 366 -3.27 18.87 5.15
CA ASN D 366 -3.59 17.62 4.50
C ASN D 366 -3.07 17.57 3.11
N LEU D 367 -2.75 16.33 2.68
CA LEU D 367 -2.44 16.01 1.32
C LEU D 367 -3.83 15.60 0.76
N GLN D 368 -4.26 16.31 -0.29
CA GLN D 368 -5.54 16.02 -0.94
C GLN D 368 -5.30 15.49 -2.34
N MET D 369 -5.84 14.32 -2.63
CA MET D 369 -5.73 13.65 -3.92
C MET D 369 -7.05 13.84 -4.66
N ASN D 370 -6.97 14.22 -5.94
CA ASN D 370 -8.14 14.37 -6.78
C ASN D 370 -8.75 12.97 -7.03
N PHE D 371 -10.01 12.77 -6.58
CA PHE D 371 -10.76 11.50 -6.67
C PHE D 371 -11.69 11.37 -7.91
N SER D 372 -11.76 12.40 -8.76
CA SER D 372 -12.62 12.33 -9.95
C SER D 372 -11.98 11.60 -11.13
N ALA D 373 -12.61 10.48 -11.54
CA ALA D 373 -12.16 9.70 -12.69
C ALA D 373 -13.10 9.98 -13.87
N ASN D 374 -14.08 10.90 -13.68
CA ASN D 374 -15.08 11.24 -14.68
C ASN D 374 -14.86 12.62 -15.36
N GLY D 375 -13.60 13.11 -15.35
CA GLY D 375 -13.20 14.31 -16.06
C GLY D 375 -13.13 15.68 -15.40
N TRP D 376 -13.21 15.77 -14.06
CA TRP D 376 -13.09 17.06 -13.39
C TRP D 376 -11.66 17.59 -13.63
N GLY D 377 -11.60 18.81 -14.15
CA GLY D 377 -10.35 19.46 -14.53
C GLY D 377 -9.79 19.06 -15.87
N ASN D 378 -10.63 18.33 -16.69
CA ASN D 378 -10.37 17.81 -18.03
C ASN D 378 -8.94 17.20 -18.17
N PRO D 379 -8.62 16.10 -17.41
CA PRO D 379 -7.27 15.56 -17.48
C PRO D 379 -6.92 14.83 -18.78
N ASP D 380 -5.61 14.77 -19.06
CA ASP D 380 -5.06 14.02 -20.18
C ASP D 380 -4.88 12.57 -19.71
N GLU D 381 -4.21 11.73 -20.51
CA GLU D 381 -3.94 10.33 -20.21
C GLU D 381 -3.13 10.17 -18.90
N ARG D 382 -2.11 11.02 -18.68
CA ARG D 382 -1.28 11.02 -17.46
C ARG D 382 -2.10 11.36 -16.20
N GLY D 383 -2.86 12.45 -16.28
CA GLY D 383 -3.75 12.91 -15.20
C GLY D 383 -4.75 11.86 -14.78
N GLN D 384 -5.44 11.23 -15.77
CA GLN D 384 -6.44 10.17 -15.60
C GLN D 384 -5.86 8.91 -14.92
N ALA D 385 -4.62 8.53 -15.29
CA ALA D 385 -3.91 7.43 -14.68
C ALA D 385 -3.63 7.72 -13.17
N ILE D 386 -3.31 9.00 -12.80
CA ILE D 386 -3.09 9.36 -11.39
C ILE D 386 -4.46 9.33 -10.63
N ARG D 387 -5.57 9.82 -11.27
CA ARG D 387 -6.94 9.74 -10.71
C ARG D 387 -7.28 8.32 -10.28
N GLU D 388 -6.95 7.32 -11.13
CA GLU D 388 -7.19 5.91 -10.91
C GLU D 388 -6.32 5.34 -9.79
N LEU D 389 -5.08 5.84 -9.66
CA LEU D 389 -4.16 5.48 -8.57
C LEU D 389 -4.67 6.03 -7.23
N ASN D 390 -5.14 7.29 -7.21
CA ASN D 390 -5.69 7.97 -6.03
C ASN D 390 -6.90 7.24 -5.49
N ARG D 391 -7.75 6.73 -6.40
CA ARG D 391 -8.99 6.00 -6.12
C ARG D 391 -8.77 4.58 -5.57
N ASN D 392 -7.55 4.05 -5.71
CA ASN D 392 -7.21 2.74 -5.16
C ASN D 392 -6.85 2.89 -3.67
N GLU D 393 -7.46 2.07 -2.80
CA GLU D 393 -7.22 2.16 -1.35
C GLU D 393 -5.82 1.71 -0.93
N VAL D 394 -5.26 0.68 -1.58
CA VAL D 394 -3.92 0.14 -1.30
C VAL D 394 -2.85 1.21 -1.57
N PHE D 395 -3.01 2.00 -2.65
CA PHE D 395 -2.13 3.11 -3.03
C PHE D 395 -2.16 4.20 -1.94
N ARG D 396 -3.37 4.55 -1.41
CA ARG D 396 -3.54 5.55 -0.36
C ARG D 396 -2.89 5.07 0.95
N GLN D 397 -3.07 3.77 1.31
CA GLN D 397 -2.47 3.15 2.50
C GLN D 397 -0.93 3.18 2.44
N ALA D 398 -0.35 2.97 1.22
CA ALA D 398 1.10 3.01 0.99
C ALA D 398 1.67 4.43 1.17
N VAL D 399 0.99 5.46 0.56
CA VAL D 399 1.38 6.87 0.62
C VAL D 399 1.37 7.38 2.09
N THR D 400 0.28 7.09 2.84
CA THR D 400 0.13 7.50 4.23
C THR D 400 1.14 6.80 5.18
N SER D 401 1.44 5.51 4.92
CA SER D 401 2.37 4.67 5.71
C SER D 401 3.84 5.02 5.43
N ALA D 402 4.11 5.65 4.26
CA ALA D 402 5.44 6.08 3.84
C ALA D 402 5.81 7.43 4.47
N LEU D 403 4.88 8.05 5.20
CA LEU D 403 5.12 9.32 5.89
C LEU D 403 5.58 9.12 7.32
N ASP D 404 6.75 9.68 7.64
CA ASP D 404 7.31 9.70 8.98
C ASP D 404 6.79 11.02 9.57
N ARG D 405 5.62 10.95 10.22
CA ARG D 405 4.90 12.10 10.77
C ARG D 405 5.64 12.81 11.90
N LYS D 406 6.46 12.11 12.68
CA LYS D 406 7.28 12.72 13.73
C LYS D 406 8.33 13.64 13.10
N ALA D 407 8.97 13.18 12.00
CA ALA D 407 9.97 13.93 11.23
C ALA D 407 9.34 15.14 10.52
N ILE D 408 8.08 15.02 10.06
CA ILE D 408 7.31 16.09 9.41
C ILE D 408 7.11 17.25 10.41
N GLY D 409 6.67 16.89 11.62
CA GLY D 409 6.46 17.84 12.71
C GLY D 409 7.73 18.55 13.11
N ASP D 410 8.81 17.77 13.30
CA ASP D 410 10.16 18.24 13.67
C ASP D 410 10.79 19.14 12.61
N SER D 411 10.50 18.91 11.32
CA SER D 411 10.96 19.70 10.18
C SER D 411 10.39 21.13 10.21
N LEU D 412 9.20 21.31 10.82
CA LEU D 412 8.56 22.62 10.97
C LEU D 412 9.03 23.32 12.26
N VAL D 413 8.93 22.62 13.41
CA VAL D 413 9.32 23.12 14.73
C VAL D 413 9.51 21.94 15.73
N LYS D 414 10.57 21.99 16.55
CA LYS D 414 10.75 20.98 17.59
C LYS D 414 9.96 21.41 18.83
N GLY D 415 9.72 20.49 19.76
CA GLY D 415 8.98 20.81 20.98
C GLY D 415 7.55 20.34 21.05
N PRO D 416 6.73 20.91 21.97
CA PRO D 416 5.37 20.39 22.17
C PRO D 416 4.30 20.85 21.18
N PHE D 417 4.62 21.70 20.19
CA PHE D 417 3.69 22.27 19.21
C PHE D 417 2.96 21.26 18.32
N THR D 418 3.68 20.52 17.50
CA THR D 418 3.07 19.58 16.55
C THR D 418 2.53 18.29 17.20
N ALA D 419 1.51 17.72 16.56
CA ALA D 419 0.88 16.47 16.99
C ALA D 419 0.79 15.56 15.79
N ILE D 420 0.91 14.23 16.02
CA ILE D 420 0.77 13.19 15.01
C ILE D 420 -0.67 13.31 14.45
N TYR D 421 -0.78 13.65 13.17
CA TYR D 421 -2.04 13.93 12.51
C TYR D 421 -2.30 13.01 11.30
N PRO D 422 -3.14 11.97 11.50
CA PRO D 422 -3.43 11.04 10.38
C PRO D 422 -4.33 11.63 9.29
N GLY D 423 -5.12 12.64 9.68
CA GLY D 423 -6.12 13.33 8.86
C GLY D 423 -7.43 13.42 9.62
N GLY D 424 -8.43 14.03 9.00
CA GLY D 424 -9.76 14.19 9.61
C GLY D 424 -9.92 15.35 10.56
N ILE D 425 -10.85 15.22 11.51
CA ILE D 425 -11.16 16.23 12.52
C ILE D 425 -9.90 16.54 13.35
N SER D 426 -9.65 17.84 13.52
CA SER D 426 -8.58 18.37 14.33
C SER D 426 -8.71 17.88 15.80
N SER D 427 -7.57 17.50 16.42
CA SER D 427 -7.53 17.05 17.83
C SER D 427 -7.90 18.18 18.82
N GLY D 428 -7.87 19.44 18.35
CA GLY D 428 -8.21 20.62 19.13
C GLY D 428 -9.69 20.88 19.33
N THR D 429 -10.57 20.21 18.57
CA THR D 429 -12.02 20.43 18.75
C THR D 429 -12.63 19.33 19.64
N SER D 430 -13.76 19.64 20.29
CA SER D 430 -14.48 18.72 21.18
C SER D 430 -15.11 17.52 20.42
N PHE D 431 -15.44 17.67 19.11
CA PHE D 431 -16.02 16.64 18.26
C PHE D 431 -15.02 15.54 17.90
N TYR D 432 -13.73 15.78 18.17
CA TYR D 432 -12.63 14.85 17.97
C TYR D 432 -12.73 13.68 18.94
N ASP D 433 -12.41 12.46 18.45
CA ASP D 433 -12.31 11.27 19.26
C ASP D 433 -11.05 10.52 18.82
N ARG D 434 -10.06 10.41 19.71
CA ARG D 434 -8.79 9.72 19.46
C ARG D 434 -9.01 8.23 19.15
N ALA D 435 -9.94 7.57 19.88
CA ALA D 435 -10.27 6.16 19.71
C ALA D 435 -10.94 5.86 18.35
N SER D 436 -11.53 6.87 17.72
CA SER D 436 -12.19 6.78 16.41
C SER D 436 -11.24 7.15 15.25
N THR D 437 -10.01 7.62 15.55
CA THR D 437 -9.01 8.04 14.58
C THR D 437 -8.08 6.88 14.24
N VAL D 438 -8.06 6.50 12.95
CA VAL D 438 -7.22 5.44 12.43
C VAL D 438 -5.83 6.02 12.12
N TYR D 439 -4.80 5.42 12.71
CA TYR D 439 -3.43 5.82 12.53
C TYR D 439 -2.61 4.76 11.83
N TYR D 440 -2.04 5.13 10.68
CA TYR D 440 -1.15 4.27 9.89
C TYR D 440 0.25 4.66 10.31
N PRO D 441 0.91 3.90 11.22
CA PRO D 441 2.26 4.29 11.63
C PRO D 441 3.27 4.21 10.48
N PHE D 442 4.44 4.82 10.66
CA PHE D 442 5.50 4.84 9.65
C PHE D 442 6.04 3.44 9.37
N ASN D 443 5.74 2.95 8.14
CA ASN D 443 6.11 1.63 7.64
C ASN D 443 6.46 1.75 6.14
N LEU D 444 7.73 2.16 5.85
CA LEU D 444 8.24 2.35 4.48
C LEU D 444 8.33 1.06 3.68
N GLU D 445 8.83 -0.03 4.30
CA GLU D 445 8.97 -1.34 3.65
C GLU D 445 7.61 -1.90 3.25
N GLY D 446 6.63 -1.77 4.15
CA GLY D 446 5.25 -2.21 3.94
C GLY D 446 4.58 -1.42 2.83
N ALA D 447 4.91 -0.12 2.74
CA ALA D 447 4.41 0.80 1.73
C ALA D 447 4.98 0.45 0.34
N LYS D 448 6.30 0.11 0.26
CA LYS D 448 6.99 -0.33 -0.97
C LYS D 448 6.37 -1.65 -1.47
N ALA D 449 6.07 -2.58 -0.54
CA ALA D 449 5.44 -3.87 -0.83
C ALA D 449 4.01 -3.66 -1.35
N ALA D 450 3.25 -2.71 -0.75
CA ALA D 450 1.86 -2.37 -1.13
C ALA D 450 1.78 -1.87 -2.57
N LEU D 451 2.73 -1.00 -2.97
CA LEU D 451 2.81 -0.46 -4.34
C LEU D 451 3.18 -1.50 -5.37
N ALA D 452 4.05 -2.47 -4.99
CA ALA D 452 4.46 -3.59 -5.84
C ALA D 452 3.27 -4.51 -6.06
N SER D 453 2.42 -4.69 -5.02
CA SER D 453 1.21 -5.52 -5.05
C SER D 453 0.13 -5.00 -6.02
N ILE D 454 0.14 -3.71 -6.36
CA ILE D 454 -0.84 -3.13 -7.29
C ILE D 454 -0.25 -2.92 -8.70
N GLY D 455 0.93 -3.51 -8.94
CA GLY D 455 1.61 -3.50 -10.22
C GLY D 455 2.59 -2.38 -10.50
N LEU D 456 3.05 -1.66 -9.46
CA LEU D 456 4.02 -0.57 -9.64
C LEU D 456 5.44 -1.06 -9.30
N LYS D 457 6.32 -1.10 -10.32
CA LYS D 457 7.71 -1.54 -10.13
C LYS D 457 8.68 -0.82 -11.06
N ASP D 458 9.93 -0.66 -10.62
CA ASP D 458 10.98 -0.03 -11.42
C ASP D 458 11.46 -1.02 -12.50
N THR D 459 11.01 -0.78 -13.76
CA THR D 459 11.32 -1.64 -14.91
C THR D 459 12.48 -1.12 -15.79
N ASP D 460 12.98 0.11 -15.55
CA ASP D 460 14.09 0.70 -16.32
C ASP D 460 15.37 0.96 -15.48
N GLY D 461 15.33 0.64 -14.18
CA GLY D 461 16.47 0.76 -13.27
C GLY D 461 16.88 2.16 -12.84
N ASP D 462 15.95 3.14 -12.80
CA ASP D 462 16.30 4.50 -12.38
C ASP D 462 15.89 4.82 -10.91
N GLY D 463 15.33 3.84 -10.22
CA GLY D 463 14.88 3.97 -8.84
C GLY D 463 13.41 4.35 -8.70
N PHE D 464 12.83 4.89 -9.78
CA PHE D 464 11.43 5.32 -9.82
C PHE D 464 10.52 4.23 -10.36
N LEU D 465 9.36 4.08 -9.72
CA LEU D 465 8.35 3.10 -10.11
C LEU D 465 7.66 3.53 -11.41
N ASN D 466 7.53 2.58 -12.32
CA ASN D 466 6.91 2.77 -13.61
C ASN D 466 5.47 2.30 -13.54
N PHE D 467 4.66 2.75 -14.49
CA PHE D 467 3.28 2.31 -14.65
C PHE D 467 3.35 0.93 -15.32
N PRO D 468 2.31 0.05 -15.26
CA PRO D 468 2.43 -1.21 -15.99
C PRO D 468 2.40 -0.96 -17.50
N LYS D 469 2.78 -1.99 -18.28
CA LYS D 469 2.76 -1.97 -19.74
C LYS D 469 1.40 -1.43 -20.25
N GLU D 470 0.30 -1.80 -19.54
CA GLU D 470 -1.10 -1.42 -19.78
C GLU D 470 -1.42 0.09 -19.61
N THR D 471 -0.45 0.92 -19.14
CA THR D 471 -0.65 2.34 -18.83
C THR D 471 0.53 3.25 -19.24
N LEU D 472 0.25 4.27 -20.08
CA LEU D 472 1.18 5.32 -20.57
C LEU D 472 2.53 4.80 -21.12
N GLY D 473 2.50 3.62 -21.73
CA GLY D 473 3.67 2.96 -22.30
C GLY D 473 4.70 2.51 -21.28
N GLY D 474 4.24 2.18 -20.07
CA GLY D 474 5.08 1.73 -18.97
C GLY D 474 6.01 2.79 -18.41
N ARG D 475 5.70 4.08 -18.68
CA ARG D 475 6.41 5.28 -18.25
C ARG D 475 6.49 5.38 -16.74
N ASN D 476 7.49 6.11 -16.22
CA ASN D 476 7.65 6.35 -14.78
C ASN D 476 6.45 7.13 -14.26
N VAL D 477 5.96 6.73 -13.07
CA VAL D 477 4.83 7.39 -12.40
C VAL D 477 5.27 8.82 -12.03
N GLU D 478 4.50 9.82 -12.49
CA GLU D 478 4.76 11.24 -12.25
C GLU D 478 3.48 11.91 -11.74
N ILE D 479 3.52 12.40 -10.48
CA ILE D 479 2.43 13.07 -9.77
C ILE D 479 2.79 14.55 -9.60
N THR D 480 1.83 15.45 -9.91
CA THR D 480 1.98 16.88 -9.67
C THR D 480 1.44 17.22 -8.28
N LEU D 481 2.05 18.21 -7.62
CA LEU D 481 1.67 18.64 -6.26
C LEU D 481 1.47 20.13 -6.23
N LEU D 482 0.19 20.56 -6.15
CA LEU D 482 -0.23 21.95 -6.13
C LEU D 482 -0.01 22.54 -4.73
N VAL D 483 0.70 23.67 -4.66
CA VAL D 483 1.09 24.36 -3.42
C VAL D 483 0.83 25.88 -3.53
N ASN D 484 0.45 26.52 -2.40
CA ASN D 484 0.31 27.99 -2.23
C ASN D 484 1.74 28.50 -1.98
N ASN D 485 2.31 29.25 -2.94
CA ASN D 485 3.68 29.76 -2.89
C ASN D 485 3.97 30.88 -1.83
N GLY D 486 2.93 31.32 -1.13
CA GLY D 486 3.04 32.40 -0.15
C GLY D 486 3.52 32.02 1.23
N TYR D 487 3.66 30.72 1.54
CA TYR D 487 4.02 30.28 2.89
C TYR D 487 5.21 29.37 2.94
N ALA D 488 6.08 29.57 3.94
CA ALA D 488 7.25 28.71 4.19
C ALA D 488 6.76 27.32 4.64
N THR D 489 5.65 27.25 5.41
CA THR D 489 5.08 26.00 5.91
C THR D 489 4.61 25.08 4.79
N ASP D 490 3.84 25.62 3.83
CA ASP D 490 3.30 24.85 2.70
C ASP D 490 4.42 24.32 1.80
N LYS D 491 5.43 25.17 1.55
CA LYS D 491 6.60 24.86 0.73
C LYS D 491 7.45 23.77 1.41
N SER D 492 7.65 23.88 2.73
CA SER D 492 8.43 22.94 3.55
C SER D 492 7.77 21.55 3.56
N LEU D 493 6.44 21.53 3.69
CA LEU D 493 5.66 20.30 3.66
C LEU D 493 5.66 19.67 2.27
N ALA D 494 5.57 20.50 1.19
CA ALA D 494 5.60 20.03 -0.20
C ALA D 494 6.97 19.42 -0.52
N GLU D 495 8.07 20.10 -0.11
CA GLU D 495 9.45 19.65 -0.29
C GLU D 495 9.71 18.35 0.45
N GLY D 496 9.19 18.26 1.69
CA GLY D 496 9.30 17.07 2.53
C GLY D 496 8.57 15.88 1.96
N LEU D 497 7.40 16.11 1.34
CA LEU D 497 6.56 15.10 0.70
C LEU D 497 7.23 14.54 -0.56
N VAL D 498 7.90 15.40 -1.37
CA VAL D 498 8.64 15.01 -2.58
C VAL D 498 9.80 14.05 -2.20
N GLY D 499 10.54 14.39 -1.15
CA GLY D 499 11.65 13.60 -0.64
C GLY D 499 11.20 12.27 -0.07
N GLN D 500 10.06 12.27 0.66
CA GLN D 500 9.50 11.06 1.25
C GLN D 500 8.93 10.14 0.17
N MET D 501 8.28 10.69 -0.88
CA MET D 501 7.73 9.92 -1.99
C MET D 501 8.83 9.35 -2.88
N ALA D 502 10.02 10.00 -2.91
CA ALA D 502 11.18 9.54 -3.70
C ALA D 502 11.73 8.26 -3.08
N LYS D 503 11.67 8.14 -1.72
CA LYS D 503 12.10 6.97 -0.94
C LYS D 503 11.19 5.78 -1.24
N LEU D 504 9.90 6.09 -1.50
CA LEU D 504 8.82 5.15 -1.85
C LEU D 504 8.91 4.73 -3.34
N GLY D 505 9.61 5.53 -4.15
CA GLY D 505 9.79 5.29 -5.58
C GLY D 505 8.86 6.09 -6.47
N LEU D 506 8.16 7.09 -5.91
CA LEU D 506 7.24 7.96 -6.64
C LEU D 506 7.84 9.34 -6.94
N ARG D 507 7.80 9.76 -8.23
CA ARG D 507 8.31 11.05 -8.72
C ARG D 507 7.22 12.14 -8.59
N VAL D 508 7.35 13.01 -7.57
CA VAL D 508 6.42 14.12 -7.31
C VAL D 508 7.06 15.44 -7.78
N VAL D 509 6.28 16.21 -8.57
CA VAL D 509 6.69 17.49 -9.15
C VAL D 509 5.84 18.59 -8.54
N ILE D 510 6.49 19.61 -7.92
CA ILE D 510 5.81 20.75 -7.29
C ILE D 510 5.26 21.73 -8.33
N HIS D 511 4.02 22.16 -8.10
CA HIS D 511 3.25 23.17 -8.83
C HIS D 511 3.01 24.32 -7.83
N SER D 512 4.00 25.20 -7.67
CA SER D 512 3.98 26.34 -6.75
C SER D 512 3.37 27.58 -7.43
N LEU D 513 2.17 27.96 -6.96
CA LEU D 513 1.39 29.05 -7.55
C LEU D 513 0.96 30.06 -6.53
N ASP D 514 0.72 31.31 -6.99
CA ASP D 514 0.19 32.31 -6.07
C ASP D 514 -1.27 31.97 -5.81
N SER D 515 -1.76 32.40 -4.64
CA SER D 515 -3.09 32.14 -4.12
C SER D 515 -4.23 32.10 -5.16
N ASN D 516 -4.34 33.11 -6.03
CA ASN D 516 -5.40 33.18 -7.04
C ASN D 516 -5.26 32.11 -8.12
N GLN D 517 -4.02 31.86 -8.60
CA GLN D 517 -3.76 30.81 -9.58
C GLN D 517 -3.99 29.43 -8.94
N ARG D 518 -3.60 29.27 -7.65
CA ARG D 518 -3.76 28.01 -6.90
C ARG D 518 -5.24 27.64 -6.77
N ASP D 519 -6.09 28.62 -6.42
CA ASP D 519 -7.55 28.48 -6.31
C ASP D 519 -8.20 28.04 -7.61
N ALA D 520 -7.82 28.68 -8.74
CA ALA D 520 -8.35 28.37 -10.06
C ALA D 520 -7.98 26.92 -10.49
N ALA D 521 -6.74 26.47 -10.17
CA ALA D 521 -6.27 25.12 -10.48
C ALA D 521 -6.98 24.07 -9.61
N HIS D 522 -7.20 24.40 -8.33
CA HIS D 522 -7.86 23.52 -7.35
C HIS D 522 -9.36 23.36 -7.66
N TYR D 523 -10.10 24.48 -7.69
CA TYR D 523 -11.54 24.50 -7.95
C TYR D 523 -11.89 24.03 -9.37
N GLY D 524 -10.95 24.22 -10.29
CA GLY D 524 -11.09 23.76 -11.66
C GLY D 524 -10.73 22.30 -11.86
N GLY D 525 -10.17 21.67 -10.80
CA GLY D 525 -9.76 20.27 -10.79
C GLY D 525 -8.49 19.91 -11.52
N GLN D 526 -7.71 20.93 -11.91
CA GLN D 526 -6.46 20.77 -12.66
C GLN D 526 -5.32 20.47 -11.69
N PHE D 527 -5.41 19.31 -11.03
CA PHE D 527 -4.44 18.87 -10.05
C PHE D 527 -4.53 17.37 -9.84
N ASP D 528 -3.41 16.75 -9.46
CA ASP D 528 -3.33 15.34 -9.11
C ASP D 528 -3.44 15.32 -7.59
N TRP D 529 -2.48 16.00 -6.92
CA TRP D 529 -2.37 16.15 -5.48
C TRP D 529 -2.23 17.63 -5.12
N LEU D 530 -2.60 17.96 -3.89
CA LEU D 530 -2.41 19.30 -3.38
C LEU D 530 -2.08 19.29 -1.88
N VAL D 531 -1.27 20.25 -1.46
CA VAL D 531 -0.94 20.48 -0.05
C VAL D 531 -1.88 21.63 0.35
N ARG D 532 -2.70 21.41 1.37
CA ARG D 532 -3.64 22.45 1.81
C ARG D 532 -3.79 22.54 3.32
N ARG D 533 -3.80 23.79 3.82
CA ARG D 533 -4.11 24.11 5.21
C ARG D 533 -5.64 23.93 5.33
N ASN D 534 -6.09 23.25 6.40
CA ASN D 534 -7.51 23.00 6.61
C ASN D 534 -8.37 24.23 6.78
N SER D 535 -9.63 24.12 6.31
CA SER D 535 -10.64 25.16 6.50
C SER D 535 -11.46 24.80 7.74
N THR D 536 -12.43 25.66 8.10
CA THR D 536 -13.26 25.61 9.32
C THR D 536 -13.97 24.27 9.62
N GLU D 537 -14.38 23.48 8.60
CA GLU D 537 -15.09 22.23 8.84
C GLU D 537 -14.25 21.21 9.64
N LEU D 538 -12.90 21.18 9.49
CA LEU D 538 -12.06 20.23 10.24
C LEU D 538 -11.57 20.78 11.60
N SER D 539 -11.64 22.10 11.80
CA SER D 539 -11.27 22.79 13.05
C SER D 539 -12.49 23.04 13.97
N SER D 540 -13.71 23.02 13.42
CA SER D 540 -14.92 23.33 14.21
C SER D 540 -16.06 22.35 13.99
N VAL D 541 -16.09 21.66 12.83
CA VAL D 541 -17.14 20.71 12.41
C VAL D 541 -18.41 21.45 11.98
N VAL D 542 -18.96 22.30 12.88
CA VAL D 542 -20.24 23.03 12.74
C VAL D 542 -20.21 24.16 11.69
N GLN D 543 -19.02 24.73 11.40
CA GLN D 543 -18.88 25.79 10.39
C GLN D 543 -18.52 25.18 9.03
N ASN D 544 -19.48 25.25 8.10
CA ASN D 544 -19.41 24.70 6.73
C ASN D 544 -19.30 23.17 6.74
N THR D 545 -20.20 22.53 7.53
CA THR D 545 -20.32 21.08 7.68
C THR D 545 -20.46 20.36 6.34
N GLU D 546 -21.10 21.00 5.34
CA GLU D 546 -21.29 20.47 3.99
C GLU D 546 -19.93 20.15 3.26
N GLN D 547 -18.83 20.79 3.69
CA GLN D 547 -17.48 20.61 3.13
C GLN D 547 -16.72 19.39 3.69
N LEU D 548 -17.34 18.67 4.64
CA LEU D 548 -16.79 17.46 5.24
C LEU D 548 -16.87 16.24 4.31
N ALA D 549 -17.80 16.27 3.35
CA ALA D 549 -18.00 15.15 2.42
C ALA D 549 -18.58 15.63 1.08
N PRO D 550 -18.58 14.81 0.00
CA PRO D 550 -19.21 15.25 -1.25
C PRO D 550 -20.75 15.11 -1.19
N VAL D 551 -21.41 15.95 -0.34
CA VAL D 551 -22.88 15.97 -0.16
C VAL D 551 -23.58 16.59 -1.39
N GLY D 552 -22.84 17.40 -2.12
CA GLY D 552 -23.26 18.03 -3.36
C GLY D 552 -22.18 17.86 -4.41
N PRO D 553 -22.46 18.15 -5.71
CA PRO D 553 -21.42 17.98 -6.74
C PRO D 553 -20.16 18.85 -6.59
N ARG D 554 -20.23 19.97 -5.85
CA ARG D 554 -19.09 20.89 -5.66
C ARG D 554 -18.75 21.19 -4.18
N THR D 555 -19.35 20.49 -3.21
CA THR D 555 -19.11 20.73 -1.77
C THR D 555 -17.75 20.19 -1.25
N SER D 556 -17.21 19.13 -1.89
CA SER D 556 -15.94 18.50 -1.52
C SER D 556 -14.75 19.27 -2.10
N TRP D 557 -13.60 19.30 -1.39
CA TRP D 557 -12.39 19.95 -1.88
C TRP D 557 -11.61 19.05 -2.84
N ASN D 558 -11.81 17.73 -2.73
CA ASN D 558 -10.99 16.83 -3.54
C ASN D 558 -11.80 15.91 -4.47
N HIS D 559 -13.15 16.02 -4.47
CA HIS D 559 -14.01 15.23 -5.34
C HIS D 559 -15.22 16.01 -5.86
N ARG D 560 -15.03 16.66 -7.01
CA ARG D 560 -16.07 17.44 -7.67
C ARG D 560 -16.38 16.82 -9.05
N SER D 561 -17.53 17.16 -9.62
CA SER D 561 -17.88 16.63 -10.95
C SER D 561 -17.86 17.72 -12.03
N PRO D 562 -17.56 17.38 -13.31
CA PRO D 562 -17.62 18.40 -14.36
C PRO D 562 -19.08 18.86 -14.56
N GLU D 563 -19.28 20.08 -15.13
CA GLU D 563 -20.61 20.65 -15.37
C GLU D 563 -21.44 19.67 -16.21
N GLY D 564 -22.65 19.36 -15.74
CA GLY D 564 -23.56 18.44 -16.41
C GLY D 564 -23.28 16.97 -16.21
N LYS D 565 -22.43 16.63 -15.22
CA LYS D 565 -22.07 15.26 -14.85
C LYS D 565 -22.31 15.02 -13.35
N GLU D 566 -22.60 13.75 -13.01
CA GLU D 566 -22.85 13.28 -11.66
C GLU D 566 -21.54 12.83 -11.01
N LEU D 567 -21.45 12.84 -9.67
CA LEU D 567 -20.26 12.39 -8.94
C LEU D 567 -20.06 10.86 -9.08
N ASP D 568 -18.80 10.43 -9.30
CA ASP D 568 -18.44 9.02 -9.38
C ASP D 568 -17.91 8.60 -7.98
N LEU D 569 -18.80 8.64 -6.97
CA LEU D 569 -18.45 8.37 -5.58
C LEU D 569 -18.11 6.93 -5.27
N MET D 570 -17.08 6.76 -4.44
CA MET D 570 -16.63 5.46 -3.93
C MET D 570 -17.56 5.11 -2.75
N PRO D 571 -17.86 3.83 -2.42
CA PRO D 571 -18.82 3.54 -1.33
C PRO D 571 -18.58 4.27 0.01
N PHE D 572 -17.31 4.39 0.46
CA PHE D 572 -16.98 5.07 1.72
C PHE D 572 -17.41 6.56 1.71
N GLU D 573 -17.30 7.23 0.55
CA GLU D 573 -17.67 8.65 0.38
C GLU D 573 -19.16 8.87 0.53
N LYS D 574 -19.97 7.89 0.05
CA LYS D 574 -21.43 7.85 0.14
C LYS D 574 -21.84 7.64 1.60
N GLU D 575 -21.07 6.83 2.36
CA GLU D 575 -21.27 6.60 3.78
C GLU D 575 -20.97 7.91 4.55
N MET D 576 -19.89 8.62 4.15
CA MET D 576 -19.47 9.92 4.72
C MET D 576 -20.52 11.02 4.47
N ALA D 577 -21.07 11.07 3.24
CA ALA D 577 -22.09 12.04 2.86
C ALA D 577 -23.41 11.81 3.61
N ASP D 578 -23.77 10.53 3.86
CA ASP D 578 -24.98 10.17 4.61
C ASP D 578 -24.88 10.59 6.08
N ILE D 579 -23.68 10.44 6.68
CA ILE D 579 -23.39 10.85 8.04
C ILE D 579 -23.53 12.39 8.18
N VAL D 580 -22.92 13.14 7.24
CA VAL D 580 -22.93 14.60 7.21
C VAL D 580 -24.38 15.13 7.09
N ARG D 581 -25.20 14.52 6.21
CA ARG D 581 -26.61 14.87 6.04
C ARG D 581 -27.41 14.64 7.30
N LYS D 582 -27.16 13.49 7.98
CA LYS D 582 -27.81 13.12 9.24
C LYS D 582 -27.49 14.15 10.32
N PHE D 583 -26.19 14.54 10.44
CA PHE D 583 -25.70 15.55 11.38
C PHE D 583 -26.36 16.92 11.15
N ILE D 584 -26.38 17.41 9.89
CA ILE D 584 -26.93 18.71 9.46
C ILE D 584 -28.38 18.93 9.97
N SER D 585 -29.18 17.86 9.96
CA SER D 585 -30.57 17.87 10.39
C SER D 585 -30.78 17.32 11.82
N SER D 586 -29.71 16.85 12.49
CA SER D 586 -29.80 16.31 13.85
C SER D 586 -29.99 17.40 14.90
N GLN D 587 -30.94 17.17 15.79
CA GLN D 587 -31.32 18.07 16.87
C GLN D 587 -30.74 17.57 18.22
N ASP D 588 -30.20 16.35 18.24
CA ASP D 588 -29.66 15.69 19.43
C ASP D 588 -28.12 15.81 19.53
N ASN D 589 -27.64 16.41 20.63
CA ASN D 589 -26.21 16.58 20.95
C ASN D 589 -25.41 15.29 21.07
N ALA D 590 -25.98 14.27 21.76
CA ALA D 590 -25.33 12.97 21.94
C ALA D 590 -25.23 12.23 20.61
N GLU D 591 -26.30 12.32 19.76
CA GLU D 591 -26.36 11.72 18.43
C GLU D 591 -25.31 12.38 17.53
N ARG D 592 -25.19 13.72 17.63
CA ARG D 592 -24.25 14.53 16.85
C ARG D 592 -22.78 14.19 17.14
N ALA D 593 -22.44 13.96 18.44
CA ALA D 593 -21.10 13.58 18.90
C ALA D 593 -20.75 12.21 18.33
N ASP D 594 -21.71 11.27 18.40
CA ASP D 594 -21.59 9.92 17.91
C ASP D 594 -21.39 9.85 16.39
N LEU D 595 -22.16 10.66 15.64
CA LEU D 595 -22.04 10.74 14.18
C LEU D 595 -20.63 11.18 13.74
N MET D 596 -19.98 12.08 14.52
CA MET D 596 -18.65 12.58 14.21
C MET D 596 -17.58 11.56 14.55
N LYS D 597 -17.87 10.61 15.46
CA LYS D 597 -17.01 9.48 15.78
C LYS D 597 -17.02 8.52 14.57
N GLN D 598 -18.23 8.25 14.01
CA GLN D 598 -18.48 7.41 12.83
C GLN D 598 -17.76 8.02 11.64
N TYR D 599 -17.99 9.33 11.40
CA TYR D 599 -17.38 10.13 10.34
C TYR D 599 -15.83 10.01 10.40
N GLN D 600 -15.23 10.26 11.59
CA GLN D 600 -13.79 10.20 11.84
C GLN D 600 -13.21 8.82 11.50
N LYS D 601 -13.91 7.75 11.91
CA LYS D 601 -13.59 6.35 11.66
C LYS D 601 -13.51 6.05 10.14
N VAL D 602 -14.60 6.38 9.39
CA VAL D 602 -14.73 6.17 7.94
C VAL D 602 -13.67 6.96 7.16
N TYR D 603 -13.49 8.25 7.50
CA TYR D 603 -12.53 9.19 6.92
C TYR D 603 -11.08 8.68 7.05
N THR D 604 -10.64 8.36 8.29
CA THR D 604 -9.25 7.98 8.55
C THR D 604 -8.92 6.55 8.13
N GLN D 605 -9.90 5.61 8.16
CA GLN D 605 -9.66 4.25 7.71
C GLN D 605 -9.50 4.20 6.18
N ASN D 606 -10.34 4.96 5.46
CA ASN D 606 -10.36 4.94 3.99
C ASN D 606 -9.47 5.96 3.33
N LEU D 607 -8.92 6.89 4.14
CA LEU D 607 -8.01 7.95 3.75
C LEU D 607 -8.60 8.92 2.72
N TYR D 608 -9.73 9.56 3.11
CA TYR D 608 -10.41 10.60 2.35
C TYR D 608 -9.42 11.72 1.98
N THR D 609 -8.51 12.06 2.92
CA THR D 609 -7.32 12.90 2.74
C THR D 609 -6.23 12.24 3.53
N ILE D 610 -4.98 12.73 3.39
CA ILE D 610 -3.86 12.19 4.15
C ILE D 610 -3.26 13.32 5.00
N GLY D 611 -3.40 13.20 6.31
CA GLY D 611 -2.89 14.18 7.26
C GLY D 611 -1.39 14.35 7.22
N LEU D 612 -0.93 15.60 7.28
CA LEU D 612 0.52 15.85 7.27
C LEU D 612 0.96 16.16 8.69
N THR D 613 0.39 17.22 9.28
CA THR D 613 0.67 17.66 10.65
C THR D 613 -0.42 18.62 11.14
N GLU D 614 -0.48 18.78 12.48
CA GLU D 614 -1.36 19.70 13.18
C GLU D 614 -0.62 20.29 14.38
N TYR D 615 -0.89 21.57 14.64
CA TYR D 615 -0.20 22.32 15.68
C TYR D 615 -1.06 23.52 16.11
N PRO D 616 -0.71 24.22 17.22
CA PRO D 616 -1.51 25.42 17.58
C PRO D 616 -0.91 26.70 16.99
N GLY D 617 -1.78 27.68 16.79
CA GLY D 617 -1.39 29.00 16.33
C GLY D 617 -1.43 29.99 17.48
N ALA D 618 -0.89 31.18 17.26
CA ALA D 618 -0.88 32.23 18.29
C ALA D 618 -1.40 33.57 17.76
N LEU D 619 -2.22 34.25 18.56
CA LEU D 619 -2.73 35.57 18.21
C LEU D 619 -1.78 36.62 18.75
N ILE D 620 -1.33 37.52 17.88
CA ILE D 620 -0.42 38.64 18.20
C ILE D 620 -1.19 39.93 17.95
N VAL D 621 -1.43 40.68 19.05
CA VAL D 621 -2.15 41.95 19.01
C VAL D 621 -1.33 43.02 19.71
N ASN D 622 -1.22 44.20 19.10
CA ASN D 622 -0.54 45.34 19.69
C ASN D 622 -1.21 45.69 21.04
N LYS D 623 -0.40 45.97 22.06
CA LYS D 623 -0.86 46.19 23.43
C LYS D 623 -1.78 47.40 23.68
N ARG D 624 -1.80 48.41 22.80
CA ARG D 624 -2.62 49.61 23.01
C ARG D 624 -4.15 49.36 22.81
N PHE D 625 -4.53 48.31 22.09
CA PHE D 625 -5.94 47.97 21.81
C PHE D 625 -6.69 47.38 23.00
N SER D 626 -7.85 47.94 23.25
CA SER D 626 -8.82 47.52 24.25
C SER D 626 -9.94 46.74 23.53
N ASN D 627 -10.65 45.88 24.29
CA ASN D 627 -11.80 45.07 23.87
C ASN D 627 -11.40 43.82 23.08
N VAL D 628 -10.12 43.38 23.22
CA VAL D 628 -9.65 42.17 22.55
C VAL D 628 -10.04 41.02 23.50
N PRO D 629 -10.95 40.10 23.11
CA PRO D 629 -11.33 39.01 24.02
C PRO D 629 -10.19 38.07 24.35
N GLN D 630 -10.15 37.66 25.62
CA GLN D 630 -9.19 36.72 26.20
C GLN D 630 -9.44 35.34 25.57
N GLY D 631 -8.35 34.66 25.23
CA GLY D 631 -8.38 33.31 24.68
C GLY D 631 -8.91 33.18 23.27
N THR D 632 -8.92 34.27 22.47
CA THR D 632 -9.39 34.22 21.08
C THR D 632 -8.47 33.31 20.28
N PRO D 633 -9.02 32.24 19.63
CA PRO D 633 -8.16 31.40 18.79
C PRO D 633 -7.93 32.08 17.44
N ILE D 634 -6.79 31.79 16.78
CA ILE D 634 -6.52 32.35 15.46
C ILE D 634 -7.48 31.81 14.42
N PHE D 635 -8.00 30.58 14.62
CA PHE D 635 -8.88 29.92 13.67
C PHE D 635 -9.78 28.85 14.30
N MET D 636 -11.11 29.08 14.27
CA MET D 636 -12.08 28.12 14.79
C MET D 636 -13.32 28.11 13.85
N PHE D 637 -14.26 29.05 14.04
CA PHE D 637 -15.45 29.26 13.20
C PHE D 637 -15.03 30.17 12.03
N ASN D 638 -13.96 30.96 12.24
CA ASN D 638 -13.30 31.79 11.25
C ASN D 638 -11.95 32.24 11.80
N TRP D 639 -11.21 33.01 11.00
CA TRP D 639 -9.96 33.64 11.40
C TRP D 639 -10.24 34.69 12.49
N ALA D 640 -9.23 34.93 13.39
CA ALA D 640 -9.31 35.85 14.50
C ALA D 640 -9.70 37.30 14.11
N GLU D 641 -9.42 37.74 12.83
CA GLU D 641 -9.78 39.08 12.34
C GLU D 641 -11.29 39.34 12.46
N ASP D 642 -12.06 38.27 12.28
CA ASP D 642 -13.50 38.24 12.42
C ASP D 642 -13.91 37.99 13.90
N ALA D 643 -13.26 37.03 14.57
CA ALA D 643 -13.57 36.62 15.95
C ALA D 643 -13.43 37.72 17.00
N ILE D 644 -12.42 38.61 16.86
CA ILE D 644 -12.12 39.71 17.78
C ILE D 644 -13.14 40.88 17.71
N ILE D 645 -13.97 40.96 16.64
CA ILE D 645 -14.96 42.03 16.37
C ILE D 645 -14.22 43.36 16.29
N ARG D 646 -13.49 43.57 15.18
CA ARG D 646 -12.66 44.76 14.95
C ARG D 646 -13.40 46.11 15.04
N GLU D 647 -14.72 46.17 14.72
CA GLU D 647 -15.55 47.38 14.83
C GLU D 647 -15.85 47.79 16.29
N ARG D 648 -15.57 46.88 17.25
CA ARG D 648 -15.79 47.04 18.68
C ARG D 648 -14.44 47.30 19.42
N LEU D 649 -13.31 47.24 18.70
CA LEU D 649 -12.00 47.53 19.28
C LEU D 649 -11.76 49.03 19.34
N TRP D 650 -11.06 49.45 20.40
CA TRP D 650 -10.76 50.86 20.63
C TRP D 650 -9.42 51.05 21.34
N VAL D 651 -8.90 52.27 21.35
CA VAL D 651 -7.65 52.63 22.02
C VAL D 651 -7.91 53.84 22.90
N ALA D 652 -7.50 53.79 24.21
CA ALA D 652 -7.65 54.93 25.14
C ALA D 652 -6.93 56.17 24.54
N ALA D 653 -7.54 57.36 24.65
CA ALA D 653 -7.06 58.62 24.09
C ALA D 653 -5.56 58.91 24.34
N ASP D 654 -5.06 58.60 25.56
CA ASP D 654 -3.68 58.81 25.93
C ASP D 654 -2.73 57.73 25.37
N LYS D 655 -3.27 56.62 24.80
CA LYS D 655 -2.46 55.56 24.24
C LYS D 655 -2.52 55.54 22.70
N GLN D 656 -3.38 56.40 22.11
CA GLN D 656 -3.62 56.44 20.68
C GLN D 656 -2.38 56.77 19.81
N GLY D 657 -2.22 55.97 18.75
CA GLY D 657 -1.17 56.18 17.78
C GLY D 657 -1.59 57.30 16.83
N LYS D 658 -0.65 57.81 16.04
CA LYS D 658 -0.91 58.92 15.09
C LYS D 658 -0.57 58.43 13.69
N TYR D 659 -1.29 57.40 13.25
CA TYR D 659 -1.05 56.66 12.02
C TYR D 659 -2.02 56.95 10.88
N GLU D 660 -2.95 57.90 11.07
CA GLU D 660 -3.96 58.21 10.03
C GLU D 660 -3.39 58.94 8.81
N LEU D 661 -3.65 58.39 7.63
CA LEU D 661 -3.24 58.89 6.32
C LEU D 661 -4.29 59.82 5.70
N PHE D 662 -5.55 59.70 6.14
CA PHE D 662 -6.64 60.58 5.73
C PHE D 662 -7.40 61.02 6.99
N PRO D 663 -6.73 61.69 7.99
CA PRO D 663 -7.44 62.09 9.21
C PRO D 663 -8.63 63.01 8.96
N GLN D 664 -9.74 62.74 9.70
CA GLN D 664 -10.98 63.52 9.64
C GLN D 664 -11.51 63.61 8.21
N GLN D 665 -11.34 62.51 7.45
CA GLN D 665 -11.84 62.38 6.07
C GLN D 665 -12.76 61.19 5.98
N LEU D 666 -13.70 61.25 5.07
CA LEU D 666 -14.70 60.21 4.86
C LEU D 666 -14.62 59.69 3.43
N PRO D 667 -15.12 58.47 3.11
CA PRO D 667 -15.06 57.98 1.72
C PRO D 667 -15.80 58.87 0.73
N GLY D 668 -15.24 58.96 -0.48
CA GLY D 668 -15.84 59.70 -1.57
C GLY D 668 -16.87 58.84 -2.28
N LYS D 669 -17.26 59.23 -3.49
CA LYS D 669 -18.26 58.51 -4.28
C LYS D 669 -17.66 57.31 -5.04
N PRO D 670 -18.38 56.18 -5.21
CA PRO D 670 -17.84 55.09 -6.09
C PRO D 670 -17.84 55.63 -7.56
N GLY D 671 -16.78 55.66 -8.33
CA GLY D 671 -15.37 55.50 -8.06
C GLY D 671 -14.78 56.79 -8.62
N GLU D 672 -14.52 57.77 -7.73
CA GLU D 672 -13.95 59.06 -8.10
C GLU D 672 -12.75 59.38 -7.23
N GLY D 673 -12.53 60.66 -6.91
CA GLY D 673 -11.41 61.12 -6.08
C GLY D 673 -11.49 60.67 -4.63
N GLY D 674 -10.86 59.51 -4.35
CA GLY D 674 -10.75 58.82 -3.06
C GLY D 674 -11.58 59.35 -1.91
N PRO D 675 -10.95 59.82 -0.81
CA PRO D 675 -11.73 60.39 0.30
C PRO D 675 -12.19 61.83 0.04
N ILE D 676 -13.09 62.32 0.92
CA ILE D 676 -13.64 63.67 0.95
C ILE D 676 -13.19 64.40 2.25
N ASN D 677 -12.73 65.65 2.09
CA ASN D 677 -12.28 66.53 3.18
C ASN D 677 -13.19 67.78 3.27
N HIS D 678 -12.63 69.01 3.06
CA HIS D 678 -13.33 70.30 3.15
C HIS D 678 -12.96 71.21 1.98
#